data_8TGE
#
_entry.id   8TGE
#
_cell.length_a   137.990
_cell.length_b   178.030
_cell.length_c   169.048
_cell.angle_alpha   90.00
_cell.angle_beta   90.36
_cell.angle_gamma   90.00
#
_symmetry.space_group_name_H-M   'I 1 2 1'
#
loop_
_entity.id
_entity.type
_entity.pdbx_description
1 polymer 'Glutamine synthetase'
2 polymer 'Nitrogen regulatory protein GlnK1'
3 water water
#
loop_
_entity_poly.entity_id
_entity_poly.type
_entity_poly.pdbx_seq_one_letter_code
_entity_poly.pdbx_strand_id
1 'polypeptide(L)'
;MGSSHHHHHHSSGLVPRGSHMVQMKKCTTKEDVLEAVKERDVKFIRTQFTDTLGIIKSWAIPAEQLEEAFENGVMFDGSS
IQGFTRIEESDMKLALDPSTFRILPWRPATGAVARILGDVYLPDGNPFKGDPRYVLKTAIKEAEKMGFSMNVGPELEFFL
FKLDANGNPTTELTDQGGYFDFAPLDRAQDVRRDIDYALEHMGFQIEASHHEVAPSQHEIDFRFGDVLCTADNVVTFKYV
VKSIAYHKGYYASFMPKPLFGVNGSGMHSNQSLFKDGKNVFYDPDTPTKLSQDAMYYIGGLLKHIREFTAVTNPVVNSYK
RLVPGYEAPVYISWSAQNRSSLIRIPATRGNGTRIELRCPDPACNPYLAFALMLRAGLEGIKNKIDPGEPTNVNIFHLSD
KEREERGIRSLPADLKEAIDEMKGSKFVKEALGEHVFSHYLCAKEMEWDEYKAVVHPWELSRYLSML
;
A,B,D,Y,M,P
2 'polypeptide(L)'
;MGSSHHHHHHSSGLVPRGSHMVAMKYVIAMIRPERLDAVKRELQKIEVSRLTVSSVSGYGAQKGYMEIYRAMEYDANLLE
KIKIEIAVNDEFLEPTIEAIKTGAKGSDGYVGSGKIFVLPLENVIRIRTNETGPEAI
;
J,G,Z
#
# COMPACT_ATOMS: atom_id res chain seq x y z
N LYS A 26 -43.13 0.65 9.69
CA LYS A 26 -43.18 -0.72 10.20
C LYS A 26 -43.71 -1.67 9.13
N CYS A 27 -43.15 -2.87 9.02
CA CYS A 27 -43.66 -3.87 8.09
C CYS A 27 -44.74 -4.68 8.79
N THR A 28 -45.87 -4.85 8.13
CA THR A 28 -46.85 -5.80 8.64
C THR A 28 -47.29 -6.81 7.59
N THR A 29 -47.47 -6.38 6.35
CA THR A 29 -47.87 -7.27 5.27
C THR A 29 -46.67 -7.66 4.44
N LYS A 30 -46.86 -8.71 3.63
CA LYS A 30 -45.84 -9.08 2.67
C LYS A 30 -45.66 -8.03 1.59
N GLU A 31 -46.72 -7.26 1.28
CA GLU A 31 -46.58 -6.15 0.34
C GLU A 31 -45.62 -5.09 0.85
N ASP A 32 -45.69 -4.77 2.16
CA ASP A 32 -44.70 -3.89 2.77
C ASP A 32 -43.28 -4.42 2.53
N VAL A 33 -43.05 -5.68 2.86
CA VAL A 33 -41.70 -6.24 2.78
C VAL A 33 -41.22 -6.27 1.34
N LEU A 34 -42.06 -6.76 0.43
CA LEU A 34 -41.68 -6.76 -0.98
C LEU A 34 -41.46 -5.34 -1.51
N GLU A 35 -42.28 -4.39 -1.08
CA GLU A 35 -42.01 -3.00 -1.41
C GLU A 35 -40.68 -2.55 -0.83
N ALA A 36 -40.37 -2.93 0.41
CA ALA A 36 -39.10 -2.53 1.02
C ALA A 36 -37.91 -3.19 0.33
N VAL A 37 -38.07 -4.42 -0.14
CA VAL A 37 -36.97 -5.12 -0.82
C VAL A 37 -36.65 -4.47 -2.16
N LYS A 38 -37.68 -4.08 -2.92
CA LYS A 38 -37.45 -3.40 -4.19
C LYS A 38 -36.84 -2.01 -3.97
N GLU A 39 -37.41 -1.25 -3.03
CA GLU A 39 -36.95 0.12 -2.80
C GLU A 39 -35.52 0.18 -2.27
N ARG A 40 -35.19 -0.66 -1.29
CA ARG A 40 -33.87 -0.63 -0.67
C ARG A 40 -32.85 -1.48 -1.42
N ASP A 41 -33.24 -2.16 -2.49
CA ASP A 41 -32.35 -2.97 -3.29
C ASP A 41 -31.78 -4.12 -2.47
N VAL A 42 -32.67 -4.79 -1.72
CA VAL A 42 -32.26 -5.95 -0.94
C VAL A 42 -32.14 -7.14 -1.88
N LYS A 43 -30.96 -7.77 -1.89
CA LYS A 43 -30.70 -8.88 -2.77
C LYS A 43 -30.70 -10.23 -2.05
N PHE A 44 -30.51 -10.23 -0.72
CA PHE A 44 -30.45 -11.45 0.07
C PHE A 44 -31.38 -11.34 1.27
N ILE A 45 -32.09 -12.42 1.57
CA ILE A 45 -33.02 -12.48 2.70
C ILE A 45 -32.65 -13.70 3.53
N ARG A 46 -32.11 -13.47 4.73
CA ARG A 46 -31.61 -14.54 5.58
C ARG A 46 -32.63 -14.93 6.65
N THR A 47 -32.98 -16.22 6.72
CA THR A 47 -33.84 -16.66 7.80
C THR A 47 -33.03 -16.72 9.09
N GLN A 48 -33.74 -16.72 10.22
CA GLN A 48 -33.06 -16.62 11.51
C GLN A 48 -33.83 -17.45 12.52
N PHE A 49 -33.25 -18.54 13.00
CA PHE A 49 -33.85 -19.36 14.05
C PHE A 49 -32.72 -19.88 14.92
N THR A 50 -33.02 -20.86 15.78
CA THR A 50 -32.02 -21.47 16.66
C THR A 50 -32.33 -22.97 16.78
N ASP A 51 -31.34 -23.75 17.20
CA ASP A 51 -31.63 -25.14 17.47
C ASP A 51 -31.96 -25.30 18.96
N THR A 52 -32.33 -26.52 19.34
CA THR A 52 -32.68 -26.82 20.74
C THR A 52 -31.66 -26.24 21.72
N LEU A 53 -30.38 -26.27 21.35
CA LEU A 53 -29.29 -25.97 22.27
C LEU A 53 -28.80 -24.53 22.21
N GLY A 54 -29.47 -23.66 21.45
CA GLY A 54 -29.13 -22.25 21.42
C GLY A 54 -28.35 -21.79 20.21
N ILE A 55 -27.89 -22.71 19.36
CA ILE A 55 -27.04 -22.35 18.24
C ILE A 55 -27.87 -21.58 17.22
N ILE A 56 -27.30 -20.50 16.67
CA ILE A 56 -27.98 -19.67 15.68
C ILE A 56 -27.89 -20.33 14.30
N LYS A 57 -29.03 -20.40 13.61
CA LYS A 57 -29.21 -21.10 12.36
C LYS A 57 -29.85 -20.16 11.35
N SER A 58 -29.57 -20.40 10.08
CA SER A 58 -29.93 -19.48 9.02
C SER A 58 -29.73 -20.16 7.68
N TRP A 59 -30.60 -19.84 6.73
CA TRP A 59 -30.28 -20.08 5.32
C TRP A 59 -30.63 -18.83 4.53
N ALA A 60 -30.00 -18.69 3.37
CA ALA A 60 -30.12 -17.51 2.52
C ALA A 60 -31.15 -17.74 1.42
N ILE A 61 -32.07 -16.80 1.28
CA ILE A 61 -33.12 -16.76 0.27
C ILE A 61 -32.80 -15.63 -0.70
N PRO A 62 -32.59 -15.91 -2.00
CA PRO A 62 -32.45 -14.82 -2.96
C PRO A 62 -33.76 -14.04 -3.07
N ALA A 63 -33.64 -12.71 -2.96
CA ALA A 63 -34.82 -11.85 -2.94
C ALA A 63 -35.73 -12.08 -4.14
N GLU A 64 -35.23 -12.76 -5.17
CA GLU A 64 -36.08 -13.21 -6.25
C GLU A 64 -37.05 -14.29 -5.79
N GLN A 65 -36.61 -15.19 -4.89
CA GLN A 65 -37.47 -16.25 -4.35
C GLN A 65 -38.47 -15.76 -3.30
N LEU A 66 -38.35 -14.51 -2.84
CA LEU A 66 -39.04 -14.10 -1.63
C LEU A 66 -40.57 -14.08 -1.81
N GLU A 67 -41.05 -13.73 -2.99
CA GLU A 67 -42.49 -13.63 -3.21
C GLU A 67 -43.16 -15.01 -3.18
N GLU A 68 -42.47 -16.03 -3.67
CA GLU A 68 -42.99 -17.39 -3.58
C GLU A 68 -42.90 -17.92 -2.14
N ALA A 69 -41.87 -17.51 -1.40
CA ALA A 69 -41.74 -17.93 -0.01
C ALA A 69 -42.89 -17.42 0.84
N PHE A 70 -43.29 -16.16 0.63
CA PHE A 70 -44.50 -15.64 1.28
C PHE A 70 -45.74 -16.41 0.87
N GLU A 71 -45.87 -16.71 -0.43
CA GLU A 71 -47.08 -17.35 -0.91
C GLU A 71 -47.21 -18.79 -0.41
N ASN A 72 -46.10 -19.53 -0.38
CA ASN A 72 -46.14 -20.97 -0.16
C ASN A 72 -45.32 -21.49 1.01
N GLY A 73 -44.53 -20.65 1.68
CA GLY A 73 -43.64 -21.15 2.72
C GLY A 73 -42.37 -21.73 2.13
N VAL A 74 -41.49 -22.22 3.00
CA VAL A 74 -40.22 -22.78 2.55
C VAL A 74 -40.00 -24.11 3.26
N MET A 75 -39.88 -25.18 2.48
CA MET A 75 -39.53 -26.49 3.02
C MET A 75 -38.06 -26.51 3.45
N PHE A 76 -37.81 -27.05 4.65
CA PHE A 76 -36.44 -27.20 5.11
C PHE A 76 -36.36 -28.40 6.04
N ASP A 77 -35.16 -28.95 6.17
CA ASP A 77 -34.94 -30.10 7.05
C ASP A 77 -35.00 -29.65 8.51
N GLY A 78 -35.92 -30.25 9.26
CA GLY A 78 -36.10 -29.93 10.67
C GLY A 78 -35.00 -30.46 11.58
N SER A 79 -34.06 -31.24 11.06
CA SER A 79 -32.89 -31.61 11.84
C SER A 79 -31.97 -30.42 12.10
N SER A 80 -32.18 -29.31 11.38
CA SER A 80 -31.47 -28.08 11.69
C SER A 80 -31.79 -27.59 13.10
N ILE A 81 -32.91 -28.04 13.66
CA ILE A 81 -33.39 -27.60 14.96
C ILE A 81 -33.19 -28.69 16.02
N GLN A 82 -33.56 -29.92 15.68
CA GLN A 82 -33.61 -31.03 16.63
C GLN A 82 -32.46 -32.01 16.47
N GLY A 83 -31.54 -31.76 15.54
CA GLY A 83 -30.41 -32.65 15.35
C GLY A 83 -30.81 -33.97 14.70
N PHE A 84 -29.79 -34.78 14.43
CA PHE A 84 -29.94 -36.01 13.68
C PHE A 84 -30.11 -37.25 14.56
N THR A 85 -30.09 -37.10 15.89
CA THR A 85 -29.98 -38.25 16.78
C THR A 85 -31.08 -39.29 16.52
N ARG A 86 -32.29 -38.85 16.18
CA ARG A 86 -33.45 -39.71 16.17
C ARG A 86 -34.09 -39.74 14.80
N ILE A 87 -34.73 -40.89 14.49
CA ILE A 87 -35.67 -40.95 13.38
C ILE A 87 -36.94 -40.24 13.82
N GLU A 88 -37.12 -39.02 13.34
CA GLU A 88 -38.34 -38.27 13.56
C GLU A 88 -38.62 -37.46 12.31
N GLU A 89 -39.85 -36.95 12.21
CA GLU A 89 -40.23 -36.15 11.06
C GLU A 89 -39.26 -34.98 10.87
N SER A 90 -38.78 -34.81 9.64
CA SER A 90 -37.74 -33.83 9.32
C SER A 90 -38.15 -32.87 8.21
N ASP A 91 -39.36 -33.00 7.65
CA ASP A 91 -39.78 -32.17 6.53
C ASP A 91 -40.67 -31.04 7.01
N MET A 92 -40.04 -29.98 7.52
CA MET A 92 -40.76 -28.88 8.13
C MET A 92 -40.99 -27.77 7.11
N LYS A 93 -41.98 -26.94 7.40
CA LYS A 93 -42.26 -25.76 6.58
C LYS A 93 -42.18 -24.52 7.45
N LEU A 94 -41.42 -23.53 7.01
CA LEU A 94 -41.35 -22.23 7.64
C LEU A 94 -42.26 -21.26 6.89
N ALA A 95 -43.18 -20.62 7.61
CA ALA A 95 -43.99 -19.54 7.07
C ALA A 95 -43.39 -18.23 7.56
N LEU A 96 -43.09 -17.34 6.62
CA LEU A 96 -42.41 -16.08 6.94
C LEU A 96 -43.34 -15.08 7.61
N ASP A 97 -42.87 -14.48 8.70
CA ASP A 97 -43.60 -13.41 9.36
C ASP A 97 -43.07 -12.08 8.83
N PRO A 98 -43.83 -11.38 7.96
CA PRO A 98 -43.34 -10.11 7.41
C PRO A 98 -43.10 -9.03 8.45
N SER A 99 -43.72 -9.13 9.61
CA SER A 99 -43.44 -8.17 10.67
C SER A 99 -42.04 -8.34 11.26
N THR A 100 -41.39 -9.49 11.04
CA THR A 100 -40.05 -9.72 11.58
C THR A 100 -38.95 -9.38 10.58
N PHE A 101 -39.29 -8.76 9.46
CA PHE A 101 -38.31 -8.44 8.43
C PHE A 101 -37.42 -7.27 8.87
N ARG A 102 -36.09 -7.46 8.82
CA ARG A 102 -35.16 -6.42 9.25
C ARG A 102 -33.91 -6.40 8.39
N ILE A 103 -33.55 -5.21 7.93
CA ILE A 103 -32.37 -5.03 7.10
C ILE A 103 -31.13 -4.92 7.99
N LEU A 104 -30.08 -5.68 7.64
CA LEU A 104 -28.83 -5.79 8.39
C LEU A 104 -27.92 -4.60 8.12
N PRO A 105 -27.09 -4.21 9.12
CA PRO A 105 -26.33 -2.95 9.06
C PRO A 105 -24.98 -3.09 8.35
N TRP A 106 -25.00 -3.63 7.13
CA TRP A 106 -23.83 -3.62 6.27
C TRP A 106 -24.31 -3.61 4.83
N ARG A 107 -23.50 -3.04 3.94
CA ARG A 107 -23.93 -2.80 2.56
C ARG A 107 -22.92 -3.36 1.58
N PRO A 108 -23.04 -4.63 1.22
CA PRO A 108 -22.19 -5.19 0.17
C PRO A 108 -22.42 -4.48 -1.15
N ALA A 109 -21.40 -4.55 -2.01
CA ALA A 109 -21.51 -4.00 -3.35
C ALA A 109 -22.74 -4.56 -4.05
N THR A 110 -22.98 -5.85 -3.84
CA THR A 110 -24.02 -6.58 -4.57
C THR A 110 -25.42 -5.99 -4.33
N GLY A 111 -25.66 -5.35 -3.17
CA GLY A 111 -26.98 -4.90 -2.76
C GLY A 111 -27.18 -5.21 -1.29
N ALA A 112 -28.38 -4.95 -0.78
CA ALA A 112 -28.61 -5.06 0.66
C ALA A 112 -29.00 -6.48 1.07
N VAL A 113 -28.84 -6.76 2.37
CA VAL A 113 -29.23 -8.02 3.02
C VAL A 113 -30.24 -7.73 4.12
N ALA A 114 -31.14 -8.68 4.36
CA ALA A 114 -32.10 -8.57 5.45
C ALA A 114 -32.32 -9.92 6.12
N ARG A 115 -32.66 -9.89 7.43
CA ARG A 115 -33.10 -11.09 8.14
C ARG A 115 -34.62 -11.11 8.27
N ILE A 116 -35.16 -12.33 8.46
CA ILE A 116 -36.59 -12.55 8.62
C ILE A 116 -36.78 -13.83 9.43
N LEU A 117 -37.88 -13.90 10.17
CA LEU A 117 -38.20 -15.05 11.01
C LEU A 117 -39.54 -15.63 10.59
N GLY A 118 -39.87 -16.80 11.13
CA GLY A 118 -41.16 -17.40 10.82
C GLY A 118 -41.61 -18.40 11.87
N ASP A 119 -42.76 -19.03 11.59
CA ASP A 119 -43.34 -20.07 12.43
C ASP A 119 -43.18 -21.40 11.70
N VAL A 120 -42.67 -22.40 12.40
CA VAL A 120 -42.33 -23.70 11.82
C VAL A 120 -43.53 -24.63 11.96
N TYR A 121 -43.92 -25.25 10.85
CA TYR A 121 -45.07 -26.15 10.86
C TYR A 121 -44.66 -27.54 10.41
N LEU A 122 -45.40 -28.52 10.90
CA LEU A 122 -45.27 -29.87 10.44
C LEU A 122 -46.04 -30.06 9.14
N PRO A 123 -45.73 -31.11 8.38
CA PRO A 123 -46.53 -31.40 7.16
C PRO A 123 -48.02 -31.55 7.39
N ASP A 124 -48.46 -32.08 8.54
CA ASP A 124 -49.88 -32.17 8.80
C ASP A 124 -50.55 -30.80 8.98
N GLY A 125 -49.75 -29.73 9.16
CA GLY A 125 -50.27 -28.38 9.33
C GLY A 125 -50.26 -27.85 10.74
N ASN A 126 -49.97 -28.68 11.71
CA ASN A 126 -49.81 -28.25 13.09
C ASN A 126 -48.41 -27.66 13.31
N PRO A 127 -48.27 -26.76 14.30
CA PRO A 127 -46.95 -26.21 14.59
C PRO A 127 -45.98 -27.27 15.09
N PHE A 128 -44.72 -27.17 14.64
CA PHE A 128 -43.65 -27.98 15.22
C PHE A 128 -43.40 -27.51 16.64
N LYS A 129 -43.48 -28.43 17.60
CA LYS A 129 -43.33 -28.09 19.01
C LYS A 129 -41.90 -28.16 19.51
N GLY A 130 -40.95 -28.60 18.69
CA GLY A 130 -39.54 -28.61 18.98
C GLY A 130 -38.82 -27.33 18.66
N ASP A 131 -39.53 -26.33 18.14
CA ASP A 131 -38.92 -25.04 17.81
C ASP A 131 -38.85 -24.19 19.06
N PRO A 132 -37.65 -23.79 19.53
CA PRO A 132 -37.57 -23.03 20.78
C PRO A 132 -38.44 -21.78 20.77
N ARG A 133 -38.54 -21.10 19.63
CA ARG A 133 -39.39 -19.92 19.56
C ARG A 133 -40.84 -20.27 19.82
N TYR A 134 -41.26 -21.45 19.37
CA TYR A 134 -42.61 -21.91 19.65
C TYR A 134 -42.82 -22.14 21.13
N VAL A 135 -41.78 -22.59 21.84
CA VAL A 135 -41.90 -22.78 23.28
C VAL A 135 -42.09 -21.44 23.98
N LEU A 136 -41.39 -20.39 23.52
CA LEU A 136 -41.65 -19.07 24.09
C LEU A 136 -43.08 -18.62 23.79
N LYS A 137 -43.61 -18.96 22.62
CA LYS A 137 -44.97 -18.53 22.29
C LYS A 137 -46.01 -19.20 23.19
N THR A 138 -45.84 -20.47 23.52
CA THR A 138 -46.79 -21.10 24.45
C THR A 138 -46.66 -20.50 25.84
N ALA A 139 -45.45 -20.14 26.27
CA ALA A 139 -45.30 -19.41 27.52
C ALA A 139 -45.97 -18.05 27.46
N ILE A 140 -45.83 -17.35 26.33
CA ILE A 140 -46.51 -16.06 26.15
C ILE A 140 -48.02 -16.27 26.19
N LYS A 141 -48.48 -17.36 25.59
CA LYS A 141 -49.90 -17.71 25.58
C LYS A 141 -50.42 -17.98 26.98
N GLU A 142 -49.63 -18.66 27.81
CA GLU A 142 -50.03 -18.92 29.19
C GLU A 142 -50.19 -17.63 29.98
N ALA A 143 -49.33 -16.64 29.72
CA ALA A 143 -49.43 -15.36 30.42
C ALA A 143 -50.67 -14.60 29.97
N GLU A 144 -50.92 -14.53 28.67
CA GLU A 144 -52.09 -13.81 28.17
C GLU A 144 -53.37 -14.42 28.70
N LYS A 145 -53.40 -15.75 28.86
CA LYS A 145 -54.54 -16.42 29.50
C LYS A 145 -54.82 -15.84 30.89
N MET A 146 -53.76 -15.50 31.63
CA MET A 146 -53.92 -14.89 32.94
C MET A 146 -53.96 -13.36 32.88
N GLY A 147 -53.99 -12.77 31.67
CA GLY A 147 -54.15 -11.34 31.50
C GLY A 147 -52.87 -10.53 31.41
N PHE A 148 -51.69 -11.15 31.49
CA PHE A 148 -50.42 -10.42 31.54
C PHE A 148 -49.63 -10.56 30.26
N SER A 149 -48.70 -9.64 30.05
CA SER A 149 -47.62 -9.87 29.10
C SER A 149 -46.30 -9.54 29.78
N MET A 150 -45.21 -10.09 29.23
CA MET A 150 -43.89 -9.99 29.81
C MET A 150 -43.01 -9.08 28.97
N ASN A 151 -42.36 -8.11 29.61
CA ASN A 151 -41.32 -7.28 29.00
C ASN A 151 -39.97 -7.64 29.58
N VAL A 152 -38.95 -7.67 28.73
CA VAL A 152 -37.58 -7.97 29.13
C VAL A 152 -36.65 -6.93 28.54
N GLY A 153 -35.72 -6.43 29.35
CA GLY A 153 -34.60 -5.67 28.85
C GLY A 153 -33.31 -6.33 29.27
N PRO A 154 -32.61 -6.97 28.33
CA PRO A 154 -31.42 -7.73 28.71
C PRO A 154 -30.13 -6.91 28.60
N GLU A 155 -29.19 -7.28 29.47
CA GLU A 155 -27.90 -6.62 29.60
C GLU A 155 -26.85 -7.62 29.16
N LEU A 156 -26.25 -7.41 27.99
CA LEU A 156 -25.38 -8.42 27.40
C LEU A 156 -23.92 -8.05 27.56
N GLU A 157 -23.12 -8.99 28.07
CA GLU A 157 -21.70 -8.82 28.30
C GLU A 157 -20.91 -9.61 27.27
N PHE A 158 -19.78 -9.05 26.84
CA PHE A 158 -18.89 -9.74 25.92
C PHE A 158 -17.48 -9.24 26.13
N PHE A 159 -16.53 -10.04 25.63
CA PHE A 159 -15.14 -9.64 25.52
C PHE A 159 -14.82 -9.29 24.08
N LEU A 160 -13.95 -8.30 23.90
CA LEU A 160 -13.45 -7.90 22.59
C LEU A 160 -11.98 -8.30 22.54
N PHE A 161 -11.68 -9.34 21.80
CA PHE A 161 -10.35 -9.93 21.76
C PHE A 161 -9.72 -9.67 20.40
N LYS A 162 -8.42 -9.95 20.30
CA LYS A 162 -7.73 -9.80 19.04
C LYS A 162 -7.81 -11.08 18.22
N LEU A 163 -7.62 -10.93 16.91
CA LEU A 163 -7.41 -12.05 16.02
C LEU A 163 -5.91 -12.33 15.92
N ASP A 164 -5.58 -13.55 15.51
CA ASP A 164 -4.18 -13.88 15.26
C ASP A 164 -3.85 -13.59 13.79
N ALA A 165 -2.65 -14.02 13.35
CA ALA A 165 -2.17 -13.67 12.02
C ALA A 165 -3.00 -14.31 10.92
N ASN A 166 -3.62 -15.45 11.20
CA ASN A 166 -4.48 -16.10 10.23
C ASN A 166 -5.92 -15.62 10.27
N GLY A 167 -6.24 -14.67 11.15
CA GLY A 167 -7.59 -14.17 11.28
C GLY A 167 -8.48 -14.94 12.21
N ASN A 168 -7.93 -15.79 13.06
CA ASN A 168 -8.73 -16.67 13.91
C ASN A 168 -8.78 -16.16 15.33
N PRO A 169 -9.84 -16.51 16.07
CA PRO A 169 -10.03 -15.97 17.43
C PRO A 169 -8.90 -16.32 18.39
N THR A 170 -8.62 -15.39 19.32
CA THR A 170 -7.72 -15.58 20.46
C THR A 170 -8.43 -15.04 21.70
N THR A 171 -7.80 -15.22 22.88
CA THR A 171 -8.22 -14.49 24.08
C THR A 171 -7.26 -13.35 24.43
N GLU A 172 -6.62 -12.77 23.42
CA GLU A 172 -5.67 -11.68 23.64
C GLU A 172 -6.42 -10.36 23.87
N LEU A 173 -6.00 -9.61 24.88
CA LEU A 173 -6.73 -8.43 25.31
C LEU A 173 -6.61 -7.28 24.31
N THR A 174 -7.64 -6.44 24.27
CA THR A 174 -7.60 -5.19 23.51
C THR A 174 -7.41 -3.97 24.42
N ASP A 175 -7.70 -4.09 25.70
CA ASP A 175 -7.33 -3.08 26.68
C ASP A 175 -7.14 -3.75 28.03
N GLN A 176 -6.70 -2.96 29.00
CA GLN A 176 -6.61 -3.38 30.40
C GLN A 176 -7.49 -2.49 31.28
N GLY A 177 -8.64 -2.08 30.76
CA GLY A 177 -9.53 -1.22 31.51
C GLY A 177 -10.35 -1.97 32.54
N GLY A 178 -11.01 -1.20 33.40
CA GLY A 178 -11.83 -1.74 34.47
C GLY A 178 -13.22 -1.16 34.43
N TYR A 179 -13.98 -1.33 35.51
CA TYR A 179 -15.42 -1.06 35.51
C TYR A 179 -15.70 0.38 35.16
N PHE A 180 -16.48 0.58 34.09
CA PHE A 180 -16.88 1.87 33.55
C PHE A 180 -15.70 2.71 33.08
N ASP A 181 -14.55 2.10 32.76
CA ASP A 181 -13.44 2.87 32.23
C ASP A 181 -13.77 3.44 30.86
N PHE A 182 -13.19 4.62 30.57
CA PHE A 182 -13.16 5.11 29.20
C PHE A 182 -12.00 4.41 28.51
N ALA A 183 -12.27 3.20 28.02
CA ALA A 183 -11.26 2.35 27.42
C ALA A 183 -12.01 1.42 26.48
N PRO A 184 -11.44 1.05 25.33
CA PRO A 184 -10.13 1.41 24.78
C PRO A 184 -10.08 2.81 24.18
N LEU A 185 -8.86 3.32 23.96
CA LEU A 185 -8.64 4.60 23.30
C LEU A 185 -7.76 4.51 22.05
N ASP A 186 -7.42 3.30 21.61
CA ASP A 186 -6.76 3.06 20.34
C ASP A 186 -7.82 2.73 19.29
N ARG A 187 -7.43 2.06 18.21
CA ARG A 187 -8.38 1.74 17.17
C ARG A 187 -9.52 0.84 17.66
N ALA A 188 -9.36 0.14 18.78
CA ALA A 188 -10.47 -0.62 19.33
C ALA A 188 -11.59 0.28 19.83
N GLN A 189 -11.29 1.56 20.13
CA GLN A 189 -12.31 2.54 20.44
C GLN A 189 -13.27 2.72 19.26
N ASP A 190 -12.74 2.79 18.05
CA ASP A 190 -13.58 3.00 16.88
C ASP A 190 -14.41 1.75 16.56
N VAL A 191 -13.82 0.57 16.77
CA VAL A 191 -14.56 -0.69 16.60
C VAL A 191 -15.72 -0.79 17.60
N ARG A 192 -15.50 -0.40 18.87
CA ARG A 192 -16.59 -0.44 19.84
C ARG A 192 -17.72 0.51 19.45
N ARG A 193 -17.37 1.71 18.99
CA ARG A 193 -18.38 2.69 18.59
C ARG A 193 -19.17 2.17 17.39
N ASP A 194 -18.49 1.51 16.45
CA ASP A 194 -19.15 0.97 15.26
C ASP A 194 -20.10 -0.17 15.61
N ILE A 195 -19.86 -0.89 16.69
CA ILE A 195 -20.80 -1.92 17.12
C ILE A 195 -22.09 -1.30 17.63
N ASP A 196 -21.97 -0.29 18.51
CA ASP A 196 -23.14 0.40 19.05
C ASP A 196 -23.95 1.09 17.96
N TYR A 197 -23.25 1.72 17.00
CA TYR A 197 -23.92 2.39 15.90
C TYR A 197 -24.70 1.40 15.02
N ALA A 198 -24.13 0.22 14.77
CA ALA A 198 -24.79 -0.76 13.90
C ALA A 198 -26.09 -1.26 14.50
N LEU A 199 -26.08 -1.54 15.81
CA LEU A 199 -27.29 -2.00 16.49
C LEU A 199 -28.31 -0.89 16.60
N GLU A 200 -27.85 0.33 16.87
CA GLU A 200 -28.78 1.45 16.99
C GLU A 200 -29.49 1.70 15.68
N HIS A 201 -28.77 1.68 14.57
CA HIS A 201 -29.40 2.02 13.31
C HIS A 201 -30.04 0.82 12.62
N MET A 202 -30.01 -0.36 13.24
CA MET A 202 -30.90 -1.49 12.98
C MET A 202 -32.19 -1.43 13.79
N GLY A 203 -32.38 -0.43 14.62
CA GLY A 203 -33.61 -0.30 15.38
C GLY A 203 -33.64 -0.89 16.77
N PHE A 204 -32.46 -1.19 17.36
CA PHE A 204 -32.43 -1.82 18.68
C PHE A 204 -32.71 -0.85 19.82
N GLN A 205 -32.43 0.43 19.65
CA GLN A 205 -32.65 1.45 20.69
C GLN A 205 -31.95 1.05 21.99
N ILE A 206 -30.62 1.03 21.93
CA ILE A 206 -29.79 0.79 23.11
C ILE A 206 -30.03 1.84 24.18
N GLU A 207 -30.07 1.42 25.45
CA GLU A 207 -30.07 2.38 26.56
C GLU A 207 -28.68 2.97 26.80
N ALA A 208 -27.69 2.11 27.00
CA ALA A 208 -26.32 2.53 27.26
C ALA A 208 -25.39 1.34 27.09
N SER A 209 -24.11 1.64 26.92
CA SER A 209 -23.09 0.62 26.92
C SER A 209 -21.92 1.10 27.77
N HIS A 210 -21.14 0.13 28.29
CA HIS A 210 -20.04 0.50 29.18
C HIS A 210 -19.03 -0.64 29.30
N HIS A 211 -17.78 -0.25 29.51
CA HIS A 211 -16.73 -1.19 29.86
C HIS A 211 -17.05 -1.88 31.19
N GLU A 212 -16.92 -3.20 31.22
CA GLU A 212 -17.30 -4.00 32.37
C GLU A 212 -16.04 -4.30 33.19
N VAL A 213 -16.16 -5.11 34.24
CA VAL A 213 -15.08 -5.22 35.22
C VAL A 213 -13.82 -5.81 34.61
N ALA A 214 -13.94 -6.83 33.77
CA ALA A 214 -12.74 -7.48 33.30
C ALA A 214 -12.07 -6.65 32.21
N PRO A 215 -10.75 -6.82 32.02
CA PRO A 215 -10.10 -6.19 30.87
C PRO A 215 -10.76 -6.66 29.59
N SER A 216 -10.87 -5.76 28.62
CA SER A 216 -11.46 -6.02 27.32
C SER A 216 -12.93 -6.41 27.39
N GLN A 217 -13.58 -6.29 28.55
CA GLN A 217 -14.98 -6.71 28.71
C GLN A 217 -15.92 -5.52 28.55
N HIS A 218 -17.08 -5.77 27.95
CA HIS A 218 -18.02 -4.70 27.64
C HIS A 218 -19.43 -5.18 27.95
N GLU A 219 -20.35 -4.23 28.03
CA GLU A 219 -21.75 -4.52 28.26
C GLU A 219 -22.59 -3.58 27.40
N ILE A 220 -23.74 -4.08 26.97
CA ILE A 220 -24.71 -3.26 26.25
C ILE A 220 -26.08 -3.49 26.90
N ASP A 221 -26.70 -2.41 27.38
CA ASP A 221 -28.03 -2.46 27.96
C ASP A 221 -29.08 -2.17 26.90
N PHE A 222 -30.00 -3.11 26.67
CA PHE A 222 -31.06 -2.88 25.70
C PHE A 222 -32.29 -2.27 26.36
N ARG A 223 -33.10 -1.61 25.55
CA ARG A 223 -34.39 -1.12 26.00
C ARG A 223 -35.33 -2.28 26.31
N PHE A 224 -36.28 -2.02 27.20
CA PHE A 224 -37.33 -3.00 27.54
C PHE A 224 -38.30 -3.15 26.37
N GLY A 225 -38.52 -4.40 25.95
CA GLY A 225 -39.54 -4.68 24.97
C GLY A 225 -40.20 -5.99 25.29
N ASP A 226 -41.28 -6.30 24.57
CA ASP A 226 -41.97 -7.56 24.75
C ASP A 226 -40.98 -8.70 24.60
N VAL A 227 -41.17 -9.74 25.42
CA VAL A 227 -40.19 -10.81 25.49
C VAL A 227 -39.93 -11.42 24.11
N LEU A 228 -40.97 -11.62 23.29
CA LEU A 228 -40.77 -12.28 21.99
C LEU A 228 -39.90 -11.42 21.08
N CYS A 229 -40.27 -10.15 20.94
CA CYS A 229 -39.47 -9.19 20.20
C CYS A 229 -38.04 -9.14 20.73
N THR A 230 -37.88 -9.22 22.06
CA THR A 230 -36.54 -9.11 22.62
C THR A 230 -35.71 -10.37 22.37
N ALA A 231 -36.30 -11.56 22.51
CA ALA A 231 -35.54 -12.77 22.23
C ALA A 231 -35.07 -12.79 20.79
N ASP A 232 -35.96 -12.44 19.85
CA ASP A 232 -35.55 -12.34 18.45
C ASP A 232 -34.33 -11.44 18.29
N ASN A 233 -34.28 -10.35 19.05
CA ASN A 233 -33.18 -9.38 18.98
C ASN A 233 -31.91 -9.89 19.66
N VAL A 234 -32.04 -10.74 20.68
CA VAL A 234 -30.85 -11.35 21.27
C VAL A 234 -30.11 -12.18 20.23
N VAL A 235 -30.84 -12.95 19.43
CA VAL A 235 -30.22 -13.79 18.40
C VAL A 235 -29.57 -12.95 17.32
N THR A 236 -30.28 -11.94 16.82
CA THR A 236 -29.70 -11.02 15.86
C THR A 236 -28.46 -10.33 16.41
N PHE A 237 -28.53 -9.86 17.66
CA PHE A 237 -27.43 -9.12 18.27
C PHE A 237 -26.11 -9.89 18.18
N LYS A 238 -26.11 -11.17 18.54
CA LYS A 238 -24.85 -11.86 18.69
C LYS A 238 -24.11 -12.01 17.36
N TYR A 239 -24.82 -12.38 16.29
CA TYR A 239 -24.12 -12.51 15.02
C TYR A 239 -23.87 -11.17 14.36
N VAL A 240 -24.69 -10.15 14.63
CA VAL A 240 -24.40 -8.82 14.12
C VAL A 240 -23.08 -8.31 14.72
N VAL A 241 -22.94 -8.44 16.03
CA VAL A 241 -21.73 -7.98 16.70
C VAL A 241 -20.52 -8.76 16.24
N LYS A 242 -20.63 -10.10 16.18
CA LYS A 242 -19.45 -10.90 15.85
C LYS A 242 -18.95 -10.58 14.44
N SER A 243 -19.88 -10.39 13.50
CA SER A 243 -19.53 -10.08 12.13
C SER A 243 -18.89 -8.71 12.00
N ILE A 244 -19.49 -7.68 12.62
CA ILE A 244 -18.90 -6.35 12.58
C ILE A 244 -17.50 -6.37 13.17
N ALA A 245 -17.29 -7.10 14.26
CA ALA A 245 -15.98 -7.13 14.86
C ALA A 245 -14.97 -7.80 13.93
N TYR A 246 -15.31 -8.98 13.39
CA TYR A 246 -14.44 -9.69 12.45
C TYR A 246 -13.99 -8.79 11.31
N HIS A 247 -14.92 -8.02 10.76
CA HIS A 247 -14.61 -7.23 9.59
C HIS A 247 -13.75 -6.00 9.90
N LYS A 248 -13.59 -5.66 11.19
CA LYS A 248 -12.62 -4.66 11.65
C LYS A 248 -11.35 -5.29 12.20
N GLY A 249 -11.22 -6.61 12.14
CA GLY A 249 -10.01 -7.29 12.60
C GLY A 249 -9.98 -7.70 14.05
N TYR A 250 -11.13 -7.83 14.71
CA TYR A 250 -11.22 -8.22 16.12
C TYR A 250 -12.20 -9.38 16.26
N TYR A 251 -12.39 -9.82 17.50
CA TYR A 251 -13.30 -10.93 17.81
C TYR A 251 -14.11 -10.57 19.04
N ALA A 252 -15.44 -10.74 18.95
CA ALA A 252 -16.34 -10.58 20.10
C ALA A 252 -16.73 -11.97 20.61
N SER A 253 -16.49 -12.20 21.90
CA SER A 253 -16.64 -13.50 22.52
C SER A 253 -17.77 -13.45 23.54
N PHE A 254 -18.71 -14.39 23.44
CA PHE A 254 -19.77 -14.56 24.42
C PHE A 254 -19.52 -15.76 25.35
N MET A 255 -18.29 -16.27 25.42
CA MET A 255 -17.98 -17.35 26.35
C MET A 255 -18.31 -16.93 27.77
N PRO A 256 -18.94 -17.80 28.57
CA PRO A 256 -19.20 -17.45 29.99
C PRO A 256 -17.95 -17.08 30.77
N LYS A 257 -16.82 -17.75 30.52
CA LYS A 257 -15.59 -17.48 31.25
C LYS A 257 -14.41 -17.83 30.36
N PRO A 258 -14.01 -16.91 29.47
CA PRO A 258 -12.86 -17.19 28.61
C PRO A 258 -11.53 -17.10 29.33
N LEU A 259 -11.46 -16.43 30.49
CA LEU A 259 -10.20 -16.19 31.16
C LEU A 259 -10.36 -16.46 32.65
N PHE A 260 -9.32 -17.04 33.23
CA PHE A 260 -9.33 -17.35 34.65
C PHE A 260 -8.93 -16.13 35.47
N GLY A 261 -9.57 -15.93 36.61
CA GLY A 261 -9.16 -14.90 37.54
C GLY A 261 -9.72 -13.53 37.26
N VAL A 262 -10.50 -13.37 36.19
CA VAL A 262 -11.18 -12.12 35.89
C VAL A 262 -12.68 -12.45 35.76
N ASN A 263 -13.50 -11.40 35.70
CA ASN A 263 -14.95 -11.59 35.64
C ASN A 263 -15.35 -12.45 34.44
N GLY A 264 -16.37 -13.28 34.65
CA GLY A 264 -17.10 -13.88 33.56
C GLY A 264 -18.22 -12.97 33.03
N SER A 265 -18.85 -13.42 31.96
CA SER A 265 -19.85 -12.63 31.25
C SER A 265 -21.22 -13.24 31.51
N GLY A 266 -22.14 -12.44 32.03
CA GLY A 266 -23.52 -12.85 32.20
C GLY A 266 -24.43 -12.24 31.15
N MET A 267 -25.66 -12.76 31.12
CA MET A 267 -26.74 -12.13 30.38
C MET A 267 -27.82 -11.83 31.42
N HIS A 268 -27.66 -10.71 32.11
CA HIS A 268 -28.66 -10.34 33.11
C HIS A 268 -29.98 -10.06 32.42
N SER A 269 -31.05 -10.60 33.01
CA SER A 269 -32.37 -10.61 32.40
C SER A 269 -33.31 -9.82 33.31
N ASN A 270 -33.62 -8.59 32.90
CA ASN A 270 -34.57 -7.75 33.61
C ASN A 270 -35.96 -7.97 33.06
N GLN A 271 -36.95 -8.14 33.95
CA GLN A 271 -38.28 -8.51 33.53
C GLN A 271 -39.35 -7.81 34.37
N SER A 272 -40.50 -7.51 33.74
CA SER A 272 -41.70 -7.09 34.43
C SER A 272 -42.91 -7.64 33.67
N LEU A 273 -44.03 -7.79 34.38
CA LEU A 273 -45.30 -8.16 33.77
C LEU A 273 -46.15 -6.92 33.59
N PHE A 274 -47.01 -6.95 32.58
CA PHE A 274 -47.94 -5.85 32.37
C PHE A 274 -49.34 -6.38 32.21
N LYS A 275 -50.29 -5.59 32.69
CA LYS A 275 -51.71 -5.86 32.51
C LYS A 275 -52.43 -4.53 32.45
N ASP A 276 -53.39 -4.41 31.55
CA ASP A 276 -54.25 -3.22 31.45
C ASP A 276 -53.46 -1.93 31.20
N GLY A 277 -52.25 -2.04 30.69
CA GLY A 277 -51.37 -0.90 30.50
C GLY A 277 -50.53 -0.52 31.69
N LYS A 278 -50.55 -1.33 32.76
CA LYS A 278 -49.84 -0.97 33.98
C LYS A 278 -48.94 -2.11 34.43
N ASN A 279 -47.86 -1.71 35.11
CA ASN A 279 -46.84 -2.62 35.61
C ASN A 279 -47.42 -3.38 36.80
N VAL A 280 -47.61 -4.69 36.64
CA VAL A 280 -48.20 -5.56 37.64
C VAL A 280 -47.37 -5.59 38.93
N PHE A 281 -46.07 -5.32 38.85
CA PHE A 281 -45.18 -5.40 40.00
C PHE A 281 -45.23 -4.16 40.88
N TYR A 282 -45.69 -3.04 40.36
CA TYR A 282 -45.70 -1.80 41.12
C TYR A 282 -46.93 -1.71 41.99
N ASP A 283 -46.75 -1.28 43.24
CA ASP A 283 -47.87 -0.99 44.11
C ASP A 283 -47.57 0.29 44.89
N PRO A 284 -48.25 1.39 44.58
CA PRO A 284 -47.92 2.66 45.26
C PRO A 284 -48.11 2.59 46.76
N ASP A 285 -49.05 1.77 47.24
CA ASP A 285 -49.45 1.80 48.64
C ASP A 285 -48.59 0.93 49.56
N THR A 286 -47.85 -0.05 49.03
CA THR A 286 -47.06 -0.90 49.90
C THR A 286 -45.82 -0.17 50.40
N PRO A 287 -45.28 -0.58 51.55
CA PRO A 287 -44.11 0.14 52.08
C PRO A 287 -42.94 0.18 51.11
N THR A 288 -42.68 -0.92 50.41
CA THR A 288 -41.58 -0.99 49.42
C THR A 288 -42.04 -0.68 48.00
N LYS A 289 -43.31 -0.35 47.82
CA LYS A 289 -43.89 -0.03 46.52
C LYS A 289 -43.89 -1.23 45.56
N LEU A 290 -43.66 -2.44 46.07
CA LEU A 290 -43.78 -3.65 45.26
C LEU A 290 -45.08 -4.37 45.63
N SER A 291 -45.78 -4.83 44.60
CA SER A 291 -47.05 -5.51 44.80
C SER A 291 -46.84 -6.91 45.38
N GLN A 292 -47.91 -7.49 45.90
CA GLN A 292 -47.83 -8.85 46.38
C GLN A 292 -47.56 -9.84 45.26
N ASP A 293 -48.01 -9.53 44.04
CA ASP A 293 -47.75 -10.44 42.94
C ASP A 293 -46.30 -10.35 42.43
N ALA A 294 -45.59 -9.26 42.71
CA ALA A 294 -44.16 -9.23 42.44
C ALA A 294 -43.41 -10.15 43.40
N MET A 295 -43.88 -10.27 44.63
CA MET A 295 -43.27 -11.20 45.59
C MET A 295 -43.55 -12.65 45.21
N TYR A 296 -44.76 -12.94 44.73
CA TYR A 296 -45.09 -14.30 44.33
C TYR A 296 -44.30 -14.70 43.09
N TYR A 297 -44.09 -13.76 42.17
CA TYR A 297 -43.26 -14.00 41.00
C TYR A 297 -41.82 -14.33 41.40
N ILE A 298 -41.27 -13.63 42.39
CA ILE A 298 -39.94 -13.97 42.90
C ILE A 298 -39.94 -15.35 43.56
N GLY A 299 -40.95 -15.64 44.39
CA GLY A 299 -40.99 -16.94 45.05
C GLY A 299 -41.02 -18.10 44.08
N GLY A 300 -41.74 -17.95 42.98
CA GLY A 300 -41.79 -19.02 41.99
C GLY A 300 -40.52 -19.14 41.18
N LEU A 301 -39.79 -18.05 41.03
CA LEU A 301 -38.47 -18.10 40.41
C LEU A 301 -37.45 -18.80 41.31
N LEU A 302 -37.46 -18.47 42.61
CA LEU A 302 -36.57 -19.14 43.55
C LEU A 302 -36.92 -20.62 43.68
N LYS A 303 -38.21 -20.94 43.71
CA LYS A 303 -38.61 -22.34 43.84
C LYS A 303 -38.03 -23.21 42.74
N HIS A 304 -37.93 -22.68 41.52
CA HIS A 304 -37.60 -23.51 40.37
C HIS A 304 -36.28 -23.20 39.68
N ILE A 305 -35.55 -22.17 40.09
CA ILE A 305 -34.39 -21.77 39.30
C ILE A 305 -33.36 -22.89 39.24
N ARG A 306 -33.17 -23.65 40.33
CA ARG A 306 -32.20 -24.75 40.32
C ARG A 306 -32.53 -25.80 39.27
N GLU A 307 -33.81 -25.96 38.96
CA GLU A 307 -34.26 -26.93 37.98
C GLU A 307 -34.00 -26.52 36.54
N PHE A 308 -33.63 -25.27 36.28
CA PHE A 308 -33.31 -24.93 34.90
C PHE A 308 -32.09 -24.04 34.78
N THR A 309 -31.15 -24.16 35.72
CA THR A 309 -29.80 -23.64 35.51
C THR A 309 -29.11 -24.34 34.33
N ALA A 310 -29.52 -25.58 34.02
CA ALA A 310 -28.99 -26.24 32.83
C ALA A 310 -29.34 -25.49 31.56
N VAL A 311 -30.43 -24.73 31.59
CA VAL A 311 -30.91 -23.96 30.44
C VAL A 311 -30.31 -22.56 30.43
N THR A 312 -30.28 -21.89 31.58
CA THR A 312 -29.70 -20.54 31.63
C THR A 312 -28.19 -20.56 31.64
N ASN A 313 -27.58 -21.70 31.95
CA ASN A 313 -26.13 -21.83 32.12
C ASN A 313 -25.76 -23.14 31.46
N PRO A 314 -25.70 -23.17 30.12
CA PRO A 314 -25.90 -24.41 29.38
C PRO A 314 -24.65 -25.19 28.98
N VAL A 315 -23.44 -24.67 29.17
CA VAL A 315 -22.23 -25.34 28.73
C VAL A 315 -21.29 -25.54 29.92
N VAL A 316 -20.30 -26.41 29.72
CA VAL A 316 -19.36 -26.75 30.79
C VAL A 316 -18.71 -25.48 31.36
N ASN A 317 -18.28 -24.58 30.47
CA ASN A 317 -17.63 -23.34 30.89
C ASN A 317 -18.56 -22.45 31.70
N SER A 318 -19.89 -22.57 31.55
CA SER A 318 -20.82 -21.76 32.33
C SER A 318 -20.57 -21.91 33.81
N TYR A 319 -20.06 -23.06 34.24
CA TYR A 319 -19.84 -23.35 35.65
C TYR A 319 -18.41 -23.02 36.07
N LYS A 320 -17.60 -22.46 35.17
CA LYS A 320 -16.38 -21.77 35.58
C LYS A 320 -16.62 -20.29 35.87
N ARG A 321 -17.76 -19.74 35.41
CA ARG A 321 -18.22 -18.43 35.86
C ARG A 321 -19.01 -18.53 37.17
N LEU A 322 -19.83 -19.58 37.34
CA LEU A 322 -20.58 -19.79 38.58
C LEU A 322 -19.70 -20.43 39.65
N VAL A 323 -18.70 -19.68 40.06
CA VAL A 323 -17.85 -19.95 41.23
C VAL A 323 -17.76 -18.67 42.04
N PRO A 324 -17.47 -18.76 43.35
CA PRO A 324 -17.38 -17.52 44.14
C PRO A 324 -16.17 -16.66 43.80
N GLY A 325 -16.38 -15.33 43.84
CA GLY A 325 -15.28 -14.39 43.69
C GLY A 325 -15.51 -13.19 42.78
N TYR A 326 -16.60 -13.17 42.04
CA TYR A 326 -16.82 -12.19 40.98
C TYR A 326 -18.28 -11.75 41.03
N GLU A 327 -18.73 -11.08 39.95
CA GLU A 327 -20.10 -10.58 39.84
C GLU A 327 -21.13 -11.69 39.97
N ALA A 328 -20.79 -12.91 39.52
CA ALA A 328 -21.78 -13.96 39.29
C ALA A 328 -22.43 -14.46 40.59
N PRO A 329 -23.73 -14.71 40.58
CA PRO A 329 -24.44 -15.15 41.79
C PRO A 329 -24.49 -16.67 41.94
N VAL A 330 -23.90 -17.23 42.99
CA VAL A 330 -23.84 -18.69 43.13
C VAL A 330 -24.80 -19.20 44.21
N TYR A 331 -25.57 -18.33 44.86
CA TYR A 331 -26.47 -18.70 45.94
C TYR A 331 -27.86 -18.24 45.59
N ILE A 332 -28.84 -18.93 46.13
CA ILE A 332 -30.25 -18.71 45.81
C ILE A 332 -30.84 -17.83 46.90
N SER A 333 -31.23 -16.63 46.54
CA SER A 333 -31.79 -15.64 47.46
C SER A 333 -32.30 -14.48 46.62
N TRP A 334 -32.94 -13.51 47.28
CA TRP A 334 -33.34 -12.26 46.65
C TRP A 334 -33.02 -11.10 47.59
N SER A 335 -33.01 -9.89 47.03
CA SER A 335 -32.69 -8.70 47.81
C SER A 335 -32.99 -7.45 47.01
N ALA A 336 -33.19 -6.35 47.72
CA ALA A 336 -33.23 -5.00 47.15
C ALA A 336 -31.98 -4.20 47.45
N GLN A 337 -31.41 -4.37 48.65
CA GLN A 337 -30.28 -3.58 49.11
C GLN A 337 -28.94 -4.12 48.62
N ASN A 338 -28.85 -5.41 48.36
CA ASN A 338 -27.61 -6.05 47.97
C ASN A 338 -27.61 -6.16 46.45
N ARG A 339 -26.58 -5.58 45.81
CA ARG A 339 -26.51 -5.57 44.35
C ARG A 339 -26.22 -6.95 43.76
N SER A 340 -25.76 -7.91 44.57
CA SER A 340 -25.18 -9.14 44.08
C SER A 340 -26.11 -10.35 44.06
N SER A 341 -27.25 -10.31 44.76
CA SER A 341 -28.10 -11.50 44.95
C SER A 341 -28.51 -12.12 43.61
N LEU A 342 -28.90 -13.39 43.69
CA LEU A 342 -29.38 -14.09 42.49
C LEU A 342 -30.52 -13.32 41.84
N ILE A 343 -31.43 -12.78 42.65
CA ILE A 343 -32.51 -11.91 42.20
C ILE A 343 -32.34 -10.59 42.94
N ARG A 344 -32.31 -9.51 42.20
CA ARG A 344 -32.19 -8.18 42.76
C ARG A 344 -33.35 -7.32 42.26
N ILE A 345 -33.77 -6.37 43.09
CA ILE A 345 -34.86 -5.45 42.77
C ILE A 345 -34.28 -4.04 42.65
N PRO A 346 -34.16 -3.48 41.45
CA PRO A 346 -33.64 -2.10 41.34
C PRO A 346 -34.55 -1.11 42.04
N ALA A 347 -33.98 0.05 42.36
CA ALA A 347 -34.73 1.08 43.06
C ALA A 347 -35.92 1.59 42.26
N THR A 348 -35.90 1.41 40.93
CA THR A 348 -36.92 1.96 40.04
C THR A 348 -38.32 1.50 40.43
N ARG A 349 -39.26 2.45 40.38
CA ARG A 349 -40.67 2.17 40.68
C ARG A 349 -41.56 2.63 39.54
N GLY A 350 -42.87 2.67 39.77
CA GLY A 350 -43.73 3.01 38.67
C GLY A 350 -43.65 1.94 37.60
N ASN A 351 -43.90 2.35 36.36
CA ASN A 351 -43.95 1.41 35.25
C ASN A 351 -42.61 0.80 34.91
N GLY A 352 -41.52 1.35 35.44
CA GLY A 352 -40.20 0.80 35.23
C GLY A 352 -39.75 -0.17 36.30
N THR A 353 -40.63 -0.52 37.24
CA THR A 353 -40.35 -1.55 38.24
C THR A 353 -40.01 -2.86 37.53
N ARG A 354 -38.84 -3.41 37.83
CA ARG A 354 -38.37 -4.62 37.20
C ARG A 354 -37.76 -5.54 38.25
N ILE A 355 -37.74 -6.84 37.95
CA ILE A 355 -36.96 -7.84 38.67
C ILE A 355 -35.75 -8.17 37.82
N GLU A 356 -34.62 -8.46 38.45
CA GLU A 356 -33.38 -8.71 37.72
C GLU A 356 -32.79 -10.05 38.18
N LEU A 357 -32.84 -11.04 37.28
CA LEU A 357 -32.26 -12.36 37.51
C LEU A 357 -30.88 -12.40 36.87
N ARG A 358 -29.85 -12.69 37.68
CA ARG A 358 -28.47 -12.43 37.31
C ARG A 358 -27.66 -13.66 36.90
N CYS A 359 -28.18 -14.87 37.09
CA CYS A 359 -27.43 -16.09 36.77
C CYS A 359 -27.25 -16.44 35.28
N PRO A 360 -28.13 -16.07 34.35
CA PRO A 360 -27.93 -16.52 32.96
C PRO A 360 -26.67 -15.93 32.34
N ASP A 361 -26.18 -16.61 31.31
CA ASP A 361 -25.06 -16.13 30.53
C ASP A 361 -25.46 -16.09 29.05
N PRO A 362 -24.69 -15.39 28.22
CA PRO A 362 -25.09 -15.26 26.81
C PRO A 362 -25.05 -16.56 26.00
N ALA A 363 -24.60 -17.70 26.54
CA ALA A 363 -24.68 -18.94 25.78
C ALA A 363 -26.08 -19.53 25.80
N CYS A 364 -26.91 -19.14 26.75
CA CYS A 364 -28.24 -19.71 26.89
C CYS A 364 -29.09 -19.38 25.68
N ASN A 365 -29.90 -20.33 25.25
CA ASN A 365 -30.96 -20.14 24.27
C ASN A 365 -32.00 -19.19 24.86
N PRO A 366 -32.05 -17.93 24.41
CA PRO A 366 -32.93 -16.95 25.07
C PRO A 366 -34.42 -17.31 25.02
N TYR A 367 -34.88 -18.00 23.98
CA TYR A 367 -36.28 -18.41 23.95
C TYR A 367 -36.59 -19.36 25.10
N LEU A 368 -35.68 -20.31 25.36
CA LEU A 368 -35.91 -21.25 26.46
C LEU A 368 -35.71 -20.57 27.81
N ALA A 369 -34.66 -19.76 27.94
CA ALA A 369 -34.44 -19.08 29.21
C ALA A 369 -35.61 -18.17 29.57
N PHE A 370 -36.08 -17.37 28.60
CA PHE A 370 -37.19 -16.47 28.90
C PHE A 370 -38.49 -17.23 29.13
N ALA A 371 -38.68 -18.35 28.42
CA ALA A 371 -39.93 -19.12 28.59
C ALA A 371 -40.05 -19.67 30.00
N LEU A 372 -38.98 -20.27 30.52
CA LEU A 372 -39.02 -20.87 31.85
C LEU A 372 -39.09 -19.80 32.94
N MET A 373 -38.35 -18.70 32.77
CA MET A 373 -38.50 -17.53 33.66
C MET A 373 -39.96 -17.13 33.79
N LEU A 374 -40.68 -17.04 32.66
CA LEU A 374 -42.08 -16.66 32.71
C LEU A 374 -42.93 -17.71 33.42
N ARG A 375 -42.80 -18.97 33.01
CA ARG A 375 -43.61 -20.02 33.60
C ARG A 375 -43.42 -20.06 35.12
N ALA A 376 -42.19 -19.90 35.60
CA ALA A 376 -41.94 -19.99 37.03
C ALA A 376 -42.63 -18.86 37.78
N GLY A 377 -42.51 -17.63 37.29
CA GLY A 377 -43.18 -16.51 37.91
C GLY A 377 -44.70 -16.61 37.87
N LEU A 378 -45.25 -17.05 36.72
CA LEU A 378 -46.68 -17.29 36.64
C LEU A 378 -47.12 -18.35 37.65
N GLU A 379 -46.32 -19.40 37.80
CA GLU A 379 -46.68 -20.43 38.76
C GLU A 379 -46.60 -19.89 40.18
N GLY A 380 -45.62 -19.04 40.46
CA GLY A 380 -45.58 -18.37 41.74
C GLY A 380 -46.83 -17.54 42.01
N ILE A 381 -47.23 -16.74 41.03
CA ILE A 381 -48.42 -15.90 41.20
C ILE A 381 -49.65 -16.76 41.45
N LYS A 382 -49.87 -17.77 40.60
CA LYS A 382 -51.07 -18.60 40.69
C LYS A 382 -51.12 -19.36 42.00
N ASN A 383 -50.00 -19.95 42.42
CA ASN A 383 -49.92 -20.78 43.62
C ASN A 383 -49.43 -20.01 44.84
N LYS A 384 -49.29 -18.68 44.74
CA LYS A 384 -49.07 -17.82 45.90
C LYS A 384 -47.80 -18.19 46.67
N ILE A 385 -46.69 -18.26 45.95
CA ILE A 385 -45.46 -18.84 46.49
C ILE A 385 -44.64 -17.75 47.18
N ASP A 386 -44.49 -17.87 48.49
CA ASP A 386 -43.80 -16.82 49.24
C ASP A 386 -42.30 -16.89 48.98
N PRO A 387 -41.64 -15.76 48.74
CA PRO A 387 -40.19 -15.78 48.49
C PRO A 387 -39.33 -15.76 49.74
N GLY A 388 -39.92 -15.66 50.92
CA GLY A 388 -39.14 -15.55 52.13
C GLY A 388 -38.56 -14.16 52.32
N GLU A 389 -37.70 -14.05 53.34
CA GLU A 389 -37.11 -12.75 53.64
C GLU A 389 -35.95 -12.47 52.71
N PRO A 390 -35.64 -11.20 52.46
CA PRO A 390 -34.51 -10.88 51.59
C PRO A 390 -33.21 -11.17 52.30
N THR A 391 -32.15 -11.31 51.53
CA THR A 391 -30.82 -11.53 52.08
C THR A 391 -29.99 -10.29 51.77
N ASN A 392 -29.91 -9.39 52.74
CA ASN A 392 -29.22 -8.11 52.59
C ASN A 392 -27.74 -8.19 52.97
N VAL A 393 -27.26 -9.35 53.38
CA VAL A 393 -25.88 -9.51 53.84
C VAL A 393 -25.03 -10.12 52.72
N ASN A 394 -23.72 -10.10 52.93
CA ASN A 394 -22.79 -10.73 52.00
C ASN A 394 -22.84 -12.23 52.26
N ILE A 395 -23.38 -12.99 51.31
CA ILE A 395 -23.55 -14.43 51.55
C ILE A 395 -22.19 -15.13 51.53
N PHE A 396 -21.32 -14.76 50.58
CA PHE A 396 -20.01 -15.41 50.50
C PHE A 396 -19.19 -15.19 51.77
N HIS A 397 -19.44 -14.12 52.51
CA HIS A 397 -18.74 -13.92 53.77
C HIS A 397 -19.23 -14.83 54.87
N LEU A 398 -20.43 -15.40 54.74
CA LEU A 398 -20.93 -16.28 55.79
C LEU A 398 -20.15 -17.59 55.78
N SER A 399 -20.41 -18.40 56.80
CA SER A 399 -19.92 -19.77 56.84
C SER A 399 -21.07 -20.71 56.48
N ASP A 400 -20.70 -21.89 55.99
CA ASP A 400 -21.71 -22.84 55.51
C ASP A 400 -22.72 -23.19 56.59
N LYS A 401 -22.33 -23.11 57.87
CA LYS A 401 -23.29 -23.30 58.95
C LYS A 401 -24.33 -22.20 58.94
N GLU A 402 -23.87 -20.94 58.81
CA GLU A 402 -24.80 -19.81 58.82
C GLU A 402 -25.70 -19.82 57.61
N ARG A 403 -25.15 -20.14 56.43
CA ARG A 403 -25.98 -20.22 55.24
C ARG A 403 -27.04 -21.32 55.39
N GLU A 404 -26.67 -22.46 55.99
CA GLU A 404 -27.69 -23.49 56.26
C GLU A 404 -28.76 -22.96 57.20
N GLU A 405 -28.34 -22.25 58.26
CA GLU A 405 -29.31 -21.68 59.19
C GLU A 405 -30.28 -20.75 58.47
N ARG A 406 -29.83 -20.07 57.42
CA ARG A 406 -30.69 -19.16 56.67
C ARG A 406 -31.45 -19.84 55.55
N GLY A 407 -31.28 -21.15 55.37
CA GLY A 407 -31.90 -21.85 54.25
C GLY A 407 -31.41 -21.39 52.89
N ILE A 408 -30.12 -21.07 52.78
CA ILE A 408 -29.54 -20.51 51.56
C ILE A 408 -28.90 -21.65 50.77
N ARG A 409 -29.64 -22.16 49.79
CA ARG A 409 -29.12 -23.18 48.89
C ARG A 409 -28.23 -22.54 47.83
N SER A 410 -27.38 -23.38 47.23
CA SER A 410 -26.51 -22.97 46.14
C SER A 410 -27.07 -23.42 44.80
N LEU A 411 -26.59 -22.79 43.74
CA LEU A 411 -26.87 -23.25 42.39
C LEU A 411 -26.05 -24.51 42.11
N PRO A 412 -26.47 -25.32 41.13
CA PRO A 412 -25.65 -26.47 40.72
C PRO A 412 -24.24 -26.04 40.36
N ALA A 413 -23.26 -26.83 40.81
CA ALA A 413 -21.86 -26.42 40.72
C ALA A 413 -21.16 -26.85 39.43
N ASP A 414 -21.77 -27.68 38.61
CA ASP A 414 -21.18 -28.06 37.33
C ASP A 414 -22.32 -28.48 36.42
N LEU A 415 -21.99 -28.66 35.14
CA LEU A 415 -23.06 -28.97 34.19
C LEU A 415 -23.79 -30.25 34.57
N LYS A 416 -23.07 -31.23 35.14
CA LYS A 416 -23.68 -32.52 35.43
C LYS A 416 -24.74 -32.40 36.51
N GLU A 417 -24.44 -31.65 37.57
CA GLU A 417 -25.45 -31.50 38.62
C GLU A 417 -26.65 -30.70 38.11
N ALA A 418 -26.45 -29.80 37.15
CA ALA A 418 -27.57 -29.15 36.48
C ALA A 418 -28.38 -30.14 35.66
N ILE A 419 -27.71 -31.09 35.00
CA ILE A 419 -28.40 -32.09 34.19
C ILE A 419 -29.32 -32.93 35.07
N ASP A 420 -28.81 -33.37 36.22
CA ASP A 420 -29.59 -34.23 37.09
C ASP A 420 -30.76 -33.49 37.74
N GLU A 421 -30.59 -32.18 38.04
CA GLU A 421 -31.72 -31.44 38.60
C GLU A 421 -32.83 -31.25 37.59
N MET A 422 -32.48 -30.92 36.35
CA MET A 422 -33.50 -30.71 35.35
C MET A 422 -34.14 -32.02 34.90
N LYS A 423 -33.38 -33.13 34.95
CA LYS A 423 -33.90 -34.41 34.50
C LYS A 423 -35.06 -34.88 35.35
N GLY A 424 -35.14 -34.41 36.60
CA GLY A 424 -36.19 -34.80 37.52
C GLY A 424 -37.32 -33.81 37.65
N SER A 425 -37.32 -32.72 36.88
CA SER A 425 -38.22 -31.59 37.13
C SER A 425 -39.52 -31.77 36.36
N LYS A 426 -40.61 -31.92 37.09
CA LYS A 426 -41.93 -31.92 36.44
C LYS A 426 -42.22 -30.57 35.81
N PHE A 427 -41.79 -29.48 36.46
CA PHE A 427 -42.03 -28.14 35.96
C PHE A 427 -41.32 -27.88 34.62
N VAL A 428 -40.08 -28.31 34.48
CA VAL A 428 -39.34 -28.04 33.25
C VAL A 428 -39.85 -28.92 32.12
N LYS A 429 -40.17 -30.19 32.41
CA LYS A 429 -40.65 -31.06 31.34
C LYS A 429 -41.94 -30.53 30.74
N GLU A 430 -42.87 -30.03 31.58
CA GLU A 430 -44.16 -29.59 31.08
C GLU A 430 -44.06 -28.25 30.37
N ALA A 431 -43.22 -27.33 30.87
CA ALA A 431 -43.03 -26.02 30.25
C ALA A 431 -42.37 -26.11 28.87
N LEU A 432 -41.45 -27.06 28.68
CA LEU A 432 -40.75 -27.21 27.41
C LEU A 432 -41.42 -28.17 26.44
N GLY A 433 -42.14 -29.15 26.95
CA GLY A 433 -42.57 -30.28 26.15
C GLY A 433 -41.54 -31.38 26.13
N GLU A 434 -42.01 -32.60 25.85
CA GLU A 434 -41.16 -33.79 25.96
C GLU A 434 -40.04 -33.79 24.92
N HIS A 435 -40.36 -33.42 23.66
CA HIS A 435 -39.34 -33.37 22.61
C HIS A 435 -38.15 -32.51 23.06
N VAL A 436 -38.37 -31.21 23.24
CA VAL A 436 -37.28 -30.31 23.62
C VAL A 436 -36.61 -30.77 24.92
N PHE A 437 -37.40 -31.19 25.91
CA PHE A 437 -36.83 -31.54 27.22
C PHE A 437 -35.83 -32.68 27.07
N SER A 438 -36.22 -33.74 26.36
CA SER A 438 -35.39 -34.96 26.25
C SER A 438 -34.24 -34.80 25.25
N HIS A 439 -34.42 -34.05 24.15
CA HIS A 439 -33.28 -33.73 23.29
C HIS A 439 -32.25 -32.91 24.03
N TYR A 440 -32.69 -31.85 24.71
CA TYR A 440 -31.77 -31.00 25.45
C TYR A 440 -30.91 -31.81 26.39
N LEU A 441 -31.54 -32.72 27.14
CA LEU A 441 -30.81 -33.48 28.15
C LEU A 441 -29.87 -34.49 27.51
N CYS A 442 -30.31 -35.23 26.48
CA CYS A 442 -29.41 -36.18 25.84
C CYS A 442 -28.19 -35.49 25.24
N ALA A 443 -28.40 -34.31 24.63
CA ALA A 443 -27.28 -33.58 24.05
C ALA A 443 -26.33 -33.06 25.12
N LYS A 444 -26.87 -32.53 26.23
CA LYS A 444 -26.00 -32.02 27.28
C LYS A 444 -25.23 -33.13 27.99
N GLU A 445 -25.91 -34.25 28.30
CA GLU A 445 -25.26 -35.42 28.89
C GLU A 445 -24.09 -35.88 28.03
N MET A 446 -24.25 -35.87 26.71
CA MET A 446 -23.15 -36.24 25.84
C MET A 446 -21.98 -35.26 25.98
N GLU A 447 -22.29 -33.98 26.07
CA GLU A 447 -21.27 -32.96 26.25
C GLU A 447 -20.51 -33.18 27.55
N TRP A 448 -21.24 -33.50 28.62
CA TRP A 448 -20.59 -33.75 29.91
C TRP A 448 -19.74 -35.02 29.89
N ASP A 449 -20.25 -36.12 29.32
CA ASP A 449 -19.47 -37.36 29.27
C ASP A 449 -18.17 -37.20 28.51
N GLU A 450 -18.15 -36.30 27.51
CA GLU A 450 -16.93 -36.05 26.77
C GLU A 450 -15.91 -35.27 27.59
N TYR A 451 -16.37 -34.23 28.27
CA TYR A 451 -15.49 -33.37 29.07
C TYR A 451 -14.93 -34.10 30.29
N LYS A 452 -15.76 -34.91 30.94
CA LYS A 452 -15.35 -35.51 32.21
C LYS A 452 -14.23 -36.54 32.05
N ALA A 453 -13.83 -36.87 30.82
CA ALA A 453 -12.74 -37.80 30.56
C ALA A 453 -11.46 -37.11 30.15
N VAL A 454 -11.52 -35.82 29.79
CA VAL A 454 -10.35 -35.11 29.30
C VAL A 454 -9.34 -34.96 30.43
N VAL A 455 -8.09 -35.30 30.16
CA VAL A 455 -6.99 -35.04 31.07
C VAL A 455 -6.41 -33.69 30.70
N HIS A 456 -6.48 -32.72 31.63
CA HIS A 456 -6.16 -31.32 31.41
C HIS A 456 -4.73 -30.99 31.84
N PRO A 457 -4.09 -30.04 31.13
CA PRO A 457 -2.72 -29.63 31.49
C PRO A 457 -2.58 -29.19 32.94
N TRP A 458 -3.63 -28.60 33.53
CA TRP A 458 -3.60 -28.33 34.97
C TRP A 458 -3.22 -29.57 35.76
N GLU A 459 -3.71 -30.75 35.32
CA GLU A 459 -3.44 -32.00 36.03
C GLU A 459 -1.98 -32.41 35.87
N LEU A 460 -1.42 -32.26 34.67
CA LEU A 460 0.00 -32.54 34.48
C LEU A 460 0.87 -31.58 35.27
N SER A 461 0.52 -30.30 35.29
CA SER A 461 1.26 -29.35 36.09
C SER A 461 1.24 -29.72 37.56
N ARG A 462 0.10 -30.18 38.06
CA ARG A 462 0.01 -30.45 39.49
C ARG A 462 0.56 -31.82 39.87
N TYR A 463 0.47 -32.80 38.97
CA TYR A 463 0.71 -34.18 39.38
C TYR A 463 1.95 -34.83 38.77
N LEU A 464 2.43 -34.39 37.60
CA LEU A 464 3.37 -35.21 36.84
C LEU A 464 4.66 -35.46 37.62
N SER A 465 5.24 -34.39 38.17
CA SER A 465 6.45 -34.52 38.99
C SER A 465 6.18 -35.03 40.40
N MET A 466 4.92 -34.99 40.86
CA MET A 466 4.57 -35.24 42.25
C MET A 466 4.43 -36.72 42.57
N LEU A 467 3.94 -37.54 41.65
CA LEU A 467 3.50 -38.89 41.99
C LEU A 467 4.53 -40.01 41.71
N LYS B 26 -34.18 -14.34 -24.22
CA LYS B 26 -33.66 -15.69 -24.44
C LYS B 26 -32.88 -15.71 -25.74
N CYS B 27 -31.82 -16.50 -25.80
CA CYS B 27 -31.07 -16.67 -27.04
C CYS B 27 -31.72 -17.83 -27.81
N THR B 28 -32.18 -17.54 -29.02
CA THR B 28 -32.84 -18.52 -29.88
C THR B 28 -32.11 -18.74 -31.19
N THR B 29 -31.67 -17.67 -31.86
CA THR B 29 -30.96 -17.80 -33.13
C THR B 29 -29.53 -17.29 -33.00
N LYS B 30 -28.70 -17.70 -33.96
CA LYS B 30 -27.32 -17.22 -33.99
C LYS B 30 -27.25 -15.71 -34.16
N GLU B 31 -28.30 -15.09 -34.73
CA GLU B 31 -28.36 -13.64 -34.81
C GLU B 31 -28.61 -13.02 -33.43
N ASP B 32 -29.40 -13.69 -32.59
CA ASP B 32 -29.54 -13.26 -31.19
C ASP B 32 -28.17 -13.17 -30.52
N VAL B 33 -27.33 -14.20 -30.70
CA VAL B 33 -26.04 -14.25 -30.03
C VAL B 33 -25.09 -13.20 -30.59
N LEU B 34 -25.10 -13.00 -31.90
CA LEU B 34 -24.20 -12.02 -32.50
C LEU B 34 -24.58 -10.59 -32.12
N GLU B 35 -25.87 -10.30 -31.98
CA GLU B 35 -26.28 -8.99 -31.51
C GLU B 35 -25.86 -8.78 -30.05
N ALA B 36 -26.13 -9.77 -29.19
CA ALA B 36 -25.72 -9.66 -27.80
C ALA B 36 -24.21 -9.49 -27.67
N VAL B 37 -23.43 -10.18 -28.51
CA VAL B 37 -21.97 -10.03 -28.47
C VAL B 37 -21.59 -8.59 -28.78
N LYS B 38 -22.20 -8.01 -29.81
CA LYS B 38 -21.94 -6.63 -30.17
C LYS B 38 -22.44 -5.68 -29.08
N GLU B 39 -23.68 -5.87 -28.62
CA GLU B 39 -24.30 -4.96 -27.66
C GLU B 39 -23.61 -4.98 -26.30
N ARG B 40 -23.16 -6.15 -25.84
CA ARG B 40 -22.61 -6.26 -24.50
C ARG B 40 -21.09 -6.36 -24.49
N ASP B 41 -20.46 -6.11 -25.63
CA ASP B 41 -19.02 -5.97 -25.71
C ASP B 41 -18.31 -7.26 -25.32
N VAL B 42 -18.85 -8.39 -25.77
CA VAL B 42 -18.25 -9.68 -25.46
C VAL B 42 -17.05 -9.89 -26.39
N LYS B 43 -15.89 -10.14 -25.80
CA LYS B 43 -14.66 -10.30 -26.56
C LYS B 43 -14.18 -11.74 -26.62
N PHE B 44 -14.60 -12.61 -25.71
CA PHE B 44 -14.22 -14.01 -25.74
C PHE B 44 -15.44 -14.88 -25.51
N ILE B 45 -15.49 -16.01 -26.22
CA ILE B 45 -16.50 -17.05 -26.01
C ILE B 45 -15.75 -18.31 -25.67
N ARG B 46 -16.13 -18.96 -24.58
CA ARG B 46 -15.53 -20.23 -24.20
C ARG B 46 -16.49 -21.36 -24.50
N THR B 47 -15.97 -22.44 -25.08
CA THR B 47 -16.76 -23.65 -25.19
C THR B 47 -16.77 -24.36 -23.85
N GLN B 48 -17.79 -25.19 -23.63
CA GLN B 48 -17.94 -25.88 -22.36
C GLN B 48 -18.38 -27.30 -22.66
N PHE B 49 -17.55 -28.28 -22.27
CA PHE B 49 -17.93 -29.68 -22.41
C PHE B 49 -17.17 -30.48 -21.34
N THR B 50 -17.36 -31.79 -21.35
CA THR B 50 -16.76 -32.69 -20.39
C THR B 50 -16.10 -33.83 -21.14
N ASP B 51 -15.07 -34.43 -20.53
CA ASP B 51 -14.54 -35.67 -21.06
C ASP B 51 -15.32 -36.85 -20.48
N THR B 52 -14.96 -38.06 -20.91
CA THR B 52 -15.62 -39.27 -20.43
C THR B 52 -15.68 -39.31 -18.91
N LEU B 53 -14.58 -38.94 -18.24
CA LEU B 53 -14.43 -39.15 -16.81
C LEU B 53 -14.92 -37.97 -15.98
N GLY B 54 -15.47 -36.93 -16.62
CA GLY B 54 -16.09 -35.83 -15.93
C GLY B 54 -15.32 -34.52 -15.93
N ILE B 55 -14.02 -34.54 -16.22
CA ILE B 55 -13.23 -33.31 -16.20
C ILE B 55 -13.84 -32.30 -17.17
N ILE B 56 -13.90 -31.04 -16.74
CA ILE B 56 -14.52 -29.97 -17.51
C ILE B 56 -13.52 -29.45 -18.53
N LYS B 57 -13.95 -29.34 -19.80
CA LYS B 57 -13.09 -29.00 -20.93
C LYS B 57 -13.58 -27.72 -21.60
N SER B 58 -12.65 -27.06 -22.29
CA SER B 58 -12.89 -25.71 -22.82
C SER B 58 -11.80 -25.33 -23.81
N TRP B 59 -12.17 -24.50 -24.77
CA TRP B 59 -11.20 -23.70 -25.51
C TRP B 59 -11.84 -22.34 -25.77
N ALA B 60 -10.98 -21.33 -25.94
CA ALA B 60 -11.42 -19.95 -26.05
C ALA B 60 -11.50 -19.53 -27.52
N ILE B 61 -12.56 -18.81 -27.85
CA ILE B 61 -12.80 -18.30 -29.19
C ILE B 61 -12.88 -16.78 -29.11
N PRO B 62 -12.06 -16.05 -29.86
CA PRO B 62 -12.26 -14.59 -29.98
C PRO B 62 -13.62 -14.27 -30.58
N ALA B 63 -14.25 -13.20 -30.09
CA ALA B 63 -15.54 -12.80 -30.60
C ALA B 63 -15.50 -12.55 -32.10
N GLU B 64 -14.34 -12.16 -32.62
CA GLU B 64 -14.21 -11.89 -34.04
C GLU B 64 -14.39 -13.15 -34.88
N GLN B 65 -14.11 -14.32 -34.32
CA GLN B 65 -14.19 -15.59 -35.03
C GLN B 65 -15.58 -16.23 -34.96
N LEU B 66 -16.53 -15.62 -34.24
CA LEU B 66 -17.74 -16.34 -33.84
C LEU B 66 -18.72 -16.53 -35.01
N GLU B 67 -18.89 -15.52 -35.86
CA GLU B 67 -19.83 -15.66 -36.96
C GLU B 67 -19.41 -16.76 -37.92
N GLU B 68 -18.10 -16.84 -38.21
CA GLU B 68 -17.57 -17.99 -38.93
C GLU B 68 -17.84 -19.29 -38.18
N ALA B 69 -17.74 -19.27 -36.85
CA ALA B 69 -17.95 -20.47 -36.05
C ALA B 69 -19.40 -20.95 -36.15
N PHE B 70 -20.36 -20.03 -36.12
CA PHE B 70 -21.76 -20.41 -36.35
C PHE B 70 -21.98 -20.99 -37.73
N GLU B 71 -21.26 -20.47 -38.74
CA GLU B 71 -21.51 -20.86 -40.13
C GLU B 71 -20.98 -22.25 -40.44
N ASN B 72 -19.75 -22.56 -40.02
CA ASN B 72 -19.09 -23.81 -40.40
C ASN B 72 -18.79 -24.76 -39.25
N GLY B 73 -19.22 -24.49 -38.03
CA GLY B 73 -18.78 -25.25 -36.90
C GLY B 73 -17.30 -25.00 -36.65
N VAL B 74 -16.83 -25.57 -35.55
CA VAL B 74 -15.44 -25.47 -35.12
C VAL B 74 -14.82 -26.87 -35.10
N MET B 75 -13.69 -27.03 -35.78
CA MET B 75 -12.87 -28.24 -35.67
C MET B 75 -12.05 -28.19 -34.39
N PHE B 76 -11.91 -29.35 -33.75
CA PHE B 76 -11.07 -29.46 -32.56
C PHE B 76 -10.67 -30.92 -32.40
N ASP B 77 -9.69 -31.16 -31.53
CA ASP B 77 -9.20 -32.51 -31.27
C ASP B 77 -10.13 -33.21 -30.29
N GLY B 78 -10.66 -34.37 -30.70
CA GLY B 78 -11.53 -35.22 -29.91
C GLY B 78 -10.85 -36.06 -28.88
N SER B 79 -9.52 -36.05 -28.83
CA SER B 79 -8.80 -36.59 -27.69
C SER B 79 -9.14 -35.83 -26.42
N SER B 80 -9.69 -34.63 -26.53
CA SER B 80 -10.12 -33.87 -25.36
C SER B 80 -11.22 -34.58 -24.61
N ILE B 81 -12.08 -35.30 -25.32
CA ILE B 81 -13.20 -36.02 -24.70
C ILE B 81 -12.81 -37.46 -24.40
N GLN B 82 -12.20 -38.12 -25.38
CA GLN B 82 -12.01 -39.57 -25.37
C GLN B 82 -10.60 -39.99 -25.01
N GLY B 83 -9.67 -39.05 -24.89
CA GLY B 83 -8.32 -39.40 -24.50
C GLY B 83 -7.45 -39.86 -25.65
N PHE B 84 -6.20 -40.16 -25.31
CA PHE B 84 -5.16 -40.46 -26.29
C PHE B 84 -4.88 -41.94 -26.46
N THR B 85 -5.40 -42.80 -25.57
CA THR B 85 -4.86 -44.15 -25.40
C THR B 85 -5.09 -45.07 -26.62
N ARG B 86 -5.96 -44.72 -27.56
CA ARG B 86 -6.21 -45.54 -28.73
C ARG B 86 -6.07 -44.72 -30.00
N ILE B 87 -5.83 -45.42 -31.10
CA ILE B 87 -5.89 -44.83 -32.43
C ILE B 87 -7.34 -44.91 -32.87
N GLU B 88 -8.02 -43.75 -32.83
CA GLU B 88 -9.42 -43.63 -33.21
C GLU B 88 -9.60 -42.23 -33.80
N GLU B 89 -10.66 -42.07 -34.60
CA GLU B 89 -10.90 -40.79 -35.25
C GLU B 89 -10.91 -39.69 -34.20
N SER B 90 -10.19 -38.59 -34.49
CA SER B 90 -10.05 -37.54 -33.50
C SER B 90 -10.25 -36.15 -34.07
N ASP B 91 -10.57 -36.01 -35.35
CA ASP B 91 -10.98 -34.72 -35.93
C ASP B 91 -12.48 -34.59 -35.72
N MET B 92 -12.89 -33.70 -34.81
CA MET B 92 -14.30 -33.53 -34.53
C MET B 92 -14.74 -32.10 -34.87
N LYS B 93 -16.04 -31.94 -34.98
CA LYS B 93 -16.66 -30.68 -35.36
C LYS B 93 -17.68 -30.34 -34.30
N LEU B 94 -17.57 -29.15 -33.72
CA LEU B 94 -18.56 -28.66 -32.76
C LEU B 94 -19.47 -27.67 -33.46
N ALA B 95 -20.76 -27.96 -33.47
CA ALA B 95 -21.77 -27.04 -34.00
C ALA B 95 -22.36 -26.28 -32.82
N LEU B 96 -22.28 -24.94 -32.87
CA LEU B 96 -22.63 -24.11 -31.71
C LEU B 96 -24.15 -24.00 -31.54
N ASP B 97 -24.64 -24.26 -30.33
CA ASP B 97 -26.05 -24.08 -30.04
C ASP B 97 -26.25 -22.67 -29.49
N PRO B 98 -26.84 -21.75 -30.26
CA PRO B 98 -27.02 -20.37 -29.76
C PRO B 98 -27.79 -20.29 -28.47
N SER B 99 -28.76 -21.16 -28.27
CA SER B 99 -29.60 -21.05 -27.08
C SER B 99 -28.84 -21.36 -25.80
N THR B 100 -27.59 -21.85 -25.88
CA THR B 100 -26.77 -22.12 -24.69
C THR B 100 -25.78 -21.00 -24.42
N PHE B 101 -25.85 -19.91 -25.17
CA PHE B 101 -24.96 -18.77 -24.99
C PHE B 101 -25.26 -18.09 -23.66
N ARG B 102 -24.26 -18.04 -22.79
CA ARG B 102 -24.47 -17.46 -21.47
C ARG B 102 -23.22 -16.68 -21.08
N ILE B 103 -23.42 -15.44 -20.67
CA ILE B 103 -22.33 -14.54 -20.31
C ILE B 103 -21.85 -14.84 -18.90
N LEU B 104 -20.54 -15.00 -18.74
CA LEU B 104 -19.98 -15.35 -17.44
C LEU B 104 -19.97 -14.12 -16.51
N PRO B 105 -20.05 -14.35 -15.19
CA PRO B 105 -20.29 -13.25 -14.24
C PRO B 105 -19.04 -12.54 -13.73
N TRP B 106 -18.10 -12.27 -14.64
CA TRP B 106 -16.97 -11.41 -14.35
C TRP B 106 -16.70 -10.56 -15.58
N ARG B 107 -16.15 -9.36 -15.34
CA ARG B 107 -16.02 -8.35 -16.38
C ARG B 107 -14.59 -7.85 -16.44
N PRO B 108 -13.72 -8.56 -17.16
CA PRO B 108 -12.36 -8.06 -17.35
C PRO B 108 -12.39 -6.71 -18.04
N ALA B 109 -11.38 -5.89 -17.75
CA ALA B 109 -11.25 -4.63 -18.46
C ALA B 109 -11.18 -4.85 -19.96
N THR B 110 -10.62 -5.99 -20.36
CA THR B 110 -10.54 -6.35 -21.78
C THR B 110 -11.93 -6.48 -22.42
N GLY B 111 -12.97 -6.79 -21.64
CA GLY B 111 -14.32 -6.98 -22.13
C GLY B 111 -14.92 -8.26 -21.60
N ALA B 112 -16.18 -8.49 -21.96
CA ALA B 112 -16.98 -9.57 -21.37
C ALA B 112 -16.59 -10.93 -21.94
N VAL B 113 -16.97 -11.99 -21.21
CA VAL B 113 -16.70 -13.38 -21.55
C VAL B 113 -18.00 -14.17 -21.49
N ALA B 114 -18.19 -15.08 -22.44
CA ALA B 114 -19.37 -15.95 -22.42
C ALA B 114 -18.95 -17.41 -22.56
N ARG B 115 -19.84 -18.32 -22.19
CA ARG B 115 -19.67 -19.72 -22.53
C ARG B 115 -20.74 -20.12 -23.53
N ILE B 116 -20.45 -21.17 -24.30
CA ILE B 116 -21.43 -21.74 -25.21
C ILE B 116 -21.18 -23.24 -25.29
N LEU B 117 -22.22 -24.01 -25.57
CA LEU B 117 -22.16 -25.46 -25.77
C LEU B 117 -22.59 -25.81 -27.20
N GLY B 118 -22.57 -27.10 -27.52
CA GLY B 118 -23.02 -27.53 -28.83
C GLY B 118 -22.96 -29.03 -28.97
N ASP B 119 -23.06 -29.48 -30.23
CA ASP B 119 -23.11 -30.89 -30.58
C ASP B 119 -21.87 -31.27 -31.39
N VAL B 120 -21.29 -32.43 -31.04
CA VAL B 120 -20.03 -32.91 -31.62
C VAL B 120 -20.34 -33.95 -32.70
N TYR B 121 -19.71 -33.79 -33.87
CA TYR B 121 -19.94 -34.64 -35.04
C TYR B 121 -18.62 -35.21 -35.53
N LEU B 122 -18.72 -36.42 -36.09
CA LEU B 122 -17.64 -37.06 -36.81
C LEU B 122 -17.50 -36.47 -38.21
N PRO B 123 -16.32 -36.57 -38.82
CA PRO B 123 -16.14 -35.98 -40.17
C PRO B 123 -17.11 -36.49 -41.22
N ASP B 124 -17.75 -37.65 -41.02
CA ASP B 124 -18.78 -38.07 -41.98
C ASP B 124 -20.11 -37.35 -41.79
N GLY B 125 -20.28 -36.61 -40.69
CA GLY B 125 -21.54 -35.95 -40.43
C GLY B 125 -22.43 -36.66 -39.43
N ASN B 126 -22.01 -37.81 -38.92
CA ASN B 126 -22.78 -38.43 -37.86
C ASN B 126 -22.38 -37.88 -36.50
N PRO B 127 -23.31 -37.82 -35.55
CA PRO B 127 -22.97 -37.39 -34.19
C PRO B 127 -21.93 -38.31 -33.57
N PHE B 128 -21.06 -37.72 -32.79
CA PHE B 128 -20.08 -38.47 -32.02
C PHE B 128 -20.77 -39.04 -30.78
N LYS B 129 -20.83 -40.37 -30.70
CA LYS B 129 -21.52 -41.06 -29.62
C LYS B 129 -20.75 -41.02 -28.29
N GLY B 130 -19.47 -40.63 -28.31
CA GLY B 130 -18.63 -40.61 -27.13
C GLY B 130 -18.74 -39.38 -26.27
N ASP B 131 -19.44 -38.34 -26.71
CA ASP B 131 -19.65 -37.16 -25.89
C ASP B 131 -20.68 -37.47 -24.83
N PRO B 132 -20.34 -37.36 -23.54
CA PRO B 132 -21.35 -37.65 -22.50
C PRO B 132 -22.67 -36.91 -22.67
N ARG B 133 -22.64 -35.64 -23.11
CA ARG B 133 -23.88 -34.91 -23.32
C ARG B 133 -24.73 -35.58 -24.39
N TYR B 134 -24.08 -36.17 -25.41
CA TYR B 134 -24.81 -36.99 -26.38
C TYR B 134 -25.45 -38.17 -25.68
N VAL B 135 -24.70 -38.86 -24.81
CA VAL B 135 -25.25 -39.99 -24.08
C VAL B 135 -26.52 -39.58 -23.32
N LEU B 136 -26.48 -38.42 -22.65
CA LEU B 136 -27.69 -37.91 -22.00
C LEU B 136 -28.82 -37.68 -23.01
N LYS B 137 -28.51 -37.07 -24.15
CA LYS B 137 -29.56 -36.80 -25.12
C LYS B 137 -30.25 -38.07 -25.62
N THR B 138 -29.53 -39.20 -25.73
CA THR B 138 -30.20 -40.44 -26.11
C THR B 138 -31.15 -40.94 -25.02
N ALA B 139 -30.77 -40.80 -23.75
CA ALA B 139 -31.66 -41.16 -22.66
C ALA B 139 -32.93 -40.32 -22.68
N ILE B 140 -32.78 -39.02 -22.94
CA ILE B 140 -33.94 -38.13 -23.03
C ILE B 140 -34.86 -38.58 -24.15
N LYS B 141 -34.27 -39.02 -25.28
CA LYS B 141 -35.07 -39.55 -26.38
C LYS B 141 -35.81 -40.81 -25.99
N GLU B 142 -35.17 -41.68 -25.21
CA GLU B 142 -35.80 -42.93 -24.79
C GLU B 142 -37.05 -42.68 -23.95
N ALA B 143 -36.99 -41.73 -23.01
CA ALA B 143 -38.16 -41.42 -22.20
C ALA B 143 -39.25 -40.76 -23.03
N GLU B 144 -38.86 -39.88 -23.96
CA GLU B 144 -39.85 -39.23 -24.81
C GLU B 144 -40.58 -40.22 -25.71
N LYS B 145 -39.90 -41.31 -26.10
CA LYS B 145 -40.55 -42.43 -26.77
C LYS B 145 -41.64 -43.06 -25.92
N MET B 146 -41.60 -42.88 -24.59
CA MET B 146 -42.65 -43.39 -23.71
C MET B 146 -43.51 -42.26 -23.12
N GLY B 147 -43.34 -41.01 -23.59
CA GLY B 147 -44.16 -39.88 -23.17
C GLY B 147 -43.52 -38.93 -22.15
N PHE B 148 -42.46 -39.33 -21.47
CA PHE B 148 -41.94 -38.60 -20.32
C PHE B 148 -40.76 -37.70 -20.65
N SER B 149 -40.64 -36.61 -19.90
CA SER B 149 -39.42 -35.82 -19.86
C SER B 149 -39.02 -35.64 -18.40
N MET B 150 -37.72 -35.51 -18.15
CA MET B 150 -37.19 -35.61 -16.79
C MET B 150 -36.67 -34.28 -16.29
N ASN B 151 -37.10 -33.91 -15.08
CA ASN B 151 -36.60 -32.77 -14.32
C ASN B 151 -35.57 -33.25 -13.31
N VAL B 152 -34.61 -32.38 -13.01
CA VAL B 152 -33.66 -32.63 -11.95
C VAL B 152 -33.44 -31.34 -11.19
N GLY B 153 -33.42 -31.43 -9.86
CA GLY B 153 -32.89 -30.38 -9.03
C GLY B 153 -31.77 -30.93 -8.15
N PRO B 154 -30.54 -30.59 -8.50
CA PRO B 154 -29.40 -31.08 -7.73
C PRO B 154 -29.07 -30.18 -6.55
N GLU B 155 -28.46 -30.79 -5.54
CA GLU B 155 -28.06 -30.13 -4.31
C GLU B 155 -26.56 -30.34 -4.17
N LEU B 156 -25.80 -29.28 -4.44
CA LEU B 156 -24.34 -29.37 -4.56
C LEU B 156 -23.67 -28.96 -3.27
N GLU B 157 -22.94 -29.89 -2.68
CA GLU B 157 -22.13 -29.63 -1.51
C GLU B 157 -20.68 -29.40 -1.91
N PHE B 158 -20.01 -28.55 -1.13
CA PHE B 158 -18.60 -28.21 -1.37
C PHE B 158 -18.03 -27.62 -0.09
N PHE B 159 -16.71 -27.60 -0.02
CA PHE B 159 -16.01 -26.91 1.06
C PHE B 159 -15.44 -25.62 0.50
N LEU B 160 -15.27 -24.65 1.39
CA LEU B 160 -14.52 -23.44 1.09
C LEU B 160 -13.29 -23.49 1.98
N PHE B 161 -12.11 -23.52 1.36
CA PHE B 161 -10.84 -23.66 2.07
C PHE B 161 -10.01 -22.41 1.85
N LYS B 162 -8.91 -22.32 2.60
CA LYS B 162 -7.95 -21.26 2.41
C LYS B 162 -6.89 -21.65 1.38
N LEU B 163 -6.21 -20.64 0.85
CA LEU B 163 -5.04 -20.81 0.00
C LEU B 163 -3.78 -20.62 0.85
N ASP B 164 -2.72 -21.33 0.51
CA ASP B 164 -1.47 -21.12 1.22
C ASP B 164 -0.79 -19.86 0.68
N ALA B 165 0.47 -19.64 1.08
CA ALA B 165 1.17 -18.41 0.75
C ALA B 165 1.40 -18.29 -0.75
N ASN B 166 1.54 -19.41 -1.45
CA ASN B 166 1.71 -19.39 -2.89
C ASN B 166 0.40 -19.45 -3.66
N GLY B 167 -0.74 -19.26 -2.99
CA GLY B 167 -2.01 -19.33 -3.66
C GLY B 167 -2.41 -20.73 -4.05
N ASN B 168 -1.81 -21.72 -3.42
CA ASN B 168 -2.09 -23.14 -3.64
C ASN B 168 -3.28 -23.57 -2.80
N PRO B 169 -4.11 -24.47 -3.34
CA PRO B 169 -5.19 -25.04 -2.53
C PRO B 169 -4.63 -25.72 -1.29
N THR B 170 -5.40 -25.64 -0.20
CA THR B 170 -5.17 -26.41 1.01
C THR B 170 -6.52 -26.95 1.47
N THR B 171 -6.50 -27.77 2.52
CA THR B 171 -7.71 -28.13 3.26
C THR B 171 -7.84 -27.35 4.56
N GLU B 172 -7.26 -26.16 4.65
CA GLU B 172 -7.37 -25.38 5.87
C GLU B 172 -8.73 -24.71 5.94
N LEU B 173 -9.32 -24.73 7.13
CA LEU B 173 -10.70 -24.33 7.33
C LEU B 173 -10.89 -22.81 7.27
N THR B 174 -12.09 -22.40 6.85
CA THR B 174 -12.49 -21.00 6.92
C THR B 174 -13.48 -20.71 8.03
N ASP B 175 -14.10 -21.74 8.60
CA ASP B 175 -14.85 -21.61 9.84
C ASP B 175 -14.91 -22.97 10.52
N GLN B 176 -15.38 -22.96 11.76
CA GLN B 176 -15.65 -24.18 12.50
C GLN B 176 -17.16 -24.42 12.62
N GLY B 177 -17.93 -23.96 11.63
CA GLY B 177 -19.37 -24.00 11.75
C GLY B 177 -19.96 -25.36 11.50
N GLY B 178 -21.27 -25.47 11.80
CA GLY B 178 -22.01 -26.69 11.61
C GLY B 178 -23.29 -26.52 10.82
N TYR B 179 -24.22 -27.46 10.99
CA TYR B 179 -25.38 -27.60 10.12
C TYR B 179 -26.32 -26.42 10.23
N PHE B 180 -26.48 -25.69 9.12
CA PHE B 180 -27.33 -24.51 8.99
C PHE B 180 -26.85 -23.34 9.84
N ASP B 181 -25.66 -23.41 10.42
CA ASP B 181 -25.17 -22.26 11.17
C ASP B 181 -25.13 -21.02 10.28
N PHE B 182 -25.16 -19.85 10.92
CA PHE B 182 -24.82 -18.62 10.25
C PHE B 182 -23.31 -18.45 10.38
N ALA B 183 -22.60 -18.97 9.37
CA ALA B 183 -21.14 -19.04 9.38
C ALA B 183 -20.65 -19.18 7.96
N PRO B 184 -19.55 -18.55 7.59
CA PRO B 184 -18.62 -17.73 8.38
C PRO B 184 -19.15 -16.32 8.58
N LEU B 185 -18.48 -15.57 9.46
CA LEU B 185 -18.82 -14.18 9.75
C LEU B 185 -17.65 -13.20 9.57
N ASP B 186 -16.54 -13.64 8.99
CA ASP B 186 -15.38 -12.82 8.65
C ASP B 186 -15.35 -12.60 7.13
N ARG B 187 -14.18 -12.21 6.61
CA ARG B 187 -14.04 -11.95 5.17
C ARG B 187 -14.64 -13.07 4.31
N ALA B 188 -14.70 -14.31 4.81
CA ALA B 188 -15.30 -15.41 4.05
C ALA B 188 -16.82 -15.32 3.93
N GLN B 189 -17.48 -14.55 4.80
CA GLN B 189 -18.90 -14.27 4.62
C GLN B 189 -19.18 -13.57 3.30
N ASP B 190 -18.26 -12.70 2.87
CA ASP B 190 -18.44 -11.93 1.66
C ASP B 190 -18.21 -12.78 0.43
N VAL B 191 -17.21 -13.66 0.49
CA VAL B 191 -16.95 -14.59 -0.59
C VAL B 191 -18.14 -15.51 -0.82
N ARG B 192 -18.74 -16.03 0.26
CA ARG B 192 -19.92 -16.91 0.13
C ARG B 192 -21.08 -16.18 -0.50
N ARG B 193 -21.33 -14.95 -0.06
CA ARG B 193 -22.40 -14.16 -0.64
C ARG B 193 -22.12 -13.86 -2.10
N ASP B 194 -20.85 -13.57 -2.44
CA ASP B 194 -20.46 -13.30 -3.82
C ASP B 194 -20.63 -14.53 -4.72
N ILE B 195 -20.45 -15.73 -4.19
CA ILE B 195 -20.70 -16.96 -4.96
C ILE B 195 -22.19 -17.09 -5.27
N ASP B 196 -23.05 -16.92 -4.26
CA ASP B 196 -24.49 -16.95 -4.50
C ASP B 196 -24.90 -15.90 -5.52
N TYR B 197 -24.37 -14.69 -5.37
CA TYR B 197 -24.69 -13.60 -6.29
C TYR B 197 -24.27 -13.93 -7.73
N ALA B 198 -23.06 -14.45 -7.91
CA ALA B 198 -22.58 -14.72 -9.25
C ALA B 198 -23.49 -15.69 -10.00
N LEU B 199 -23.91 -16.78 -9.36
CA LEU B 199 -24.73 -17.78 -10.02
C LEU B 199 -26.13 -17.28 -10.29
N GLU B 200 -26.72 -16.58 -9.31
CA GLU B 200 -28.09 -16.11 -9.44
C GLU B 200 -28.22 -15.12 -10.59
N HIS B 201 -27.22 -14.27 -10.75
CA HIS B 201 -27.28 -13.20 -11.72
C HIS B 201 -26.61 -13.56 -13.05
N MET B 202 -26.08 -14.78 -13.16
CA MET B 202 -25.98 -15.49 -14.44
C MET B 202 -27.31 -16.06 -14.88
N GLY B 203 -28.27 -16.19 -13.99
CA GLY B 203 -29.54 -16.80 -14.31
C GLY B 203 -29.74 -18.24 -13.83
N PHE B 204 -29.09 -18.65 -12.75
CA PHE B 204 -29.32 -19.98 -12.23
C PHE B 204 -30.65 -20.12 -11.51
N GLN B 205 -31.14 -19.06 -10.88
CA GLN B 205 -32.35 -19.13 -10.05
C GLN B 205 -32.18 -20.14 -8.90
N ILE B 206 -31.23 -19.82 -8.02
CA ILE B 206 -31.01 -20.58 -6.79
C ILE B 206 -32.30 -20.60 -5.96
N GLU B 207 -32.57 -21.73 -5.32
CA GLU B 207 -33.66 -21.83 -4.35
C GLU B 207 -33.22 -21.43 -2.94
N ALA B 208 -32.11 -22.00 -2.47
CA ALA B 208 -31.60 -21.73 -1.12
C ALA B 208 -30.20 -22.30 -0.98
N SER B 209 -29.39 -21.64 -0.15
CA SER B 209 -28.06 -22.11 0.20
C SER B 209 -27.91 -22.11 1.72
N HIS B 210 -27.07 -23.01 2.22
CA HIS B 210 -26.88 -23.10 3.67
C HIS B 210 -25.53 -23.71 4.00
N HIS B 211 -25.05 -23.43 5.20
CA HIS B 211 -23.93 -24.15 5.78
C HIS B 211 -24.35 -25.60 6.02
N GLU B 212 -23.46 -26.53 5.68
CA GLU B 212 -23.78 -27.95 5.77
C GLU B 212 -23.11 -28.49 7.06
N VAL B 213 -23.13 -29.81 7.26
CA VAL B 213 -22.79 -30.34 8.59
C VAL B 213 -21.32 -30.10 8.96
N ALA B 214 -20.39 -30.24 8.01
CA ALA B 214 -18.97 -30.22 8.35
C ALA B 214 -18.42 -28.80 8.47
N PRO B 215 -17.32 -28.61 9.20
CA PRO B 215 -16.67 -27.28 9.24
C PRO B 215 -16.30 -26.83 7.84
N SER B 216 -16.60 -25.57 7.53
CA SER B 216 -16.35 -24.96 6.23
C SER B 216 -17.18 -25.56 5.10
N GLN B 217 -18.24 -26.32 5.39
CA GLN B 217 -18.99 -27.01 4.35
C GLN B 217 -20.29 -26.29 4.00
N HIS B 218 -20.61 -26.27 2.70
CA HIS B 218 -21.73 -25.48 2.20
C HIS B 218 -22.53 -26.28 1.19
N GLU B 219 -23.73 -25.80 0.89
CA GLU B 219 -24.60 -26.44 -0.07
C GLU B 219 -25.43 -25.40 -0.79
N ILE B 220 -25.57 -25.54 -2.11
CA ILE B 220 -26.43 -24.69 -2.91
C ILE B 220 -27.43 -25.58 -3.64
N ASP B 221 -28.72 -25.24 -3.52
CA ASP B 221 -29.82 -26.01 -4.09
C ASP B 221 -30.29 -25.39 -5.41
N PHE B 222 -29.97 -26.07 -6.51
CA PHE B 222 -30.40 -25.69 -7.85
C PHE B 222 -31.91 -25.61 -7.94
N ARG B 223 -32.38 -24.98 -9.00
CA ARG B 223 -33.79 -25.00 -9.32
C ARG B 223 -34.15 -26.31 -10.03
N PHE B 224 -35.26 -26.91 -9.62
CA PHE B 224 -35.80 -28.09 -10.29
C PHE B 224 -36.08 -27.76 -11.75
N GLY B 225 -35.29 -28.35 -12.65
CA GLY B 225 -35.37 -27.95 -14.05
C GLY B 225 -35.11 -29.11 -14.98
N ASP B 226 -35.31 -28.82 -16.26
CA ASP B 226 -35.12 -29.80 -17.33
C ASP B 226 -33.71 -30.39 -17.30
N VAL B 227 -33.63 -31.72 -17.46
CA VAL B 227 -32.39 -32.43 -17.11
C VAL B 227 -31.23 -31.99 -17.98
N LEU B 228 -31.45 -31.79 -19.28
CA LEU B 228 -30.36 -31.40 -20.17
C LEU B 228 -29.76 -30.07 -19.77
N CYS B 229 -30.63 -29.07 -19.62
CA CYS B 229 -30.17 -27.74 -19.28
C CYS B 229 -29.57 -27.72 -17.86
N THR B 230 -30.09 -28.57 -16.96
CA THR B 230 -29.54 -28.67 -15.61
C THR B 230 -28.13 -29.26 -15.61
N ALA B 231 -27.87 -30.27 -16.45
CA ALA B 231 -26.52 -30.81 -16.54
C ALA B 231 -25.53 -29.79 -17.10
N ASP B 232 -25.95 -29.01 -18.10
CA ASP B 232 -25.13 -27.89 -18.54
C ASP B 232 -24.78 -26.98 -17.38
N ASN B 233 -25.74 -26.79 -16.46
CA ASN B 233 -25.57 -25.86 -15.34
C ASN B 233 -24.65 -26.42 -14.27
N VAL B 234 -24.62 -27.74 -14.07
CA VAL B 234 -23.72 -28.26 -13.05
C VAL B 234 -22.26 -28.08 -13.49
N VAL B 235 -21.98 -28.15 -14.78
CA VAL B 235 -20.63 -27.92 -15.27
C VAL B 235 -20.24 -26.45 -15.11
N THR B 236 -21.10 -25.54 -15.56
CA THR B 236 -20.85 -24.12 -15.38
C THR B 236 -20.65 -23.80 -13.91
N PHE B 237 -21.52 -24.32 -13.05
CA PHE B 237 -21.49 -24.03 -11.62
C PHE B 237 -20.11 -24.31 -11.05
N LYS B 238 -19.46 -25.39 -11.50
CA LYS B 238 -18.20 -25.80 -10.89
C LYS B 238 -17.07 -24.79 -11.15
N TYR B 239 -16.90 -24.36 -12.40
CA TYR B 239 -15.78 -23.45 -12.64
C TYR B 239 -16.12 -22.01 -12.28
N VAL B 240 -17.39 -21.62 -12.33
CA VAL B 240 -17.76 -20.28 -11.86
C VAL B 240 -17.47 -20.15 -10.36
N VAL B 241 -17.91 -21.13 -9.57
CA VAL B 241 -17.66 -21.11 -8.14
C VAL B 241 -16.16 -21.13 -7.86
N LYS B 242 -15.42 -22.02 -8.54
CA LYS B 242 -13.98 -22.12 -8.28
C LYS B 242 -13.26 -20.81 -8.61
N SER B 243 -13.56 -20.25 -9.76
CA SER B 243 -12.91 -19.02 -10.22
C SER B 243 -13.27 -17.82 -9.35
N ILE B 244 -14.54 -17.73 -8.91
CA ILE B 244 -14.94 -16.64 -8.01
C ILE B 244 -14.13 -16.71 -6.71
N ALA B 245 -14.06 -17.90 -6.11
CA ALA B 245 -13.35 -18.04 -4.83
C ALA B 245 -11.87 -17.79 -5.00
N TYR B 246 -11.27 -18.31 -6.08
CA TYR B 246 -9.83 -18.11 -6.32
C TYR B 246 -9.48 -16.63 -6.32
N HIS B 247 -10.29 -15.83 -7.00
CA HIS B 247 -10.03 -14.41 -7.12
C HIS B 247 -10.31 -13.64 -5.83
N LYS B 248 -10.91 -14.28 -4.83
CA LYS B 248 -11.09 -13.67 -3.52
C LYS B 248 -10.10 -14.21 -2.49
N GLY B 249 -9.17 -15.06 -2.89
CA GLY B 249 -8.19 -15.59 -1.96
C GLY B 249 -8.54 -16.90 -1.31
N TYR B 250 -9.52 -17.64 -1.83
CA TYR B 250 -10.05 -18.86 -1.23
C TYR B 250 -10.02 -20.00 -2.24
N TYR B 251 -10.44 -21.18 -1.80
CA TYR B 251 -10.52 -22.33 -2.67
C TYR B 251 -11.81 -23.08 -2.42
N ALA B 252 -12.54 -23.39 -3.51
CA ALA B 252 -13.73 -24.22 -3.46
C ALA B 252 -13.39 -25.66 -3.89
N SER B 253 -13.73 -26.61 -3.04
CA SER B 253 -13.34 -28.00 -3.23
C SER B 253 -14.56 -28.88 -3.45
N PHE B 254 -14.57 -29.62 -4.57
CA PHE B 254 -15.63 -30.58 -4.84
C PHE B 254 -15.18 -32.03 -4.59
N MET B 255 -14.11 -32.22 -3.84
CA MET B 255 -13.70 -33.57 -3.44
C MET B 255 -14.81 -34.21 -2.62
N PRO B 256 -15.15 -35.48 -2.88
CA PRO B 256 -16.15 -36.17 -2.04
C PRO B 256 -15.80 -36.19 -0.56
N LYS B 257 -14.53 -36.34 -0.21
CA LYS B 257 -14.13 -36.53 1.19
C LYS B 257 -12.73 -35.97 1.39
N PRO B 258 -12.62 -34.63 1.51
CA PRO B 258 -11.28 -34.06 1.75
C PRO B 258 -10.77 -34.29 3.16
N LEU B 259 -11.64 -34.59 4.12
CA LEU B 259 -11.25 -34.60 5.53
C LEU B 259 -11.85 -35.82 6.21
N PHE B 260 -10.97 -36.65 6.79
CA PHE B 260 -11.43 -37.78 7.59
C PHE B 260 -12.14 -37.26 8.84
N GLY B 261 -13.22 -37.92 9.23
CA GLY B 261 -13.83 -37.63 10.52
C GLY B 261 -14.88 -36.55 10.51
N VAL B 262 -15.25 -36.04 9.34
CA VAL B 262 -16.36 -35.12 9.19
C VAL B 262 -17.11 -35.54 7.93
N ASN B 263 -18.28 -34.93 7.73
CA ASN B 263 -19.13 -35.23 6.58
C ASN B 263 -18.38 -35.04 5.27
N GLY B 264 -18.60 -35.96 4.34
CA GLY B 264 -18.21 -35.73 2.98
C GLY B 264 -19.26 -34.94 2.22
N SER B 265 -18.97 -34.66 0.95
CA SER B 265 -19.79 -33.81 0.09
C SER B 265 -20.50 -34.67 -0.95
N GLY B 266 -21.83 -34.60 -0.97
CA GLY B 266 -22.63 -35.31 -1.93
C GLY B 266 -23.15 -34.38 -3.02
N MET B 267 -23.74 -35.00 -4.06
CA MET B 267 -24.62 -34.30 -5.00
C MET B 267 -25.92 -35.10 -5.04
N HIS B 268 -26.79 -34.88 -4.04
CA HIS B 268 -28.09 -35.53 -4.04
C HIS B 268 -28.88 -35.02 -5.25
N SER B 269 -29.64 -35.91 -5.89
CA SER B 269 -30.25 -35.63 -7.18
C SER B 269 -31.75 -35.89 -7.10
N ASN B 270 -32.54 -34.82 -6.91
CA ASN B 270 -33.99 -34.90 -6.97
C ASN B 270 -34.47 -34.99 -8.42
N GLN B 271 -35.43 -35.86 -8.68
CA GLN B 271 -35.85 -36.11 -10.05
C GLN B 271 -37.32 -36.52 -10.11
N SER B 272 -37.96 -36.19 -11.24
CA SER B 272 -39.34 -36.55 -11.51
C SER B 272 -39.53 -36.63 -13.02
N LEU B 273 -40.58 -37.35 -13.42
CA LEU B 273 -40.98 -37.43 -14.82
C LEU B 273 -42.27 -36.64 -15.01
N PHE B 274 -42.48 -36.18 -16.25
CA PHE B 274 -43.62 -35.37 -16.61
C PHE B 274 -44.19 -35.91 -17.91
N LYS B 275 -45.51 -35.90 -18.03
CA LYS B 275 -46.16 -36.19 -19.30
C LYS B 275 -47.28 -35.18 -19.50
N ASP B 276 -47.31 -34.55 -20.68
CA ASP B 276 -48.34 -33.56 -21.01
C ASP B 276 -48.36 -32.41 -20.03
N GLY B 277 -47.20 -32.07 -19.45
CA GLY B 277 -47.16 -30.99 -18.48
C GLY B 277 -47.62 -31.35 -17.08
N LYS B 278 -47.98 -32.60 -16.82
CA LYS B 278 -48.38 -33.03 -15.48
C LYS B 278 -47.33 -33.97 -14.87
N ASN B 279 -47.13 -33.88 -13.56
CA ASN B 279 -46.14 -34.66 -12.84
C ASN B 279 -46.65 -36.08 -12.64
N VAL B 280 -46.08 -37.05 -13.36
CA VAL B 280 -46.61 -38.42 -13.34
C VAL B 280 -46.27 -39.19 -12.07
N PHE B 281 -45.45 -38.61 -11.18
CA PHE B 281 -45.18 -39.22 -9.88
C PHE B 281 -46.27 -38.94 -8.87
N TYR B 282 -47.17 -38.01 -9.17
CA TYR B 282 -48.25 -37.64 -8.26
C TYR B 282 -49.51 -38.38 -8.67
N ASP B 283 -50.18 -38.96 -7.67
CA ASP B 283 -51.54 -39.51 -7.82
C ASP B 283 -52.33 -39.10 -6.59
N PRO B 284 -53.26 -38.14 -6.72
CA PRO B 284 -54.00 -37.66 -5.54
C PRO B 284 -54.84 -38.75 -4.87
N ASP B 285 -55.24 -39.78 -5.62
CA ASP B 285 -56.19 -40.79 -5.16
C ASP B 285 -55.51 -42.04 -4.60
N THR B 286 -54.24 -41.96 -4.23
CA THR B 286 -53.55 -43.01 -3.50
C THR B 286 -53.21 -42.54 -2.09
N PRO B 287 -53.06 -43.47 -1.14
CA PRO B 287 -52.75 -43.03 0.24
C PRO B 287 -51.48 -42.22 0.32
N THR B 288 -50.39 -42.71 -0.28
CA THR B 288 -49.14 -41.97 -0.32
C THR B 288 -49.19 -40.76 -1.23
N LYS B 289 -50.23 -40.64 -2.05
CA LYS B 289 -50.34 -39.63 -3.11
C LYS B 289 -49.19 -39.75 -4.10
N LEU B 290 -48.70 -40.98 -4.24
CA LEU B 290 -47.67 -41.31 -5.22
C LEU B 290 -48.28 -42.28 -6.22
N SER B 291 -48.00 -42.05 -7.51
CA SER B 291 -48.50 -42.96 -8.51
C SER B 291 -47.75 -44.30 -8.45
N GLN B 292 -48.22 -45.24 -9.25
CA GLN B 292 -47.54 -46.52 -9.31
C GLN B 292 -46.26 -46.41 -10.14
N ASP B 293 -46.31 -45.61 -11.21
CA ASP B 293 -45.13 -45.39 -12.04
C ASP B 293 -43.98 -44.82 -11.23
N ALA B 294 -44.26 -44.00 -10.22
CA ALA B 294 -43.20 -43.57 -9.33
C ALA B 294 -42.57 -44.75 -8.61
N MET B 295 -43.39 -45.73 -8.20
CA MET B 295 -42.88 -46.90 -7.49
C MET B 295 -42.09 -47.81 -8.43
N TYR B 296 -42.56 -47.95 -9.67
CA TYR B 296 -41.78 -48.69 -10.66
C TYR B 296 -40.48 -47.97 -11.00
N TYR B 297 -40.47 -46.64 -10.95
CA TYR B 297 -39.25 -45.88 -11.20
C TYR B 297 -38.25 -46.06 -10.06
N ILE B 298 -38.72 -45.97 -8.82
CA ILE B 298 -37.88 -46.34 -7.68
C ILE B 298 -37.41 -47.79 -7.83
N GLY B 299 -38.29 -48.68 -8.28
CA GLY B 299 -37.91 -50.08 -8.42
C GLY B 299 -36.81 -50.29 -9.43
N GLY B 300 -36.87 -49.58 -10.56
CA GLY B 300 -35.79 -49.65 -11.53
C GLY B 300 -34.49 -49.07 -11.02
N LEU B 301 -34.55 -47.93 -10.32
CA LEU B 301 -33.34 -47.30 -9.79
C LEU B 301 -32.62 -48.24 -8.81
N LEU B 302 -33.37 -48.89 -7.92
CA LEU B 302 -32.76 -49.82 -6.98
C LEU B 302 -32.19 -51.05 -7.67
N LYS B 303 -32.83 -51.50 -8.75
CA LYS B 303 -32.37 -52.70 -9.44
C LYS B 303 -31.01 -52.53 -10.08
N HIS B 304 -30.62 -51.29 -10.40
CA HIS B 304 -29.41 -51.06 -11.17
C HIS B 304 -28.40 -50.14 -10.50
N ILE B 305 -28.72 -49.55 -9.35
CA ILE B 305 -27.81 -48.59 -8.74
C ILE B 305 -26.45 -49.23 -8.44
N ARG B 306 -26.44 -50.50 -7.99
CA ARG B 306 -25.16 -51.17 -7.75
C ARG B 306 -24.27 -51.19 -8.97
N GLU B 307 -24.86 -51.27 -10.15
CA GLU B 307 -24.09 -51.47 -11.38
C GLU B 307 -23.49 -50.19 -11.94
N PHE B 308 -23.87 -49.00 -11.46
CA PHE B 308 -23.26 -47.78 -11.97
C PHE B 308 -22.88 -46.84 -10.84
N THR B 309 -22.62 -47.40 -9.65
CA THR B 309 -21.95 -46.63 -8.59
C THR B 309 -20.60 -46.11 -9.05
N ALA B 310 -19.96 -46.77 -10.02
CA ALA B 310 -18.70 -46.27 -10.54
C ALA B 310 -18.86 -44.96 -11.32
N VAL B 311 -20.08 -44.64 -11.75
CA VAL B 311 -20.36 -43.40 -12.48
C VAL B 311 -20.81 -42.30 -11.54
N THR B 312 -21.71 -42.62 -10.62
CA THR B 312 -22.13 -41.67 -9.60
C THR B 312 -21.02 -41.38 -8.60
N ASN B 313 -20.14 -42.34 -8.35
CA ASN B 313 -19.09 -42.22 -7.34
C ASN B 313 -17.79 -42.61 -8.03
N PRO B 314 -17.10 -41.64 -8.66
CA PRO B 314 -16.17 -41.99 -9.74
C PRO B 314 -14.70 -42.10 -9.39
N VAL B 315 -14.26 -41.65 -8.22
CA VAL B 315 -12.85 -41.59 -7.86
C VAL B 315 -12.62 -42.44 -6.62
N VAL B 316 -11.34 -42.64 -6.28
CA VAL B 316 -10.99 -43.45 -5.11
C VAL B 316 -11.54 -42.82 -3.84
N ASN B 317 -11.46 -41.49 -3.76
CA ASN B 317 -11.96 -40.72 -2.60
C ASN B 317 -13.47 -40.89 -2.42
N SER B 318 -14.22 -41.11 -3.52
CA SER B 318 -15.66 -41.29 -3.40
C SER B 318 -16.03 -42.35 -2.36
N TYR B 319 -15.15 -43.32 -2.13
CA TYR B 319 -15.45 -44.44 -1.26
C TYR B 319 -14.88 -44.26 0.14
N LYS B 320 -14.21 -43.13 0.39
CA LYS B 320 -14.02 -42.70 1.77
C LYS B 320 -15.24 -41.97 2.30
N ARG B 321 -16.08 -41.42 1.42
CA ARG B 321 -17.35 -40.84 1.86
C ARG B 321 -18.41 -41.91 2.07
N LEU B 322 -18.45 -42.93 1.22
CA LEU B 322 -19.41 -44.02 1.34
C LEU B 322 -18.91 -45.03 2.39
N VAL B 323 -18.90 -44.58 3.64
CA VAL B 323 -18.62 -45.36 4.84
C VAL B 323 -19.70 -44.99 5.86
N PRO B 324 -20.03 -45.83 6.84
CA PRO B 324 -21.08 -45.47 7.80
C PRO B 324 -20.67 -44.33 8.71
N GLY B 325 -21.68 -43.63 9.25
CA GLY B 325 -21.45 -42.63 10.28
C GLY B 325 -21.72 -41.19 9.91
N TYR B 326 -22.05 -40.89 8.66
CA TYR B 326 -22.23 -39.51 8.17
C TYR B 326 -23.50 -39.48 7.32
N GLU B 327 -23.69 -38.39 6.55
CA GLU B 327 -24.87 -38.20 5.71
C GLU B 327 -24.96 -39.20 4.57
N ALA B 328 -23.85 -39.90 4.24
CA ALA B 328 -23.70 -40.76 3.07
C ALA B 328 -24.49 -42.07 3.21
N PRO B 329 -25.25 -42.46 2.18
CA PRO B 329 -26.00 -43.72 2.23
C PRO B 329 -25.21 -44.90 1.72
N VAL B 330 -24.88 -45.88 2.55
CA VAL B 330 -24.09 -47.02 2.11
C VAL B 330 -24.94 -48.28 1.95
N TYR B 331 -26.27 -48.14 1.97
CA TYR B 331 -27.18 -49.26 1.97
C TYR B 331 -28.31 -49.00 0.98
N ILE B 332 -28.68 -50.02 0.24
CA ILE B 332 -29.70 -49.89 -0.80
C ILE B 332 -31.07 -50.09 -0.16
N SER B 333 -31.91 -49.04 -0.22
CA SER B 333 -33.23 -49.01 0.40
C SER B 333 -33.97 -47.76 -0.10
N TRP B 334 -35.29 -47.74 0.14
CA TRP B 334 -36.08 -46.53 -0.11
C TRP B 334 -36.97 -46.25 1.09
N SER B 335 -37.24 -44.97 1.30
CA SER B 335 -38.04 -44.51 2.42
C SER B 335 -38.66 -43.17 2.06
N ALA B 336 -39.81 -42.89 2.67
CA ALA B 336 -40.33 -41.52 2.68
C ALA B 336 -39.86 -40.78 3.91
N GLN B 337 -40.13 -41.35 5.09
CA GLN B 337 -39.71 -40.82 6.38
C GLN B 337 -38.20 -40.67 6.45
N ASN B 338 -37.49 -41.80 6.50
CA ASN B 338 -36.09 -41.80 6.88
C ASN B 338 -35.28 -40.92 5.94
N ARG B 339 -34.51 -40.01 6.53
CA ARG B 339 -33.52 -39.24 5.77
C ARG B 339 -32.26 -40.05 5.48
N SER B 340 -32.11 -41.23 6.10
CA SER B 340 -30.94 -42.07 5.89
C SER B 340 -30.96 -42.82 4.56
N SER B 341 -32.14 -43.01 3.95
CA SER B 341 -32.29 -43.93 2.83
C SER B 341 -31.39 -43.58 1.66
N LEU B 342 -31.13 -44.58 0.81
CA LEU B 342 -30.50 -44.32 -0.48
C LEU B 342 -31.42 -43.50 -1.38
N ILE B 343 -32.70 -43.85 -1.43
CA ILE B 343 -33.72 -43.07 -2.12
C ILE B 343 -34.69 -42.55 -1.07
N ARG B 344 -34.83 -41.23 -1.00
CA ARG B 344 -35.80 -40.62 -0.11
C ARG B 344 -36.87 -39.90 -0.94
N ILE B 345 -38.11 -40.01 -0.50
CA ILE B 345 -39.23 -39.33 -1.15
C ILE B 345 -39.69 -38.20 -0.25
N PRO B 346 -39.43 -36.94 -0.62
CA PRO B 346 -39.81 -35.82 0.25
C PRO B 346 -41.32 -35.67 0.34
N ALA B 347 -41.73 -34.82 1.30
CA ALA B 347 -43.14 -34.62 1.58
C ALA B 347 -43.89 -33.94 0.45
N THR B 348 -43.20 -33.16 -0.39
CA THR B 348 -43.87 -32.37 -1.42
C THR B 348 -44.74 -33.24 -2.31
N ARG B 349 -45.95 -32.75 -2.60
CA ARG B 349 -46.83 -33.44 -3.52
C ARG B 349 -47.27 -32.48 -4.62
N GLY B 350 -48.02 -33.00 -5.58
CA GLY B 350 -48.52 -32.19 -6.68
C GLY B 350 -47.51 -32.10 -7.81
N ASN B 351 -47.25 -30.86 -8.26
CA ASN B 351 -46.36 -30.65 -9.39
C ASN B 351 -44.89 -30.77 -9.03
N GLY B 352 -44.55 -30.65 -7.75
CA GLY B 352 -43.19 -30.78 -7.29
C GLY B 352 -42.89 -32.10 -6.61
N THR B 353 -43.72 -33.13 -6.86
CA THR B 353 -43.42 -34.48 -6.38
C THR B 353 -42.10 -34.98 -6.97
N ARG B 354 -41.22 -35.49 -6.12
CA ARG B 354 -39.87 -35.83 -6.57
C ARG B 354 -39.32 -37.02 -5.79
N ILE B 355 -38.31 -37.65 -6.38
CA ILE B 355 -37.56 -38.75 -5.80
C ILE B 355 -36.13 -38.27 -5.60
N GLU B 356 -35.57 -38.47 -4.41
CA GLU B 356 -34.22 -38.01 -4.10
C GLU B 356 -33.27 -39.19 -4.03
N LEU B 357 -32.27 -39.21 -4.90
CA LEU B 357 -31.20 -40.19 -4.86
C LEU B 357 -29.99 -39.56 -4.20
N ARG B 358 -29.49 -40.21 -3.14
CA ARG B 358 -28.59 -39.55 -2.22
C ARG B 358 -27.11 -39.90 -2.39
N CYS B 359 -26.79 -41.01 -3.07
CA CYS B 359 -25.41 -41.49 -3.16
C CYS B 359 -24.43 -40.67 -4.02
N PRO B 360 -24.86 -39.94 -5.08
CA PRO B 360 -23.85 -39.30 -5.96
C PRO B 360 -23.00 -38.26 -5.25
N ASP B 361 -21.79 -38.07 -5.78
CA ASP B 361 -20.97 -37.03 -5.20
C ASP B 361 -20.64 -36.04 -6.32
N PRO B 362 -20.14 -34.85 -6.01
CA PRO B 362 -20.04 -33.83 -7.06
C PRO B 362 -18.85 -33.99 -7.99
N ALA B 363 -18.18 -35.16 -7.99
CA ALA B 363 -17.13 -35.42 -8.94
C ALA B 363 -17.62 -36.19 -10.16
N CYS B 364 -18.84 -36.72 -10.09
CA CYS B 364 -19.37 -37.53 -11.18
C CYS B 364 -19.50 -36.70 -12.45
N ASN B 365 -19.64 -37.40 -13.56
CA ASN B 365 -20.03 -36.68 -14.77
C ASN B 365 -21.55 -36.58 -14.80
N PRO B 366 -22.11 -35.38 -14.60
CA PRO B 366 -23.57 -35.26 -14.49
C PRO B 366 -24.31 -35.74 -15.72
N TYR B 367 -23.73 -35.57 -16.91
CA TYR B 367 -24.35 -36.09 -18.12
C TYR B 367 -24.60 -37.58 -17.98
N LEU B 368 -23.57 -38.34 -17.62
CA LEU B 368 -23.70 -39.79 -17.47
C LEU B 368 -24.53 -40.15 -16.24
N ALA B 369 -24.35 -39.42 -15.15
CA ALA B 369 -25.03 -39.81 -13.91
C ALA B 369 -26.55 -39.68 -14.04
N PHE B 370 -27.04 -38.58 -14.64
CA PHE B 370 -28.48 -38.40 -14.82
C PHE B 370 -29.03 -39.35 -15.89
N ALA B 371 -28.29 -39.55 -16.98
CA ALA B 371 -28.71 -40.46 -18.03
C ALA B 371 -28.97 -41.86 -17.48
N LEU B 372 -28.03 -42.38 -16.69
CA LEU B 372 -28.17 -43.71 -16.12
C LEU B 372 -29.31 -43.76 -15.12
N MET B 373 -29.48 -42.69 -14.36
CA MET B 373 -30.65 -42.58 -13.49
C MET B 373 -31.95 -42.63 -14.31
N LEU B 374 -32.02 -41.86 -15.38
CA LEU B 374 -33.21 -41.86 -16.21
C LEU B 374 -33.47 -43.24 -16.81
N ARG B 375 -32.41 -43.92 -17.26
CA ARG B 375 -32.60 -45.22 -17.90
C ARG B 375 -32.99 -46.29 -16.89
N ALA B 376 -32.41 -46.26 -15.68
CA ALA B 376 -32.78 -47.23 -14.65
C ALA B 376 -34.25 -47.09 -14.27
N GLY B 377 -34.72 -45.87 -14.04
CA GLY B 377 -36.11 -45.67 -13.67
C GLY B 377 -37.09 -46.00 -14.78
N LEU B 378 -36.71 -45.68 -16.03
CA LEU B 378 -37.54 -46.02 -17.19
C LEU B 378 -37.67 -47.53 -17.35
N GLU B 379 -36.57 -48.25 -17.09
CA GLU B 379 -36.62 -49.70 -17.14
C GLU B 379 -37.53 -50.25 -16.05
N GLY B 380 -37.61 -49.58 -14.90
CA GLY B 380 -38.56 -49.98 -13.88
C GLY B 380 -40.02 -49.81 -14.32
N ILE B 381 -40.33 -48.69 -14.96
CA ILE B 381 -41.70 -48.44 -15.37
C ILE B 381 -42.09 -49.40 -16.48
N LYS B 382 -41.15 -49.68 -17.39
CA LYS B 382 -41.40 -50.63 -18.45
C LYS B 382 -41.67 -52.03 -17.89
N ASN B 383 -40.81 -52.49 -16.99
CA ASN B 383 -40.93 -53.85 -16.47
C ASN B 383 -41.74 -53.93 -15.18
N LYS B 384 -42.33 -52.83 -14.73
CA LYS B 384 -43.19 -52.80 -13.55
C LYS B 384 -42.48 -53.44 -12.35
N ILE B 385 -41.30 -52.90 -12.05
CA ILE B 385 -40.43 -53.45 -11.01
C ILE B 385 -40.89 -52.88 -9.67
N ASP B 386 -41.44 -53.73 -8.80
CA ASP B 386 -41.86 -53.24 -7.49
C ASP B 386 -40.64 -52.95 -6.62
N PRO B 387 -40.63 -51.83 -5.90
CA PRO B 387 -39.48 -51.49 -5.05
C PRO B 387 -39.39 -52.29 -3.77
N GLY B 388 -40.33 -53.20 -3.49
CA GLY B 388 -40.38 -53.79 -2.17
C GLY B 388 -40.93 -52.79 -1.17
N GLU B 389 -40.83 -53.17 0.09
CA GLU B 389 -41.30 -52.32 1.17
C GLU B 389 -40.32 -51.19 1.45
N PRO B 390 -40.78 -50.07 2.00
CA PRO B 390 -39.85 -49.06 2.50
C PRO B 390 -39.01 -49.63 3.63
N THR B 391 -38.04 -48.84 4.08
CA THR B 391 -37.24 -49.15 5.25
C THR B 391 -37.24 -47.92 6.14
N ASN B 392 -38.01 -47.97 7.22
CA ASN B 392 -38.20 -46.83 8.12
C ASN B 392 -37.31 -46.89 9.36
N VAL B 393 -36.41 -47.85 9.45
CA VAL B 393 -35.54 -48.00 10.61
C VAL B 393 -34.17 -47.45 10.27
N ASN B 394 -33.33 -47.29 11.30
CA ASN B 394 -31.93 -46.94 11.11
C ASN B 394 -31.15 -48.18 10.69
N ILE B 395 -30.63 -48.17 9.47
CA ILE B 395 -30.00 -49.38 8.96
C ILE B 395 -28.61 -49.58 9.58
N PHE B 396 -27.94 -48.49 9.97
CA PHE B 396 -26.63 -48.62 10.59
C PHE B 396 -26.72 -49.35 11.93
N HIS B 397 -27.84 -49.21 12.62
CA HIS B 397 -28.03 -49.85 13.92
C HIS B 397 -28.28 -51.35 13.83
N LEU B 398 -28.52 -51.91 12.64
CA LEU B 398 -28.92 -53.31 12.54
C LEU B 398 -27.71 -54.24 12.46
N SER B 399 -27.99 -55.53 12.64
CA SER B 399 -27.00 -56.59 12.49
C SER B 399 -27.08 -57.17 11.09
N ASP B 400 -26.02 -57.89 10.71
CA ASP B 400 -25.95 -58.42 9.35
C ASP B 400 -27.12 -59.36 9.06
N LYS B 401 -27.44 -60.26 9.99
CA LYS B 401 -28.54 -61.18 9.76
C LYS B 401 -29.87 -60.43 9.61
N GLU B 402 -30.03 -59.31 10.33
CA GLU B 402 -31.24 -58.49 10.18
C GLU B 402 -31.31 -57.88 8.78
N ARG B 403 -30.22 -57.22 8.36
CA ARG B 403 -30.15 -56.70 7.00
C ARG B 403 -30.24 -57.82 5.97
N GLU B 404 -29.55 -58.94 6.23
CA GLU B 404 -29.67 -60.10 5.36
C GLU B 404 -31.10 -60.61 5.30
N GLU B 405 -31.75 -60.73 6.47
CA GLU B 405 -33.14 -61.15 6.49
C GLU B 405 -34.02 -60.20 5.68
N ARG B 406 -33.79 -58.89 5.86
CA ARG B 406 -34.51 -57.84 5.12
C ARG B 406 -34.10 -57.76 3.66
N GLY B 407 -33.05 -58.45 3.25
CA GLY B 407 -32.53 -58.28 1.90
C GLY B 407 -32.03 -56.88 1.63
N ILE B 408 -31.37 -56.26 2.61
CA ILE B 408 -30.84 -54.92 2.48
C ILE B 408 -29.36 -55.06 2.12
N ARG B 409 -29.05 -54.83 0.84
CA ARG B 409 -27.70 -54.94 0.33
C ARG B 409 -27.02 -53.57 0.39
N SER B 410 -25.70 -53.60 0.40
CA SER B 410 -24.95 -52.36 0.48
C SER B 410 -24.38 -52.01 -0.89
N LEU B 411 -23.86 -50.79 -0.98
CA LEU B 411 -23.23 -50.31 -2.21
C LEU B 411 -21.81 -50.87 -2.33
N PRO B 412 -21.21 -50.79 -3.51
CA PRO B 412 -19.78 -51.12 -3.63
C PRO B 412 -18.94 -50.38 -2.60
N ALA B 413 -17.98 -51.10 -2.00
CA ALA B 413 -17.21 -50.57 -0.87
C ALA B 413 -15.97 -49.80 -1.28
N ASP B 414 -15.49 -49.97 -2.51
CA ASP B 414 -14.43 -49.12 -3.01
C ASP B 414 -14.56 -49.08 -4.51
N LEU B 415 -13.72 -48.27 -5.16
CA LEU B 415 -13.83 -48.04 -6.60
C LEU B 415 -13.68 -49.33 -7.38
N LYS B 416 -12.71 -50.17 -6.99
CA LYS B 416 -12.49 -51.43 -7.70
C LYS B 416 -13.74 -52.29 -7.70
N GLU B 417 -14.43 -52.40 -6.54
CA GLU B 417 -15.66 -53.17 -6.53
C GLU B 417 -16.70 -52.54 -7.46
N ALA B 418 -16.75 -51.21 -7.52
CA ALA B 418 -17.67 -50.54 -8.43
C ALA B 418 -17.26 -50.75 -9.88
N ILE B 419 -15.95 -50.82 -10.18
CA ILE B 419 -15.51 -51.14 -11.53
C ILE B 419 -15.97 -52.55 -11.92
N ASP B 420 -15.75 -53.52 -11.02
CA ASP B 420 -16.11 -54.90 -11.32
C ASP B 420 -17.61 -55.02 -11.56
N GLU B 421 -18.43 -54.34 -10.75
CA GLU B 421 -19.88 -54.41 -10.93
C GLU B 421 -20.31 -53.84 -12.28
N MET B 422 -19.80 -52.66 -12.63
CA MET B 422 -20.14 -52.03 -13.91
C MET B 422 -19.73 -52.90 -15.10
N LYS B 423 -18.50 -53.42 -15.06
CA LYS B 423 -17.98 -54.22 -16.17
C LYS B 423 -18.90 -55.38 -16.53
N GLY B 424 -19.58 -55.98 -15.55
CA GLY B 424 -20.48 -57.07 -15.86
C GLY B 424 -21.86 -56.65 -16.31
N SER B 425 -22.20 -55.37 -16.20
CA SER B 425 -23.57 -54.90 -16.35
C SER B 425 -23.92 -54.67 -17.83
N LYS B 426 -24.79 -55.51 -18.39
CA LYS B 426 -25.30 -55.26 -19.73
C LYS B 426 -26.12 -53.97 -19.78
N PHE B 427 -26.87 -53.69 -18.70
CA PHE B 427 -27.72 -52.51 -18.67
C PHE B 427 -26.92 -51.21 -18.82
N VAL B 428 -25.78 -51.12 -18.14
CA VAL B 428 -24.98 -49.90 -18.21
C VAL B 428 -24.31 -49.76 -19.56
N LYS B 429 -23.85 -50.88 -20.13
CA LYS B 429 -23.16 -50.85 -21.43
C LYS B 429 -24.07 -50.35 -22.54
N GLU B 430 -25.29 -50.89 -22.62
CA GLU B 430 -26.19 -50.49 -23.69
C GLU B 430 -26.63 -49.03 -23.52
N ALA B 431 -26.80 -48.58 -22.27
CA ALA B 431 -27.19 -47.20 -22.00
C ALA B 431 -26.08 -46.21 -22.33
N LEU B 432 -24.84 -46.52 -21.94
CA LEU B 432 -23.71 -45.63 -22.22
C LEU B 432 -23.22 -45.74 -23.66
N GLY B 433 -23.34 -46.90 -24.27
CA GLY B 433 -22.61 -47.15 -25.51
C GLY B 433 -21.22 -47.68 -25.25
N GLU B 434 -20.80 -48.60 -26.11
CA GLU B 434 -19.58 -49.39 -25.88
C GLU B 434 -18.33 -48.52 -25.80
N HIS B 435 -18.17 -47.53 -26.69
CA HIS B 435 -16.98 -46.67 -26.64
C HIS B 435 -16.86 -46.00 -25.28
N VAL B 436 -17.94 -45.38 -24.80
CA VAL B 436 -17.90 -44.72 -23.50
C VAL B 436 -17.72 -45.75 -22.38
N PHE B 437 -18.46 -46.85 -22.45
CA PHE B 437 -18.41 -47.90 -21.43
C PHE B 437 -16.99 -48.38 -21.20
N SER B 438 -16.28 -48.77 -22.27
CA SER B 438 -14.94 -49.33 -22.12
C SER B 438 -13.91 -48.27 -21.77
N HIS B 439 -13.98 -47.09 -22.41
CA HIS B 439 -13.07 -45.99 -22.06
C HIS B 439 -13.18 -45.67 -20.58
N TYR B 440 -14.41 -45.55 -20.07
CA TYR B 440 -14.61 -45.23 -18.66
C TYR B 440 -13.96 -46.28 -17.76
N LEU B 441 -14.23 -47.57 -18.02
CA LEU B 441 -13.72 -48.62 -17.15
C LEU B 441 -12.20 -48.75 -17.25
N CYS B 442 -11.63 -48.60 -18.45
CA CYS B 442 -10.17 -48.70 -18.57
C CYS B 442 -9.47 -47.60 -17.79
N ALA B 443 -10.04 -46.39 -17.78
CA ALA B 443 -9.43 -45.28 -17.06
C ALA B 443 -9.58 -45.42 -15.55
N LYS B 444 -10.74 -45.87 -15.08
CA LYS B 444 -10.89 -46.12 -13.65
C LYS B 444 -10.05 -47.30 -13.19
N GLU B 445 -9.91 -48.32 -14.04
CA GLU B 445 -9.04 -49.44 -13.69
C GLU B 445 -7.59 -49.00 -13.57
N MET B 446 -7.17 -48.03 -14.37
CA MET B 446 -5.82 -47.49 -14.24
C MET B 446 -5.65 -46.68 -12.96
N GLU B 447 -6.64 -45.86 -12.62
CA GLU B 447 -6.54 -45.06 -11.40
C GLU B 447 -6.47 -45.97 -10.17
N TRP B 448 -7.28 -47.03 -10.14
CA TRP B 448 -7.26 -47.97 -9.01
C TRP B 448 -5.92 -48.69 -8.90
N ASP B 449 -5.35 -49.13 -10.03
CA ASP B 449 -4.08 -49.85 -9.99
C ASP B 449 -2.95 -48.96 -9.49
N GLU B 450 -2.99 -47.67 -9.84
CA GLU B 450 -2.02 -46.72 -9.30
C GLU B 450 -2.17 -46.57 -7.79
N TYR B 451 -3.41 -46.34 -7.33
CA TYR B 451 -3.68 -46.11 -5.91
C TYR B 451 -3.29 -47.32 -5.05
N LYS B 452 -3.70 -48.51 -5.47
CA LYS B 452 -3.63 -49.68 -4.62
C LYS B 452 -2.19 -50.05 -4.25
N ALA B 453 -1.20 -49.58 -5.00
CA ALA B 453 0.20 -49.87 -4.70
C ALA B 453 0.83 -48.87 -3.76
N VAL B 454 0.15 -47.77 -3.44
CA VAL B 454 0.79 -46.67 -2.72
C VAL B 454 0.95 -47.03 -1.25
N VAL B 455 2.16 -46.85 -0.72
CA VAL B 455 2.39 -46.98 0.71
C VAL B 455 2.11 -45.63 1.34
N HIS B 456 1.08 -45.58 2.20
CA HIS B 456 0.53 -44.39 2.79
C HIS B 456 1.14 -44.16 4.17
N PRO B 457 1.33 -42.88 4.53
CA PRO B 457 1.83 -42.54 5.87
C PRO B 457 1.17 -43.33 7.01
N TRP B 458 -0.14 -43.56 6.92
CA TRP B 458 -0.88 -44.29 7.95
C TRP B 458 -0.30 -45.67 8.20
N GLU B 459 0.28 -46.29 7.16
CA GLU B 459 0.87 -47.60 7.30
C GLU B 459 2.20 -47.52 8.06
N LEU B 460 2.99 -46.48 7.79
CA LEU B 460 4.22 -46.29 8.56
C LEU B 460 3.92 -46.06 10.03
N SER B 461 2.89 -45.27 10.33
CA SER B 461 2.54 -45.04 11.73
C SER B 461 2.10 -46.33 12.40
N ARG B 462 1.29 -47.13 11.72
CA ARG B 462 0.77 -48.32 12.39
C ARG B 462 1.81 -49.42 12.53
N TYR B 463 2.75 -49.54 11.60
CA TYR B 463 3.56 -50.75 11.50
C TYR B 463 5.05 -50.51 11.62
N LEU B 464 5.56 -49.32 11.35
CA LEU B 464 7.02 -49.16 11.27
C LEU B 464 7.69 -49.59 12.57
N SER B 465 7.15 -49.15 13.71
CA SER B 465 7.71 -49.53 15.02
C SER B 465 7.25 -50.90 15.46
N MET B 466 6.13 -51.39 14.95
CA MET B 466 5.58 -52.69 15.38
C MET B 466 6.33 -53.85 14.76
N LEU B 467 6.62 -53.77 13.46
CA LEU B 467 7.08 -54.91 12.69
C LEU B 467 8.61 -54.97 12.56
N LYS C 26 -4.69 0.04 -43.84
CA LYS C 26 -3.52 -0.74 -44.25
C LYS C 26 -2.31 0.16 -44.52
N CYS C 27 -1.17 -0.22 -43.92
CA CYS C 27 0.08 0.48 -44.16
C CYS C 27 0.67 -0.01 -45.48
N THR C 28 0.74 0.90 -46.46
CA THR C 28 1.25 0.65 -47.80
C THR C 28 2.45 1.51 -48.13
N THR C 29 2.46 2.77 -47.70
CA THR C 29 3.49 3.72 -48.08
C THR C 29 4.16 4.29 -46.85
N LYS C 30 5.37 4.81 -47.05
CA LYS C 30 6.02 5.52 -45.97
C LYS C 30 5.21 6.74 -45.53
N GLU C 31 4.40 7.29 -46.44
CA GLU C 31 3.52 8.40 -46.06
C GLU C 31 2.36 7.92 -45.18
N ASP C 32 1.85 6.71 -45.43
CA ASP C 32 0.87 6.13 -44.51
C ASP C 32 1.46 5.95 -43.11
N VAL C 33 2.72 5.51 -43.03
CA VAL C 33 3.33 5.23 -41.73
C VAL C 33 3.58 6.51 -40.95
N LEU C 34 4.18 7.51 -41.60
CA LEU C 34 4.54 8.73 -40.88
C LEU C 34 3.30 9.47 -40.39
N GLU C 35 2.22 9.43 -41.17
CA GLU C 35 0.96 9.99 -40.71
C GLU C 35 0.41 9.22 -39.52
N ALA C 36 0.43 7.88 -39.56
CA ALA C 36 -0.08 7.11 -38.43
C ALA C 36 0.81 7.25 -37.20
N VAL C 37 2.12 7.43 -37.39
CA VAL C 37 3.03 7.68 -36.27
C VAL C 37 2.68 9.00 -35.58
N LYS C 38 2.41 10.03 -36.36
CA LYS C 38 2.01 11.33 -35.81
C LYS C 38 0.65 11.24 -35.14
N GLU C 39 -0.32 10.66 -35.83
CA GLU C 39 -1.69 10.59 -35.35
C GLU C 39 -1.81 9.77 -34.06
N ARG C 40 -1.05 8.68 -33.94
CA ARG C 40 -1.18 7.81 -32.79
C ARG C 40 -0.07 8.01 -31.78
N ASP C 41 0.68 9.11 -31.87
CA ASP C 41 1.67 9.47 -30.85
C ASP C 41 2.71 8.36 -30.69
N VAL C 42 3.19 7.85 -31.81
CA VAL C 42 4.22 6.82 -31.76
C VAL C 42 5.57 7.51 -31.56
N LYS C 43 6.21 7.27 -30.42
CA LYS C 43 7.48 7.89 -30.09
C LYS C 43 8.70 7.01 -30.38
N PHE C 44 8.54 5.69 -30.35
CA PHE C 44 9.67 4.81 -30.61
C PHE C 44 9.29 3.74 -31.59
N ILE C 45 10.18 3.52 -32.55
CA ILE C 45 10.08 2.43 -33.51
C ILE C 45 11.16 1.42 -33.16
N ARG C 46 10.81 0.14 -33.28
CA ARG C 46 11.73 -0.96 -33.05
C ARG C 46 11.83 -1.78 -34.33
N THR C 47 13.04 -2.04 -34.78
CA THR C 47 13.23 -3.00 -35.86
C THR C 47 13.09 -4.42 -35.32
N GLN C 48 12.94 -5.37 -36.23
CA GLN C 48 12.66 -6.74 -35.81
C GLN C 48 13.29 -7.70 -36.81
N PHE C 49 14.29 -8.45 -36.36
CA PHE C 49 14.94 -9.45 -37.20
C PHE C 49 15.50 -10.55 -36.31
N THR C 50 16.06 -11.58 -36.94
CA THR C 50 16.65 -12.70 -36.24
C THR C 50 18.06 -12.92 -36.75
N ASP C 51 18.89 -13.57 -35.93
CA ASP C 51 20.20 -13.97 -36.38
C ASP C 51 20.13 -15.36 -37.02
N THR C 52 21.30 -15.88 -37.42
CA THR C 52 21.34 -17.20 -38.05
C THR C 52 20.65 -18.25 -37.19
N LEU C 53 20.71 -18.10 -35.87
CA LEU C 53 20.28 -19.15 -34.96
C LEU C 53 18.89 -18.93 -34.39
N GLY C 54 18.11 -18.00 -34.94
CA GLY C 54 16.75 -17.80 -34.51
C GLY C 54 16.56 -16.92 -33.28
N ILE C 55 17.60 -16.24 -32.81
CA ILE C 55 17.48 -15.29 -31.71
C ILE C 55 16.85 -14.02 -32.26
N ILE C 56 15.90 -13.44 -31.53
CA ILE C 56 15.21 -12.23 -32.00
C ILE C 56 16.07 -11.01 -31.68
N LYS C 57 16.22 -10.12 -32.66
CA LYS C 57 17.13 -8.99 -32.60
C LYS C 57 16.35 -7.70 -32.87
N SER C 58 16.85 -6.60 -32.33
CA SER C 58 16.11 -5.34 -32.39
C SER C 58 17.02 -4.17 -32.05
N TRP C 59 16.68 -2.99 -32.58
CA TRP C 59 17.18 -1.74 -32.02
C TRP C 59 16.10 -0.68 -32.15
N ALA C 60 16.21 0.36 -31.32
CA ALA C 60 15.16 1.34 -31.12
C ALA C 60 15.48 2.64 -31.87
N ILE C 61 14.55 3.07 -32.71
CA ILE C 61 14.63 4.28 -33.53
C ILE C 61 13.69 5.32 -32.91
N PRO C 62 14.18 6.47 -32.47
CA PRO C 62 13.26 7.56 -32.10
C PRO C 62 12.38 7.95 -33.29
N ALA C 63 11.12 8.25 -33.00
CA ALA C 63 10.20 8.63 -34.07
C ALA C 63 10.66 9.87 -34.83
N GLU C 64 11.52 10.70 -34.25
CA GLU C 64 12.10 11.81 -34.98
C GLU C 64 13.07 11.33 -36.07
N GLN C 65 13.68 10.15 -35.90
CA GLN C 65 14.60 9.60 -36.90
C GLN C 65 13.91 8.90 -38.06
N LEU C 66 12.60 8.69 -38.00
CA LEU C 66 11.95 7.74 -38.91
C LEU C 66 11.91 8.25 -40.36
N GLU C 67 11.65 9.55 -40.57
CA GLU C 67 11.62 10.06 -41.93
C GLU C 67 12.98 9.92 -42.61
N GLU C 68 14.06 10.20 -41.88
CA GLU C 68 15.40 9.98 -42.41
C GLU C 68 15.66 8.50 -42.65
N ALA C 69 15.14 7.63 -41.79
CA ALA C 69 15.33 6.20 -41.98
C ALA C 69 14.65 5.69 -43.25
N PHE C 70 13.42 6.14 -43.51
CA PHE C 70 12.75 5.73 -44.74
C PHE C 70 13.49 6.23 -45.96
N GLU C 71 14.19 7.36 -45.86
CA GLU C 71 14.76 8.00 -47.05
C GLU C 71 16.15 7.46 -47.38
N ASN C 72 16.96 7.19 -46.36
CA ASN C 72 18.35 6.80 -46.54
C ASN C 72 18.66 5.37 -46.14
N GLY C 73 17.69 4.63 -45.59
CA GLY C 73 17.99 3.36 -44.96
C GLY C 73 18.56 3.62 -43.59
N VAL C 74 18.94 2.53 -42.90
CA VAL C 74 19.59 2.61 -41.60
C VAL C 74 20.81 1.71 -41.62
N MET C 75 21.98 2.28 -41.32
CA MET C 75 23.21 1.50 -41.24
C MET C 75 23.29 0.80 -39.88
N PHE C 76 23.66 -0.48 -39.89
CA PHE C 76 23.83 -1.22 -38.65
C PHE C 76 24.89 -2.30 -38.87
N ASP C 77 25.41 -2.81 -37.75
CA ASP C 77 26.44 -3.84 -37.74
C ASP C 77 25.83 -5.20 -38.08
N GLY C 78 26.33 -5.83 -39.14
CA GLY C 78 25.87 -7.14 -39.52
C GLY C 78 26.31 -8.26 -38.61
N SER C 79 27.20 -7.97 -37.66
CA SER C 79 27.55 -8.95 -36.64
C SER C 79 26.35 -9.29 -35.76
N SER C 80 25.30 -8.46 -35.81
CA SER C 80 24.06 -8.79 -35.12
C SER C 80 23.43 -10.04 -35.72
N ILE C 81 23.48 -10.19 -37.04
CA ILE C 81 22.88 -11.36 -37.70
C ILE C 81 23.83 -12.53 -37.77
N GLN C 82 25.09 -12.28 -38.15
CA GLN C 82 26.02 -13.34 -38.51
C GLN C 82 27.08 -13.61 -37.45
N GLY C 83 27.06 -12.89 -36.34
CA GLY C 83 28.01 -13.13 -35.25
C GLY C 83 29.36 -12.45 -35.46
N PHE C 84 30.31 -12.82 -34.60
CA PHE C 84 31.63 -12.19 -34.61
C PHE C 84 32.77 -13.10 -35.03
N THR C 85 32.52 -14.39 -35.25
CA THR C 85 33.59 -15.37 -35.39
C THR C 85 34.48 -15.16 -36.63
N ARG C 86 34.07 -14.34 -37.60
CA ARG C 86 34.79 -14.23 -38.86
C ARG C 86 34.96 -12.77 -39.28
N ILE C 87 36.03 -12.50 -40.01
CA ILE C 87 36.19 -11.22 -40.69
C ILE C 87 35.42 -11.31 -42.00
N GLU C 88 34.27 -10.64 -42.05
CA GLU C 88 33.48 -10.51 -43.26
C GLU C 88 32.81 -9.15 -43.23
N GLU C 89 32.16 -8.81 -44.34
CA GLU C 89 31.43 -7.55 -44.44
C GLU C 89 30.46 -7.38 -43.28
N SER C 90 30.65 -6.33 -42.47
CA SER C 90 29.85 -6.15 -41.25
C SER C 90 29.04 -4.85 -41.22
N ASP C 91 29.16 -3.97 -42.21
CA ASP C 91 28.35 -2.75 -42.30
C ASP C 91 27.16 -2.98 -43.24
N MET C 92 25.98 -3.18 -42.68
CA MET C 92 24.79 -3.46 -43.48
C MET C 92 23.87 -2.25 -43.49
N LYS C 93 22.86 -2.31 -44.36
CA LYS C 93 21.86 -1.26 -44.45
C LYS C 93 20.48 -1.90 -44.39
N LEU C 94 19.65 -1.43 -43.46
CA LEU C 94 18.26 -1.84 -43.41
C LEU C 94 17.41 -0.84 -44.18
N ALA C 95 16.69 -1.32 -45.19
CA ALA C 95 15.72 -0.52 -45.91
C ALA C 95 14.35 -0.85 -45.32
N LEU C 96 13.73 0.13 -44.66
CA LEU C 96 12.49 -0.14 -43.95
C LEU C 96 11.34 -0.43 -44.92
N ASP C 97 10.53 -1.43 -44.59
CA ASP C 97 9.40 -1.82 -45.41
C ASP C 97 8.13 -1.28 -44.78
N PRO C 98 7.53 -0.22 -45.31
CA PRO C 98 6.42 0.44 -44.60
C PRO C 98 5.23 -0.45 -44.33
N SER C 99 5.03 -1.51 -45.11
CA SER C 99 3.86 -2.35 -44.88
C SER C 99 4.02 -3.31 -43.72
N THR C 100 5.22 -3.40 -43.13
CA THR C 100 5.43 -4.20 -41.93
C THR C 100 5.36 -3.38 -40.66
N PHE C 101 5.01 -2.09 -40.73
CA PHE C 101 4.84 -1.29 -39.53
C PHE C 101 3.64 -1.80 -38.73
N ARG C 102 3.83 -2.04 -37.43
CA ARG C 102 2.77 -2.54 -36.56
C ARG C 102 2.92 -1.94 -35.18
N ILE C 103 1.84 -1.37 -34.65
CA ILE C 103 1.86 -0.84 -33.29
C ILE C 103 1.70 -2.02 -32.32
N LEU C 104 2.55 -2.03 -31.28
CA LEU C 104 2.66 -3.06 -30.26
C LEU C 104 1.60 -2.87 -29.19
N PRO C 105 1.18 -3.95 -28.50
CA PRO C 105 -0.03 -3.87 -27.67
C PRO C 105 0.21 -3.37 -26.25
N TRP C 106 1.03 -2.34 -26.07
CA TRP C 106 1.19 -1.69 -24.78
C TRP C 106 1.39 -0.20 -25.02
N ARG C 107 0.98 0.60 -24.04
CA ARG C 107 0.96 2.06 -24.19
C ARG C 107 1.75 2.72 -23.06
N PRO C 108 3.04 2.91 -23.24
CA PRO C 108 3.84 3.61 -22.21
C PRO C 108 3.40 5.07 -22.08
N ALA C 109 3.63 5.63 -20.89
CA ALA C 109 3.28 7.03 -20.68
C ALA C 109 4.04 7.92 -21.66
N THR C 110 5.30 7.59 -21.93
CA THR C 110 6.12 8.37 -22.84
C THR C 110 5.52 8.47 -24.25
N GLY C 111 4.71 7.49 -24.67
CA GLY C 111 4.09 7.48 -25.99
C GLY C 111 4.00 6.08 -26.57
N ALA C 112 3.42 5.91 -27.75
CA ALA C 112 3.21 4.57 -28.28
C ALA C 112 4.50 3.99 -28.89
N VAL C 113 4.50 2.66 -29.08
CA VAL C 113 5.62 1.88 -29.61
C VAL C 113 5.15 1.10 -30.82
N ALA C 114 6.03 0.95 -31.82
CA ALA C 114 5.71 0.14 -32.99
C ALA C 114 6.94 -0.64 -33.44
N ARG C 115 6.70 -1.79 -34.08
CA ARG C 115 7.76 -2.58 -34.70
C ARG C 115 7.72 -2.42 -36.21
N ILE C 116 8.88 -2.56 -36.84
CA ILE C 116 8.99 -2.48 -38.28
C ILE C 116 10.08 -3.45 -38.74
N LEU C 117 9.93 -3.92 -39.96
CA LEU C 117 10.88 -4.83 -40.57
C LEU C 117 11.47 -4.16 -41.82
N GLY C 118 12.38 -4.86 -42.48
CA GLY C 118 12.84 -4.40 -43.77
C GLY C 118 13.75 -5.42 -44.42
N ASP C 119 14.44 -4.96 -45.45
CA ASP C 119 15.39 -5.79 -46.19
C ASP C 119 16.80 -5.30 -45.90
N VAL C 120 17.75 -6.22 -45.80
CA VAL C 120 19.11 -5.91 -45.41
C VAL C 120 19.98 -5.91 -46.67
N TYR C 121 20.81 -4.88 -46.81
CA TYR C 121 21.63 -4.69 -48.00
C TYR C 121 23.08 -4.52 -47.59
N LEU C 122 23.98 -5.07 -48.40
CA LEU C 122 25.40 -4.81 -48.33
C LEU C 122 25.69 -3.43 -48.92
N PRO C 123 26.80 -2.78 -48.51
CA PRO C 123 27.10 -1.47 -49.07
C PRO C 123 27.19 -1.46 -50.59
N ASP C 124 27.60 -2.56 -51.22
CA ASP C 124 27.65 -2.58 -52.68
C ASP C 124 26.26 -2.63 -53.32
N GLY C 125 25.19 -2.70 -52.54
CA GLY C 125 23.85 -2.58 -53.06
C GLY C 125 23.13 -3.88 -53.37
N ASN C 126 23.76 -5.01 -53.18
CA ASN C 126 23.06 -6.27 -53.36
C ASN C 126 22.46 -6.74 -52.04
N PRO C 127 21.44 -7.58 -52.06
CA PRO C 127 20.87 -8.06 -50.79
C PRO C 127 21.90 -8.86 -49.99
N PHE C 128 21.80 -8.76 -48.67
CA PHE C 128 22.58 -9.63 -47.80
C PHE C 128 21.91 -10.99 -47.73
N LYS C 129 22.61 -12.04 -48.17
CA LYS C 129 22.08 -13.39 -48.25
C LYS C 129 22.09 -14.13 -46.92
N GLY C 130 22.75 -13.62 -45.89
CA GLY C 130 22.79 -14.25 -44.60
C GLY C 130 21.64 -13.90 -43.68
N ASP C 131 20.71 -13.07 -44.16
CA ASP C 131 19.50 -12.73 -43.43
C ASP C 131 18.51 -13.88 -43.55
N PRO C 132 18.07 -14.49 -42.45
CA PRO C 132 17.09 -15.59 -42.57
C PRO C 132 15.81 -15.22 -43.29
N ARG C 133 15.34 -13.96 -43.17
CA ARG C 133 14.17 -13.51 -43.94
C ARG C 133 14.45 -13.56 -45.44
N TYR C 134 15.68 -13.22 -45.85
CA TYR C 134 16.05 -13.32 -47.26
C TYR C 134 16.02 -14.75 -47.74
N VAL C 135 16.41 -15.70 -46.89
CA VAL C 135 16.33 -17.10 -47.25
C VAL C 135 14.89 -17.51 -47.52
N LEU C 136 13.93 -16.96 -46.76
CA LEU C 136 12.52 -17.31 -46.98
C LEU C 136 11.98 -16.70 -48.26
N LYS C 137 12.36 -15.45 -48.58
CA LYS C 137 11.90 -14.84 -49.82
C LYS C 137 12.37 -15.63 -51.04
N THR C 138 13.59 -16.16 -51.00
CA THR C 138 14.07 -16.95 -52.13
C THR C 138 13.22 -18.21 -52.33
N ALA C 139 12.82 -18.85 -51.24
CA ALA C 139 11.93 -20.01 -51.36
C ALA C 139 10.56 -19.58 -51.86
N ILE C 140 10.07 -18.42 -51.40
CA ILE C 140 8.83 -17.88 -51.94
C ILE C 140 8.99 -17.60 -53.42
N LYS C 141 10.11 -16.98 -53.80
CA LYS C 141 10.35 -16.63 -55.20
C LYS C 141 10.48 -17.87 -56.10
N GLU C 142 11.19 -18.91 -55.63
CA GLU C 142 11.27 -20.16 -56.39
C GLU C 142 9.91 -20.82 -56.54
N ALA C 143 9.11 -20.86 -55.46
CA ALA C 143 7.79 -21.45 -55.54
C ALA C 143 6.88 -20.69 -56.49
N GLU C 144 7.16 -19.40 -56.71
CA GLU C 144 6.35 -18.63 -57.65
C GLU C 144 6.71 -18.92 -59.10
N LYS C 145 7.88 -19.48 -59.37
CA LYS C 145 8.20 -19.89 -60.74
C LYS C 145 7.28 -20.99 -61.24
N MET C 146 6.71 -21.77 -60.33
CA MET C 146 5.71 -22.76 -60.67
C MET C 146 4.29 -22.25 -60.49
N GLY C 147 4.12 -21.00 -60.06
CA GLY C 147 2.79 -20.50 -59.76
C GLY C 147 2.25 -20.91 -58.41
N PHE C 148 3.10 -21.38 -57.50
CA PHE C 148 2.70 -21.82 -56.17
C PHE C 148 2.93 -20.73 -55.12
N SER C 149 2.00 -20.60 -54.18
CA SER C 149 2.19 -19.74 -53.01
C SER C 149 1.83 -20.51 -51.74
N MET C 150 2.55 -20.21 -50.67
CA MET C 150 2.48 -20.97 -49.42
C MET C 150 1.69 -20.21 -48.35
N ASN C 151 0.77 -20.91 -47.71
CA ASN C 151 0.12 -20.41 -46.49
C ASN C 151 0.50 -21.28 -45.30
N VAL C 152 0.60 -20.66 -44.13
CA VAL C 152 0.93 -21.35 -42.88
C VAL C 152 -0.06 -20.93 -41.79
N GLY C 153 -0.57 -21.92 -41.04
CA GLY C 153 -1.22 -21.64 -39.78
C GLY C 153 -0.47 -22.36 -38.67
N PRO C 154 0.32 -21.61 -37.91
CA PRO C 154 1.17 -22.23 -36.88
C PRO C 154 0.44 -22.36 -35.55
N GLU C 155 0.78 -23.44 -34.83
CA GLU C 155 0.24 -23.72 -33.50
C GLU C 155 1.38 -23.69 -32.50
N LEU C 156 1.40 -22.67 -31.64
CA LEU C 156 2.51 -22.42 -30.74
C LEU C 156 2.13 -22.83 -29.32
N GLU C 157 2.90 -23.76 -28.75
CA GLU C 157 2.76 -24.20 -27.38
C GLU C 157 3.81 -23.50 -26.53
N PHE C 158 3.41 -23.06 -25.32
CA PHE C 158 4.31 -22.46 -24.34
C PHE C 158 3.86 -22.86 -22.92
N PHE C 159 4.73 -22.62 -21.95
CA PHE C 159 4.44 -22.83 -20.54
C PHE C 159 4.32 -21.49 -19.85
N LEU C 160 3.34 -21.37 -18.97
CA LEU C 160 3.14 -20.14 -18.20
C LEU C 160 3.62 -20.43 -16.79
N PHE C 161 4.81 -19.95 -16.45
CA PHE C 161 5.51 -20.25 -15.21
C PHE C 161 5.52 -19.06 -14.28
N LYS C 162 5.86 -19.32 -13.02
CA LYS C 162 5.99 -18.25 -12.03
C LYS C 162 7.38 -17.63 -12.05
N LEU C 163 7.44 -16.38 -11.62
CA LEU C 163 8.67 -15.71 -11.28
C LEU C 163 9.01 -15.97 -9.82
N ASP C 164 10.29 -15.88 -9.48
CA ASP C 164 10.72 -16.01 -8.10
C ASP C 164 10.71 -14.62 -7.43
N ALA C 165 11.29 -14.53 -6.22
CA ALA C 165 11.18 -13.31 -5.42
C ALA C 165 11.90 -12.14 -6.08
N ASN C 166 12.96 -12.41 -6.84
CA ASN C 166 13.77 -11.39 -7.47
C ASN C 166 13.30 -11.09 -8.90
N GLY C 167 12.12 -11.57 -9.29
CA GLY C 167 11.57 -11.25 -10.59
C GLY C 167 12.10 -12.10 -11.73
N ASN C 168 12.83 -13.16 -11.44
CA ASN C 168 13.49 -13.98 -12.46
C ASN C 168 12.69 -15.24 -12.75
N PRO C 169 12.86 -15.81 -13.95
CA PRO C 169 12.08 -17.00 -14.35
C PRO C 169 12.31 -18.19 -13.43
N THR C 170 11.27 -19.02 -13.32
CA THR C 170 11.35 -20.35 -12.71
C THR C 170 10.57 -21.32 -13.60
N THR C 171 10.62 -22.60 -13.25
CA THR C 171 9.69 -23.60 -13.78
C THR C 171 8.62 -23.98 -12.77
N GLU C 172 8.23 -23.05 -11.89
CA GLU C 172 7.19 -23.34 -10.92
C GLU C 172 5.82 -23.15 -11.56
N LEU C 173 4.93 -24.10 -11.31
CA LEU C 173 3.67 -24.19 -12.03
C LEU C 173 2.71 -23.09 -11.65
N THR C 174 1.88 -22.71 -12.62
CA THR C 174 0.74 -21.83 -12.41
C THR C 174 -0.59 -22.58 -12.36
N ASP C 175 -0.61 -23.84 -12.77
CA ASP C 175 -1.76 -24.71 -12.52
C ASP C 175 -1.34 -26.16 -12.74
N GLN C 176 -2.26 -27.06 -12.43
CA GLN C 176 -2.02 -28.50 -12.53
C GLN C 176 -2.98 -29.14 -13.54
N GLY C 177 -3.47 -28.34 -14.50
CA GLY C 177 -4.47 -28.81 -15.44
C GLY C 177 -3.89 -29.67 -16.55
N GLY C 178 -4.78 -30.29 -17.31
CA GLY C 178 -4.42 -31.13 -18.43
C GLY C 178 -5.12 -30.71 -19.72
N TYR C 179 -5.25 -31.65 -20.65
CA TYR C 179 -5.59 -31.33 -22.03
C TYR C 179 -6.97 -30.72 -22.16
N PHE C 180 -7.02 -29.49 -22.70
CA PHE C 180 -8.26 -28.74 -22.93
C PHE C 180 -9.00 -28.40 -21.64
N ASP C 181 -8.34 -28.43 -20.48
CA ASP C 181 -8.98 -28.01 -19.24
C ASP C 181 -9.35 -26.53 -19.28
N PHE C 182 -10.39 -26.16 -18.51
CA PHE C 182 -10.58 -24.77 -18.13
C PHE C 182 -9.71 -24.52 -16.90
N ALA C 183 -8.49 -24.03 -17.15
CA ALA C 183 -7.50 -23.75 -16.12
C ALA C 183 -6.43 -22.87 -16.74
N PRO C 184 -5.85 -21.91 -16.00
CA PRO C 184 -6.10 -21.52 -14.61
C PRO C 184 -7.41 -20.79 -14.39
N LEU C 185 -7.91 -20.86 -13.17
CA LEU C 185 -9.07 -20.11 -12.73
C LEU C 185 -8.74 -19.05 -11.69
N ASP C 186 -7.46 -18.87 -11.36
CA ASP C 186 -6.97 -17.85 -10.44
C ASP C 186 -6.47 -16.64 -11.23
N ARG C 187 -5.60 -15.83 -10.60
CA ARG C 187 -5.10 -14.63 -11.27
C ARG C 187 -4.47 -14.95 -12.63
N ALA C 188 -3.88 -16.14 -12.80
CA ALA C 188 -3.31 -16.49 -14.11
C ALA C 188 -4.39 -16.69 -15.17
N GLN C 189 -5.65 -16.87 -14.78
CA GLN C 189 -6.73 -16.82 -15.76
C GLN C 189 -6.73 -15.50 -16.50
N ASP C 190 -6.46 -14.42 -15.77
CA ASP C 190 -6.45 -13.09 -16.36
C ASP C 190 -5.22 -12.85 -17.22
N VAL C 191 -4.05 -13.41 -16.88
CA VAL C 191 -2.87 -13.29 -17.73
C VAL C 191 -3.10 -13.95 -19.07
N ARG C 192 -3.63 -15.19 -19.06
CA ARG C 192 -3.84 -15.92 -20.32
C ARG C 192 -4.78 -15.15 -21.22
N ARG C 193 -5.86 -14.61 -20.65
CA ARG C 193 -6.82 -13.82 -21.42
C ARG C 193 -6.16 -12.57 -22.00
N ASP C 194 -5.37 -11.87 -21.19
CA ASP C 194 -4.71 -10.66 -21.65
C ASP C 194 -3.75 -10.97 -22.79
N ILE C 195 -3.07 -12.12 -22.74
CA ILE C 195 -2.18 -12.52 -23.82
C ILE C 195 -2.97 -12.77 -25.10
N ASP C 196 -4.07 -13.53 -25.01
CA ASP C 196 -4.90 -13.74 -26.19
C ASP C 196 -5.46 -12.42 -26.70
N TYR C 197 -5.89 -11.57 -25.77
CA TYR C 197 -6.43 -10.27 -26.15
C TYR C 197 -5.39 -9.41 -26.84
N ALA C 198 -4.16 -9.36 -26.32
CA ALA C 198 -3.14 -8.49 -26.88
C ALA C 198 -2.82 -8.87 -28.32
N LEU C 199 -2.67 -10.17 -28.60
CA LEU C 199 -2.34 -10.63 -29.94
C LEU C 199 -3.48 -10.35 -30.91
N GLU C 200 -4.71 -10.66 -30.51
CA GLU C 200 -5.85 -10.44 -31.37
C GLU C 200 -5.96 -8.97 -31.76
N HIS C 201 -5.59 -8.08 -30.86
CA HIS C 201 -5.85 -6.67 -31.12
C HIS C 201 -4.65 -5.91 -31.67
N MET C 202 -3.54 -6.60 -31.95
CA MET C 202 -2.58 -6.14 -32.97
C MET C 202 -2.82 -6.76 -34.33
N GLY C 203 -3.90 -7.51 -34.51
CA GLY C 203 -4.17 -8.10 -35.80
C GLY C 203 -3.48 -9.44 -36.04
N PHE C 204 -3.48 -10.32 -35.04
CA PHE C 204 -3.02 -11.69 -35.27
C PHE C 204 -4.13 -12.60 -35.73
N GLN C 205 -5.37 -12.35 -35.31
CA GLN C 205 -6.52 -13.18 -35.64
C GLN C 205 -6.29 -14.63 -35.18
N ILE C 206 -6.31 -14.77 -33.85
CA ILE C 206 -6.38 -16.10 -33.24
C ILE C 206 -7.56 -16.84 -33.83
N GLU C 207 -7.37 -18.13 -34.08
CA GLU C 207 -8.48 -19.05 -34.30
C GLU C 207 -9.02 -19.59 -32.99
N ALA C 208 -8.13 -19.95 -32.06
CA ALA C 208 -8.47 -20.64 -30.82
C ALA C 208 -7.23 -20.75 -29.97
N SER C 209 -7.44 -20.82 -28.65
CA SER C 209 -6.38 -21.21 -27.72
C SER C 209 -6.96 -22.20 -26.73
N HIS C 210 -6.11 -23.06 -26.20
CA HIS C 210 -6.57 -24.08 -25.26
C HIS C 210 -5.40 -24.47 -24.36
N HIS C 211 -5.76 -24.99 -23.18
CA HIS C 211 -4.79 -25.63 -22.29
C HIS C 211 -4.30 -26.93 -22.92
N GLU C 212 -3.00 -27.17 -22.80
CA GLU C 212 -2.35 -28.23 -23.54
C GLU C 212 -2.12 -29.39 -22.56
N VAL C 213 -1.41 -30.45 -22.97
CA VAL C 213 -1.40 -31.67 -22.16
C VAL C 213 -0.67 -31.47 -20.84
N ALA C 214 0.42 -30.72 -20.82
CA ALA C 214 1.21 -30.62 -19.61
C ALA C 214 0.63 -29.61 -18.63
N PRO C 215 0.93 -29.75 -17.34
CA PRO C 215 0.54 -28.69 -16.38
C PRO C 215 1.13 -27.36 -16.79
N SER C 216 0.33 -26.30 -16.68
CA SER C 216 0.74 -24.93 -16.97
C SER C 216 1.06 -24.69 -18.44
N GLN C 217 0.75 -25.63 -19.34
CA GLN C 217 1.07 -25.54 -20.75
C GLN C 217 -0.13 -25.07 -21.56
N HIS C 218 0.12 -24.20 -22.53
CA HIS C 218 -0.93 -23.60 -23.33
C HIS C 218 -0.55 -23.60 -24.79
N GLU C 219 -1.55 -23.46 -25.66
CA GLU C 219 -1.34 -23.39 -27.10
C GLU C 219 -2.25 -22.32 -27.69
N ILE C 220 -1.71 -21.52 -28.62
CA ILE C 220 -2.51 -20.58 -29.39
C ILE C 220 -2.44 -20.96 -30.86
N ASP C 221 -3.60 -21.07 -31.50
CA ASP C 221 -3.71 -21.44 -32.90
C ASP C 221 -4.10 -20.21 -33.71
N PHE C 222 -3.27 -19.85 -34.68
CA PHE C 222 -3.46 -18.65 -35.48
C PHE C 222 -4.04 -18.98 -36.85
N ARG C 223 -4.73 -17.99 -37.43
CA ARG C 223 -5.31 -18.14 -38.75
C ARG C 223 -4.23 -18.31 -39.81
N PHE C 224 -4.62 -18.91 -40.93
CA PHE C 224 -3.72 -19.10 -42.06
C PHE C 224 -3.41 -17.77 -42.74
N GLY C 225 -2.16 -17.59 -43.14
CA GLY C 225 -1.74 -16.38 -43.82
C GLY C 225 -0.60 -16.72 -44.74
N ASP C 226 -0.22 -15.74 -45.57
CA ASP C 226 0.95 -15.95 -46.41
C ASP C 226 2.18 -16.17 -45.54
N VAL C 227 3.07 -17.03 -46.02
CA VAL C 227 4.13 -17.54 -45.16
C VAL C 227 5.06 -16.42 -44.70
N LEU C 228 5.23 -15.36 -45.50
CA LEU C 228 6.09 -14.25 -45.07
C LEU C 228 5.46 -13.48 -43.90
N CYS C 229 4.20 -13.07 -44.03
CA CYS C 229 3.49 -12.41 -42.94
C CYS C 229 3.48 -13.29 -41.70
N THR C 230 3.27 -14.60 -41.88
CA THR C 230 3.21 -15.50 -40.73
C THR C 230 4.54 -15.61 -40.02
N ALA C 231 5.64 -15.75 -40.78
CA ALA C 231 6.94 -15.87 -40.12
C ALA C 231 7.29 -14.57 -39.41
N ASP C 232 6.98 -13.41 -40.01
CA ASP C 232 7.17 -12.15 -39.30
C ASP C 232 6.37 -12.15 -37.99
N ASN C 233 5.15 -12.68 -38.02
CA ASN C 233 4.28 -12.63 -36.85
C ASN C 233 4.70 -13.60 -35.76
N VAL C 234 5.31 -14.74 -36.13
CA VAL C 234 5.79 -15.67 -35.12
C VAL C 234 6.92 -15.03 -34.30
N VAL C 235 7.79 -14.25 -34.94
CA VAL C 235 8.80 -13.49 -34.20
C VAL C 235 8.16 -12.45 -33.26
N THR C 236 7.23 -11.65 -33.79
CA THR C 236 6.53 -10.68 -32.96
C THR C 236 5.88 -11.35 -31.76
N PHE C 237 5.15 -12.44 -32.01
CA PHE C 237 4.43 -13.18 -30.97
C PHE C 237 5.31 -13.51 -29.77
N LYS C 238 6.54 -13.96 -30.00
CA LYS C 238 7.32 -14.48 -28.89
C LYS C 238 7.65 -13.38 -27.89
N TYR C 239 8.14 -12.23 -28.37
CA TYR C 239 8.48 -11.19 -27.42
C TYR C 239 7.24 -10.48 -26.90
N VAL C 240 6.17 -10.38 -27.69
CA VAL C 240 4.93 -9.82 -27.17
C VAL C 240 4.41 -10.67 -26.03
N VAL C 241 4.26 -11.99 -26.25
CA VAL C 241 3.78 -12.86 -25.19
C VAL C 241 4.67 -12.76 -23.96
N LYS C 242 6.01 -12.78 -24.16
CA LYS C 242 6.92 -12.74 -23.02
C LYS C 242 6.80 -11.46 -22.22
N SER C 243 6.74 -10.32 -22.91
CA SER C 243 6.67 -9.03 -22.25
C SER C 243 5.35 -8.85 -21.51
N ILE C 244 4.25 -9.30 -22.11
CA ILE C 244 2.96 -9.26 -21.42
C ILE C 244 3.03 -10.05 -20.13
N ALA C 245 3.58 -11.27 -20.19
CA ALA C 245 3.61 -12.12 -19.02
C ALA C 245 4.49 -11.53 -17.92
N TYR C 246 5.65 -10.99 -18.30
CA TYR C 246 6.56 -10.36 -17.34
C TYR C 246 5.86 -9.21 -16.63
N HIS C 247 5.09 -8.43 -17.38
CA HIS C 247 4.44 -7.25 -16.82
C HIS C 247 3.23 -7.59 -15.96
N LYS C 248 2.73 -8.82 -16.02
CA LYS C 248 1.72 -9.29 -15.07
C LYS C 248 2.32 -10.11 -13.96
N GLY C 249 3.63 -10.30 -13.93
CA GLY C 249 4.28 -11.00 -12.85
C GLY C 249 4.58 -12.46 -13.13
N TYR C 250 4.45 -12.91 -14.37
CA TYR C 250 4.63 -14.31 -14.75
C TYR C 250 5.73 -14.40 -15.81
N TYR C 251 6.01 -15.64 -16.23
CA TYR C 251 6.99 -15.88 -17.27
C TYR C 251 6.39 -16.79 -18.34
N ALA C 252 6.54 -16.40 -19.61
CA ALA C 252 6.17 -17.25 -20.74
C ALA C 252 7.41 -17.92 -21.33
N SER C 253 7.46 -19.23 -21.29
CA SER C 253 8.63 -19.98 -21.69
C SER C 253 8.35 -20.76 -22.96
N PHE C 254 9.26 -20.65 -23.94
CA PHE C 254 9.17 -21.39 -25.20
C PHE C 254 10.24 -22.48 -25.28
N MET C 255 10.70 -22.98 -24.13
CA MET C 255 11.59 -24.14 -24.14
C MET C 255 10.90 -25.35 -24.74
N PRO C 256 11.59 -26.17 -25.53
CA PRO C 256 11.03 -27.48 -25.91
C PRO C 256 10.65 -28.36 -24.71
N LYS C 257 11.57 -28.60 -23.78
CA LYS C 257 11.31 -29.51 -22.66
C LYS C 257 11.79 -28.88 -21.37
N PRO C 258 11.05 -27.91 -20.84
CA PRO C 258 11.46 -27.33 -19.55
C PRO C 258 11.39 -28.31 -18.39
N LEU C 259 10.54 -29.33 -18.47
CA LEU C 259 10.28 -30.20 -17.33
C LEU C 259 10.28 -31.67 -17.78
N PHE C 260 11.07 -32.49 -17.08
CA PHE C 260 11.07 -33.92 -17.37
C PHE C 260 9.74 -34.55 -16.96
N GLY C 261 9.28 -35.50 -17.77
CA GLY C 261 8.17 -36.33 -17.35
C GLY C 261 6.80 -35.75 -17.58
N VAL C 262 6.72 -34.63 -18.29
CA VAL C 262 5.47 -34.07 -18.79
C VAL C 262 5.71 -33.70 -20.25
N ASN C 263 4.66 -33.27 -20.91
CA ASN C 263 4.80 -32.93 -22.33
C ASN C 263 5.71 -31.73 -22.56
N GLY C 264 6.38 -31.75 -23.70
CA GLY C 264 7.09 -30.58 -24.16
C GLY C 264 6.24 -29.72 -25.08
N SER C 265 6.84 -28.65 -25.57
CA SER C 265 6.18 -27.67 -26.42
C SER C 265 6.70 -27.79 -27.84
N GLY C 266 5.78 -27.92 -28.80
CA GLY C 266 6.10 -27.99 -30.21
C GLY C 266 5.57 -26.76 -30.94
N MET C 267 5.95 -26.67 -32.21
CA MET C 267 5.43 -25.65 -33.10
C MET C 267 4.93 -26.38 -34.32
N HIS C 268 3.74 -26.96 -34.24
CA HIS C 268 3.20 -27.66 -35.38
C HIS C 268 2.90 -26.66 -36.47
N SER C 269 3.24 -27.00 -37.70
CA SER C 269 3.26 -26.03 -38.78
C SER C 269 2.37 -26.56 -39.90
N ASN C 270 1.12 -26.13 -39.90
CA ASN C 270 0.18 -26.49 -40.95
C ASN C 270 0.45 -25.64 -42.18
N GLN C 271 0.32 -26.24 -43.36
CA GLN C 271 0.72 -25.58 -44.60
C GLN C 271 -0.19 -25.98 -45.75
N SER C 272 -0.51 -24.98 -46.60
CA SER C 272 -1.29 -25.13 -47.82
C SER C 272 -0.54 -24.47 -48.97
N LEU C 273 -0.68 -25.06 -50.17
CA LEU C 273 -0.10 -24.53 -51.40
C LEU C 273 -1.24 -24.15 -52.33
N PHE C 274 -1.13 -22.99 -52.98
CA PHE C 274 -2.21 -22.45 -53.79
C PHE C 274 -1.70 -22.13 -55.17
N LYS C 275 -2.56 -22.38 -56.16
CA LYS C 275 -2.29 -22.07 -57.56
C LYS C 275 -3.59 -21.60 -58.19
N ASP C 276 -3.48 -20.62 -59.10
CA ASP C 276 -4.61 -20.02 -59.82
C ASP C 276 -5.79 -19.71 -58.89
N GLY C 277 -5.50 -19.44 -57.61
CA GLY C 277 -6.56 -19.23 -56.64
C GLY C 277 -7.06 -20.47 -55.94
N LYS C 278 -6.64 -21.67 -56.35
CA LYS C 278 -7.19 -22.91 -55.81
C LYS C 278 -6.16 -23.66 -54.98
N ASN C 279 -6.64 -24.48 -54.05
CA ASN C 279 -5.77 -25.22 -53.13
C ASN C 279 -5.16 -26.42 -53.88
N VAL C 280 -3.84 -26.40 -54.06
CA VAL C 280 -3.13 -27.40 -54.85
C VAL C 280 -3.35 -28.81 -54.29
N PHE C 281 -3.62 -28.94 -53.00
CA PHE C 281 -3.69 -30.23 -52.34
C PHE C 281 -5.06 -30.89 -52.43
N TYR C 282 -6.09 -30.17 -52.89
CA TYR C 282 -7.45 -30.67 -52.91
C TYR C 282 -7.78 -31.28 -54.28
N ASP C 283 -8.36 -32.45 -54.26
CA ASP C 283 -8.96 -33.03 -55.47
C ASP C 283 -10.30 -33.66 -55.11
N PRO C 284 -11.40 -33.07 -55.59
CA PRO C 284 -12.72 -33.63 -55.27
C PRO C 284 -12.97 -35.04 -55.81
N ASP C 285 -12.15 -35.54 -56.73
CA ASP C 285 -12.44 -36.79 -57.41
C ASP C 285 -11.65 -37.99 -56.88
N THR C 286 -10.62 -37.78 -56.05
CA THR C 286 -9.89 -38.91 -55.48
C THR C 286 -10.56 -39.44 -54.22
N PRO C 287 -10.32 -40.71 -53.87
CA PRO C 287 -11.08 -41.30 -52.75
C PRO C 287 -10.91 -40.57 -51.43
N THR C 288 -9.70 -40.10 -51.13
CA THR C 288 -9.43 -39.32 -49.93
C THR C 288 -9.55 -37.82 -50.15
N LYS C 289 -9.84 -37.39 -51.37
CA LYS C 289 -9.99 -35.98 -51.75
C LYS C 289 -8.69 -35.21 -51.61
N LEU C 290 -7.55 -35.89 -51.64
CA LEU C 290 -6.26 -35.22 -51.73
C LEU C 290 -5.77 -35.29 -53.16
N SER C 291 -5.14 -34.20 -53.60
CA SER C 291 -4.54 -34.16 -54.92
C SER C 291 -3.26 -34.98 -54.96
N GLN C 292 -2.77 -35.22 -56.18
CA GLN C 292 -1.52 -35.94 -56.34
C GLN C 292 -0.35 -35.12 -55.82
N ASP C 293 -0.34 -33.81 -56.08
CA ASP C 293 0.73 -32.96 -55.59
C ASP C 293 0.81 -32.96 -54.08
N ALA C 294 -0.32 -33.21 -53.42
CA ALA C 294 -0.29 -33.34 -51.97
C ALA C 294 0.62 -34.49 -51.55
N MET C 295 0.50 -35.63 -52.24
CA MET C 295 1.34 -36.78 -51.89
C MET C 295 2.78 -36.53 -52.26
N TYR C 296 3.02 -35.84 -53.38
CA TYR C 296 4.38 -35.49 -53.78
C TYR C 296 5.00 -34.51 -52.81
N TYR C 297 4.22 -33.52 -52.35
CA TYR C 297 4.68 -32.60 -51.32
C TYR C 297 5.08 -33.36 -50.06
N ILE C 298 4.26 -34.32 -49.64
CA ILE C 298 4.58 -35.13 -48.46
C ILE C 298 5.84 -35.95 -48.69
N GLY C 299 5.97 -36.56 -49.88
CA GLY C 299 7.16 -37.33 -50.16
C GLY C 299 8.44 -36.50 -50.04
N GLY C 300 8.40 -35.27 -50.54
CA GLY C 300 9.57 -34.40 -50.42
C GLY C 300 9.94 -34.09 -48.99
N LEU C 301 8.94 -33.78 -48.15
CA LEU C 301 9.20 -33.55 -46.73
C LEU C 301 9.79 -34.79 -46.07
N LEU C 302 9.21 -35.97 -46.32
CA LEU C 302 9.75 -37.20 -45.75
C LEU C 302 11.18 -37.47 -46.19
N LYS C 303 11.52 -37.12 -47.43
CA LYS C 303 12.85 -37.40 -47.94
C LYS C 303 13.91 -36.59 -47.21
N HIS C 304 13.65 -35.32 -46.95
CA HIS C 304 14.69 -34.41 -46.47
C HIS C 304 14.61 -34.08 -44.99
N ILE C 305 13.54 -34.46 -44.30
CA ILE C 305 13.32 -33.92 -42.96
C ILE C 305 14.50 -34.23 -42.04
N ARG C 306 15.03 -35.46 -42.10
CA ARG C 306 16.19 -35.82 -41.27
C ARG C 306 17.32 -34.82 -41.42
N GLU C 307 17.51 -34.28 -42.62
CA GLU C 307 18.64 -33.41 -42.93
C GLU C 307 18.49 -31.98 -42.42
N PHE C 308 17.29 -31.54 -42.01
CA PHE C 308 17.17 -30.24 -41.36
C PHE C 308 16.40 -30.32 -40.04
N THR C 309 16.38 -31.49 -39.41
CA THR C 309 15.99 -31.53 -38.00
C THR C 309 16.86 -30.59 -37.18
N ALA C 310 18.11 -30.38 -37.62
CA ALA C 310 18.99 -29.46 -36.92
C ALA C 310 18.44 -28.04 -36.89
N VAL C 311 17.55 -27.70 -37.83
CA VAL C 311 16.98 -26.35 -37.94
C VAL C 311 15.62 -26.25 -37.26
N THR C 312 14.75 -27.26 -37.45
CA THR C 312 13.44 -27.27 -36.80
C THR C 312 13.54 -27.63 -35.31
N ASN C 313 14.64 -28.23 -34.90
CA ASN C 313 14.86 -28.68 -33.53
C ASN C 313 16.25 -28.25 -33.16
N PRO C 314 16.43 -26.98 -32.84
CA PRO C 314 17.76 -26.36 -32.91
C PRO C 314 18.68 -26.49 -31.71
N VAL C 315 18.16 -26.78 -30.51
CA VAL C 315 18.99 -26.71 -29.31
C VAL C 315 19.13 -28.10 -28.72
N VAL C 316 20.05 -28.22 -27.74
CA VAL C 316 20.25 -29.48 -27.05
C VAL C 316 18.95 -29.95 -26.41
N ASN C 317 18.23 -29.03 -25.77
CA ASN C 317 17.00 -29.37 -25.08
C ASN C 317 15.92 -29.86 -26.04
N SER C 318 16.02 -29.53 -27.34
CA SER C 318 15.02 -29.97 -28.31
C SER C 318 14.87 -31.48 -28.37
N TYR C 319 15.98 -32.20 -28.16
CA TYR C 319 15.95 -33.65 -28.25
C TYR C 319 15.62 -34.29 -26.92
N LYS C 320 15.45 -33.52 -25.85
CA LYS C 320 14.72 -34.08 -24.72
C LYS C 320 13.21 -34.09 -24.97
N ARG C 321 12.71 -33.27 -25.90
CA ARG C 321 11.31 -33.38 -26.30
C ARG C 321 11.10 -34.53 -27.28
N LEU C 322 12.04 -34.74 -28.21
CA LEU C 322 11.95 -35.82 -29.20
C LEU C 322 12.48 -37.12 -28.58
N VAL C 323 11.74 -37.60 -27.58
CA VAL C 323 11.91 -38.93 -26.99
C VAL C 323 10.51 -39.55 -26.96
N PRO C 324 10.38 -40.88 -27.04
CA PRO C 324 9.02 -41.47 -27.05
C PRO C 324 8.32 -41.30 -25.71
N GLY C 325 6.98 -41.27 -25.78
CA GLY C 325 6.14 -41.18 -24.59
C GLY C 325 5.19 -40.00 -24.54
N TYR C 326 5.28 -39.04 -25.47
CA TYR C 326 4.57 -37.75 -25.36
C TYR C 326 4.05 -37.39 -26.76
N GLU C 327 3.56 -36.15 -26.91
CA GLU C 327 3.01 -35.62 -28.16
C GLU C 327 4.05 -35.53 -29.27
N ALA C 328 5.33 -35.62 -28.95
CA ALA C 328 6.40 -35.38 -29.92
C ALA C 328 6.57 -36.55 -30.89
N PRO C 329 6.65 -36.29 -32.21
CA PRO C 329 6.85 -37.36 -33.19
C PRO C 329 8.30 -37.74 -33.46
N VAL C 330 8.74 -38.91 -33.03
CA VAL C 330 10.15 -39.31 -33.10
C VAL C 330 10.40 -40.31 -34.21
N TYR C 331 9.47 -40.43 -35.16
CA TYR C 331 9.55 -41.42 -36.22
C TYR C 331 9.05 -40.77 -37.50
N ILE C 332 9.61 -41.19 -38.63
CA ILE C 332 9.37 -40.56 -39.93
C ILE C 332 8.31 -41.37 -40.65
N SER C 333 7.13 -40.76 -40.83
CA SER C 333 5.98 -41.39 -41.43
C SER C 333 4.91 -40.33 -41.60
N TRP C 334 3.94 -40.61 -42.46
CA TRP C 334 2.77 -39.77 -42.61
C TRP C 334 1.52 -40.60 -42.39
N SER C 335 0.40 -39.92 -42.18
CA SER C 335 -0.86 -40.58 -41.88
C SER C 335 -1.99 -39.57 -41.86
N ALA C 336 -3.19 -40.03 -42.20
CA ALA C 336 -4.39 -39.28 -41.87
C ALA C 336 -5.05 -39.76 -40.59
N GLN C 337 -5.02 -41.08 -40.35
CA GLN C 337 -5.73 -41.70 -39.22
C GLN C 337 -5.01 -41.44 -37.89
N ASN C 338 -3.71 -41.74 -37.82
CA ASN C 338 -2.97 -41.59 -36.58
C ASN C 338 -2.63 -40.13 -36.34
N ARG C 339 -3.14 -39.58 -35.23
CA ARG C 339 -2.86 -38.19 -34.93
C ARG C 339 -1.40 -37.94 -34.56
N SER C 340 -0.65 -39.00 -34.22
CA SER C 340 0.71 -38.85 -33.73
C SER C 340 1.79 -39.10 -34.78
N SER C 341 1.42 -39.33 -36.05
CA SER C 341 2.38 -39.48 -37.13
C SER C 341 3.18 -38.18 -37.30
N LEU C 342 4.38 -38.31 -37.89
CA LEU C 342 5.24 -37.13 -38.08
C LEU C 342 4.57 -36.11 -39.00
N ILE C 343 3.93 -36.58 -40.07
CA ILE C 343 3.13 -35.74 -40.95
C ILE C 343 1.69 -36.20 -40.80
N ARG C 344 0.79 -35.25 -40.62
CA ARG C 344 -0.61 -35.56 -40.40
C ARG C 344 -1.44 -34.82 -41.44
N ILE C 345 -2.50 -35.47 -41.92
CA ILE C 345 -3.48 -34.80 -42.76
C ILE C 345 -4.77 -34.66 -41.96
N PRO C 346 -5.14 -33.44 -41.56
CA PRO C 346 -6.46 -33.23 -40.97
C PRO C 346 -7.57 -33.50 -41.99
N ALA C 347 -8.75 -33.82 -41.47
CA ALA C 347 -9.86 -34.22 -42.30
C ALA C 347 -10.37 -33.09 -43.18
N THR C 348 -10.05 -31.83 -42.84
CA THR C 348 -10.54 -30.69 -43.61
C THR C 348 -10.10 -30.81 -45.06
N ARG C 349 -11.05 -30.59 -45.97
CA ARG C 349 -10.81 -30.56 -47.40
C ARG C 349 -11.16 -29.17 -47.91
N GLY C 350 -11.20 -29.02 -49.24
CA GLY C 350 -11.57 -27.75 -49.82
C GLY C 350 -10.41 -26.79 -49.91
N ASN C 351 -10.73 -25.50 -49.81
CA ASN C 351 -9.70 -24.46 -49.81
C ASN C 351 -8.86 -24.48 -48.56
N GLY C 352 -9.27 -25.24 -47.55
CA GLY C 352 -8.54 -25.41 -46.31
C GLY C 352 -7.82 -26.73 -46.15
N THR C 353 -7.67 -27.51 -47.22
CA THR C 353 -6.83 -28.71 -47.16
C THR C 353 -5.43 -28.32 -46.71
N ARG C 354 -4.88 -29.06 -45.75
CA ARG C 354 -3.63 -28.68 -45.09
C ARG C 354 -2.82 -29.90 -44.70
N ILE C 355 -1.53 -29.68 -44.50
CA ILE C 355 -0.56 -30.69 -44.09
C ILE C 355 0.12 -30.21 -42.82
N GLU C 356 0.01 -30.97 -41.73
CA GLU C 356 0.61 -30.60 -40.46
C GLU C 356 1.94 -31.32 -40.29
N LEU C 357 3.02 -30.55 -40.21
CA LEU C 357 4.33 -31.08 -39.88
C LEU C 357 4.57 -30.81 -38.40
N ARG C 358 4.68 -31.89 -37.60
CA ARG C 358 4.54 -31.80 -36.16
C ARG C 358 5.84 -31.69 -35.38
N CYS C 359 6.99 -32.09 -35.95
CA CYS C 359 8.23 -32.14 -35.18
C CYS C 359 8.84 -30.82 -34.72
N PRO C 360 8.64 -29.66 -35.38
CA PRO C 360 9.38 -28.47 -34.96
C PRO C 360 9.02 -28.04 -33.55
N ASP C 361 9.89 -27.23 -32.96
CA ASP C 361 9.65 -26.69 -31.63
C ASP C 361 9.83 -25.18 -31.69
N PRO C 362 9.33 -24.44 -30.69
CA PRO C 362 9.31 -22.97 -30.84
C PRO C 362 10.69 -22.27 -30.81
N ALA C 363 11.79 -22.98 -30.53
CA ALA C 363 13.12 -22.37 -30.56
C ALA C 363 13.69 -22.20 -31.96
N CYS C 364 13.03 -22.73 -32.98
CA CYS C 364 13.58 -22.69 -34.34
C CYS C 364 13.39 -21.31 -34.95
N ASN C 365 14.35 -20.94 -35.79
CA ASN C 365 14.17 -19.78 -36.64
C ASN C 365 13.03 -20.06 -37.61
N PRO C 366 11.89 -19.37 -37.53
CA PRO C 366 10.77 -19.73 -38.42
C PRO C 366 11.03 -19.39 -39.89
N TYR C 367 11.87 -18.39 -40.19
CA TYR C 367 12.20 -18.13 -41.59
C TYR C 367 12.94 -19.31 -42.20
N LEU C 368 13.87 -19.89 -41.45
CA LEU C 368 14.62 -21.03 -41.96
C LEU C 368 13.76 -22.30 -42.00
N ALA C 369 12.95 -22.53 -40.97
CA ALA C 369 12.12 -23.74 -40.96
C ALA C 369 11.10 -23.73 -42.11
N PHE C 370 10.32 -22.65 -42.24
CA PHE C 370 9.28 -22.60 -43.28
C PHE C 370 9.88 -22.61 -44.68
N ALA C 371 11.06 -22.01 -44.88
CA ALA C 371 11.68 -22.08 -46.21
C ALA C 371 12.11 -23.50 -46.54
N LEU C 372 12.64 -24.24 -45.56
CA LEU C 372 13.11 -25.59 -45.84
C LEU C 372 11.95 -26.54 -46.08
N MET C 373 10.88 -26.40 -45.32
CA MET C 373 9.64 -27.13 -45.61
C MET C 373 9.13 -26.82 -47.01
N LEU C 374 9.10 -25.55 -47.36
CA LEU C 374 8.62 -25.16 -48.69
C LEU C 374 9.49 -25.75 -49.79
N ARG C 375 10.82 -25.60 -49.69
CA ARG C 375 11.70 -26.18 -50.70
C ARG C 375 11.51 -27.68 -50.81
N ALA C 376 11.50 -28.36 -49.67
CA ALA C 376 11.38 -29.81 -49.65
C ALA C 376 10.08 -30.26 -50.30
N GLY C 377 8.97 -29.61 -49.94
CA GLY C 377 7.71 -29.92 -50.61
C GLY C 377 7.79 -29.66 -52.11
N LEU C 378 8.35 -28.51 -52.49
CA LEU C 378 8.53 -28.19 -53.91
C LEU C 378 9.39 -29.22 -54.61
N GLU C 379 10.47 -29.65 -53.95
CA GLU C 379 11.30 -30.68 -54.53
C GLU C 379 10.50 -31.97 -54.77
N GLY C 380 9.68 -32.35 -53.80
CA GLY C 380 8.82 -33.51 -53.97
C GLY C 380 7.90 -33.41 -55.17
N ILE C 381 7.34 -32.21 -55.41
CA ILE C 381 6.43 -32.04 -56.54
C ILE C 381 7.18 -32.05 -57.87
N LYS C 382 8.32 -31.35 -57.94
CA LYS C 382 9.09 -31.29 -59.18
C LYS C 382 9.59 -32.67 -59.59
N ASN C 383 10.03 -33.48 -58.63
CA ASN C 383 10.59 -34.78 -58.92
C ASN C 383 9.61 -35.92 -58.66
N LYS C 384 8.34 -35.61 -58.37
CA LYS C 384 7.29 -36.61 -58.22
C LYS C 384 7.62 -37.66 -57.17
N ILE C 385 8.00 -37.20 -55.99
CA ILE C 385 8.49 -38.09 -54.94
C ILE C 385 7.32 -38.75 -54.21
N ASP C 386 7.15 -40.06 -54.41
CA ASP C 386 6.10 -40.80 -53.74
C ASP C 386 6.32 -40.78 -52.23
N PRO C 387 5.27 -40.58 -51.44
CA PRO C 387 5.42 -40.65 -49.98
C PRO C 387 5.35 -42.06 -49.42
N GLY C 388 5.11 -43.08 -50.25
CA GLY C 388 4.87 -44.41 -49.74
C GLY C 388 3.50 -44.53 -49.09
N GLU C 389 3.34 -45.59 -48.32
CA GLU C 389 2.12 -45.92 -47.61
C GLU C 389 2.00 -45.09 -46.32
N PRO C 390 0.77 -44.75 -45.90
CA PRO C 390 0.59 -44.19 -44.56
C PRO C 390 0.81 -45.24 -43.50
N THR C 391 1.21 -44.79 -42.33
CA THR C 391 1.33 -45.64 -41.15
C THR C 391 0.15 -45.35 -40.21
N ASN C 392 -0.77 -46.31 -40.10
CA ASN C 392 -2.01 -46.15 -39.35
C ASN C 392 -1.96 -46.72 -37.93
N VAL C 393 -0.81 -47.25 -37.50
CA VAL C 393 -0.73 -47.96 -36.24
C VAL C 393 0.17 -47.18 -35.26
N ASN C 394 0.30 -47.69 -34.04
CA ASN C 394 1.18 -47.08 -33.04
C ASN C 394 2.61 -47.52 -33.32
N ILE C 395 3.46 -46.59 -33.73
CA ILE C 395 4.83 -46.95 -34.09
C ILE C 395 5.64 -47.28 -32.84
N PHE C 396 5.32 -46.68 -31.70
CA PHE C 396 6.06 -46.97 -30.47
C PHE C 396 5.89 -48.44 -30.07
N HIS C 397 4.66 -48.95 -30.15
CA HIS C 397 4.29 -50.30 -29.79
C HIS C 397 4.78 -51.33 -30.78
N LEU C 398 5.66 -50.98 -31.71
CA LEU C 398 6.29 -51.97 -32.56
C LEU C 398 7.70 -52.24 -32.09
N SER C 399 8.24 -53.39 -32.51
CA SER C 399 9.62 -53.73 -32.24
C SER C 399 10.56 -52.89 -33.08
N ASP C 400 11.86 -52.95 -32.75
CA ASP C 400 12.86 -52.37 -33.62
C ASP C 400 12.92 -53.10 -34.97
N LYS C 401 12.66 -54.40 -34.97
CA LYS C 401 12.58 -55.12 -36.25
C LYS C 401 11.26 -54.86 -36.95
N GLU C 402 10.16 -54.80 -36.19
CA GLU C 402 8.85 -54.52 -36.78
C GLU C 402 8.89 -53.25 -37.64
N ARG C 403 9.43 -52.17 -37.08
CA ARG C 403 9.54 -50.92 -37.83
C ARG C 403 10.57 -51.00 -38.93
N GLU C 404 11.66 -51.75 -38.73
CA GLU C 404 12.57 -51.97 -39.84
C GLU C 404 11.90 -52.82 -40.90
N GLU C 405 11.00 -53.72 -40.51
CA GLU C 405 10.20 -54.43 -41.51
C GLU C 405 9.40 -53.44 -42.34
N ARG C 406 8.85 -52.42 -41.69
CA ARG C 406 8.11 -51.35 -42.34
C ARG C 406 9.02 -50.31 -43.00
N GLY C 407 10.32 -50.36 -42.74
CA GLY C 407 11.24 -49.35 -43.23
C GLY C 407 11.01 -47.97 -42.64
N ILE C 408 10.69 -47.91 -41.35
CA ILE C 408 10.37 -46.66 -40.66
C ILE C 408 11.62 -46.17 -39.95
N ARG C 409 12.08 -44.98 -40.32
CA ARG C 409 13.29 -44.40 -39.76
C ARG C 409 12.95 -43.50 -38.59
N SER C 410 13.98 -43.17 -37.82
CA SER C 410 13.82 -42.26 -36.70
C SER C 410 14.30 -40.86 -37.06
N LEU C 411 13.80 -39.89 -36.31
CA LEU C 411 14.42 -38.58 -36.30
C LEU C 411 15.73 -38.67 -35.52
N PRO C 412 16.70 -37.78 -35.80
CA PRO C 412 17.96 -37.80 -35.06
C PRO C 412 17.75 -37.72 -33.56
N ALA C 413 18.54 -38.50 -32.82
CA ALA C 413 18.34 -38.67 -31.39
C ALA C 413 18.91 -37.54 -30.57
N ASP C 414 19.79 -36.72 -31.13
CA ASP C 414 20.31 -35.60 -30.37
C ASP C 414 20.86 -34.56 -31.33
N LEU C 415 21.32 -33.44 -30.76
CA LEU C 415 21.75 -32.33 -31.60
C LEU C 415 22.94 -32.73 -32.45
N LYS C 416 23.94 -33.38 -31.85
CA LYS C 416 25.12 -33.81 -32.60
C LYS C 416 24.71 -34.65 -33.79
N GLU C 417 23.75 -35.56 -33.60
CA GLU C 417 23.28 -36.39 -34.69
C GLU C 417 22.56 -35.56 -35.74
N ALA C 418 21.76 -34.58 -35.32
CA ALA C 418 21.10 -33.71 -36.29
C ALA C 418 22.12 -32.87 -37.04
N ILE C 419 23.16 -32.42 -36.36
CA ILE C 419 24.22 -31.66 -37.02
C ILE C 419 24.89 -32.49 -38.09
N ASP C 420 25.26 -33.73 -37.76
CA ASP C 420 25.94 -34.59 -38.75
C ASP C 420 25.04 -34.92 -39.93
N GLU C 421 23.74 -35.08 -39.71
CA GLU C 421 22.86 -35.27 -40.86
C GLU C 421 22.83 -34.03 -41.75
N MET C 422 22.85 -32.83 -41.17
CA MET C 422 22.73 -31.62 -41.98
C MET C 422 24.04 -31.25 -42.68
N LYS C 423 25.20 -31.50 -42.05
CA LYS C 423 26.48 -31.12 -42.65
C LYS C 423 26.73 -31.81 -43.97
N GLY C 424 26.08 -32.94 -44.21
CA GLY C 424 26.31 -33.69 -45.43
C GLY C 424 25.18 -33.58 -46.41
N SER C 425 24.38 -32.52 -46.32
CA SER C 425 23.18 -32.37 -47.14
C SER C 425 23.40 -31.29 -48.20
N LYS C 426 23.30 -31.66 -49.47
CA LYS C 426 23.32 -30.64 -50.52
C LYS C 426 21.99 -29.90 -50.62
N PHE C 427 20.87 -30.58 -50.34
CA PHE C 427 19.59 -29.89 -50.35
C PHE C 427 19.57 -28.76 -49.32
N VAL C 428 20.04 -29.04 -48.11
CA VAL C 428 20.01 -28.02 -47.08
C VAL C 428 20.99 -26.90 -47.44
N LYS C 429 22.17 -27.26 -47.91
CA LYS C 429 23.21 -26.25 -48.19
C LYS C 429 22.76 -25.27 -49.26
N GLU C 430 22.13 -25.77 -50.34
CA GLU C 430 21.67 -24.88 -51.41
C GLU C 430 20.47 -24.06 -50.98
N ALA C 431 19.59 -24.63 -50.15
CA ALA C 431 18.38 -23.92 -49.75
C ALA C 431 18.72 -22.74 -48.86
N LEU C 432 19.67 -22.93 -47.95
CA LEU C 432 20.07 -21.85 -47.04
C LEU C 432 21.10 -20.93 -47.65
N GLY C 433 21.85 -21.38 -48.63
CA GLY C 433 23.02 -20.64 -49.04
C GLY C 433 24.19 -20.99 -48.14
N GLU C 434 25.40 -20.89 -48.70
CA GLU C 434 26.60 -21.35 -48.02
C GLU C 434 26.89 -20.60 -46.73
N HIS C 435 26.72 -19.26 -46.72
CA HIS C 435 27.00 -18.46 -45.54
C HIS C 435 26.12 -18.88 -44.37
N VAL C 436 24.82 -19.02 -44.59
CA VAL C 436 23.92 -19.45 -43.52
C VAL C 436 24.24 -20.88 -43.11
N PHE C 437 24.38 -21.78 -44.10
CA PHE C 437 24.66 -23.18 -43.83
C PHE C 437 25.87 -23.34 -42.92
N SER C 438 26.98 -22.69 -43.26
CA SER C 438 28.21 -22.87 -42.50
C SER C 438 28.15 -22.20 -41.14
N HIS C 439 27.67 -20.95 -41.09
CA HIS C 439 27.53 -20.27 -39.81
C HIS C 439 26.69 -21.11 -38.86
N TYR C 440 25.51 -21.50 -39.30
CA TYR C 440 24.60 -22.28 -38.46
C TYR C 440 25.28 -23.51 -37.92
N LEU C 441 26.00 -24.24 -38.77
CA LEU C 441 26.59 -25.49 -38.33
C LEU C 441 27.75 -25.26 -37.35
N CYS C 442 28.61 -24.26 -37.61
CA CYS C 442 29.73 -24.03 -36.69
C CYS C 442 29.23 -23.63 -35.31
N ALA C 443 28.20 -22.77 -35.25
CA ALA C 443 27.66 -22.34 -33.96
C ALA C 443 27.02 -23.50 -33.20
N LYS C 444 26.22 -24.31 -33.88
CA LYS C 444 25.59 -25.44 -33.19
C LYS C 444 26.63 -26.48 -32.75
N GLU C 445 27.67 -26.67 -33.56
CA GLU C 445 28.75 -27.57 -33.19
C GLU C 445 29.47 -27.10 -31.94
N MET C 446 29.63 -25.78 -31.77
CA MET C 446 30.21 -25.26 -30.54
C MET C 446 29.27 -25.46 -29.34
N GLU C 447 27.96 -25.30 -29.56
CA GLU C 447 27.01 -25.48 -28.48
C GLU C 447 27.02 -26.91 -27.98
N TRP C 448 27.09 -27.88 -28.90
CA TRP C 448 27.18 -29.28 -28.51
C TRP C 448 28.52 -29.61 -27.84
N ASP C 449 29.63 -29.08 -28.37
CA ASP C 449 30.93 -29.35 -27.77
C ASP C 449 31.02 -28.79 -26.35
N GLU C 450 30.24 -27.76 -26.04
CA GLU C 450 30.17 -27.30 -24.66
C GLU C 450 29.38 -28.26 -23.81
N TYR C 451 28.16 -28.60 -24.25
CA TYR C 451 27.25 -29.42 -23.44
C TYR C 451 27.79 -30.82 -23.18
N LYS C 452 28.54 -31.41 -24.11
CA LYS C 452 28.92 -32.81 -23.93
C LYS C 452 29.95 -33.05 -22.82
N ALA C 453 30.60 -32.01 -22.32
CA ALA C 453 31.59 -32.16 -21.26
C ALA C 453 31.02 -31.89 -19.88
N VAL C 454 29.79 -31.39 -19.79
CA VAL C 454 29.21 -31.05 -18.50
C VAL C 454 28.96 -32.33 -17.71
N VAL C 455 29.29 -32.30 -16.42
CA VAL C 455 28.98 -33.39 -15.50
C VAL C 455 27.70 -33.04 -14.76
N HIS C 456 26.63 -33.77 -15.06
CA HIS C 456 25.33 -33.33 -14.59
C HIS C 456 25.02 -33.91 -13.21
N PRO C 457 24.14 -33.25 -12.44
CA PRO C 457 23.81 -33.79 -11.12
C PRO C 457 23.16 -35.18 -11.16
N TRP C 458 22.60 -35.59 -12.29
CA TRP C 458 22.07 -36.95 -12.41
C TRP C 458 23.20 -37.97 -12.35
N GLU C 459 24.40 -37.60 -12.81
CA GLU C 459 25.52 -38.52 -12.79
C GLU C 459 26.02 -38.75 -11.37
N LEU C 460 26.10 -37.69 -10.56
CA LEU C 460 26.46 -37.86 -9.16
C LEU C 460 25.46 -38.77 -8.45
N SER C 461 24.16 -38.54 -8.67
CA SER C 461 23.13 -39.36 -8.02
C SER C 461 23.22 -40.81 -8.43
N ARG C 462 23.63 -41.08 -9.65
CA ARG C 462 23.69 -42.47 -10.11
C ARG C 462 24.99 -43.16 -9.75
N TYR C 463 26.10 -42.42 -9.62
CA TYR C 463 27.40 -43.05 -9.61
C TYR C 463 28.25 -42.77 -8.37
N LEU C 464 28.00 -41.69 -7.62
CA LEU C 464 28.97 -41.33 -6.58
C LEU C 464 29.09 -42.45 -5.53
N SER C 465 27.95 -42.93 -5.02
CA SER C 465 27.94 -44.08 -4.11
C SER C 465 28.34 -45.38 -4.81
N MET C 466 28.00 -45.53 -6.08
CA MET C 466 28.13 -46.81 -6.76
C MET C 466 29.60 -47.18 -7.01
N LEU C 467 30.42 -46.23 -7.45
CA LEU C 467 31.73 -46.62 -8.01
C LEU C 467 32.91 -46.76 -7.03
N LYS D 25 12.75 26.75 -29.25
CA LYS D 25 13.54 27.89 -29.72
C LYS D 25 14.93 27.91 -29.09
N LYS D 26 15.86 28.62 -29.73
CA LYS D 26 17.28 28.60 -29.37
C LYS D 26 17.59 29.72 -28.37
N CYS D 27 18.27 29.37 -27.28
CA CYS D 27 18.64 30.37 -26.30
C CYS D 27 19.97 30.98 -26.72
N THR D 28 19.97 32.28 -26.94
CA THR D 28 21.14 33.00 -27.47
C THR D 28 21.59 34.12 -26.55
N THR D 29 20.66 34.82 -25.93
CA THR D 29 20.97 35.93 -25.03
C THR D 29 20.59 35.53 -23.61
N LYS D 30 21.09 36.32 -22.64
CA LYS D 30 20.67 36.09 -21.27
C LYS D 30 19.19 36.38 -21.09
N GLU D 31 18.64 37.32 -21.88
CA GLU D 31 17.22 37.60 -21.80
C GLU D 31 16.37 36.43 -22.31
N ASP D 32 16.85 35.72 -23.33
CA ASP D 32 16.17 34.48 -23.74
C ASP D 32 16.15 33.48 -22.58
N VAL D 33 17.29 33.32 -21.90
CA VAL D 33 17.36 32.42 -20.74
C VAL D 33 16.44 32.90 -19.65
N LEU D 34 16.52 34.19 -19.31
CA LEU D 34 15.72 34.73 -18.21
C LEU D 34 14.23 34.67 -18.54
N GLU D 35 13.87 34.88 -19.80
CA GLU D 35 12.47 34.71 -20.20
C GLU D 35 12.04 33.24 -20.08
N ALA D 36 12.92 32.30 -20.45
CA ALA D 36 12.56 30.88 -20.40
C ALA D 36 12.46 30.37 -18.98
N VAL D 37 13.30 30.90 -18.07
CA VAL D 37 13.18 30.58 -16.66
C VAL D 37 11.79 30.93 -16.13
N LYS D 38 11.29 32.10 -16.51
CA LYS D 38 9.98 32.56 -16.06
C LYS D 38 8.86 31.66 -16.59
N GLU D 39 8.85 31.46 -17.90
CA GLU D 39 7.74 30.79 -18.58
C GLU D 39 7.59 29.33 -18.20
N ARG D 40 8.64 28.68 -17.72
CA ARG D 40 8.60 27.26 -17.47
C ARG D 40 8.87 26.92 -16.00
N ASP D 41 8.83 27.92 -15.12
CA ASP D 41 8.91 27.70 -13.68
C ASP D 41 10.21 27.01 -13.29
N VAL D 42 11.32 27.43 -13.92
CA VAL D 42 12.62 26.88 -13.57
C VAL D 42 13.05 27.49 -12.24
N LYS D 43 13.25 26.64 -11.24
CA LYS D 43 13.57 27.12 -9.89
C LYS D 43 15.04 26.97 -9.51
N PHE D 44 15.77 26.01 -10.08
CA PHE D 44 17.19 25.87 -9.79
C PHE D 44 18.00 25.66 -11.06
N ILE D 45 19.16 26.31 -11.10
CA ILE D 45 20.12 26.22 -12.19
C ILE D 45 21.35 25.50 -11.67
N ARG D 46 21.84 24.54 -12.44
CA ARG D 46 23.03 23.80 -12.09
C ARG D 46 24.12 24.14 -13.10
N THR D 47 25.28 24.54 -12.59
CA THR D 47 26.45 24.61 -13.43
C THR D 47 26.91 23.19 -13.76
N GLN D 48 27.65 23.06 -14.85
CA GLN D 48 28.12 21.76 -15.29
C GLN D 48 29.54 21.93 -15.78
N PHE D 49 30.50 21.28 -15.10
CA PHE D 49 31.89 21.29 -15.53
C PHE D 49 32.56 20.00 -15.06
N THR D 50 33.85 19.85 -15.40
CA THR D 50 34.63 18.67 -15.07
C THR D 50 35.92 19.09 -14.38
N ASP D 51 36.46 18.22 -13.52
CA ASP D 51 37.80 18.45 -13.03
C ASP D 51 38.81 17.86 -14.03
N THR D 52 40.10 17.96 -13.69
CA THR D 52 41.16 17.48 -14.56
C THR D 52 40.93 16.04 -15.01
N LEU D 53 40.47 15.19 -14.10
CA LEU D 53 40.37 13.76 -14.37
C LEU D 53 39.09 13.36 -15.08
N GLY D 54 38.10 14.24 -15.18
CA GLY D 54 36.85 13.89 -15.80
C GLY D 54 35.71 13.59 -14.85
N ILE D 55 35.81 13.97 -13.58
CA ILE D 55 34.71 13.85 -12.64
C ILE D 55 33.76 15.02 -12.88
N ILE D 56 32.47 14.72 -12.98
CA ILE D 56 31.45 15.72 -13.28
C ILE D 56 31.20 16.61 -12.06
N LYS D 57 31.37 17.92 -12.23
CA LYS D 57 31.27 18.90 -11.16
C LYS D 57 30.08 19.83 -11.40
N SER D 58 29.61 20.46 -10.32
CA SER D 58 28.38 21.25 -10.39
C SER D 58 28.21 22.03 -9.10
N TRP D 59 27.36 23.04 -9.15
CA TRP D 59 26.77 23.60 -7.93
C TRP D 59 25.42 24.21 -8.30
N ALA D 60 24.59 24.43 -7.27
CA ALA D 60 23.20 24.83 -7.45
C ALA D 60 23.01 26.32 -7.18
N ILE D 61 22.40 27.01 -8.14
CA ILE D 61 22.08 28.43 -8.07
C ILE D 61 20.56 28.57 -8.07
N PRO D 62 19.95 29.24 -7.08
CA PRO D 62 18.50 29.47 -7.18
C PRO D 62 18.22 30.39 -8.36
N ALA D 63 17.04 30.19 -8.96
CA ALA D 63 16.63 31.05 -10.07
C ALA D 63 16.77 32.53 -9.70
N GLU D 64 16.44 32.89 -8.46
CA GLU D 64 16.48 34.28 -8.02
C GLU D 64 17.89 34.90 -8.13
N GLN D 65 18.95 34.08 -8.06
CA GLN D 65 20.32 34.57 -8.19
C GLN D 65 20.80 34.64 -9.64
N LEU D 66 20.00 34.19 -10.62
CA LEU D 66 20.54 33.91 -11.95
C LEU D 66 20.86 35.19 -12.72
N GLU D 67 19.99 36.20 -12.64
CA GLU D 67 20.25 37.45 -13.38
C GLU D 67 21.53 38.12 -12.93
N GLU D 68 21.80 38.12 -11.62
CA GLU D 68 23.06 38.65 -11.15
C GLU D 68 24.24 37.86 -11.70
N ALA D 69 24.09 36.53 -11.76
CA ALA D 69 25.15 35.68 -12.31
C ALA D 69 25.47 36.06 -13.76
N PHE D 70 24.45 36.31 -14.58
CA PHE D 70 24.70 36.80 -15.94
C PHE D 70 25.40 38.16 -15.98
N GLU D 71 25.37 38.92 -14.87
CA GLU D 71 25.89 40.29 -14.89
C GLU D 71 27.34 40.38 -14.43
N ASN D 72 27.64 39.74 -13.31
CA ASN D 72 28.93 39.87 -12.67
C ASN D 72 29.80 38.62 -12.78
N GLY D 73 29.30 37.54 -13.36
CA GLY D 73 29.94 36.25 -13.23
C GLY D 73 29.67 35.67 -11.86
N VAL D 74 30.16 34.46 -11.64
CA VAL D 74 29.98 33.77 -10.36
C VAL D 74 31.36 33.33 -9.88
N MET D 75 31.70 33.72 -8.64
CA MET D 75 32.97 33.32 -8.05
C MET D 75 32.85 31.93 -7.44
N PHE D 76 33.92 31.15 -7.53
CA PHE D 76 33.91 29.78 -7.00
C PHE D 76 35.35 29.32 -6.82
N ASP D 77 35.50 28.23 -6.06
CA ASP D 77 36.80 27.70 -5.71
C ASP D 77 37.34 26.80 -6.82
N GLY D 78 38.45 27.23 -7.44
CA GLY D 78 39.10 26.48 -8.50
C GLY D 78 39.72 25.17 -8.06
N SER D 79 39.83 24.94 -6.74
CA SER D 79 40.24 23.64 -6.25
C SER D 79 39.31 22.55 -6.75
N SER D 80 38.06 22.91 -7.07
CA SER D 80 37.12 21.94 -7.59
C SER D 80 37.59 21.37 -8.93
N ILE D 81 38.33 22.15 -9.70
CA ILE D 81 38.86 21.66 -10.97
C ILE D 81 40.25 21.10 -10.81
N GLN D 82 41.12 21.85 -10.12
CA GLN D 82 42.55 21.57 -10.06
C GLN D 82 42.96 20.82 -8.80
N GLY D 83 42.01 20.45 -7.93
CA GLY D 83 42.34 19.74 -6.71
C GLY D 83 42.88 20.66 -5.63
N PHE D 84 43.10 20.07 -4.47
CA PHE D 84 43.65 20.79 -3.32
C PHE D 84 45.16 20.65 -3.20
N THR D 85 45.81 20.00 -4.18
CA THR D 85 47.17 19.49 -4.02
C THR D 85 48.21 20.59 -3.79
N ARG D 86 48.04 21.75 -4.43
CA ARG D 86 49.06 22.78 -4.48
C ARG D 86 48.49 24.12 -4.07
N ILE D 87 49.36 25.00 -3.57
CA ILE D 87 49.03 26.40 -3.36
C ILE D 87 49.10 27.10 -4.72
N GLU D 88 47.94 27.48 -5.25
CA GLU D 88 47.86 28.14 -6.54
C GLU D 88 46.69 29.12 -6.49
N GLU D 89 46.47 29.83 -7.59
CA GLU D 89 45.28 30.67 -7.70
C GLU D 89 44.02 29.82 -7.61
N SER D 90 43.08 30.22 -6.75
CA SER D 90 41.92 29.39 -6.44
C SER D 90 40.57 30.08 -6.55
N ASP D 91 40.48 31.41 -6.50
CA ASP D 91 39.20 32.10 -6.63
C ASP D 91 38.97 32.40 -8.10
N MET D 92 38.10 31.61 -8.74
CA MET D 92 37.81 31.73 -10.16
C MET D 92 36.45 32.38 -10.36
N LYS D 93 36.22 32.84 -11.58
CA LYS D 93 34.93 33.40 -11.98
C LYS D 93 34.37 32.56 -13.11
N LEU D 94 33.10 32.20 -13.01
CA LEU D 94 32.40 31.54 -14.08
C LEU D 94 31.58 32.58 -14.85
N ALA D 95 31.92 32.79 -16.12
CA ALA D 95 31.14 33.65 -17.00
C ALA D 95 30.13 32.77 -17.71
N LEU D 96 28.86 32.83 -17.28
CA LEU D 96 27.84 31.92 -17.79
C LEU D 96 27.63 32.11 -19.30
N ASP D 97 27.41 30.99 -19.99
CA ASP D 97 27.16 30.99 -21.43
C ASP D 97 25.70 30.71 -21.72
N PRO D 98 24.91 31.72 -22.08
CA PRO D 98 23.45 31.52 -22.20
C PRO D 98 23.06 30.49 -23.25
N SER D 99 23.88 30.31 -24.29
CA SER D 99 23.57 29.32 -25.31
C SER D 99 23.72 27.89 -24.82
N THR D 100 24.28 27.67 -23.64
CA THR D 100 24.41 26.33 -23.08
C THR D 100 23.29 25.99 -22.10
N PHE D 101 22.27 26.82 -22.00
CA PHE D 101 21.18 26.61 -21.04
C PHE D 101 20.22 25.55 -21.57
N ARG D 102 19.99 24.50 -20.77
CA ARG D 102 19.10 23.40 -21.20
C ARG D 102 18.35 22.81 -20.03
N ILE D 103 17.02 22.75 -20.18
CA ILE D 103 16.15 22.18 -19.16
C ILE D 103 16.37 20.67 -19.06
N LEU D 104 16.52 20.17 -17.79
CA LEU D 104 16.74 18.76 -17.45
C LEU D 104 15.42 17.99 -17.43
N PRO D 105 15.46 16.68 -17.80
CA PRO D 105 14.23 15.94 -18.13
C PRO D 105 13.49 15.32 -16.95
N TRP D 106 13.39 16.08 -15.85
CA TRP D 106 12.58 15.66 -14.73
C TRP D 106 11.99 16.92 -14.12
N ARG D 107 10.73 16.80 -13.65
CA ARG D 107 10.00 17.94 -13.09
C ARG D 107 9.73 17.64 -11.63
N PRO D 108 10.58 18.13 -10.73
CA PRO D 108 10.30 18.02 -9.30
C PRO D 108 9.03 18.78 -8.93
N ALA D 109 8.42 18.37 -7.80
CA ALA D 109 7.31 19.15 -7.27
C ALA D 109 7.72 20.59 -7.06
N THR D 110 8.98 20.80 -6.68
CA THR D 110 9.50 22.13 -6.43
C THR D 110 9.56 22.99 -7.70
N GLY D 111 9.87 22.39 -8.87
CA GLY D 111 9.87 23.15 -10.12
C GLY D 111 10.89 22.63 -11.11
N ALA D 112 10.96 23.21 -12.31
CA ALA D 112 11.88 22.68 -13.31
C ALA D 112 13.33 22.99 -12.96
N VAL D 113 14.24 22.15 -13.46
CA VAL D 113 15.68 22.28 -13.25
C VAL D 113 16.37 22.36 -14.60
N ALA D 114 17.42 23.16 -14.69
CA ALA D 114 18.20 23.29 -15.92
C ALA D 114 19.69 23.17 -15.59
N ARG D 115 20.50 22.97 -16.64
CA ARG D 115 21.94 23.10 -16.53
C ARG D 115 22.41 24.27 -17.38
N ILE D 116 23.60 24.77 -17.05
CA ILE D 116 24.26 25.80 -17.85
C ILE D 116 25.77 25.63 -17.67
N LEU D 117 26.53 26.08 -18.66
CA LEU D 117 28.00 25.99 -18.62
C LEU D 117 28.61 27.38 -18.77
N GLY D 118 29.93 27.46 -18.72
CA GLY D 118 30.54 28.77 -18.86
C GLY D 118 32.05 28.71 -19.04
N ASP D 119 32.66 29.88 -19.06
CA ASP D 119 34.10 30.04 -19.17
C ASP D 119 34.65 30.49 -17.84
N VAL D 120 35.72 29.85 -17.40
CA VAL D 120 36.33 30.10 -16.11
C VAL D 120 37.46 31.11 -16.29
N TYR D 121 37.43 32.17 -15.50
CA TYR D 121 38.42 33.23 -15.59
C TYR D 121 39.16 33.37 -14.27
N LEU D 122 40.44 33.70 -14.38
CA LEU D 122 41.28 34.05 -13.25
C LEU D 122 40.98 35.48 -12.80
N PRO D 123 41.39 35.86 -11.60
CA PRO D 123 41.01 37.19 -11.07
C PRO D 123 41.50 38.34 -11.90
N ASP D 124 42.58 38.17 -12.67
CA ASP D 124 43.10 39.21 -13.55
C ASP D 124 42.37 39.30 -14.87
N GLY D 125 41.31 38.51 -15.09
CA GLY D 125 40.57 38.54 -16.34
C GLY D 125 41.09 37.65 -17.44
N ASN D 126 42.13 36.85 -17.16
CA ASN D 126 42.58 35.92 -18.19
C ASN D 126 41.92 34.56 -17.98
N PRO D 127 41.60 33.86 -19.07
CA PRO D 127 40.99 32.53 -18.94
C PRO D 127 41.90 31.59 -18.17
N PHE D 128 41.28 30.78 -17.32
CA PHE D 128 41.99 29.71 -16.60
C PHE D 128 42.30 28.56 -17.55
N LYS D 129 43.60 28.27 -17.74
CA LYS D 129 44.03 27.26 -18.70
C LYS D 129 43.80 25.84 -18.24
N GLY D 130 43.51 25.63 -16.96
CA GLY D 130 43.32 24.31 -16.41
C GLY D 130 41.94 23.72 -16.55
N ASP D 131 40.98 24.47 -17.10
CA ASP D 131 39.67 23.89 -17.36
C ASP D 131 39.78 22.99 -18.58
N PRO D 132 39.34 21.74 -18.48
CA PRO D 132 39.36 20.87 -19.66
C PRO D 132 38.64 21.48 -20.86
N ARG D 133 37.57 22.25 -20.63
CA ARG D 133 36.79 22.82 -21.73
C ARG D 133 37.59 23.85 -22.49
N TYR D 134 38.40 24.64 -21.79
CA TYR D 134 39.32 25.57 -22.45
C TYR D 134 40.35 24.80 -23.29
N VAL D 135 40.83 23.67 -22.77
CA VAL D 135 41.78 22.84 -23.49
C VAL D 135 41.21 22.41 -24.84
N LEU D 136 39.94 21.96 -24.85
CA LEU D 136 39.30 21.62 -26.11
C LEU D 136 39.14 22.85 -27.00
N LYS D 137 38.74 23.98 -26.42
CA LYS D 137 38.58 25.21 -27.20
C LYS D 137 39.88 25.65 -27.86
N THR D 138 41.04 25.36 -27.25
CA THR D 138 42.30 25.71 -27.93
C THR D 138 42.57 24.78 -29.11
N ALA D 139 42.20 23.50 -28.99
CA ALA D 139 42.30 22.63 -30.16
C ALA D 139 41.35 23.07 -31.26
N ILE D 140 40.16 23.52 -30.87
CA ILE D 140 39.19 24.06 -31.82
C ILE D 140 39.78 25.26 -32.55
N LYS D 141 40.47 26.13 -31.81
CA LYS D 141 41.11 27.31 -32.37
C LYS D 141 42.25 26.94 -33.31
N GLU D 142 42.96 25.86 -33.03
CA GLU D 142 44.01 25.39 -33.92
C GLU D 142 43.43 24.85 -35.22
N ALA D 143 42.44 23.97 -35.13
CA ALA D 143 41.75 23.50 -36.31
C ALA D 143 41.18 24.66 -37.10
N GLU D 144 40.72 25.70 -36.41
CA GLU D 144 40.15 26.83 -37.14
C GLU D 144 41.25 27.64 -37.84
N LYS D 145 42.44 27.76 -37.23
CA LYS D 145 43.56 28.40 -37.91
C LYS D 145 43.93 27.68 -39.21
N MET D 146 43.64 26.40 -39.33
CA MET D 146 43.84 25.65 -40.56
C MET D 146 42.59 25.57 -41.43
N GLY D 147 41.49 26.21 -41.02
CA GLY D 147 40.27 26.21 -41.80
C GLY D 147 39.34 25.03 -41.59
N PHE D 148 39.42 24.36 -40.45
CA PHE D 148 38.69 23.12 -40.20
C PHE D 148 37.79 23.26 -38.99
N SER D 149 36.77 22.40 -38.95
CA SER D 149 35.99 22.19 -37.74
C SER D 149 35.76 20.69 -37.58
N MET D 150 35.68 20.23 -36.34
CA MET D 150 35.59 18.81 -36.05
C MET D 150 34.19 18.47 -35.55
N ASN D 151 33.64 17.38 -36.09
CA ASN D 151 32.42 16.76 -35.59
C ASN D 151 32.79 15.49 -34.85
N VAL D 152 31.97 15.10 -33.89
CA VAL D 152 32.12 13.83 -33.21
C VAL D 152 30.75 13.19 -33.04
N GLY D 153 30.68 11.88 -33.22
CA GLY D 153 29.60 11.09 -32.70
C GLY D 153 30.13 10.03 -31.76
N PRO D 154 29.90 10.22 -30.46
CA PRO D 154 30.28 9.18 -29.50
C PRO D 154 29.23 8.08 -29.43
N GLU D 155 29.68 6.92 -28.98
CA GLU D 155 28.84 5.76 -28.76
C GLU D 155 29.06 5.32 -27.32
N LEU D 156 28.06 5.55 -26.46
CA LEU D 156 28.20 5.31 -25.02
C LEU D 156 27.61 3.96 -24.67
N GLU D 157 28.49 3.01 -24.36
CA GLU D 157 28.07 1.74 -23.79
C GLU D 157 27.99 1.88 -22.28
N PHE D 158 27.06 1.13 -21.69
CA PHE D 158 26.89 1.13 -20.24
C PHE D 158 26.17 -0.14 -19.82
N PHE D 159 26.13 -0.35 -18.51
CA PHE D 159 25.49 -1.51 -17.90
C PHE D 159 24.33 -1.02 -17.04
N LEU D 160 23.22 -1.77 -17.08
CA LEU D 160 22.06 -1.50 -16.24
C LEU D 160 22.00 -2.59 -15.18
N PHE D 161 22.29 -2.23 -13.94
CA PHE D 161 22.31 -3.17 -12.83
C PHE D 161 21.12 -2.93 -11.92
N LYS D 162 20.98 -3.83 -10.93
CA LYS D 162 19.99 -3.69 -9.88
C LYS D 162 20.60 -2.97 -8.68
N LEU D 163 19.75 -2.29 -7.92
CA LEU D 163 20.16 -1.80 -6.62
C LEU D 163 19.94 -2.87 -5.57
N ASP D 164 20.80 -2.91 -4.55
CA ASP D 164 20.50 -3.86 -3.48
C ASP D 164 19.44 -3.26 -2.55
N ALA D 165 19.11 -4.02 -1.48
CA ALA D 165 17.99 -3.66 -0.62
C ALA D 165 18.15 -2.31 0.04
N ASN D 166 19.38 -1.81 0.15
CA ASN D 166 19.65 -0.50 0.71
C ASN D 166 19.74 0.59 -0.36
N GLY D 167 19.48 0.28 -1.62
CA GLY D 167 19.63 1.29 -2.63
C GLY D 167 21.05 1.50 -3.11
N ASN D 168 21.97 0.63 -2.73
CA ASN D 168 23.33 0.75 -3.20
C ASN D 168 23.49 0.14 -4.59
N PRO D 169 24.45 0.64 -5.37
CA PRO D 169 24.80 0.02 -6.64
C PRO D 169 25.36 -1.40 -6.45
N THR D 170 25.05 -2.27 -7.43
CA THR D 170 25.58 -3.64 -7.46
C THR D 170 25.98 -3.97 -8.89
N THR D 171 26.45 -5.20 -9.10
CA THR D 171 26.62 -5.76 -10.44
C THR D 171 25.58 -6.82 -10.76
N GLU D 172 24.48 -6.85 -10.01
CA GLU D 172 23.42 -7.81 -10.29
C GLU D 172 22.77 -7.51 -11.65
N LEU D 173 22.67 -8.55 -12.47
CA LEU D 173 22.15 -8.39 -13.81
C LEU D 173 20.66 -8.06 -13.82
N THR D 174 20.25 -7.33 -14.85
CA THR D 174 18.85 -7.10 -15.16
C THR D 174 18.36 -7.94 -16.33
N ASP D 175 19.25 -8.47 -17.15
CA ASP D 175 18.88 -9.44 -18.17
C ASP D 175 20.12 -10.27 -18.50
N GLN D 176 19.91 -11.30 -19.31
CA GLN D 176 21.01 -12.12 -19.82
C GLN D 176 21.08 -12.08 -21.34
N GLY D 177 20.50 -11.05 -21.96
CA GLY D 177 20.52 -10.94 -23.41
C GLY D 177 21.92 -10.70 -23.94
N GLY D 178 22.02 -10.80 -25.26
CA GLY D 178 23.26 -10.54 -25.95
C GLY D 178 23.09 -9.43 -26.96
N TYR D 179 23.95 -9.43 -27.97
CA TYR D 179 24.08 -8.39 -28.99
C TYR D 179 22.81 -8.16 -29.80
N PHE D 180 22.18 -6.98 -29.64
CA PHE D 180 20.99 -6.52 -30.33
C PHE D 180 19.74 -7.32 -29.97
N ASP D 181 19.81 -8.22 -28.99
CA ASP D 181 18.60 -8.88 -28.52
C ASP D 181 17.55 -7.85 -28.14
N PHE D 182 16.28 -8.18 -28.40
CA PHE D 182 15.19 -7.37 -27.84
C PHE D 182 15.05 -7.78 -26.39
N ALA D 183 15.84 -7.15 -25.53
CA ALA D 183 15.89 -7.46 -24.10
C ALA D 183 16.31 -6.19 -23.39
N PRO D 184 15.89 -6.00 -22.13
CA PRO D 184 14.95 -6.78 -21.32
C PRO D 184 13.48 -6.61 -21.73
N LEU D 185 12.62 -7.50 -21.25
CA LEU D 185 11.17 -7.46 -21.50
C LEU D 185 10.34 -7.38 -20.22
N ASP D 186 10.98 -7.20 -19.07
CA ASP D 186 10.31 -7.00 -17.80
C ASP D 186 10.25 -5.52 -17.45
N ARG D 187 10.19 -5.22 -16.15
CA ARG D 187 10.18 -3.84 -15.69
C ARG D 187 11.33 -3.01 -16.28
N ALA D 188 12.53 -3.59 -16.40
CA ALA D 188 13.67 -2.87 -16.96
C ALA D 188 13.45 -2.45 -18.40
N GLN D 189 12.56 -3.12 -19.13
CA GLN D 189 12.17 -2.66 -20.46
C GLN D 189 11.66 -1.22 -20.40
N ASP D 190 10.92 -0.88 -19.34
CA ASP D 190 10.37 0.45 -19.22
C ASP D 190 11.43 1.49 -18.83
N VAL D 191 12.36 1.10 -17.97
CA VAL D 191 13.46 1.99 -17.57
C VAL D 191 14.33 2.36 -18.77
N ARG D 192 14.67 1.37 -19.62
CA ARG D 192 15.46 1.63 -20.80
C ARG D 192 14.77 2.60 -21.74
N ARG D 193 13.45 2.44 -21.94
CA ARG D 193 12.69 3.37 -22.77
C ARG D 193 12.68 4.75 -22.16
N ASP D 194 12.52 4.82 -20.83
CA ASP D 194 12.55 6.10 -20.11
C ASP D 194 13.85 6.85 -20.36
N ILE D 195 14.98 6.14 -20.28
CA ILE D 195 16.27 6.78 -20.52
C ILE D 195 16.35 7.33 -21.95
N ASP D 196 15.91 6.54 -22.94
CA ASP D 196 15.89 7.03 -24.32
C ASP D 196 15.01 8.26 -24.46
N TYR D 197 13.79 8.19 -23.95
CA TYR D 197 12.86 9.30 -24.07
C TYR D 197 13.40 10.56 -23.40
N ALA D 198 14.03 10.42 -22.23
CA ALA D 198 14.49 11.61 -21.52
C ALA D 198 15.55 12.36 -22.32
N LEU D 199 16.49 11.63 -22.92
CA LEU D 199 17.55 12.25 -23.70
C LEU D 199 17.01 12.89 -24.97
N GLU D 200 16.11 12.19 -25.67
CA GLU D 200 15.60 12.71 -26.93
C GLU D 200 14.84 14.00 -26.69
N HIS D 201 14.04 14.04 -25.64
CA HIS D 201 13.21 15.23 -25.46
C HIS D 201 13.88 16.29 -24.61
N MET D 202 15.05 16.00 -24.02
CA MET D 202 16.02 17.03 -23.65
C MET D 202 16.56 17.77 -24.85
N GLY D 203 16.56 17.14 -26.02
CA GLY D 203 17.19 17.68 -27.21
C GLY D 203 18.46 16.98 -27.66
N PHE D 204 18.74 15.77 -27.19
CA PHE D 204 19.96 15.08 -27.62
C PHE D 204 19.94 14.72 -29.11
N GLN D 205 18.81 14.25 -29.63
CA GLN D 205 18.73 13.67 -30.97
C GLN D 205 19.61 12.42 -31.08
N ILE D 206 19.18 11.39 -30.36
CA ILE D 206 19.75 10.05 -30.48
C ILE D 206 19.49 9.50 -31.88
N GLU D 207 20.46 8.76 -32.42
CA GLU D 207 20.20 8.07 -33.68
C GLU D 207 19.68 6.65 -33.48
N ALA D 208 20.08 5.97 -32.41
CA ALA D 208 19.75 4.56 -32.21
C ALA D 208 20.18 4.12 -30.82
N SER D 209 19.63 2.99 -30.39
CA SER D 209 20.11 2.33 -29.19
C SER D 209 19.89 0.84 -29.33
N HIS D 210 20.78 0.06 -28.73
CA HIS D 210 20.63 -1.38 -28.81
C HIS D 210 21.15 -2.02 -27.54
N HIS D 211 20.82 -3.30 -27.38
CA HIS D 211 21.47 -4.13 -26.38
C HIS D 211 22.84 -4.51 -26.91
N GLU D 212 23.83 -4.48 -26.04
CA GLU D 212 25.19 -4.73 -26.45
C GLU D 212 25.53 -6.19 -26.13
N VAL D 213 26.82 -6.57 -26.24
CA VAL D 213 27.21 -7.97 -26.26
C VAL D 213 27.02 -8.63 -24.88
N ALA D 214 27.34 -7.92 -23.82
CA ALA D 214 27.34 -8.54 -22.52
C ALA D 214 25.95 -8.50 -21.89
N PRO D 215 25.66 -9.42 -20.97
CA PRO D 215 24.38 -9.36 -20.24
C PRO D 215 24.19 -8.00 -19.58
N SER D 216 22.99 -7.45 -19.71
CA SER D 216 22.60 -6.18 -19.13
C SER D 216 23.32 -4.98 -19.74
N GLN D 217 24.04 -5.15 -20.85
CA GLN D 217 24.79 -4.05 -21.46
C GLN D 217 23.99 -3.37 -22.57
N HIS D 218 24.25 -2.08 -22.77
CA HIS D 218 23.47 -1.23 -23.67
C HIS D 218 24.38 -0.22 -24.36
N GLU D 219 23.93 0.27 -25.51
CA GLU D 219 24.63 1.34 -26.23
C GLU D 219 23.64 2.33 -26.80
N ILE D 220 23.89 3.61 -26.55
CA ILE D 220 23.13 4.71 -27.16
C ILE D 220 24.08 5.49 -28.06
N ASP D 221 23.65 5.71 -29.30
CA ASP D 221 24.49 6.34 -30.31
C ASP D 221 24.04 7.78 -30.53
N PHE D 222 24.91 8.73 -30.19
CA PHE D 222 24.68 10.16 -30.37
C PHE D 222 24.63 10.54 -31.85
N ARG D 223 23.93 11.63 -32.14
CA ARG D 223 24.04 12.26 -33.44
C ARG D 223 25.43 12.86 -33.61
N PHE D 224 25.95 12.78 -34.83
CA PHE D 224 27.16 13.51 -35.20
C PHE D 224 26.94 15.01 -34.97
N GLY D 225 27.95 15.69 -34.46
CA GLY D 225 27.71 17.09 -34.13
C GLY D 225 28.99 17.82 -33.84
N ASP D 226 28.86 19.15 -33.76
CA ASP D 226 29.94 20.05 -33.35
C ASP D 226 30.65 19.49 -32.13
N VAL D 227 31.98 19.58 -32.10
CA VAL D 227 32.69 18.84 -31.06
C VAL D 227 32.47 19.46 -29.67
N LEU D 228 32.38 20.79 -29.57
CA LEU D 228 32.23 21.41 -28.25
C LEU D 228 30.90 21.02 -27.61
N CYS D 229 29.82 21.13 -28.39
CA CYS D 229 28.49 20.79 -27.90
C CYS D 229 28.39 19.30 -27.64
N THR D 230 29.12 18.48 -28.41
CA THR D 230 29.15 17.04 -28.17
C THR D 230 29.79 16.71 -26.81
N ALA D 231 30.97 17.27 -26.55
CA ALA D 231 31.63 17.02 -25.26
C ALA D 231 30.77 17.51 -24.11
N ASP D 232 30.13 18.68 -24.28
CA ASP D 232 29.19 19.17 -23.29
C ASP D 232 28.08 18.15 -23.03
N ASN D 233 27.57 17.53 -24.12
CA ASN D 233 26.45 16.60 -24.05
C ASN D 233 26.83 15.27 -23.44
N VAL D 234 28.07 14.80 -23.65
CA VAL D 234 28.52 13.55 -23.03
C VAL D 234 28.50 13.67 -21.52
N VAL D 235 28.92 14.82 -20.97
CA VAL D 235 28.86 15.04 -19.52
C VAL D 235 27.42 15.05 -19.03
N THR D 236 26.55 15.78 -19.72
CA THR D 236 25.14 15.81 -19.32
C THR D 236 24.51 14.42 -19.38
N PHE D 237 24.81 13.67 -20.45
CA PHE D 237 24.30 12.31 -20.60
C PHE D 237 24.61 11.45 -19.36
N LYS D 238 25.79 11.60 -18.78
CA LYS D 238 26.21 10.69 -17.73
C LYS D 238 25.32 10.79 -16.49
N TYR D 239 24.97 12.01 -16.08
CA TYR D 239 24.20 12.13 -14.86
C TYR D 239 22.69 12.11 -15.10
N VAL D 240 22.23 12.50 -16.28
CA VAL D 240 20.82 12.29 -16.60
C VAL D 240 20.50 10.80 -16.60
N VAL D 241 21.36 10.00 -17.23
CA VAL D 241 21.14 8.56 -17.29
C VAL D 241 21.19 7.95 -15.89
N LYS D 242 22.13 8.38 -15.05
CA LYS D 242 22.22 7.81 -13.71
C LYS D 242 21.01 8.20 -12.86
N SER D 243 20.56 9.45 -12.94
CA SER D 243 19.43 9.90 -12.15
C SER D 243 18.14 9.19 -12.57
N ILE D 244 17.92 9.01 -13.89
CA ILE D 244 16.74 8.28 -14.36
C ILE D 244 16.75 6.86 -13.83
N ALA D 245 17.89 6.18 -13.95
CA ALA D 245 17.94 4.78 -13.52
C ALA D 245 17.75 4.66 -12.01
N TYR D 246 18.44 5.51 -11.23
CA TYR D 246 18.29 5.53 -9.77
C TYR D 246 16.83 5.72 -9.37
N HIS D 247 16.19 6.73 -9.93
CA HIS D 247 14.82 7.02 -9.54
C HIS D 247 13.86 5.91 -9.94
N LYS D 248 14.22 5.04 -10.90
CA LYS D 248 13.40 3.87 -11.22
C LYS D 248 13.82 2.63 -10.46
N GLY D 249 14.84 2.69 -9.61
CA GLY D 249 15.28 1.54 -8.85
C GLY D 249 16.42 0.73 -9.44
N TYR D 250 17.15 1.25 -10.42
CA TYR D 250 18.21 0.56 -11.13
C TYR D 250 19.49 1.37 -11.05
N TYR D 251 20.60 0.82 -11.54
CA TYR D 251 21.87 1.54 -11.56
C TYR D 251 22.50 1.48 -12.94
N ALA D 252 22.88 2.66 -13.48
CA ALA D 252 23.62 2.76 -14.73
C ALA D 252 25.09 2.97 -14.40
N SER D 253 25.92 2.05 -14.87
CA SER D 253 27.34 2.02 -14.56
C SER D 253 28.11 2.35 -15.82
N PHE D 254 29.03 3.32 -15.72
CA PHE D 254 29.96 3.62 -16.79
C PHE D 254 31.37 3.08 -16.52
N MET D 255 31.50 2.13 -15.58
CA MET D 255 32.77 1.43 -15.40
C MET D 255 33.20 0.80 -16.73
N PRO D 256 34.49 0.86 -17.07
CA PRO D 256 34.96 0.15 -18.27
C PRO D 256 34.81 -1.37 -18.19
N LYS D 257 34.99 -1.97 -17.01
CA LYS D 257 35.02 -3.43 -16.88
C LYS D 257 34.48 -3.82 -15.52
N PRO D 258 33.16 -3.72 -15.32
CA PRO D 258 32.62 -4.10 -14.01
C PRO D 258 32.68 -5.59 -13.74
N LEU D 259 32.63 -6.42 -14.80
CA LEU D 259 32.52 -7.86 -14.68
C LEU D 259 33.60 -8.52 -15.53
N PHE D 260 34.41 -9.38 -14.89
CA PHE D 260 35.35 -10.24 -15.61
C PHE D 260 34.59 -11.22 -16.50
N GLY D 261 35.14 -11.54 -17.66
CA GLY D 261 34.61 -12.66 -18.42
C GLY D 261 33.51 -12.30 -19.37
N VAL D 262 33.06 -11.06 -19.37
CA VAL D 262 32.12 -10.56 -20.35
C VAL D 262 32.68 -9.22 -20.83
N ASN D 263 32.10 -8.71 -21.92
CA ASN D 263 32.58 -7.48 -22.53
C ASN D 263 32.57 -6.29 -21.57
N GLY D 264 33.58 -5.43 -21.72
CA GLY D 264 33.58 -4.14 -21.07
C GLY D 264 32.82 -3.10 -21.86
N SER D 265 32.90 -1.86 -21.40
CA SER D 265 32.21 -0.73 -22.04
C SER D 265 33.24 0.21 -22.62
N GLY D 266 33.01 0.66 -23.85
CA GLY D 266 33.84 1.66 -24.49
C GLY D 266 33.06 2.90 -24.87
N MET D 267 33.79 3.90 -25.38
CA MET D 267 33.22 5.10 -25.98
C MET D 267 33.92 5.31 -27.31
N HIS D 268 33.47 4.61 -28.35
CA HIS D 268 34.03 4.79 -29.70
C HIS D 268 33.71 6.19 -30.18
N SER D 269 34.70 6.83 -30.78
CA SER D 269 34.57 8.24 -31.17
C SER D 269 34.70 8.37 -32.68
N ASN D 270 33.56 8.34 -33.38
CA ASN D 270 33.58 8.67 -34.80
C ASN D 270 33.85 10.16 -34.95
N GLN D 271 34.59 10.51 -35.99
CA GLN D 271 34.99 11.91 -36.14
C GLN D 271 35.29 12.21 -37.60
N SER D 272 35.22 13.49 -37.92
CA SER D 272 35.53 13.96 -39.26
C SER D 272 35.81 15.45 -39.17
N LEU D 273 36.51 15.97 -40.17
CA LEU D 273 36.79 17.39 -40.28
C LEU D 273 36.00 17.98 -41.44
N PHE D 274 35.58 19.23 -41.27
CA PHE D 274 34.83 19.94 -42.29
C PHE D 274 35.52 21.26 -42.60
N LYS D 275 35.45 21.65 -43.87
CA LYS D 275 35.91 22.95 -44.34
C LYS D 275 34.66 23.70 -44.82
N ASP D 276 34.08 24.50 -43.93
CA ASP D 276 32.81 25.20 -44.18
C ASP D 276 31.74 24.25 -44.71
N GLY D 277 31.48 23.19 -43.96
CA GLY D 277 30.41 22.25 -44.30
C GLY D 277 30.68 21.30 -45.45
N LYS D 278 31.94 21.11 -45.84
CA LYS D 278 32.31 20.05 -46.79
C LYS D 278 33.21 19.06 -46.05
N ASN D 279 32.82 17.79 -46.05
CA ASN D 279 33.57 16.77 -45.33
C ASN D 279 34.94 16.59 -46.00
N VAL D 280 35.99 16.87 -45.23
CA VAL D 280 37.35 16.86 -45.75
C VAL D 280 37.94 15.46 -45.89
N PHE D 281 37.29 14.45 -45.28
CA PHE D 281 37.71 13.05 -45.40
C PHE D 281 37.18 12.39 -46.66
N TYR D 282 36.28 13.04 -47.37
CA TYR D 282 35.71 12.50 -48.60
C TYR D 282 36.45 13.08 -49.79
N ASP D 283 36.64 12.23 -50.80
CA ASP D 283 37.25 12.59 -52.06
C ASP D 283 36.72 11.60 -53.10
N PRO D 284 35.79 12.02 -53.96
CA PRO D 284 35.11 11.06 -54.83
C PRO D 284 35.97 10.52 -55.94
N ASP D 285 37.18 11.08 -56.10
CA ASP D 285 38.06 10.76 -57.21
C ASP D 285 39.14 9.76 -56.85
N THR D 286 39.06 9.15 -55.66
CA THR D 286 40.04 8.15 -55.26
C THR D 286 39.40 6.77 -55.19
N PRO D 287 40.18 5.70 -55.34
CA PRO D 287 39.58 4.34 -55.34
C PRO D 287 38.82 3.98 -54.08
N THR D 288 39.30 4.38 -52.90
CA THR D 288 38.55 4.18 -51.67
C THR D 288 37.56 5.29 -51.37
N LYS D 289 37.62 6.38 -52.13
CA LYS D 289 36.80 7.59 -51.93
C LYS D 289 37.13 8.28 -50.61
N LEU D 290 38.28 7.99 -50.02
CA LEU D 290 38.81 8.74 -48.88
C LEU D 290 39.85 9.71 -49.39
N SER D 291 39.90 10.89 -48.79
CA SER D 291 40.87 11.89 -49.17
C SER D 291 42.27 11.54 -48.66
N GLN D 292 43.27 12.20 -49.24
CA GLN D 292 44.62 12.10 -48.69
C GLN D 292 44.66 12.64 -47.26
N ASP D 293 44.03 13.79 -47.02
CA ASP D 293 44.10 14.40 -45.69
C ASP D 293 43.42 13.55 -44.62
N ALA D 294 42.50 12.68 -45.02
CA ALA D 294 41.95 11.69 -44.11
C ALA D 294 43.03 10.71 -43.63
N MET D 295 43.83 10.19 -44.58
CA MET D 295 44.88 9.24 -44.22
C MET D 295 45.97 9.87 -43.36
N TYR D 296 46.36 11.11 -43.66
CA TYR D 296 47.30 11.82 -42.80
C TYR D 296 46.72 12.00 -41.40
N TYR D 297 45.42 12.31 -41.31
CA TYR D 297 44.76 12.45 -40.00
C TYR D 297 44.85 11.15 -39.21
N ILE D 298 44.63 10.03 -39.89
CA ILE D 298 44.82 8.72 -39.26
C ILE D 298 46.28 8.52 -38.86
N GLY D 299 47.21 8.91 -39.72
CA GLY D 299 48.61 8.75 -39.38
C GLY D 299 49.01 9.49 -38.13
N GLY D 300 48.51 10.72 -37.96
CA GLY D 300 48.79 11.47 -36.74
C GLY D 300 48.17 10.82 -35.52
N LEU D 301 46.94 10.32 -35.65
CA LEU D 301 46.29 9.65 -34.53
C LEU D 301 47.05 8.40 -34.10
N LEU D 302 47.48 7.59 -35.07
CA LEU D 302 48.23 6.39 -34.72
C LEU D 302 49.62 6.71 -34.18
N LYS D 303 50.18 7.87 -34.53
CA LYS D 303 51.53 8.20 -34.08
C LYS D 303 51.57 8.58 -32.62
N HIS D 304 50.48 9.11 -32.07
CA HIS D 304 50.49 9.66 -30.71
C HIS D 304 49.57 8.94 -29.74
N ILE D 305 48.77 7.97 -30.19
CA ILE D 305 47.75 7.42 -29.31
C ILE D 305 48.37 6.76 -28.07
N ARG D 306 49.58 6.17 -28.19
CA ARG D 306 50.19 5.56 -27.00
C ARG D 306 50.46 6.62 -25.95
N GLU D 307 50.85 7.82 -26.37
CA GLU D 307 51.22 8.88 -25.44
C GLU D 307 50.04 9.49 -24.70
N PHE D 308 48.80 9.27 -25.14
CA PHE D 308 47.68 9.79 -24.35
C PHE D 308 46.61 8.73 -24.10
N THR D 309 46.96 7.45 -24.22
CA THR D 309 46.08 6.38 -23.72
C THR D 309 45.70 6.60 -22.26
N ALA D 310 46.58 7.18 -21.46
CA ALA D 310 46.25 7.50 -20.08
C ALA D 310 45.10 8.48 -19.97
N VAL D 311 44.77 9.19 -21.06
CA VAL D 311 43.64 10.12 -21.06
C VAL D 311 42.36 9.44 -21.53
N THR D 312 42.41 8.73 -22.66
CA THR D 312 41.22 8.03 -23.14
C THR D 312 40.86 6.84 -22.27
N ASN D 313 41.84 6.22 -21.61
CA ASN D 313 41.64 5.02 -20.79
C ASN D 313 42.29 5.33 -19.45
N PRO D 314 41.56 6.01 -18.55
CA PRO D 314 42.18 6.77 -17.48
C PRO D 314 42.30 6.11 -16.11
N VAL D 315 41.68 4.96 -15.87
CA VAL D 315 41.70 4.33 -14.56
C VAL D 315 42.32 2.94 -14.65
N VAL D 316 42.58 2.36 -13.48
CA VAL D 316 43.14 1.00 -13.42
C VAL D 316 42.25 0.04 -14.20
N ASN D 317 40.95 0.09 -13.93
CA ASN D 317 39.96 -0.80 -14.51
C ASN D 317 39.82 -0.65 -16.03
N SER D 318 40.32 0.45 -16.60
CA SER D 318 40.34 0.59 -18.06
C SER D 318 41.14 -0.53 -18.70
N TYR D 319 42.21 -0.96 -18.06
CA TYR D 319 43.11 -1.91 -18.67
C TYR D 319 42.72 -3.35 -18.36
N LYS D 320 41.71 -3.56 -17.51
CA LYS D 320 41.04 -4.86 -17.51
C LYS D 320 40.10 -5.00 -18.70
N ARG D 321 39.61 -3.89 -19.27
CA ARG D 321 38.91 -3.96 -20.57
C ARG D 321 39.89 -4.10 -21.72
N LEU D 322 41.05 -3.44 -21.64
CA LEU D 322 42.07 -3.56 -22.69
C LEU D 322 42.86 -4.86 -22.47
N VAL D 323 42.17 -5.97 -22.75
CA VAL D 323 42.71 -7.33 -22.82
C VAL D 323 42.05 -8.05 -23.98
N PRO D 324 42.65 -9.10 -24.52
CA PRO D 324 42.11 -9.74 -25.73
C PRO D 324 40.85 -10.57 -25.43
N GLY D 325 40.06 -10.80 -26.48
CA GLY D 325 38.91 -11.71 -26.39
C GLY D 325 37.55 -11.06 -26.54
N TYR D 326 37.44 -9.73 -26.62
CA TYR D 326 36.17 -9.01 -26.56
C TYR D 326 36.22 -7.86 -27.58
N GLU D 327 35.24 -6.95 -27.48
CA GLU D 327 35.10 -5.76 -28.34
C GLU D 327 36.23 -4.77 -28.18
N ALA D 328 37.05 -4.91 -27.14
CA ALA D 328 38.12 -3.96 -26.82
C ALA D 328 39.38 -4.23 -27.64
N PRO D 329 39.91 -3.22 -28.33
CA PRO D 329 41.14 -3.40 -29.10
C PRO D 329 42.36 -3.26 -28.19
N VAL D 330 43.47 -3.86 -28.62
CA VAL D 330 44.71 -3.75 -27.84
C VAL D 330 45.89 -3.42 -28.74
N TYR D 331 45.71 -3.50 -30.06
CA TYR D 331 46.81 -3.38 -31.00
C TYR D 331 46.56 -2.17 -31.89
N ILE D 332 47.63 -1.45 -32.17
CA ILE D 332 47.53 -0.17 -32.86
C ILE D 332 47.54 -0.46 -34.36
N SER D 333 46.37 -0.35 -34.97
CA SER D 333 46.21 -0.61 -36.41
C SER D 333 45.00 0.15 -36.92
N TRP D 334 44.94 0.34 -38.24
CA TRP D 334 43.80 0.95 -38.90
C TRP D 334 43.30 0.04 -40.02
N SER D 335 41.99 0.14 -40.31
CA SER D 335 41.36 -0.75 -41.27
C SER D 335 39.94 -0.31 -41.55
N ALA D 336 39.48 -0.60 -42.77
CA ALA D 336 38.06 -0.48 -43.07
C ALA D 336 37.33 -1.79 -42.82
N GLN D 337 37.81 -2.86 -43.45
CA GLN D 337 37.11 -4.14 -43.43
C GLN D 337 37.00 -4.70 -42.01
N ASN D 338 38.11 -4.69 -41.27
CA ASN D 338 38.20 -5.36 -39.98
C ASN D 338 37.52 -4.52 -38.92
N ARG D 339 36.29 -4.92 -38.54
CA ARG D 339 35.51 -4.21 -37.54
C ARG D 339 36.17 -4.17 -36.16
N SER D 340 37.36 -4.74 -35.96
CA SER D 340 38.00 -4.73 -34.64
C SER D 340 39.34 -4.01 -34.58
N SER D 341 39.71 -3.18 -35.57
CA SER D 341 40.96 -2.41 -35.47
C SER D 341 40.82 -1.31 -34.42
N LEU D 342 41.95 -0.74 -34.05
CA LEU D 342 41.92 0.45 -33.20
C LEU D 342 41.19 1.61 -33.89
N ILE D 343 41.56 1.87 -35.14
CA ILE D 343 40.89 2.86 -35.98
C ILE D 343 40.13 2.11 -37.05
N ARG D 344 38.83 2.35 -37.13
CA ARG D 344 37.97 1.68 -38.08
C ARG D 344 37.31 2.73 -38.97
N ILE D 345 37.21 2.43 -40.27
CA ILE D 345 36.64 3.37 -41.23
C ILE D 345 35.34 2.83 -41.79
N PRO D 346 34.17 3.31 -41.33
CA PRO D 346 32.89 2.79 -41.85
C PRO D 346 32.75 2.98 -43.35
N ALA D 347 31.77 2.27 -43.92
CA ALA D 347 31.56 2.28 -45.36
C ALA D 347 30.94 3.58 -45.87
N THR D 348 30.41 4.42 -44.98
CA THR D 348 29.71 5.65 -45.36
C THR D 348 30.64 6.62 -46.07
N ARG D 349 30.12 7.26 -47.11
CA ARG D 349 30.88 8.27 -47.85
C ARG D 349 30.07 9.56 -48.01
N GLY D 350 30.54 10.50 -48.81
CA GLY D 350 29.85 11.77 -48.90
C GLY D 350 30.00 12.56 -47.60
N ASN D 351 28.89 13.15 -47.15
CA ASN D 351 28.95 14.03 -45.97
C ASN D 351 29.30 13.26 -44.70
N GLY D 352 28.93 11.98 -44.64
CA GLY D 352 29.06 11.22 -43.43
C GLY D 352 30.34 10.40 -43.33
N THR D 353 31.37 10.77 -44.08
CA THR D 353 32.64 10.10 -43.99
C THR D 353 33.29 10.39 -42.63
N ARG D 354 33.67 9.32 -41.91
CA ARG D 354 34.19 9.46 -40.56
C ARG D 354 35.16 8.33 -40.30
N ILE D 355 36.02 8.50 -39.29
CA ILE D 355 36.92 7.47 -38.79
C ILE D 355 36.57 7.22 -37.33
N GLU D 356 36.50 5.95 -36.95
CA GLU D 356 36.09 5.55 -35.61
C GLU D 356 37.32 5.13 -34.81
N LEU D 357 37.52 5.75 -33.65
CA LEU D 357 38.56 5.35 -32.72
C LEU D 357 37.89 4.56 -31.60
N ARG D 358 38.34 3.32 -31.41
CA ARG D 358 37.63 2.35 -30.59
C ARG D 358 38.19 2.15 -29.18
N CYS D 359 39.43 2.55 -28.90
CA CYS D 359 39.98 2.29 -27.58
C CYS D 359 39.34 3.04 -26.40
N PRO D 360 38.82 4.28 -26.55
CA PRO D 360 38.41 5.02 -25.34
C PRO D 360 37.30 4.34 -24.56
N ASP D 361 37.30 4.57 -23.24
CA ASP D 361 36.23 4.04 -22.42
C ASP D 361 35.44 5.19 -21.83
N PRO D 362 34.26 4.96 -21.26
CA PRO D 362 33.42 6.10 -20.90
C PRO D 362 33.80 6.78 -19.58
N ALA D 363 34.88 6.37 -18.92
CA ALA D 363 35.34 7.00 -17.69
C ALA D 363 36.21 8.23 -17.95
N CYS D 364 36.47 8.54 -19.21
CA CYS D 364 37.43 9.58 -19.57
C CYS D 364 36.79 10.97 -19.54
N ASN D 365 37.67 11.97 -19.51
CA ASN D 365 37.26 13.35 -19.72
C ASN D 365 37.09 13.57 -21.21
N PRO D 366 35.87 13.72 -21.71
CA PRO D 366 35.70 13.88 -23.16
C PRO D 366 36.38 15.14 -23.71
N TYR D 367 36.47 16.22 -22.92
CA TYR D 367 37.14 17.44 -23.40
C TYR D 367 38.62 17.22 -23.66
N LEU D 368 39.31 16.61 -22.70
CA LEU D 368 40.74 16.33 -22.86
C LEU D 368 40.99 15.31 -23.96
N ALA D 369 40.07 14.36 -24.12
CA ALA D 369 40.26 13.24 -25.02
C ALA D 369 39.91 13.59 -26.47
N PHE D 370 38.83 14.33 -26.69
CA PHE D 370 38.57 14.78 -28.05
C PHE D 370 39.64 15.78 -28.48
N ALA D 371 40.15 16.58 -27.53
CA ALA D 371 41.11 17.62 -27.89
C ALA D 371 42.41 17.01 -28.40
N LEU D 372 42.83 15.89 -27.80
CA LEU D 372 44.08 15.26 -28.19
C LEU D 372 43.94 14.45 -29.46
N MET D 373 42.76 13.88 -29.72
CA MET D 373 42.47 13.31 -31.04
C MET D 373 42.55 14.38 -32.12
N LEU D 374 41.98 15.57 -31.85
CA LEU D 374 42.01 16.63 -32.85
C LEU D 374 43.42 17.16 -33.06
N ARG D 375 44.16 17.38 -31.98
CA ARG D 375 45.53 17.85 -32.11
C ARG D 375 46.40 16.85 -32.84
N ALA D 376 46.22 15.56 -32.56
CA ALA D 376 47.01 14.53 -33.23
C ALA D 376 46.68 14.45 -34.71
N GLY D 377 45.38 14.47 -35.05
CA GLY D 377 45.00 14.44 -36.45
C GLY D 377 45.47 15.66 -37.21
N LEU D 378 45.40 16.85 -36.60
CA LEU D 378 45.87 18.04 -37.29
C LEU D 378 47.38 18.01 -37.50
N GLU D 379 48.13 17.32 -36.65
CA GLU D 379 49.56 17.22 -36.89
C GLU D 379 49.85 16.26 -38.05
N GLY D 380 49.09 15.17 -38.14
CA GLY D 380 49.24 14.26 -39.25
C GLY D 380 48.95 14.92 -40.58
N ILE D 381 47.93 15.77 -40.63
CA ILE D 381 47.62 16.53 -41.84
C ILE D 381 48.71 17.56 -42.13
N LYS D 382 49.22 18.23 -41.09
CA LYS D 382 50.25 19.24 -41.30
C LYS D 382 51.58 18.61 -41.72
N ASN D 383 51.95 17.47 -41.14
CA ASN D 383 53.24 16.85 -41.40
C ASN D 383 53.17 15.75 -42.46
N LYS D 384 52.00 15.50 -43.04
CA LYS D 384 51.84 14.47 -44.07
C LYS D 384 52.26 13.11 -43.53
N ILE D 385 51.69 12.75 -42.38
CA ILE D 385 52.08 11.52 -41.69
C ILE D 385 51.36 10.36 -42.37
N ASP D 386 52.09 9.62 -43.21
CA ASP D 386 51.52 8.43 -43.81
C ASP D 386 51.19 7.39 -42.74
N PRO D 387 49.95 6.90 -42.70
CA PRO D 387 49.57 5.92 -41.67
C PRO D 387 50.05 4.50 -41.91
N GLY D 388 50.70 4.24 -43.04
CA GLY D 388 51.07 2.89 -43.40
C GLY D 388 49.92 2.09 -43.99
N GLU D 389 50.16 0.79 -44.09
CA GLU D 389 49.20 -0.14 -44.64
C GLU D 389 48.11 -0.44 -43.63
N PRO D 390 46.93 -0.84 -44.08
CA PRO D 390 45.89 -1.29 -43.16
C PRO D 390 46.09 -2.75 -42.81
N THR D 391 45.71 -3.11 -41.58
CA THR D 391 45.78 -4.49 -41.12
C THR D 391 44.37 -5.09 -41.21
N ASN D 392 44.20 -6.03 -42.13
CA ASN D 392 42.91 -6.68 -42.36
C ASN D 392 42.81 -8.06 -41.70
N VAL D 393 43.92 -8.60 -41.19
CA VAL D 393 43.89 -9.90 -40.53
C VAL D 393 43.46 -9.73 -39.09
N ASN D 394 43.05 -10.83 -38.48
CA ASN D 394 42.85 -10.87 -37.04
C ASN D 394 44.21 -10.77 -36.36
N ILE D 395 44.41 -9.70 -35.58
CA ILE D 395 45.72 -9.48 -34.98
C ILE D 395 45.94 -10.36 -33.75
N PHE D 396 44.85 -10.78 -33.07
CA PHE D 396 45.04 -11.68 -31.93
C PHE D 396 45.68 -13.00 -32.36
N HIS D 397 45.24 -13.59 -33.49
CA HIS D 397 45.73 -14.89 -33.90
C HIS D 397 47.16 -14.85 -34.43
N LEU D 398 47.80 -13.71 -34.55
CA LEU D 398 49.16 -13.66 -35.08
C LEU D 398 50.19 -13.95 -33.98
N SER D 399 51.42 -14.18 -34.41
CA SER D 399 52.54 -14.36 -33.51
C SER D 399 53.24 -13.04 -33.29
N ASP D 400 54.16 -13.03 -32.32
CA ASP D 400 54.95 -11.83 -32.07
C ASP D 400 55.78 -11.43 -33.28
N LYS D 401 56.44 -12.41 -33.92
CA LYS D 401 57.32 -12.10 -35.05
C LYS D 401 56.53 -11.52 -36.22
N GLU D 402 55.36 -12.11 -36.51
CA GLU D 402 54.46 -11.55 -37.51
C GLU D 402 54.07 -10.12 -37.14
N ARG D 403 53.61 -9.93 -35.90
CA ARG D 403 53.32 -8.58 -35.44
C ARG D 403 54.57 -7.70 -35.49
N GLU D 404 55.72 -8.23 -35.04
CA GLU D 404 56.96 -7.48 -35.17
C GLU D 404 57.28 -7.19 -36.62
N GLU D 405 57.16 -8.20 -37.49
CA GLU D 405 57.37 -7.98 -38.92
C GLU D 405 56.41 -6.94 -39.45
N ARG D 406 55.13 -7.01 -39.03
CA ARG D 406 54.20 -5.96 -39.42
C ARG D 406 54.46 -4.65 -38.70
N GLY D 407 55.35 -4.64 -37.69
CA GLY D 407 55.49 -3.47 -36.86
C GLY D 407 54.28 -3.13 -36.04
N ILE D 408 53.42 -4.11 -35.75
CA ILE D 408 52.17 -3.87 -35.06
C ILE D 408 52.47 -3.74 -33.57
N ARG D 409 52.40 -2.52 -33.06
CA ARG D 409 52.60 -2.26 -31.66
C ARG D 409 51.28 -2.37 -30.91
N SER D 410 51.41 -2.50 -29.59
CA SER D 410 50.26 -2.65 -28.73
C SER D 410 50.14 -1.43 -27.81
N LEU D 411 48.92 -1.20 -27.33
CA LEU D 411 48.68 -0.11 -26.40
C LEU D 411 49.30 -0.44 -25.04
N PRO D 412 49.51 0.56 -24.19
CA PRO D 412 49.99 0.29 -22.82
C PRO D 412 49.11 -0.74 -22.12
N ALA D 413 49.75 -1.63 -21.36
CA ALA D 413 49.04 -2.75 -20.75
C ALA D 413 48.38 -2.42 -19.43
N ASP D 414 48.80 -1.35 -18.76
CA ASP D 414 48.19 -0.99 -17.49
C ASP D 414 48.40 0.50 -17.30
N LEU D 415 47.76 1.04 -16.27
CA LEU D 415 47.75 2.50 -16.11
C LEU D 415 49.15 3.04 -15.88
N LYS D 416 49.98 2.35 -15.09
CA LYS D 416 51.35 2.81 -14.88
C LYS D 416 52.07 2.91 -16.20
N GLU D 417 51.92 1.91 -17.05
CA GLU D 417 52.59 1.91 -18.34
C GLU D 417 52.08 3.04 -19.23
N ALA D 418 50.78 3.34 -19.14
CA ALA D 418 50.21 4.46 -19.87
C ALA D 418 50.73 5.80 -19.36
N ILE D 419 50.86 5.92 -18.03
CA ILE D 419 51.36 7.15 -17.41
C ILE D 419 52.77 7.46 -17.89
N ASP D 420 53.66 6.47 -17.82
CA ASP D 420 55.04 6.68 -18.26
C ASP D 420 55.10 7.16 -19.71
N GLU D 421 54.31 6.55 -20.60
CA GLU D 421 54.27 7.00 -21.98
C GLU D 421 53.90 8.48 -22.07
N MET D 422 52.85 8.87 -21.32
CA MET D 422 52.40 10.26 -21.31
C MET D 422 53.45 11.17 -20.70
N LYS D 423 54.18 10.67 -19.71
CA LYS D 423 55.16 11.48 -19.00
C LYS D 423 56.21 12.00 -19.96
N GLY D 424 56.66 11.17 -20.88
CA GLY D 424 57.74 11.57 -21.76
C GLY D 424 57.31 12.31 -23.01
N SER D 425 56.05 12.74 -23.10
CA SER D 425 55.48 13.20 -24.36
C SER D 425 55.33 14.70 -24.36
N LYS D 426 56.07 15.38 -25.22
CA LYS D 426 55.88 16.81 -25.35
C LYS D 426 54.70 17.17 -26.24
N PHE D 427 54.29 16.28 -27.15
CA PHE D 427 53.05 16.50 -27.87
C PHE D 427 51.88 16.63 -26.88
N VAL D 428 51.71 15.64 -26.01
CA VAL D 428 50.61 15.71 -25.05
C VAL D 428 50.78 16.89 -24.13
N LYS D 429 52.00 17.16 -23.67
CA LYS D 429 52.22 18.30 -22.79
C LYS D 429 51.84 19.61 -23.47
N GLU D 430 52.22 19.79 -24.73
CA GLU D 430 51.88 21.02 -25.43
C GLU D 430 50.37 21.15 -25.64
N ALA D 431 49.72 20.06 -26.08
CA ALA D 431 48.29 20.06 -26.35
C ALA D 431 47.45 20.36 -25.11
N LEU D 432 47.84 19.80 -23.96
CA LEU D 432 47.07 19.94 -22.72
C LEU D 432 47.43 21.18 -21.91
N GLY D 433 48.64 21.69 -22.04
CA GLY D 433 49.17 22.72 -21.17
C GLY D 433 49.81 22.14 -19.93
N GLU D 434 50.84 22.82 -19.44
CA GLU D 434 51.63 22.28 -18.34
C GLU D 434 50.79 22.06 -17.08
N HIS D 435 49.87 22.99 -16.78
CA HIS D 435 48.99 22.84 -15.62
C HIS D 435 48.26 21.50 -15.66
N VAL D 436 47.52 21.28 -16.74
CA VAL D 436 46.73 20.05 -16.87
C VAL D 436 47.64 18.83 -16.93
N PHE D 437 48.70 18.92 -17.74
CA PHE D 437 49.62 17.80 -17.91
C PHE D 437 50.11 17.30 -16.56
N SER D 438 50.64 18.21 -15.73
CA SER D 438 51.24 17.78 -14.47
C SER D 438 50.19 17.44 -13.42
N HIS D 439 49.09 18.18 -13.34
CA HIS D 439 48.03 17.79 -12.40
C HIS D 439 47.54 16.39 -12.71
N TYR D 440 47.31 16.10 -13.99
CA TYR D 440 46.78 14.80 -14.40
C TYR D 440 47.72 13.66 -13.99
N LEU D 441 49.01 13.80 -14.32
CA LEU D 441 49.96 12.72 -14.10
C LEU D 441 50.24 12.48 -12.63
N CYS D 442 50.23 13.53 -11.81
CA CYS D 442 50.43 13.32 -10.38
C CYS D 442 49.30 12.48 -9.79
N ALA D 443 48.05 12.90 -10.01
CA ALA D 443 46.90 12.19 -9.44
C ALA D 443 46.79 10.75 -9.95
N LYS D 444 47.07 10.53 -11.23
CA LYS D 444 47.06 9.16 -11.74
C LYS D 444 48.20 8.34 -11.16
N GLU D 445 49.35 8.97 -10.91
CA GLU D 445 50.46 8.29 -10.26
C GLU D 445 50.04 7.82 -8.86
N MET D 446 49.33 8.68 -8.14
CA MET D 446 48.91 8.40 -6.78
C MET D 446 47.90 7.26 -6.74
N GLU D 447 46.98 7.22 -7.72
CA GLU D 447 45.96 6.17 -7.78
C GLU D 447 46.60 4.80 -8.06
N TRP D 448 47.57 4.74 -8.97
CA TRP D 448 48.27 3.50 -9.23
C TRP D 448 49.04 3.03 -7.99
N ASP D 449 49.71 3.95 -7.30
CA ASP D 449 50.43 3.62 -6.07
C ASP D 449 49.50 3.12 -4.99
N GLU D 450 48.24 3.57 -4.99
CA GLU D 450 47.27 3.00 -4.08
C GLU D 450 46.87 1.61 -4.53
N TYR D 451 46.58 1.46 -5.83
CA TYR D 451 46.19 0.15 -6.36
C TYR D 451 47.28 -0.90 -6.16
N LYS D 452 48.53 -0.57 -6.47
CA LYS D 452 49.55 -1.62 -6.59
C LYS D 452 49.80 -2.35 -5.27
N ALA D 453 49.61 -1.68 -4.13
CA ALA D 453 49.95 -2.24 -2.84
C ALA D 453 48.86 -3.11 -2.25
N VAL D 454 47.72 -3.25 -2.92
CA VAL D 454 46.58 -3.96 -2.36
C VAL D 454 46.76 -5.46 -2.53
N VAL D 455 46.44 -6.21 -1.48
CA VAL D 455 46.49 -7.67 -1.53
C VAL D 455 45.09 -8.15 -1.90
N HIS D 456 44.97 -8.74 -3.04
CA HIS D 456 43.61 -8.99 -3.53
C HIS D 456 43.11 -10.37 -3.11
N PRO D 457 41.78 -10.53 -3.03
CA PRO D 457 41.23 -11.85 -2.68
C PRO D 457 41.65 -12.94 -3.65
N TRP D 458 41.95 -12.61 -4.90
CA TRP D 458 42.45 -13.58 -5.87
C TRP D 458 43.80 -14.15 -5.47
N GLU D 459 44.64 -13.33 -4.83
CA GLU D 459 45.94 -13.78 -4.38
C GLU D 459 45.81 -14.84 -3.27
N LEU D 460 44.90 -14.61 -2.32
CA LEU D 460 44.68 -15.58 -1.25
C LEU D 460 44.10 -16.87 -1.80
N SER D 461 43.14 -16.78 -2.71
CA SER D 461 42.62 -17.98 -3.36
C SER D 461 43.72 -18.76 -4.03
N ARG D 462 44.64 -18.07 -4.70
CA ARG D 462 45.66 -18.85 -5.39
C ARG D 462 46.78 -19.31 -4.45
N TYR D 463 47.21 -18.47 -3.51
CA TYR D 463 48.48 -18.74 -2.86
C TYR D 463 48.38 -19.22 -1.41
N LEU D 464 47.25 -19.00 -0.73
CA LEU D 464 47.21 -19.28 0.71
C LEU D 464 47.38 -20.78 0.98
N SER D 465 46.67 -21.60 0.20
CA SER D 465 46.78 -23.05 0.30
C SER D 465 48.15 -23.52 -0.16
N MET D 466 48.73 -22.83 -1.14
CA MET D 466 49.92 -23.31 -1.82
C MET D 466 51.17 -23.02 -1.01
N LEU D 467 51.28 -21.80 -0.47
CA LEU D 467 52.56 -21.35 0.08
C LEU D 467 52.73 -21.58 1.60
N LYS E 25 6.04 40.22 1.84
CA LYS E 25 6.55 41.56 2.11
C LYS E 25 7.11 41.65 3.53
N LYS E 26 7.35 42.88 3.99
CA LYS E 26 7.98 43.15 5.28
C LYS E 26 6.93 43.44 6.35
N CYS E 27 7.00 42.71 7.46
CA CYS E 27 6.13 42.96 8.60
C CYS E 27 6.88 43.88 9.56
N THR E 28 6.34 45.09 9.78
CA THR E 28 6.95 46.07 10.67
C THR E 28 6.27 46.12 12.03
N THR E 29 4.95 46.05 12.05
CA THR E 29 4.15 46.29 13.25
C THR E 29 3.50 45.00 13.71
N LYS E 30 2.91 45.05 14.92
CA LYS E 30 2.11 43.91 15.36
C LYS E 30 0.86 43.78 14.50
N GLU E 31 0.30 44.91 14.05
CA GLU E 31 -0.86 44.89 13.18
C GLU E 31 -0.53 44.21 11.85
N ASP E 32 0.69 44.43 11.34
CA ASP E 32 1.13 43.69 10.16
C ASP E 32 1.15 42.20 10.42
N VAL E 33 1.78 41.79 11.51
CA VAL E 33 1.88 40.37 11.82
C VAL E 33 0.50 39.78 12.03
N LEU E 34 -0.36 40.48 12.78
CA LEU E 34 -1.65 39.90 13.13
C LEU E 34 -2.56 39.78 11.92
N GLU E 35 -2.47 40.71 10.96
CA GLU E 35 -3.21 40.54 9.72
C GLU E 35 -2.68 39.33 8.95
N ALA E 36 -1.36 39.15 8.91
CA ALA E 36 -0.79 38.00 8.21
C ALA E 36 -1.24 36.68 8.83
N VAL E 37 -1.38 36.65 10.16
CA VAL E 37 -1.82 35.41 10.82
C VAL E 37 -3.20 35.01 10.33
N LYS E 38 -4.10 35.99 10.22
CA LYS E 38 -5.45 35.72 9.72
C LYS E 38 -5.40 35.30 8.25
N GLU E 39 -4.72 36.09 7.40
CA GLU E 39 -4.76 35.93 5.95
C GLU E 39 -4.16 34.60 5.47
N ARG E 40 -3.17 34.07 6.18
CA ARG E 40 -2.51 32.84 5.77
C ARG E 40 -2.76 31.69 6.74
N ASP E 41 -3.77 31.85 7.60
CA ASP E 41 -4.30 30.77 8.43
C ASP E 41 -3.23 30.21 9.36
N VAL E 42 -2.46 31.10 9.98
CA VAL E 42 -1.43 30.67 10.92
C VAL E 42 -2.10 30.28 12.24
N LYS E 43 -1.78 29.09 12.75
CA LYS E 43 -2.40 28.57 13.95
C LYS E 43 -1.46 28.44 15.14
N PHE E 44 -0.14 28.41 14.93
CA PHE E 44 0.80 28.31 16.03
C PHE E 44 2.00 29.18 15.75
N ILE E 45 2.47 29.87 16.79
CA ILE E 45 3.67 30.71 16.71
C ILE E 45 4.71 30.10 17.61
N ARG E 46 5.87 29.78 17.04
CA ARG E 46 6.97 29.25 17.82
C ARG E 46 8.00 30.35 18.05
N THR E 47 8.29 30.63 19.32
CA THR E 47 9.34 31.57 19.65
C THR E 47 10.70 30.97 19.33
N GLN E 48 11.72 31.81 19.24
CA GLN E 48 13.02 31.28 18.84
C GLN E 48 14.13 32.01 19.56
N PHE E 49 14.90 31.26 20.37
CA PHE E 49 16.06 31.77 21.10
C PHE E 49 17.02 30.61 21.32
N THR E 50 18.08 30.84 22.11
CA THR E 50 19.09 29.82 22.38
C THR E 50 19.53 29.92 23.83
N ASP E 51 20.11 28.84 24.36
CA ASP E 51 20.65 28.91 25.70
C ASP E 51 22.11 29.38 25.64
N THR E 52 22.77 29.41 26.80
CA THR E 52 24.13 29.94 26.86
C THR E 52 25.09 29.17 25.94
N LEU E 53 24.78 27.91 25.63
CA LEU E 53 25.72 27.05 24.92
C LEU E 53 25.47 26.97 23.41
N GLY E 54 24.32 27.42 22.91
CA GLY E 54 23.99 27.27 21.52
C GLY E 54 22.97 26.19 21.19
N ILE E 55 22.24 25.69 22.19
CA ILE E 55 21.09 24.81 21.96
C ILE E 55 19.91 25.70 21.57
N ILE E 56 19.22 25.33 20.49
CA ILE E 56 18.05 26.08 20.02
C ILE E 56 16.85 25.77 20.92
N LYS E 57 16.16 26.82 21.36
CA LYS E 57 15.07 26.73 22.33
C LYS E 57 13.81 27.32 21.72
N SER E 58 12.66 26.89 22.23
CA SER E 58 11.39 27.36 21.67
C SER E 58 10.25 26.98 22.59
N TRP E 59 9.10 27.63 22.38
CA TRP E 59 7.83 27.11 22.90
C TRP E 59 6.71 27.56 21.98
N ALA E 60 5.57 26.86 22.06
CA ALA E 60 4.48 27.03 21.10
C ALA E 60 3.33 27.85 21.69
N ILE E 61 2.99 28.93 21.01
CA ILE E 61 1.93 29.86 21.37
C ILE E 61 0.80 29.69 20.35
N PRO E 62 -0.41 29.30 20.78
CA PRO E 62 -1.54 29.28 19.84
C PRO E 62 -1.82 30.67 19.30
N ALA E 63 -2.17 30.73 18.02
CA ALA E 63 -2.44 32.02 17.40
C ALA E 63 -3.46 32.82 18.19
N GLU E 64 -4.41 32.14 18.82
CA GLU E 64 -5.37 32.83 19.68
C GLU E 64 -4.66 33.65 20.76
N GLN E 65 -3.49 33.20 21.21
CA GLN E 65 -2.78 33.91 22.29
C GLN E 65 -1.97 35.11 21.80
N LEU E 66 -1.80 35.28 20.48
CA LEU E 66 -0.72 36.12 19.98
C LEU E 66 -0.97 37.61 20.22
N GLU E 67 -2.22 38.05 20.10
CA GLU E 67 -2.51 39.47 20.29
C GLU E 67 -2.14 39.91 21.70
N GLU E 68 -2.52 39.13 22.70
CA GLU E 68 -2.14 39.48 24.07
C GLU E 68 -0.64 39.38 24.27
N ALA E 69 0.01 38.42 23.61
CA ALA E 69 1.46 38.31 23.68
C ALA E 69 2.13 39.59 23.18
N PHE E 70 1.59 40.20 22.12
CA PHE E 70 2.10 41.50 21.68
C PHE E 70 1.75 42.62 22.66
N GLU E 71 0.61 42.51 23.35
CA GLU E 71 0.19 43.60 24.25
C GLU E 71 1.01 43.62 25.52
N ASN E 72 1.22 42.46 26.15
CA ASN E 72 1.74 42.37 27.50
C ASN E 72 3.03 41.60 27.63
N GLY E 73 3.55 41.01 26.55
CA GLY E 73 4.70 40.12 26.65
C GLY E 73 4.29 38.74 27.11
N VAL E 74 5.26 37.83 27.20
CA VAL E 74 4.99 36.46 27.62
C VAL E 74 6.01 36.03 28.67
N MET E 75 5.53 35.64 29.85
CA MET E 75 6.41 35.27 30.94
C MET E 75 6.90 33.85 30.73
N PHE E 76 8.19 33.62 31.01
CA PHE E 76 8.74 32.29 30.83
C PHE E 76 9.89 32.09 31.80
N ASP E 77 10.25 30.82 31.99
CA ASP E 77 11.33 30.44 32.90
C ASP E 77 12.67 30.71 32.22
N GLY E 78 13.46 31.62 32.80
CA GLY E 78 14.78 31.95 32.30
C GLY E 78 15.80 30.84 32.45
N SER E 79 15.49 29.79 33.22
CA SER E 79 16.35 28.63 33.25
C SER E 79 16.51 28.00 31.87
N SER E 80 15.55 28.22 30.97
CA SER E 80 15.68 27.74 29.60
C SER E 80 16.92 28.31 28.93
N ILE E 81 17.38 29.48 29.36
CA ILE E 81 18.58 30.11 28.81
C ILE E 81 19.79 29.84 29.68
N GLN E 82 19.66 30.02 31.00
CA GLN E 82 20.78 30.00 31.93
C GLN E 82 20.92 28.68 32.70
N GLY E 83 20.08 27.68 32.42
CA GLY E 83 20.19 26.40 33.10
C GLY E 83 19.55 26.40 34.48
N PHE E 84 19.81 25.31 35.21
CA PHE E 84 19.26 25.10 36.55
C PHE E 84 20.28 25.10 37.68
N THR E 85 21.58 25.21 37.38
CA THR E 85 22.58 24.94 38.42
C THR E 85 22.68 26.04 39.49
N ARG E 86 21.92 27.14 39.38
CA ARG E 86 22.04 28.24 40.33
C ARG E 86 20.66 28.72 40.74
N ILE E 87 20.59 29.30 41.94
CA ILE E 87 19.43 30.05 42.38
C ILE E 87 19.66 31.49 41.94
N GLU E 88 18.83 31.96 41.00
CA GLU E 88 18.92 33.34 40.54
C GLU E 88 17.54 33.77 40.04
N GLU E 89 17.47 34.99 39.49
CA GLU E 89 16.21 35.46 38.94
C GLU E 89 15.88 34.66 37.68
N SER E 90 14.71 34.05 37.66
CA SER E 90 14.30 33.20 36.55
C SER E 90 12.92 33.53 36.00
N ASP E 91 12.22 34.53 36.54
CA ASP E 91 10.93 34.94 35.97
C ASP E 91 11.18 36.01 34.92
N MET E 92 11.40 35.55 33.68
CA MET E 92 11.68 36.45 32.58
C MET E 92 10.43 36.71 31.76
N LYS E 93 10.44 37.83 31.04
CA LYS E 93 9.41 38.19 30.09
C LYS E 93 10.05 38.30 28.72
N LEU E 94 9.38 37.77 27.71
CA LEU E 94 9.77 37.94 26.32
C LEU E 94 8.86 38.98 25.70
N ALA E 95 9.45 40.03 25.13
CA ALA E 95 8.71 41.04 24.38
C ALA E 95 8.94 40.76 22.91
N LEU E 96 7.90 40.30 22.22
CA LEU E 96 8.07 39.81 20.85
C LEU E 96 8.46 40.93 19.90
N ASP E 97 9.35 40.59 18.96
CA ASP E 97 9.79 41.52 17.93
C ASP E 97 8.96 41.23 16.68
N PRO E 98 7.95 42.05 16.36
CA PRO E 98 7.12 41.77 15.16
C PRO E 98 7.90 41.77 13.87
N SER E 99 9.07 42.42 13.82
CA SER E 99 9.87 42.41 12.61
C SER E 99 10.58 41.08 12.36
N THR E 100 10.53 40.13 13.30
CA THR E 100 11.19 38.84 13.19
C THR E 100 10.23 37.69 12.95
N PHE E 101 8.94 37.97 12.82
CA PHE E 101 7.96 36.95 12.50
C PHE E 101 8.22 36.40 11.10
N ARG E 102 8.04 35.10 10.93
CA ARG E 102 8.48 34.45 9.71
C ARG E 102 7.75 33.12 9.54
N ILE E 103 6.95 33.00 8.49
CA ILE E 103 6.23 31.75 8.24
C ILE E 103 7.22 30.65 7.87
N LEU E 104 7.04 29.46 8.48
CA LEU E 104 7.91 28.33 8.27
C LEU E 104 7.50 27.54 7.01
N PRO E 105 8.47 26.85 6.35
CA PRO E 105 8.18 26.30 5.03
C PRO E 105 7.59 24.90 5.06
N TRP E 106 6.60 24.66 5.94
CA TRP E 106 5.82 23.43 5.86
C TRP E 106 4.40 23.76 6.26
N ARG E 107 3.47 22.94 5.78
CA ARG E 107 2.05 23.23 5.90
C ARG E 107 1.32 22.02 6.48
N PRO E 108 1.21 21.96 7.81
CA PRO E 108 0.37 20.94 8.43
C PRO E 108 -1.08 21.13 8.02
N ALA E 109 -1.85 20.04 8.10
CA ALA E 109 -3.28 20.15 7.84
C ALA E 109 -3.93 21.17 8.77
N THR E 110 -3.41 21.26 9.99
CA THR E 110 -4.04 22.06 11.05
C THR E 110 -3.99 23.57 10.74
N GLY E 111 -3.03 24.02 9.95
CA GLY E 111 -2.88 25.42 9.63
C GLY E 111 -1.41 25.76 9.53
N ALA E 112 -1.13 27.02 9.17
CA ALA E 112 0.26 27.43 8.98
C ALA E 112 0.97 27.65 10.32
N VAL E 113 2.31 27.70 10.26
CA VAL E 113 3.19 27.83 11.40
C VAL E 113 4.18 28.96 11.14
N ALA E 114 4.54 29.71 12.18
CA ALA E 114 5.51 30.78 12.05
C ALA E 114 6.44 30.84 13.26
N ARG E 115 7.65 31.34 13.06
CA ARG E 115 8.57 31.63 14.16
C ARG E 115 8.61 33.13 14.43
N ILE E 116 9.09 33.48 15.62
CA ILE E 116 9.20 34.88 16.02
C ILE E 116 10.22 34.97 17.15
N LEU E 117 10.90 36.10 17.25
CA LEU E 117 11.92 36.33 18.25
C LEU E 117 11.53 37.50 19.15
N GLY E 118 12.28 37.66 20.23
CA GLY E 118 12.03 38.80 21.08
C GLY E 118 13.25 39.18 21.89
N ASP E 119 13.05 40.19 22.72
CA ASP E 119 14.01 40.59 23.73
C ASP E 119 13.52 40.10 25.08
N VAL E 120 14.46 39.69 25.93
CA VAL E 120 14.17 39.10 27.24
C VAL E 120 14.41 40.14 28.33
N TYR E 121 13.46 40.26 29.24
CA TYR E 121 13.51 41.25 30.30
C TYR E 121 13.36 40.59 31.67
N LEU E 122 14.10 41.14 32.63
CA LEU E 122 13.92 40.81 34.03
C LEU E 122 12.59 41.37 34.53
N PRO E 123 12.12 40.90 35.69
CA PRO E 123 10.93 41.53 36.29
C PRO E 123 11.11 43.01 36.58
N ASP E 124 12.31 43.43 36.97
CA ASP E 124 12.52 44.84 37.26
C ASP E 124 12.48 45.71 36.01
N GLY E 125 12.29 45.11 34.82
CA GLY E 125 12.16 45.88 33.60
C GLY E 125 13.47 46.16 32.89
N ASN E 126 14.58 45.63 33.38
CA ASN E 126 15.85 45.71 32.68
C ASN E 126 16.04 44.50 31.78
N PRO E 127 16.72 44.68 30.65
CA PRO E 127 17.01 43.53 29.77
C PRO E 127 17.88 42.49 30.46
N PHE E 128 17.56 41.23 30.20
CA PHE E 128 18.33 40.10 30.72
C PHE E 128 19.64 40.00 29.97
N LYS E 129 20.76 40.06 30.70
CA LYS E 129 22.09 40.04 30.08
C LYS E 129 22.63 38.64 29.82
N GLY E 130 21.97 37.59 30.31
CA GLY E 130 22.37 36.25 29.97
C GLY E 130 21.85 35.74 28.64
N ASP E 131 21.12 36.60 27.91
CA ASP E 131 20.62 36.24 26.59
C ASP E 131 21.74 36.39 25.56
N PRO E 132 22.12 35.34 24.86
CA PRO E 132 23.17 35.49 23.83
C PRO E 132 22.85 36.51 22.75
N ARG E 133 21.57 36.64 22.38
CA ARG E 133 21.20 37.67 21.41
C ARG E 133 21.47 39.05 21.97
N TYR E 134 21.17 39.27 23.25
CA TYR E 134 21.50 40.53 23.91
C TYR E 134 22.99 40.79 23.88
N VAL E 135 23.80 39.74 24.04
CA VAL E 135 25.24 39.87 23.92
C VAL E 135 25.64 40.37 22.53
N LEU E 136 25.00 39.85 21.47
CA LEU E 136 25.31 40.31 20.11
C LEU E 136 24.95 41.79 19.93
N LYS E 137 23.78 42.19 20.41
CA LYS E 137 23.36 43.58 20.27
C LYS E 137 24.34 44.56 20.92
N THR E 138 24.96 44.16 22.06
CA THR E 138 25.91 45.05 22.74
C THR E 138 27.20 45.22 21.93
N ALA E 139 27.58 44.21 21.15
CA ALA E 139 28.73 44.35 20.26
C ALA E 139 28.39 45.20 19.06
N ILE E 140 27.15 45.10 18.58
CA ILE E 140 26.65 46.00 17.53
C ILE E 140 26.68 47.44 18.03
N LYS E 141 26.26 47.66 19.27
CA LYS E 141 26.21 49.02 19.79
C LYS E 141 27.60 49.60 20.00
N GLU E 142 28.56 48.77 20.44
CA GLU E 142 29.94 49.23 20.48
C GLU E 142 30.47 49.53 19.09
N ALA E 143 30.07 48.74 18.09
CA ALA E 143 30.46 49.00 16.71
C ALA E 143 29.87 50.32 16.20
N GLU E 144 28.59 50.58 16.48
CA GLU E 144 27.96 51.80 16.01
C GLU E 144 28.54 53.05 16.67
N LYS E 145 29.17 52.89 17.84
CA LYS E 145 29.87 54.02 18.48
C LYS E 145 30.95 54.58 17.57
N MET E 146 31.80 53.71 17.03
CA MET E 146 32.77 54.11 16.01
C MET E 146 32.14 54.25 14.62
N GLY E 147 30.83 54.25 14.49
CA GLY E 147 30.21 54.44 13.19
C GLY E 147 30.25 53.25 12.26
N PHE E 148 30.43 52.04 12.79
CA PHE E 148 30.49 50.83 11.98
C PHE E 148 29.21 50.02 12.11
N SER E 149 28.86 49.31 11.06
CA SER E 149 27.91 48.22 11.17
C SER E 149 28.55 46.99 10.52
N MET E 150 28.10 45.80 10.92
CA MET E 150 28.75 44.56 10.52
C MET E 150 27.82 43.72 9.67
N ASN E 151 28.34 43.16 8.58
CA ASN E 151 27.64 42.17 7.77
C ASN E 151 28.36 40.84 7.81
N VAL E 152 27.59 39.75 7.77
CA VAL E 152 28.13 38.41 7.92
C VAL E 152 27.51 37.52 6.86
N GLY E 153 28.35 36.69 6.25
CA GLY E 153 27.88 35.59 5.44
C GLY E 153 28.49 34.31 5.93
N PRO E 154 27.67 33.47 6.58
CA PRO E 154 28.14 32.15 7.00
C PRO E 154 28.02 31.13 5.88
N GLU E 155 28.90 30.14 5.94
CA GLU E 155 28.85 28.96 5.08
C GLU E 155 28.63 27.77 6.01
N LEU E 156 27.45 27.15 5.90
CA LEU E 156 27.10 26.03 6.75
C LEU E 156 27.30 24.72 5.99
N GLU E 157 28.23 23.91 6.47
CA GLU E 157 28.38 22.54 6.03
C GLU E 157 27.61 21.63 6.96
N PHE E 158 27.18 20.47 6.43
CA PHE E 158 26.48 19.46 7.20
C PHE E 158 26.61 18.13 6.48
N PHE E 159 26.21 17.06 7.17
CA PHE E 159 26.19 15.72 6.61
C PHE E 159 24.76 15.24 6.47
N LEU E 160 24.47 14.62 5.33
CA LEU E 160 23.15 14.05 5.05
C LEU E 160 23.27 12.54 5.22
N PHE E 161 22.81 12.03 6.35
CA PHE E 161 22.94 10.61 6.70
C PHE E 161 21.59 9.93 6.59
N LYS E 162 21.61 8.61 6.68
CA LYS E 162 20.37 7.84 6.70
C LYS E 162 19.82 7.71 8.12
N LEU E 163 18.50 7.53 8.20
CA LEU E 163 17.85 7.05 9.41
C LEU E 163 17.91 5.52 9.45
N ASP E 164 17.89 4.97 10.66
CA ASP E 164 17.84 3.52 10.80
C ASP E 164 16.38 3.07 10.75
N ALA E 165 16.15 1.76 10.93
CA ALA E 165 14.83 1.17 10.79
C ALA E 165 13.84 1.71 11.81
N ASN E 166 14.32 2.29 12.90
CA ASN E 166 13.47 2.84 13.93
C ASN E 166 13.20 4.34 13.75
N GLY E 167 13.81 4.97 12.75
CA GLY E 167 13.63 6.39 12.50
C GLY E 167 14.66 7.28 13.15
N ASN E 168 15.81 6.71 13.65
CA ASN E 168 16.80 7.42 14.44
C ASN E 168 18.06 7.71 13.62
N PRO E 169 18.80 8.75 14.03
CA PRO E 169 20.04 9.12 13.32
C PRO E 169 21.07 8.01 13.34
N THR E 170 21.81 7.89 12.21
CA THR E 170 22.99 7.06 12.02
C THR E 170 24.06 7.92 11.37
N THR E 171 25.22 7.32 11.09
CA THR E 171 26.21 7.94 10.23
C THR E 171 26.33 7.23 8.87
N GLU E 172 25.28 6.54 8.45
CA GLU E 172 25.32 5.81 7.19
C GLU E 172 25.23 6.79 6.03
N LEU E 173 26.14 6.66 5.08
CA LEU E 173 26.26 7.61 4.00
C LEU E 173 25.06 7.55 3.06
N THR E 174 24.68 8.73 2.52
CA THR E 174 23.71 8.77 1.44
C THR E 174 24.40 8.79 0.08
N ASP E 175 25.65 9.24 -0.01
CA ASP E 175 26.41 9.15 -1.24
C ASP E 175 27.89 9.06 -0.91
N GLN E 176 28.70 8.86 -1.97
CA GLN E 176 30.14 8.68 -1.87
C GLN E 176 30.89 9.73 -2.68
N GLY E 177 30.26 10.85 -3.00
CA GLY E 177 30.87 11.84 -3.85
C GLY E 177 31.89 12.70 -3.13
N GLY E 178 32.53 13.56 -3.90
CA GLY E 178 33.53 14.46 -3.37
C GLY E 178 33.28 15.90 -3.73
N TYR E 179 34.32 16.70 -3.71
CA TYR E 179 34.21 18.17 -3.69
C TYR E 179 33.58 18.67 -4.98
N PHE E 180 32.37 19.23 -4.86
CA PHE E 180 31.58 19.79 -5.96
C PHE E 180 31.04 18.72 -6.90
N ASP E 181 31.03 17.47 -6.49
CA ASP E 181 30.44 16.44 -7.32
C ASP E 181 28.96 16.70 -7.51
N PHE E 182 28.43 16.34 -8.69
CA PHE E 182 26.98 16.31 -8.85
C PHE E 182 26.48 15.00 -8.26
N ALA E 183 26.32 15.02 -6.94
CA ALA E 183 25.76 13.94 -6.16
C ALA E 183 24.97 14.57 -5.02
N PRO E 184 23.99 13.85 -4.43
CA PRO E 184 23.44 12.54 -4.85
C PRO E 184 22.50 12.63 -6.03
N LEU E 185 22.31 11.47 -6.66
CA LEU E 185 21.50 11.33 -7.85
C LEU E 185 20.32 10.40 -7.66
N ASP E 186 20.12 9.84 -6.47
CA ASP E 186 19.01 8.97 -6.13
C ASP E 186 17.93 9.80 -5.43
N ARG E 187 17.05 9.14 -4.68
CA ARG E 187 16.03 9.87 -3.94
C ARG E 187 16.60 10.99 -3.06
N ALA E 188 17.83 10.85 -2.57
CA ALA E 188 18.47 11.92 -1.81
C ALA E 188 18.75 13.16 -2.66
N GLN E 189 18.75 13.03 -3.99
CA GLN E 189 18.81 14.20 -4.87
C GLN E 189 17.65 15.15 -4.59
N ASP E 190 16.48 14.57 -4.31
CA ASP E 190 15.26 15.37 -4.13
C ASP E 190 15.20 15.98 -2.75
N VAL E 191 15.65 15.25 -1.73
CA VAL E 191 15.72 15.83 -0.40
C VAL E 191 16.64 17.04 -0.37
N ARG E 192 17.80 16.93 -1.02
CA ARG E 192 18.74 18.05 -1.06
C ARG E 192 18.10 19.26 -1.69
N ARG E 193 17.38 19.06 -2.80
CA ARG E 193 16.74 20.18 -3.49
C ARG E 193 15.56 20.71 -2.68
N ASP E 194 14.85 19.82 -1.97
CA ASP E 194 13.79 20.26 -1.07
C ASP E 194 14.31 21.24 -0.03
N ILE E 195 15.50 20.96 0.53
CA ILE E 195 16.07 21.82 1.58
C ILE E 195 16.42 23.20 1.01
N ASP E 196 17.08 23.24 -0.15
CA ASP E 196 17.40 24.52 -0.78
C ASP E 196 16.12 25.28 -1.11
N TYR E 197 15.13 24.60 -1.70
CA TYR E 197 13.88 25.27 -2.04
C TYR E 197 13.18 25.83 -0.81
N ALA E 198 13.17 25.05 0.28
CA ALA E 198 12.49 25.48 1.50
C ALA E 198 13.15 26.71 2.10
N LEU E 199 14.49 26.75 2.10
CA LEU E 199 15.22 27.92 2.58
C LEU E 199 14.97 29.14 1.70
N GLU E 200 14.97 28.93 0.39
CA GLU E 200 14.83 30.03 -0.55
C GLU E 200 13.45 30.66 -0.43
N HIS E 201 12.42 29.86 -0.23
CA HIS E 201 11.10 30.47 -0.16
C HIS E 201 10.70 30.90 1.24
N MET E 202 11.54 30.64 2.24
CA MET E 202 11.45 31.35 3.51
C MET E 202 12.07 32.72 3.46
N GLY E 203 12.71 33.08 2.36
CA GLY E 203 13.37 34.36 2.24
C GLY E 203 14.85 34.37 2.54
N PHE E 204 15.54 33.23 2.51
CA PHE E 204 16.93 33.23 2.91
C PHE E 204 17.84 33.93 1.89
N GLN E 205 17.56 33.80 0.60
CA GLN E 205 18.48 34.25 -0.46
C GLN E 205 19.82 33.51 -0.36
N ILE E 206 19.75 32.22 -0.65
CA ILE E 206 20.92 31.38 -0.74
C ILE E 206 21.75 31.78 -1.96
N GLU E 207 23.04 32.03 -1.76
CA GLU E 207 23.92 32.32 -2.88
C GLU E 207 24.14 31.07 -3.75
N ALA E 208 24.52 29.96 -3.13
CA ALA E 208 24.79 28.74 -3.86
C ALA E 208 24.90 27.61 -2.85
N SER E 209 24.97 26.39 -3.35
CA SER E 209 25.25 25.25 -2.52
C SER E 209 25.98 24.22 -3.36
N HIS E 210 26.74 23.34 -2.69
CA HIS E 210 27.54 22.34 -3.39
C HIS E 210 27.87 21.19 -2.45
N HIS E 211 28.16 20.04 -3.05
CA HIS E 211 28.69 18.91 -2.31
C HIS E 211 30.10 19.21 -1.79
N GLU E 212 30.33 18.88 -0.55
CA GLU E 212 31.58 19.23 0.12
C GLU E 212 32.54 18.03 0.03
N VAL E 213 33.72 18.14 0.65
CA VAL E 213 34.81 17.20 0.36
C VAL E 213 34.47 15.78 0.83
N ALA E 214 33.87 15.64 2.02
CA ALA E 214 33.57 14.32 2.54
C ALA E 214 32.34 13.75 1.86
N PRO E 215 32.19 12.42 1.84
CA PRO E 215 30.94 11.85 1.31
C PRO E 215 29.76 12.32 2.16
N SER E 216 28.63 12.51 1.50
CA SER E 216 27.36 12.87 2.13
C SER E 216 27.41 14.25 2.77
N GLN E 217 28.43 15.05 2.44
CA GLN E 217 28.63 16.36 3.04
C GLN E 217 28.25 17.46 2.06
N HIS E 218 27.60 18.50 2.57
CA HIS E 218 27.08 19.58 1.74
C HIS E 218 27.35 20.92 2.40
N GLU E 219 27.37 21.97 1.58
CA GLU E 219 27.55 23.32 2.09
C GLU E 219 26.54 24.21 1.42
N ILE E 220 25.90 25.08 2.19
CA ILE E 220 24.98 26.08 1.66
C ILE E 220 25.54 27.45 2.01
N ASP E 221 25.73 28.28 0.98
CA ASP E 221 26.32 29.59 1.09
C ASP E 221 25.22 30.64 1.25
N PHE E 222 25.25 31.35 2.37
CA PHE E 222 24.27 32.37 2.69
C PHE E 222 24.66 33.68 2.06
N ARG E 223 23.67 34.40 1.54
CA ARG E 223 23.89 35.78 1.16
C ARG E 223 24.25 36.61 2.39
N PHE E 224 25.06 37.64 2.16
CA PHE E 224 25.49 38.54 3.22
C PHE E 224 24.30 39.31 3.78
N GLY E 225 24.39 39.65 5.07
CA GLY E 225 23.33 40.42 5.70
C GLY E 225 23.80 41.03 7.00
N ASP E 226 22.93 41.86 7.58
CA ASP E 226 23.15 42.38 8.92
C ASP E 226 23.47 41.22 9.83
N VAL E 227 24.41 41.42 10.75
CA VAL E 227 24.87 40.30 11.56
C VAL E 227 23.73 39.77 12.43
N LEU E 228 22.88 40.66 12.96
CA LEU E 228 21.78 40.19 13.81
C LEU E 228 20.74 39.43 13.00
N CYS E 229 20.35 39.96 11.84
CA CYS E 229 19.48 39.22 10.94
C CYS E 229 20.13 37.89 10.56
N THR E 230 21.43 37.91 10.30
CA THR E 230 22.14 36.70 9.87
C THR E 230 22.20 35.66 10.98
N ALA E 231 22.53 36.07 12.20
CA ALA E 231 22.62 35.09 13.27
C ALA E 231 21.27 34.52 13.65
N ASP E 232 20.19 35.32 13.61
CA ASP E 232 18.84 34.79 13.79
C ASP E 232 18.57 33.69 12.78
N ASN E 233 19.01 33.91 11.54
CA ASN E 233 18.72 32.97 10.46
C ASN E 233 19.55 31.71 10.57
N VAL E 234 20.79 31.82 11.04
CA VAL E 234 21.59 30.61 11.27
C VAL E 234 20.85 29.67 12.20
N VAL E 235 20.18 30.21 13.22
CA VAL E 235 19.39 29.40 14.15
C VAL E 235 18.15 28.82 13.47
N THR E 236 17.43 29.63 12.70
CA THR E 236 16.27 29.10 11.96
C THR E 236 16.69 27.95 11.05
N PHE E 237 17.83 28.13 10.37
CA PHE E 237 18.29 27.21 9.33
C PHE E 237 18.42 25.79 9.85
N LYS E 238 18.95 25.62 11.07
CA LYS E 238 19.33 24.30 11.53
C LYS E 238 18.12 23.42 11.84
N TYR E 239 17.11 23.95 12.53
CA TYR E 239 15.94 23.13 12.78
C TYR E 239 15.11 22.94 11.50
N VAL E 240 15.09 23.91 10.60
CA VAL E 240 14.34 23.73 9.36
C VAL E 240 14.97 22.61 8.54
N VAL E 241 16.29 22.65 8.39
CA VAL E 241 16.97 21.60 7.63
C VAL E 241 16.76 20.24 8.29
N LYS E 242 16.90 20.16 9.61
CA LYS E 242 16.73 18.87 10.29
C LYS E 242 15.32 18.33 10.11
N SER E 243 14.33 19.19 10.23
CA SER E 243 12.94 18.75 10.15
C SER E 243 12.58 18.34 8.73
N ILE E 244 12.99 19.13 7.72
CA ILE E 244 12.80 18.72 6.33
C ILE E 244 13.44 17.36 6.08
N ALA E 245 14.70 17.20 6.54
CA ALA E 245 15.40 15.95 6.33
C ALA E 245 14.67 14.80 7.00
N TYR E 246 14.35 14.95 8.29
CA TYR E 246 13.61 13.91 9.01
C TYR E 246 12.34 13.51 8.29
N HIS E 247 11.63 14.49 7.74
CA HIS E 247 10.32 14.19 7.17
C HIS E 247 10.42 13.49 5.83
N LYS E 248 11.58 13.52 5.17
CA LYS E 248 11.82 12.72 3.98
C LYS E 248 12.59 11.44 4.28
N GLY E 249 12.94 11.17 5.53
CA GLY E 249 13.56 9.92 5.89
C GLY E 249 15.07 9.95 6.05
N TYR E 250 15.67 11.12 6.20
CA TYR E 250 17.12 11.28 6.27
C TYR E 250 17.46 12.08 7.52
N TYR E 251 18.76 12.24 7.78
CA TYR E 251 19.22 12.98 8.95
C TYR E 251 20.24 14.03 8.54
N ALA E 252 19.99 15.29 8.93
CA ALA E 252 20.94 16.37 8.75
C ALA E 252 21.74 16.58 10.03
N SER E 253 23.06 16.37 9.95
CA SER E 253 23.92 16.46 11.11
C SER E 253 24.82 17.68 11.00
N PHE E 254 24.90 18.44 12.10
CA PHE E 254 25.85 19.55 12.19
C PHE E 254 27.00 19.24 13.17
N MET E 255 27.31 17.96 13.40
CA MET E 255 28.47 17.59 14.20
C MET E 255 29.74 18.10 13.52
N PRO E 256 30.71 18.62 14.29
CA PRO E 256 32.01 18.98 13.69
C PRO E 256 32.75 17.83 13.01
N LYS E 257 32.70 16.61 13.55
CA LYS E 257 33.46 15.48 13.01
C LYS E 257 32.73 14.18 13.30
N PRO E 258 31.64 13.92 12.60
CA PRO E 258 30.90 12.68 12.88
C PRO E 258 31.64 11.43 12.46
N LEU E 259 32.60 11.56 11.55
CA LEU E 259 33.25 10.41 10.95
C LEU E 259 34.77 10.63 10.94
N PHE E 260 35.50 9.58 11.31
CA PHE E 260 36.95 9.67 11.34
C PHE E 260 37.53 9.55 9.92
N GLY E 261 38.58 10.31 9.65
CA GLY E 261 39.35 10.15 8.44
C GLY E 261 38.80 10.84 7.23
N VAL E 262 37.59 11.38 7.31
CA VAL E 262 37.08 12.27 6.29
C VAL E 262 36.92 13.66 6.92
N ASN E 263 36.60 14.64 6.09
CA ASN E 263 36.52 16.03 6.49
C ASN E 263 35.53 16.26 7.62
N GLY E 264 35.85 17.20 8.48
CA GLY E 264 34.87 17.70 9.41
C GLY E 264 34.04 18.82 8.80
N SER E 265 33.03 19.26 9.55
CA SER E 265 32.14 20.33 9.09
C SER E 265 32.47 21.63 9.82
N GLY E 266 32.64 22.71 9.06
CA GLY E 266 32.92 24.00 9.59
C GLY E 266 31.79 24.96 9.26
N MET E 267 31.86 26.13 9.90
CA MET E 267 31.00 27.27 9.62
C MET E 267 31.93 28.44 9.39
N HIS E 268 32.44 28.57 8.17
CA HIS E 268 33.28 29.71 7.86
C HIS E 268 32.44 30.98 7.96
N SER E 269 33.02 32.01 8.58
CA SER E 269 32.32 33.25 8.88
C SER E 269 32.98 34.37 8.08
N ASN E 270 32.41 34.69 6.92
CA ASN E 270 32.78 35.90 6.21
C ASN E 270 32.15 37.11 6.89
N GLN E 271 32.92 38.19 6.99
CA GLN E 271 32.45 39.37 7.71
C GLN E 271 33.01 40.63 7.08
N SER E 272 32.27 41.73 7.22
CA SER E 272 32.64 43.02 6.65
C SER E 272 32.05 44.13 7.51
N LEU E 273 32.82 45.21 7.70
CA LEU E 273 32.38 46.40 8.40
C LEU E 273 32.04 47.49 7.40
N PHE E 274 31.02 48.28 7.72
CA PHE E 274 30.51 49.31 6.84
C PHE E 274 30.36 50.60 7.64
N LYS E 275 30.63 51.71 6.97
CA LYS E 275 30.43 53.03 7.53
C LYS E 275 29.85 53.93 6.46
N ASP E 276 28.87 54.76 6.85
CA ASP E 276 28.45 55.86 6.00
C ASP E 276 27.96 55.39 4.62
N GLY E 277 27.55 54.12 4.51
CA GLY E 277 27.14 53.54 3.25
C GLY E 277 28.21 52.78 2.49
N LYS E 278 29.43 52.66 3.03
CA LYS E 278 30.54 52.10 2.28
C LYS E 278 31.22 50.98 3.06
N ASN E 279 31.90 50.10 2.31
CA ASN E 279 32.66 49.00 2.89
C ASN E 279 33.97 49.54 3.48
N VAL E 280 34.19 49.31 4.77
CA VAL E 280 35.34 49.88 5.49
C VAL E 280 36.66 49.24 5.05
N PHE E 281 36.62 48.01 4.54
CA PHE E 281 37.80 47.20 4.30
C PHE E 281 38.42 47.46 2.93
N TYR E 282 37.77 48.24 2.08
CA TYR E 282 38.23 48.47 0.72
C TYR E 282 38.96 49.80 0.62
N ASP E 283 40.13 49.80 -0.04
CA ASP E 283 40.86 51.03 -0.38
C ASP E 283 41.38 50.93 -1.80
N PRO E 284 40.87 51.74 -2.73
CA PRO E 284 41.36 51.64 -4.12
C PRO E 284 42.84 51.94 -4.29
N ASP E 285 43.42 52.73 -3.39
CA ASP E 285 44.78 53.23 -3.59
C ASP E 285 45.87 52.26 -3.14
N THR E 286 45.62 51.47 -2.10
CA THR E 286 46.67 50.59 -1.59
C THR E 286 47.02 49.53 -2.63
N PRO E 287 48.22 48.95 -2.53
CA PRO E 287 48.59 47.89 -3.49
C PRO E 287 47.63 46.73 -3.51
N THR E 288 47.13 46.28 -2.34
CA THR E 288 46.23 45.12 -2.26
C THR E 288 44.76 45.48 -2.40
N LYS E 289 44.44 46.77 -2.45
CA LYS E 289 43.07 47.29 -2.45
C LYS E 289 42.35 46.97 -1.15
N LEU E 290 43.11 46.66 -0.10
CA LEU E 290 42.59 46.59 1.25
C LEU E 290 42.91 47.90 1.96
N SER E 291 42.15 48.17 3.01
CA SER E 291 42.29 49.38 3.78
C SER E 291 43.09 49.12 5.06
N GLN E 292 43.61 50.20 5.63
CA GLN E 292 44.32 50.07 6.89
C GLN E 292 43.38 49.61 8.00
N ASP E 293 42.09 49.93 7.90
CA ASP E 293 41.12 49.42 8.85
C ASP E 293 40.98 47.90 8.75
N ALA E 294 41.00 47.38 7.53
CA ALA E 294 40.88 45.92 7.36
C ALA E 294 42.05 45.19 8.00
N MET E 295 43.26 45.77 7.93
CA MET E 295 44.43 45.11 8.49
C MET E 295 44.39 45.13 10.01
N TYR E 296 43.93 46.24 10.59
CA TYR E 296 43.77 46.32 12.03
C TYR E 296 42.70 45.35 12.53
N TYR E 297 41.63 45.18 11.76
CA TYR E 297 40.58 44.21 12.10
C TYR E 297 41.15 42.78 12.12
N ILE E 298 41.94 42.43 11.12
CA ILE E 298 42.63 41.14 11.15
C ILE E 298 43.53 41.03 12.37
N GLY E 299 44.26 42.10 12.68
CA GLY E 299 45.20 42.04 13.80
C GLY E 299 44.54 41.72 15.12
N GLY E 300 43.42 42.40 15.42
CA GLY E 300 42.71 42.11 16.66
C GLY E 300 42.16 40.69 16.71
N LEU E 301 41.69 40.17 15.56
CA LEU E 301 41.19 38.80 15.51
C LEU E 301 42.29 37.77 15.79
N LEU E 302 43.47 37.98 15.21
CA LEU E 302 44.60 37.08 15.47
C LEU E 302 45.03 37.17 16.92
N LYS E 303 44.97 38.37 17.51
CA LYS E 303 45.40 38.56 18.89
C LYS E 303 44.56 37.73 19.86
N HIS E 304 43.24 37.69 19.65
CA HIS E 304 42.33 37.22 20.68
C HIS E 304 41.69 35.88 20.38
N ILE E 305 41.98 35.27 19.23
CA ILE E 305 41.18 34.13 18.78
C ILE E 305 41.32 32.94 19.73
N ARG E 306 42.51 32.71 20.32
CA ARG E 306 42.69 31.57 21.22
C ARG E 306 41.86 31.73 22.49
N GLU E 307 41.56 32.96 22.90
CA GLU E 307 40.74 33.18 24.07
C GLU E 307 39.25 32.86 23.84
N PHE E 308 38.81 32.65 22.61
CA PHE E 308 37.42 32.26 22.45
C PHE E 308 37.23 31.20 21.38
N THR E 309 38.28 30.42 21.09
CA THR E 309 38.08 29.16 20.38
C THR E 309 37.07 28.27 21.11
N ALA E 310 36.98 28.40 22.45
CA ALA E 310 35.99 27.64 23.22
C ALA E 310 34.57 28.06 22.92
N VAL E 311 34.37 29.17 22.23
CA VAL E 311 33.06 29.57 21.73
C VAL E 311 32.85 29.16 20.26
N THR E 312 33.85 29.40 19.40
CA THR E 312 33.67 29.05 18.00
C THR E 312 33.76 27.54 17.78
N ASN E 313 34.38 26.80 18.69
CA ASN E 313 34.55 25.36 18.54
C ASN E 313 34.20 24.76 19.89
N PRO E 314 32.92 24.56 20.16
CA PRO E 314 32.45 24.49 21.55
C PRO E 314 32.44 23.13 22.24
N VAL E 315 32.50 22.01 21.51
CA VAL E 315 32.29 20.70 22.10
C VAL E 315 33.57 19.88 21.94
N VAL E 316 33.61 18.75 22.65
CA VAL E 316 34.81 17.89 22.61
C VAL E 316 35.14 17.52 21.19
N ASN E 317 34.12 17.13 20.42
CA ASN E 317 34.26 16.70 19.03
C ASN E 317 34.76 17.82 18.12
N SER E 318 34.71 19.10 18.57
CA SER E 318 35.18 20.19 17.72
C SER E 318 36.66 20.05 17.43
N TYR E 319 37.40 19.44 18.35
CA TYR E 319 38.85 19.28 18.24
C TYR E 319 39.23 17.96 17.59
N LYS E 320 38.26 17.08 17.33
CA LYS E 320 38.50 15.99 16.41
C LYS E 320 38.43 16.44 14.95
N ARG E 321 37.80 17.59 14.70
CA ARG E 321 37.92 18.28 13.42
C ARG E 321 39.14 19.19 13.36
N LEU E 322 39.49 19.86 14.45
CA LEU E 322 40.69 20.70 14.52
C LEU E 322 41.90 19.83 14.87
N VAL E 323 42.22 18.94 13.93
CA VAL E 323 43.52 18.27 13.87
C VAL E 323 44.00 18.26 12.43
N PRO E 324 45.32 18.16 12.21
CA PRO E 324 45.88 18.40 10.86
C PRO E 324 45.31 17.46 9.80
N GLY E 325 45.21 17.97 8.57
CA GLY E 325 44.95 17.12 7.41
C GLY E 325 43.66 17.35 6.63
N TYR E 326 42.82 18.33 6.95
CA TYR E 326 41.52 18.49 6.28
C TYR E 326 41.33 19.97 5.99
N GLU E 327 40.07 20.39 5.71
CA GLU E 327 39.78 21.81 5.51
C GLU E 327 40.08 22.66 6.75
N ALA E 328 40.18 22.01 7.93
CA ALA E 328 40.20 22.72 9.23
C ALA E 328 41.54 23.36 9.50
N PRO E 329 41.57 24.66 9.85
CA PRO E 329 42.83 25.33 10.14
C PRO E 329 43.21 25.26 11.61
N VAL E 330 44.41 24.83 11.95
CA VAL E 330 44.82 24.77 13.35
C VAL E 330 45.83 25.86 13.73
N TYR E 331 46.39 26.57 12.76
CA TYR E 331 47.50 27.48 13.01
C TYR E 331 47.04 28.91 12.78
N ILE E 332 47.46 29.80 13.68
CA ILE E 332 47.01 31.19 13.68
C ILE E 332 47.88 31.95 12.66
N SER E 333 47.30 32.22 11.49
CA SER E 333 47.97 33.00 10.45
C SER E 333 46.89 33.62 9.56
N TRP E 334 47.32 34.52 8.68
CA TRP E 334 46.43 35.12 7.69
C TRP E 334 47.12 35.15 6.34
N SER E 335 46.31 35.17 5.29
CA SER E 335 46.80 35.20 3.92
C SER E 335 45.63 35.44 2.98
N ALA E 336 45.95 36.00 1.81
CA ALA E 336 45.06 35.89 0.66
C ALA E 336 45.41 34.67 -0.18
N GLN E 337 46.73 34.44 -0.34
CA GLN E 337 47.26 33.32 -1.12
C GLN E 337 46.73 31.98 -0.67
N ASN E 338 46.94 31.65 0.61
CA ASN E 338 46.64 30.32 1.10
C ASN E 338 45.17 30.20 1.43
N ARG E 339 44.47 29.28 0.75
CA ARG E 339 43.11 28.94 1.13
C ARG E 339 43.05 28.33 2.52
N SER E 340 44.12 27.65 2.94
CA SER E 340 44.17 26.95 4.21
C SER E 340 44.04 27.89 5.41
N SER E 341 44.58 29.11 5.29
CA SER E 341 44.88 30.00 6.42
C SER E 341 43.72 30.11 7.40
N LEU E 342 44.05 30.40 8.66
CA LEU E 342 43.01 30.70 9.64
C LEU E 342 42.13 31.85 9.17
N ILE E 343 42.73 32.97 8.82
CA ILE E 343 42.01 34.10 8.23
C ILE E 343 42.39 34.17 6.76
N ARG E 344 41.39 34.11 5.90
CA ARG E 344 41.60 34.23 4.48
C ARG E 344 41.00 35.56 4.02
N ILE E 345 41.51 36.05 2.89
CA ILE E 345 40.93 37.24 2.29
C ILE E 345 40.51 36.93 0.86
N PRO E 346 39.22 36.78 0.58
CA PRO E 346 38.81 36.51 -0.80
C PRO E 346 39.19 37.64 -1.71
N ALA E 347 39.36 37.31 -3.00
CA ALA E 347 39.78 38.29 -4.00
C ALA E 347 38.79 39.43 -4.18
N THR E 348 37.52 39.22 -3.82
CA THR E 348 36.48 40.23 -4.03
C THR E 348 36.87 41.56 -3.41
N ARG E 349 36.76 42.61 -4.20
CA ARG E 349 37.01 43.97 -3.71
C ARG E 349 35.73 44.78 -3.89
N GLY E 350 35.82 46.08 -3.62
CA GLY E 350 34.60 46.88 -3.69
C GLY E 350 33.68 46.50 -2.56
N ASN E 351 32.37 46.54 -2.84
CA ASN E 351 31.36 46.39 -1.80
C ASN E 351 31.40 45.01 -1.14
N GLY E 352 31.89 44.00 -1.84
CA GLY E 352 31.95 42.65 -1.32
C GLY E 352 33.28 42.30 -0.71
N THR E 353 34.08 43.30 -0.34
CA THR E 353 35.33 43.04 0.36
C THR E 353 35.03 42.39 1.70
N ARG E 354 35.74 41.30 2.01
CA ARG E 354 35.34 40.49 3.15
C ARG E 354 36.52 39.73 3.74
N ILE E 355 36.45 39.49 5.04
CA ILE E 355 37.40 38.68 5.81
C ILE E 355 36.76 37.32 6.05
N GLU E 356 37.52 36.25 5.90
CA GLU E 356 37.00 34.89 6.12
C GLU E 356 37.73 34.24 7.29
N LEU E 357 37.01 33.99 8.38
CA LEU E 357 37.54 33.24 9.51
C LEU E 357 37.05 31.80 9.42
N ARG E 358 37.99 30.86 9.32
CA ARG E 358 37.68 29.49 8.92
C ARG E 358 37.57 28.49 10.07
N CYS E 359 37.95 28.85 11.30
CA CYS E 359 37.98 27.89 12.42
C CYS E 359 36.62 27.47 13.00
N PRO E 360 35.57 28.31 13.01
CA PRO E 360 34.32 27.89 13.68
C PRO E 360 33.66 26.68 13.02
N ASP E 361 32.82 26.00 13.83
CA ASP E 361 32.06 24.86 13.33
C ASP E 361 30.59 25.11 13.61
N PRO E 362 29.65 24.34 13.05
CA PRO E 362 28.23 24.70 13.21
C PRO E 362 27.65 24.43 14.61
N ALA E 363 28.41 23.82 15.53
CA ALA E 363 27.92 23.64 16.89
C ALA E 363 27.94 24.92 17.72
N CYS E 364 28.61 25.96 17.24
CA CYS E 364 28.78 27.15 18.05
C CYS E 364 27.48 27.95 18.13
N ASN E 365 27.38 28.74 19.19
CA ASN E 365 26.35 29.77 19.31
C ASN E 365 26.71 30.93 18.39
N PRO E 366 25.96 31.19 17.32
CA PRO E 366 26.35 32.28 16.41
C PRO E 366 26.30 33.66 17.04
N TYR E 367 25.37 33.90 17.96
CA TYR E 367 25.31 35.20 18.63
C TYR E 367 26.59 35.46 19.43
N LEU E 368 27.03 34.46 20.19
CA LEU E 368 28.22 34.62 21.02
C LEU E 368 29.48 34.67 20.17
N ALA E 369 29.55 33.82 19.14
CA ALA E 369 30.71 33.77 18.27
C ALA E 369 30.83 35.03 17.40
N PHE E 370 29.71 35.48 16.79
CA PHE E 370 29.76 36.70 15.99
C PHE E 370 30.05 37.92 16.86
N ALA E 371 29.55 37.92 18.09
CA ALA E 371 29.80 39.04 18.99
C ALA E 371 31.28 39.21 19.29
N LEU E 372 31.98 38.09 19.55
CA LEU E 372 33.38 38.15 19.93
C LEU E 372 34.25 38.45 18.71
N MET E 373 33.84 37.96 17.54
CA MET E 373 34.52 38.33 16.30
C MET E 373 34.51 39.85 16.11
N LEU E 374 33.35 40.47 16.27
CA LEU E 374 33.25 41.92 16.10
C LEU E 374 34.07 42.66 17.14
N ARG E 375 33.91 42.29 18.41
CA ARG E 375 34.61 42.98 19.49
C ARG E 375 36.13 42.93 19.29
N ALA E 376 36.65 41.73 18.94
CA ALA E 376 38.08 41.57 18.70
C ALA E 376 38.55 42.41 17.51
N GLY E 377 37.80 42.39 16.41
CA GLY E 377 38.16 43.24 15.29
C GLY E 377 38.06 44.71 15.62
N LEU E 378 37.07 45.09 16.43
CA LEU E 378 36.92 46.48 16.85
C LEU E 378 38.08 46.93 17.72
N GLU E 379 38.52 46.10 18.66
CA GLU E 379 39.71 46.42 19.42
C GLU E 379 40.91 46.54 18.49
N GLY E 380 40.98 45.68 17.47
CA GLY E 380 42.09 45.74 16.52
C GLY E 380 42.18 47.10 15.86
N ILE E 381 41.05 47.70 15.51
CA ILE E 381 41.04 49.01 14.89
C ILE E 381 41.39 50.09 15.91
N LYS E 382 40.72 50.04 17.07
CA LYS E 382 40.86 51.12 18.05
C LYS E 382 42.28 51.19 18.60
N ASN E 383 42.92 50.04 18.80
CA ASN E 383 44.29 49.98 19.31
C ASN E 383 45.33 49.82 18.22
N LYS E 384 44.93 49.92 16.95
CA LYS E 384 45.86 49.90 15.82
C LYS E 384 46.79 48.69 15.87
N ILE E 385 46.20 47.51 16.03
CA ILE E 385 46.98 46.28 16.18
C ILE E 385 47.45 45.80 14.82
N ASP E 386 48.76 45.63 14.66
CA ASP E 386 49.32 45.23 13.37
C ASP E 386 49.20 43.72 13.19
N PRO E 387 48.77 43.25 12.01
CA PRO E 387 48.59 41.81 11.79
C PRO E 387 49.87 41.05 11.45
N GLY E 388 51.01 41.73 11.35
CA GLY E 388 52.22 41.05 10.91
C GLY E 388 52.14 40.68 9.44
N GLU E 389 53.07 39.82 9.06
CA GLU E 389 53.15 39.40 7.64
C GLU E 389 52.15 38.28 7.32
N PRO E 390 51.72 38.17 6.07
CA PRO E 390 50.93 37.02 5.66
C PRO E 390 51.78 35.79 5.54
N THR E 391 51.13 34.63 5.70
CA THR E 391 51.80 33.33 5.61
C THR E 391 51.26 32.60 4.38
N ASN E 392 52.04 32.61 3.30
CA ASN E 392 51.59 32.08 2.02
C ASN E 392 52.02 30.63 1.77
N VAL E 393 52.66 29.99 2.74
CA VAL E 393 53.13 28.62 2.57
C VAL E 393 52.19 27.67 3.31
N ASN E 394 52.32 26.38 3.01
CA ASN E 394 51.69 25.36 3.85
C ASN E 394 52.37 25.35 5.21
N ILE E 395 51.57 25.17 6.25
CA ILE E 395 52.10 25.26 7.62
C ILE E 395 52.23 23.86 8.19
N PHE E 396 51.35 22.95 7.79
CA PHE E 396 51.57 21.55 8.17
C PHE E 396 52.84 21.01 7.53
N HIS E 397 53.23 21.54 6.36
CA HIS E 397 54.48 21.12 5.75
C HIS E 397 55.69 21.58 6.56
N LEU E 398 55.63 22.76 7.16
CA LEU E 398 56.73 23.23 7.99
C LEU E 398 56.88 22.32 9.21
N SER E 399 58.09 22.27 9.74
CA SER E 399 58.39 21.55 10.97
C SER E 399 58.09 22.44 12.17
N ASP E 400 58.04 21.83 13.35
CA ASP E 400 57.74 22.59 14.57
C ASP E 400 58.83 23.59 14.91
N LYS E 401 60.03 23.45 14.35
CA LYS E 401 61.02 24.51 14.48
C LYS E 401 60.82 25.58 13.43
N GLU E 402 60.31 25.19 12.26
CA GLU E 402 60.01 26.17 11.22
C GLU E 402 58.87 27.11 11.64
N ARG E 403 57.78 26.53 12.18
CA ARG E 403 56.71 27.34 12.78
C ARG E 403 57.22 28.13 13.97
N GLU E 404 58.08 27.54 14.79
CA GLU E 404 58.70 28.29 15.87
C GLU E 404 59.48 29.46 15.32
N GLU E 405 60.29 29.22 14.29
CA GLU E 405 61.04 30.30 13.66
C GLU E 405 60.11 31.39 13.18
N ARG E 406 58.99 31.02 12.57
CA ARG E 406 58.02 31.98 12.08
C ARG E 406 57.18 32.60 13.19
N GLY E 407 57.27 32.10 14.41
CA GLY E 407 56.40 32.61 15.46
C GLY E 407 54.95 32.28 15.21
N ILE E 408 54.67 31.11 14.66
CA ILE E 408 53.32 30.68 14.34
C ILE E 408 52.78 29.87 15.51
N ARG E 409 51.77 30.40 16.19
CA ARG E 409 51.08 29.70 17.26
C ARG E 409 49.91 28.91 16.69
N SER E 410 49.42 27.97 17.47
CA SER E 410 48.34 27.12 17.01
C SER E 410 47.14 27.23 17.97
N LEU E 411 45.98 26.89 17.46
CA LEU E 411 44.77 26.95 18.25
C LEU E 411 44.81 25.86 19.34
N PRO E 412 44.00 26.04 20.40
CA PRO E 412 43.98 25.02 21.46
C PRO E 412 43.68 23.64 20.88
N ALA E 413 44.36 22.63 21.45
CA ALA E 413 44.29 21.29 20.90
C ALA E 413 43.05 20.53 21.36
N ASP E 414 42.46 20.90 22.50
CA ASP E 414 41.29 20.20 23.00
C ASP E 414 40.41 21.18 23.75
N LEU E 415 39.23 20.70 24.16
CA LEU E 415 38.27 21.58 24.82
C LEU E 415 38.77 22.01 26.20
N LYS E 416 39.57 21.19 26.86
CA LYS E 416 40.16 21.60 28.12
C LYS E 416 41.14 22.76 27.92
N GLU E 417 41.99 22.64 26.90
CA GLU E 417 42.97 23.69 26.62
C GLU E 417 42.27 24.98 26.15
N ALA E 418 41.22 24.86 25.33
CA ALA E 418 40.42 26.02 24.98
C ALA E 418 39.80 26.68 26.21
N ILE E 419 39.26 25.87 27.13
CA ILE E 419 38.65 26.40 28.36
C ILE E 419 39.67 27.19 29.17
N ASP E 420 40.86 26.60 29.38
CA ASP E 420 41.94 27.28 30.09
C ASP E 420 42.25 28.64 29.50
N GLU E 421 42.34 28.72 28.16
CA GLU E 421 42.66 29.99 27.51
C GLU E 421 41.54 31.01 27.65
N MET E 422 40.27 30.57 27.67
CA MET E 422 39.15 31.48 27.90
C MET E 422 39.01 31.88 29.38
N LYS E 423 39.32 30.97 30.30
CA LYS E 423 39.16 31.23 31.73
C LYS E 423 39.90 32.49 32.18
N GLY E 424 41.03 32.81 31.54
CA GLY E 424 41.83 33.96 31.92
C GLY E 424 41.86 35.10 30.93
N SER E 425 40.74 35.35 30.25
CA SER E 425 40.65 36.42 29.25
C SER E 425 39.77 37.55 29.77
N LYS E 426 40.39 38.68 30.14
CA LYS E 426 39.61 39.89 30.41
C LYS E 426 38.78 40.28 29.20
N PHE E 427 39.30 40.06 27.99
CA PHE E 427 38.58 40.45 26.78
C PHE E 427 37.27 39.68 26.64
N VAL E 428 37.31 38.36 26.78
CA VAL E 428 36.08 37.57 26.63
C VAL E 428 35.14 37.83 27.79
N LYS E 429 35.69 37.90 29.01
CA LYS E 429 34.87 38.19 30.18
C LYS E 429 34.16 39.52 30.03
N GLU E 430 34.84 40.53 29.49
CA GLU E 430 34.24 41.84 29.31
C GLU E 430 33.19 41.81 28.21
N ALA E 431 33.49 41.13 27.09
CA ALA E 431 32.59 41.12 25.94
C ALA E 431 31.36 40.23 26.15
N LEU E 432 31.48 39.14 26.91
CA LEU E 432 30.34 38.27 27.18
C LEU E 432 29.51 38.72 28.38
N GLY E 433 30.08 39.49 29.29
CA GLY E 433 29.47 39.72 30.58
C GLY E 433 29.75 38.59 31.54
N GLU E 434 29.60 38.89 32.83
CA GLU E 434 29.90 37.92 33.88
C GLU E 434 28.88 36.77 33.89
N HIS E 435 27.60 37.06 33.62
CA HIS E 435 26.61 35.99 33.59
C HIS E 435 27.01 34.92 32.58
N VAL E 436 27.28 35.34 31.35
CA VAL E 436 27.49 34.37 30.27
C VAL E 436 28.87 33.73 30.40
N PHE E 437 29.89 34.53 30.73
CA PHE E 437 31.24 33.99 30.83
C PHE E 437 31.29 32.81 31.78
N SER E 438 30.80 32.98 33.02
CA SER E 438 30.92 31.96 34.05
C SER E 438 29.95 30.80 33.85
N HIS E 439 28.72 31.08 33.40
CA HIS E 439 27.79 29.99 33.09
C HIS E 439 28.35 29.10 32.00
N TYR E 440 28.93 29.69 30.96
CA TYR E 440 29.48 28.93 29.85
C TYR E 440 30.65 28.06 30.31
N LEU E 441 31.52 28.62 31.16
CA LEU E 441 32.76 27.93 31.52
C LEU E 441 32.50 26.76 32.47
N CYS E 442 31.60 26.94 33.44
CA CYS E 442 31.29 25.83 34.33
C CYS E 442 30.67 24.66 33.58
N ALA E 443 29.74 24.96 32.66
CA ALA E 443 29.09 23.88 31.90
C ALA E 443 30.07 23.14 31.00
N LYS E 444 31.00 23.86 30.37
CA LYS E 444 31.95 23.19 29.49
C LYS E 444 32.96 22.37 30.30
N GLU E 445 33.30 22.83 31.51
CA GLU E 445 34.18 22.06 32.38
C GLU E 445 33.53 20.76 32.82
N MET E 446 32.26 20.82 33.24
CA MET E 446 31.53 19.61 33.58
C MET E 446 31.48 18.67 32.41
N GLU E 447 31.30 19.23 31.22
CA GLU E 447 31.27 18.47 29.99
C GLU E 447 32.60 17.75 29.78
N TRP E 448 33.71 18.47 29.98
CA TRP E 448 35.03 17.87 29.81
C TRP E 448 35.32 16.81 30.87
N ASP E 449 34.90 17.06 32.12
CA ASP E 449 35.19 16.11 33.20
C ASP E 449 34.48 14.80 33.00
N GLU E 450 33.37 14.81 32.27
CA GLU E 450 32.69 13.57 31.94
C GLU E 450 33.43 12.83 30.83
N TYR E 451 33.87 13.56 29.80
CA TYR E 451 34.60 12.94 28.70
C TYR E 451 35.94 12.35 29.14
N LYS E 452 36.68 13.07 30.00
CA LYS E 452 38.04 12.68 30.35
C LYS E 452 38.10 11.42 31.19
N ALA E 453 36.97 10.96 31.74
CA ALA E 453 36.92 9.73 32.51
C ALA E 453 36.45 8.53 31.71
N VAL E 454 35.83 8.74 30.55
CA VAL E 454 35.30 7.62 29.79
C VAL E 454 36.45 6.74 29.33
N VAL E 455 36.23 5.42 29.36
CA VAL E 455 37.15 4.46 28.78
C VAL E 455 36.57 4.04 27.43
N HIS E 456 37.29 4.32 26.36
CA HIS E 456 36.79 4.20 25.00
C HIS E 456 37.16 2.84 24.41
N PRO E 457 36.32 2.35 23.49
CA PRO E 457 36.66 1.08 22.81
C PRO E 457 38.01 1.13 22.09
N TRP E 458 38.44 2.32 21.65
CA TRP E 458 39.79 2.45 21.12
C TRP E 458 40.83 2.03 22.14
N GLU E 459 40.58 2.27 23.43
CA GLU E 459 41.55 1.90 24.45
C GLU E 459 41.59 0.38 24.62
N LEU E 460 40.43 -0.28 24.61
CA LEU E 460 40.42 -1.74 24.66
C LEU E 460 41.05 -2.35 23.41
N SER E 461 40.71 -1.84 22.23
CA SER E 461 41.32 -2.35 21.00
C SER E 461 42.84 -2.33 21.11
N ARG E 462 43.38 -1.24 21.63
CA ARG E 462 44.82 -1.11 21.60
C ARG E 462 45.49 -1.83 22.77
N TYR E 463 44.91 -1.76 23.99
CA TYR E 463 45.65 -2.18 25.18
C TYR E 463 45.24 -3.53 25.75
N LEU E 464 44.07 -4.05 25.43
CA LEU E 464 43.56 -5.20 26.18
C LEU E 464 44.49 -6.40 26.05
N SER E 465 44.83 -6.80 24.82
CA SER E 465 45.74 -7.93 24.62
C SER E 465 47.18 -7.56 24.92
N MET E 466 47.51 -6.27 24.89
CA MET E 466 48.89 -5.84 24.98
C MET E 466 49.46 -6.02 26.38
N LEU E 467 48.70 -5.67 27.41
CA LEU E 467 49.26 -5.50 28.74
C LEU E 467 49.21 -6.76 29.63
N LYS F 25 -21.16 29.55 20.36
CA LYS F 25 -22.15 29.77 21.41
C LYS F 25 -21.86 28.98 22.69
N LYS F 26 -22.44 29.45 23.81
CA LYS F 26 -22.37 28.79 25.11
C LYS F 26 -23.70 28.07 25.37
N CYS F 27 -23.64 26.76 25.62
CA CYS F 27 -24.85 25.98 25.83
C CYS F 27 -25.31 26.16 27.26
N THR F 28 -26.57 26.57 27.43
CA THR F 28 -27.13 26.90 28.74
C THR F 28 -28.26 25.99 29.13
N THR F 29 -29.09 25.56 28.19
CA THR F 29 -30.27 24.76 28.47
C THR F 29 -30.15 23.42 27.79
N LYS F 30 -31.03 22.50 28.18
CA LYS F 30 -31.15 21.26 27.45
C LYS F 30 -31.60 21.48 26.02
N GLU F 31 -32.24 22.61 25.73
CA GLU F 31 -32.62 22.89 24.34
C GLU F 31 -31.42 23.29 23.51
N ASP F 32 -30.50 24.08 24.07
CA ASP F 32 -29.26 24.38 23.35
C ASP F 32 -28.50 23.10 23.00
N VAL F 33 -28.47 22.15 23.92
CA VAL F 33 -27.74 20.91 23.70
C VAL F 33 -28.46 20.05 22.65
N LEU F 34 -29.78 19.92 22.78
CA LEU F 34 -30.52 19.11 21.82
C LEU F 34 -30.48 19.72 20.41
N GLU F 35 -30.28 21.02 20.30
CA GLU F 35 -30.19 21.65 19.00
C GLU F 35 -28.77 21.61 18.43
N ALA F 36 -27.74 21.70 19.28
CA ALA F 36 -26.38 21.43 18.80
C ALA F 36 -26.25 20.00 18.30
N VAL F 37 -26.86 19.04 19.02
CA VAL F 37 -26.81 17.65 18.57
C VAL F 37 -27.40 17.52 17.17
N LYS F 38 -28.52 18.18 16.92
CA LYS F 38 -29.14 18.14 15.60
C LYS F 38 -28.24 18.79 14.55
N GLU F 39 -27.82 20.03 14.79
CA GLU F 39 -27.09 20.79 13.78
C GLU F 39 -25.76 20.12 13.43
N ARG F 40 -25.09 19.53 14.41
CA ARG F 40 -23.73 19.05 14.19
C ARG F 40 -23.68 17.55 13.97
N ASP F 41 -24.82 16.90 13.88
CA ASP F 41 -24.89 15.47 13.62
C ASP F 41 -24.09 14.68 14.67
N VAL F 42 -24.33 15.01 15.93
CA VAL F 42 -23.74 14.24 17.03
C VAL F 42 -24.51 12.94 17.17
N LYS F 43 -23.79 11.82 17.26
CA LYS F 43 -24.41 10.52 17.37
C LYS F 43 -24.23 9.85 18.72
N PHE F 44 -23.20 10.18 19.48
CA PHE F 44 -22.97 9.53 20.76
C PHE F 44 -22.58 10.57 21.79
N ILE F 45 -23.06 10.39 23.02
CA ILE F 45 -22.80 11.29 24.14
C ILE F 45 -22.21 10.47 25.29
N ARG F 46 -20.94 10.71 25.60
CA ARG F 46 -20.26 10.02 26.67
C ARG F 46 -20.35 10.81 27.96
N THR F 47 -20.85 10.18 29.03
CA THR F 47 -20.76 10.81 30.33
C THR F 47 -19.30 10.86 30.78
N GLN F 48 -19.02 11.76 31.70
CA GLN F 48 -17.65 11.92 32.17
C GLN F 48 -17.69 12.13 33.68
N PHE F 49 -17.06 11.23 34.43
CA PHE F 49 -16.91 11.39 35.88
C PHE F 49 -15.62 10.69 36.30
N THR F 50 -15.45 10.49 37.61
CA THR F 50 -14.26 9.83 38.16
C THR F 50 -14.68 8.94 39.32
N ASP F 51 -13.86 7.93 39.61
CA ASP F 51 -14.09 7.17 40.83
C ASP F 51 -13.30 7.79 41.98
N THR F 52 -13.42 7.20 43.17
CA THR F 52 -12.77 7.77 44.34
C THR F 52 -11.28 7.99 44.10
N LEU F 53 -10.61 6.97 43.55
CA LEU F 53 -9.15 6.98 43.45
C LEU F 53 -8.62 7.88 42.34
N GLY F 54 -9.45 8.24 41.36
CA GLY F 54 -9.02 9.12 40.29
C GLY F 54 -9.13 8.53 38.90
N ILE F 55 -9.65 7.31 38.74
CA ILE F 55 -9.81 6.73 37.41
C ILE F 55 -10.96 7.42 36.68
N ILE F 56 -10.75 7.69 35.39
CA ILE F 56 -11.76 8.37 34.57
C ILE F 56 -12.81 7.36 34.11
N LYS F 57 -14.07 7.68 34.34
CA LYS F 57 -15.19 6.77 34.08
C LYS F 57 -16.14 7.39 33.06
N SER F 58 -16.81 6.52 32.31
CA SER F 58 -17.70 6.94 31.24
C SER F 58 -18.71 5.85 30.95
N TRP F 59 -19.82 6.24 30.32
CA TRP F 59 -20.63 5.30 29.57
C TRP F 59 -21.23 6.04 28.38
N ALA F 60 -21.67 5.27 27.39
CA ALA F 60 -22.13 5.80 26.12
C ALA F 60 -23.65 5.85 26.11
N ILE F 61 -24.19 6.99 25.68
CA ILE F 61 -25.62 7.23 25.54
C ILE F 61 -25.88 7.58 24.08
N PRO F 62 -26.59 6.76 23.30
CA PRO F 62 -26.92 7.15 21.94
C PRO F 62 -27.66 8.48 21.94
N ALA F 63 -27.43 9.27 20.90
CA ALA F 63 -28.07 10.58 20.81
C ALA F 63 -29.59 10.45 20.86
N GLU F 64 -30.14 9.38 20.29
CA GLU F 64 -31.58 9.16 20.31
C GLU F 64 -32.11 9.03 21.72
N GLN F 65 -31.25 8.69 22.70
CA GLN F 65 -31.65 8.56 24.09
C GLN F 65 -31.47 9.84 24.91
N LEU F 66 -30.90 10.90 24.34
CA LEU F 66 -30.44 12.03 25.15
C LEU F 66 -31.60 12.85 25.72
N GLU F 67 -32.67 13.06 24.95
CA GLU F 67 -33.77 13.89 25.46
C GLU F 67 -34.43 13.27 26.68
N GLU F 68 -34.65 11.95 26.66
CA GLU F 68 -35.18 11.29 27.85
C GLU F 68 -34.21 11.43 29.02
N ALA F 69 -32.90 11.29 28.75
CA ALA F 69 -31.90 11.45 29.79
C ALA F 69 -31.90 12.86 30.38
N PHE F 70 -32.21 13.87 29.56
CA PHE F 70 -32.39 15.21 30.11
C PHE F 70 -33.67 15.32 30.92
N GLU F 71 -34.71 14.56 30.56
CA GLU F 71 -36.01 14.71 31.23
C GLU F 71 -36.04 14.02 32.59
N ASN F 72 -35.43 12.83 32.68
CA ASN F 72 -35.54 11.98 33.85
C ASN F 72 -34.23 11.74 34.60
N GLY F 73 -33.08 11.95 33.97
CA GLY F 73 -31.82 11.51 34.51
C GLY F 73 -31.60 10.05 34.17
N VAL F 74 -30.42 9.55 34.52
CA VAL F 74 -30.00 8.21 34.11
C VAL F 74 -29.54 7.43 35.34
N MET F 75 -30.18 6.29 35.57
CA MET F 75 -29.75 5.37 36.63
C MET F 75 -28.49 4.62 36.20
N PHE F 76 -27.54 4.49 37.13
CA PHE F 76 -26.30 3.76 36.88
C PHE F 76 -25.82 3.17 38.20
N ASP F 77 -24.89 2.21 38.10
CA ASP F 77 -24.35 1.54 39.29
C ASP F 77 -23.24 2.38 39.92
N GLY F 78 -23.53 2.92 41.11
CA GLY F 78 -22.60 3.77 41.85
C GLY F 78 -21.33 3.07 42.31
N SER F 79 -21.23 1.74 42.14
CA SER F 79 -19.95 1.07 42.35
C SER F 79 -18.91 1.52 41.36
N SER F 80 -19.31 2.13 40.24
CA SER F 80 -18.34 2.73 39.34
C SER F 80 -17.59 3.87 40.02
N ILE F 81 -18.11 4.41 41.12
CA ILE F 81 -17.44 5.47 41.85
C ILE F 81 -16.83 4.96 43.15
N GLN F 82 -17.58 4.18 43.91
CA GLN F 82 -17.23 3.77 45.26
C GLN F 82 -16.67 2.36 45.34
N GLY F 83 -16.75 1.56 44.29
CA GLY F 83 -16.22 0.21 44.29
C GLY F 83 -17.20 -0.82 44.83
N PHE F 84 -16.86 -2.08 44.61
CA PHE F 84 -17.76 -3.16 44.99
C PHE F 84 -17.59 -3.65 46.42
N THR F 85 -16.53 -3.24 47.13
CA THR F 85 -16.05 -3.90 48.34
C THR F 85 -17.02 -3.82 49.52
N ARG F 86 -18.05 -2.96 49.46
CA ARG F 86 -19.01 -2.83 50.54
C ARG F 86 -20.43 -2.96 49.99
N ILE F 87 -21.32 -3.42 50.85
CA ILE F 87 -22.76 -3.38 50.59
C ILE F 87 -23.24 -2.00 51.01
N GLU F 88 -23.49 -1.14 50.03
CA GLU F 88 -24.01 0.19 50.26
C GLU F 88 -24.98 0.51 49.14
N GLU F 89 -25.74 1.60 49.30
CA GLU F 89 -26.68 1.99 48.25
C GLU F 89 -25.94 2.16 46.94
N SER F 90 -26.40 1.45 45.90
CA SER F 90 -25.71 1.45 44.62
C SER F 90 -26.54 2.00 43.46
N ASP F 91 -27.84 2.21 43.62
CA ASP F 91 -28.69 2.75 42.56
C ASP F 91 -28.61 4.28 42.56
N MET F 92 -27.72 4.82 41.74
CA MET F 92 -27.53 6.27 41.65
C MET F 92 -28.12 6.80 40.35
N LYS F 93 -28.38 8.10 40.36
CA LYS F 93 -29.00 8.78 39.23
C LYS F 93 -28.15 9.97 38.85
N LEU F 94 -27.78 10.07 37.57
CA LEU F 94 -27.07 11.23 37.06
C LEU F 94 -28.06 12.23 36.47
N ALA F 95 -27.97 13.48 36.92
CA ALA F 95 -28.74 14.58 36.38
C ALA F 95 -27.80 15.42 35.51
N LEU F 96 -27.98 15.31 34.19
CA LEU F 96 -27.03 15.88 33.24
C LEU F 96 -27.00 17.39 33.30
N ASP F 97 -25.81 17.97 33.36
CA ASP F 97 -25.67 19.41 33.33
C ASP F 97 -25.53 19.85 31.88
N PRO F 98 -26.52 20.51 31.28
CA PRO F 98 -26.38 20.91 29.87
C PRO F 98 -25.22 21.85 29.62
N SER F 99 -24.78 22.61 30.62
CA SER F 99 -23.71 23.58 30.43
C SER F 99 -22.33 22.96 30.43
N THR F 100 -22.22 21.63 30.50
CA THR F 100 -20.94 20.93 30.44
C THR F 100 -20.76 20.15 29.14
N PHE F 101 -21.72 20.24 28.22
CA PHE F 101 -21.70 19.54 26.94
C PHE F 101 -20.59 20.08 26.05
N ARG F 102 -19.73 19.20 25.53
CA ARG F 102 -18.57 19.60 24.73
C ARG F 102 -18.28 18.57 23.64
N ILE F 103 -18.13 19.03 22.41
CA ILE F 103 -17.86 18.14 21.30
C ILE F 103 -16.40 17.73 21.35
N LEU F 104 -16.15 16.42 21.26
CA LEU F 104 -14.80 15.90 21.25
C LEU F 104 -14.14 16.13 19.89
N PRO F 105 -12.80 16.32 19.84
CA PRO F 105 -12.13 16.77 18.63
C PRO F 105 -11.65 15.65 17.70
N TRP F 106 -12.53 14.69 17.43
CA TRP F 106 -12.32 13.71 16.35
C TRP F 106 -13.68 13.45 15.71
N ARG F 107 -13.64 13.03 14.44
CA ARG F 107 -14.87 12.89 13.65
C ARG F 107 -14.94 11.50 13.03
N PRO F 108 -15.55 10.55 13.72
CA PRO F 108 -15.74 9.22 13.15
C PRO F 108 -16.62 9.27 11.91
N ALA F 109 -16.52 8.24 11.07
CA ALA F 109 -17.43 8.17 9.93
C ALA F 109 -18.86 8.16 10.40
N THR F 110 -19.13 7.43 11.49
CA THR F 110 -20.50 7.26 11.97
C THR F 110 -21.15 8.61 12.33
N GLY F 111 -20.43 9.48 13.01
CA GLY F 111 -20.94 10.81 13.36
C GLY F 111 -20.17 11.36 14.54
N ALA F 112 -20.51 12.59 14.91
CA ALA F 112 -19.78 13.28 15.97
C ALA F 112 -20.06 12.67 17.36
N VAL F 113 -19.17 12.98 18.31
CA VAL F 113 -19.20 12.47 19.69
C VAL F 113 -18.97 13.65 20.63
N ALA F 114 -19.75 13.72 21.70
CA ALA F 114 -19.64 14.79 22.70
C ALA F 114 -19.39 14.20 24.08
N ARG F 115 -19.02 15.04 25.05
CA ARG F 115 -19.00 14.64 26.44
C ARG F 115 -19.97 15.51 27.22
N ILE F 116 -20.39 14.99 28.38
CA ILE F 116 -21.26 15.72 29.29
C ILE F 116 -21.01 15.20 30.70
N LEU F 117 -21.17 16.07 31.68
CA LEU F 117 -21.08 15.72 33.09
C LEU F 117 -22.43 15.98 33.75
N GLY F 118 -22.59 15.53 34.98
CA GLY F 118 -23.79 15.83 35.72
C GLY F 118 -23.58 15.69 37.21
N ASP F 119 -24.68 15.75 37.95
CA ASP F 119 -24.67 15.60 39.40
C ASP F 119 -25.31 14.27 39.79
N VAL F 120 -24.72 13.58 40.78
CA VAL F 120 -25.12 12.23 41.16
C VAL F 120 -25.98 12.27 42.42
N TYR F 121 -27.14 11.60 42.37
CA TYR F 121 -28.12 11.62 43.45
C TYR F 121 -28.46 10.20 43.88
N LEU F 122 -28.72 10.06 45.18
CA LEU F 122 -29.23 8.83 45.78
C LEU F 122 -30.71 8.67 45.49
N PRO F 123 -31.27 7.46 45.64
CA PRO F 123 -32.71 7.28 45.41
C PRO F 123 -33.56 8.24 46.20
N ASP F 124 -33.13 8.60 47.42
CA ASP F 124 -33.91 9.52 48.23
C ASP F 124 -33.97 10.92 47.65
N GLY F 125 -33.15 11.24 46.64
CA GLY F 125 -33.10 12.55 46.07
C GLY F 125 -32.02 13.44 46.61
N ASN F 126 -31.29 13.01 47.63
CA ASN F 126 -30.18 13.79 48.13
C ASN F 126 -28.93 13.51 47.30
N PRO F 127 -28.00 14.47 47.23
CA PRO F 127 -26.77 14.23 46.45
C PRO F 127 -25.88 13.18 47.09
N PHE F 128 -25.26 12.36 46.24
CA PHE F 128 -24.30 11.36 46.66
C PHE F 128 -22.97 12.05 47.00
N LYS F 129 -22.62 12.08 48.31
CA LYS F 129 -21.41 12.74 48.78
C LYS F 129 -20.13 12.04 48.39
N GLY F 130 -20.22 10.81 47.86
CA GLY F 130 -19.05 10.04 47.45
C GLY F 130 -18.49 10.37 46.09
N ASP F 131 -19.17 11.19 45.30
CA ASP F 131 -18.61 11.63 44.02
C ASP F 131 -17.52 12.66 44.27
N PRO F 132 -16.31 12.47 43.73
CA PRO F 132 -15.27 13.50 43.92
C PRO F 132 -15.65 14.89 43.44
N ARG F 133 -16.47 15.01 42.39
CA ARG F 133 -16.89 16.33 41.92
C ARG F 133 -17.76 17.02 42.96
N TYR F 134 -18.61 16.26 43.66
CA TYR F 134 -19.39 16.83 44.75
C TYR F 134 -18.48 17.31 45.88
N VAL F 135 -17.38 16.60 46.14
CA VAL F 135 -16.41 17.06 47.12
C VAL F 135 -15.85 18.42 46.74
N LEU F 136 -15.54 18.62 45.45
CA LEU F 136 -15.07 19.94 45.03
C LEU F 136 -16.16 21.00 45.16
N LYS F 137 -17.43 20.61 45.00
CA LYS F 137 -18.53 21.55 45.14
C LYS F 137 -18.74 21.99 46.59
N THR F 138 -18.42 21.14 47.58
CA THR F 138 -18.57 21.62 48.95
C THR F 138 -17.44 22.55 49.35
N ALA F 139 -16.23 22.33 48.83
CA ALA F 139 -15.15 23.26 49.09
C ALA F 139 -15.46 24.62 48.47
N ILE F 140 -16.02 24.62 47.26
CA ILE F 140 -16.39 25.86 46.59
C ILE F 140 -17.46 26.59 47.39
N LYS F 141 -18.49 25.85 47.82
CA LYS F 141 -19.52 26.45 48.64
C LYS F 141 -18.94 27.00 49.95
N GLU F 142 -17.88 26.40 50.45
CA GLU F 142 -17.30 26.93 51.67
C GLU F 142 -16.56 28.23 51.42
N ALA F 143 -15.80 28.33 50.32
CA ALA F 143 -15.10 29.57 50.01
C ALA F 143 -16.09 30.70 49.72
N GLU F 144 -17.14 30.41 48.96
CA GLU F 144 -18.12 31.44 48.60
C GLU F 144 -18.82 32.02 49.81
N LYS F 145 -19.06 31.21 50.85
CA LYS F 145 -19.59 31.75 52.10
C LYS F 145 -18.72 32.88 52.65
N MET F 146 -17.41 32.78 52.47
CA MET F 146 -16.49 33.87 52.74
C MET F 146 -16.33 34.82 51.56
N GLY F 147 -17.11 34.62 50.50
CA GLY F 147 -17.07 35.50 49.36
C GLY F 147 -15.95 35.26 48.40
N PHE F 148 -15.13 34.25 48.62
CA PHE F 148 -14.01 33.92 47.75
C PHE F 148 -14.44 32.95 46.65
N SER F 149 -13.77 33.04 45.51
CA SER F 149 -13.82 32.03 44.46
C SER F 149 -12.40 31.71 44.03
N MET F 150 -12.17 30.46 43.59
CA MET F 150 -10.84 29.95 43.29
C MET F 150 -10.69 29.73 41.78
N ASN F 151 -9.61 30.28 41.22
CA ASN F 151 -9.19 29.95 39.87
C ASN F 151 -7.89 29.16 39.92
N VAL F 152 -7.76 28.21 39.00
CA VAL F 152 -6.59 27.34 38.89
C VAL F 152 -6.13 27.35 37.44
N GLY F 153 -4.81 27.47 37.23
CA GLY F 153 -4.23 27.20 35.94
C GLY F 153 -3.23 26.07 36.04
N PRO F 154 -3.62 24.89 35.59
CA PRO F 154 -2.75 23.72 35.73
C PRO F 154 -1.75 23.57 34.60
N GLU F 155 -0.56 23.08 34.96
CA GLU F 155 0.52 22.76 34.05
C GLU F 155 0.69 21.24 34.04
N LEU F 156 0.31 20.58 32.95
CA LEU F 156 0.29 19.12 32.88
C LEU F 156 1.50 18.61 32.11
N GLU F 157 2.34 17.81 32.76
CA GLU F 157 3.47 17.15 32.12
C GLU F 157 3.14 15.71 31.76
N PHE F 158 3.75 15.24 30.67
CA PHE F 158 3.58 13.88 30.17
C PHE F 158 4.79 13.55 29.31
N PHE F 159 4.91 12.27 28.99
CA PHE F 159 5.92 11.74 28.08
C PHE F 159 5.20 11.24 26.84
N LEU F 160 5.81 11.43 25.67
CA LEU F 160 5.29 10.86 24.44
C LEU F 160 6.21 9.70 24.07
N PHE F 161 5.67 8.49 24.11
CA PHE F 161 6.43 7.27 23.85
C PHE F 161 5.97 6.63 22.54
N LYS F 162 6.69 5.59 22.14
CA LYS F 162 6.31 4.77 21.01
C LYS F 162 5.39 3.64 21.47
N LEU F 163 4.59 3.15 20.54
CA LEU F 163 3.89 1.88 20.70
C LEU F 163 4.76 0.77 20.13
N ASP F 164 4.66 -0.41 20.73
CA ASP F 164 5.40 -1.53 20.16
C ASP F 164 4.63 -2.10 18.96
N ALA F 165 5.16 -3.21 18.43
CA ALA F 165 4.62 -3.77 17.19
C ALA F 165 3.18 -4.22 17.34
N ASN F 166 2.72 -4.49 18.58
CA ASN F 166 1.35 -4.89 18.86
C ASN F 166 0.43 -3.71 19.16
N GLY F 167 0.95 -2.49 19.17
CA GLY F 167 0.15 -1.33 19.53
C GLY F 167 0.10 -1.09 21.02
N ASN F 168 0.98 -1.72 21.79
CA ASN F 168 1.01 -1.63 23.24
C ASN F 168 1.90 -0.48 23.72
N PRO F 169 1.53 0.08 24.86
CA PRO F 169 2.36 1.13 25.48
C PRO F 169 3.75 0.64 25.81
N THR F 170 4.74 1.48 25.53
CA THR F 170 6.12 1.24 25.96
C THR F 170 6.65 2.51 26.62
N THR F 171 7.88 2.44 27.12
CA THR F 171 8.64 3.64 27.48
C THR F 171 9.70 4.00 26.42
N GLU F 172 9.52 3.56 25.17
CA GLU F 172 10.48 3.89 24.12
C GLU F 172 10.45 5.38 23.83
N LEU F 173 11.63 5.99 23.79
CA LEU F 173 11.71 7.43 23.64
C LEU F 173 11.36 7.84 22.22
N THR F 174 10.76 9.03 22.09
CA THR F 174 10.55 9.64 20.79
C THR F 174 11.58 10.71 20.47
N ASP F 175 12.14 11.38 21.46
CA ASP F 175 13.27 12.28 21.21
C ASP F 175 14.25 12.15 22.38
N GLN F 176 15.41 12.78 22.21
CA GLN F 176 16.38 12.97 23.27
C GLN F 176 16.51 14.44 23.60
N GLY F 177 15.44 15.21 23.41
CA GLY F 177 15.49 16.63 23.69
C GLY F 177 15.60 16.92 25.16
N GLY F 178 15.99 18.16 25.46
CA GLY F 178 16.00 18.69 26.81
C GLY F 178 15.09 19.89 26.98
N TYR F 179 15.37 20.69 28.00
CA TYR F 179 14.41 21.67 28.50
C TYR F 179 14.19 22.78 27.47
N PHE F 180 12.93 22.94 27.02
CA PHE F 180 12.50 23.93 26.04
C PHE F 180 13.14 23.75 24.67
N ASP F 181 13.77 22.60 24.42
CA ASP F 181 14.36 22.33 23.11
C ASP F 181 13.28 22.32 22.04
N PHE F 182 13.66 22.70 20.82
CA PHE F 182 12.72 22.59 19.70
C PHE F 182 12.78 21.15 19.19
N ALA F 183 12.15 20.26 19.95
CA ALA F 183 12.15 18.83 19.68
C ALA F 183 10.74 18.32 19.95
N PRO F 184 10.29 17.26 19.26
CA PRO F 184 10.95 16.47 18.19
C PRO F 184 10.81 17.12 16.83
N LEU F 185 11.56 16.69 15.81
CA LEU F 185 11.45 17.25 14.48
C LEU F 185 11.16 16.21 13.41
N ASP F 186 10.80 15.00 13.79
CA ASP F 186 10.36 13.96 12.88
C ASP F 186 8.84 13.91 12.87
N ARG F 187 8.29 12.78 12.45
CA ARG F 187 6.84 12.57 12.51
C ARG F 187 6.23 12.96 13.86
N ALA F 188 6.95 12.76 14.96
CA ALA F 188 6.41 13.14 16.27
C ALA F 188 6.22 14.65 16.42
N GLN F 189 6.88 15.45 15.60
CA GLN F 189 6.65 16.89 15.60
C GLN F 189 5.20 17.21 15.23
N ASP F 190 4.62 16.45 14.30
CA ASP F 190 3.25 16.64 13.86
C ASP F 190 2.24 16.14 14.91
N VAL F 191 2.53 15.01 15.55
CA VAL F 191 1.62 14.47 16.56
C VAL F 191 1.54 15.38 17.78
N ARG F 192 2.67 15.95 18.21
CA ARG F 192 2.64 16.96 19.27
C ARG F 192 1.76 18.12 18.88
N ARG F 193 1.94 18.63 17.65
CA ARG F 193 1.10 19.73 17.15
C ARG F 193 -0.36 19.32 17.11
N ASP F 194 -0.64 18.06 16.77
CA ASP F 194 -2.02 17.58 16.75
C ASP F 194 -2.63 17.61 18.13
N ILE F 195 -1.86 17.25 19.16
CA ILE F 195 -2.38 17.31 20.51
C ILE F 195 -2.69 18.75 20.90
N ASP F 196 -1.80 19.69 20.57
CA ASP F 196 -2.08 21.09 20.87
C ASP F 196 -3.31 21.58 20.12
N TYR F 197 -3.42 21.21 18.84
CA TYR F 197 -4.52 21.69 18.02
C TYR F 197 -5.85 21.17 18.53
N ALA F 198 -5.92 19.88 18.88
CA ALA F 198 -7.19 19.28 19.29
C ALA F 198 -7.74 19.93 20.56
N LEU F 199 -6.87 20.20 21.54
CA LEU F 199 -7.31 20.83 22.79
C LEU F 199 -7.79 22.24 22.55
N GLU F 200 -7.08 23.00 21.73
CA GLU F 200 -7.39 24.41 21.52
C GLU F 200 -8.77 24.56 20.89
N HIS F 201 -9.12 23.68 19.96
CA HIS F 201 -10.41 23.80 19.29
C HIS F 201 -11.49 22.92 19.92
N MET F 202 -11.13 22.09 20.89
CA MET F 202 -12.12 21.58 21.85
C MET F 202 -12.75 22.71 22.66
N GLY F 203 -12.10 23.86 22.73
CA GLY F 203 -12.51 24.93 23.61
C GLY F 203 -11.61 25.13 24.80
N PHE F 204 -10.64 24.25 25.03
CA PHE F 204 -9.60 24.61 25.97
C PHE F 204 -8.98 25.92 25.54
N GLN F 205 -8.32 26.62 26.46
CA GLN F 205 -7.39 27.64 26.04
C GLN F 205 -6.04 27.28 26.64
N ILE F 206 -5.07 27.07 25.77
CA ILE F 206 -3.69 26.79 26.13
C ILE F 206 -2.94 28.11 26.14
N GLU F 207 -2.19 28.36 27.22
CA GLU F 207 -1.26 29.48 27.22
C GLU F 207 -0.04 29.18 26.35
N ALA F 208 0.60 28.03 26.58
CA ALA F 208 1.85 27.68 25.92
C ALA F 208 2.14 26.21 26.15
N SER F 209 3.08 25.68 25.37
CA SER F 209 3.55 24.31 25.55
C SER F 209 5.03 24.23 25.19
N HIS F 210 5.73 23.31 25.84
CA HIS F 210 7.16 23.21 25.61
C HIS F 210 7.64 21.79 25.92
N HIS F 211 8.78 21.45 25.36
CA HIS F 211 9.53 20.28 25.78
C HIS F 211 10.03 20.47 27.21
N GLU F 212 9.91 19.43 28.02
CA GLU F 212 10.30 19.48 29.43
C GLU F 212 11.71 18.87 29.56
N VAL F 213 12.18 18.66 30.80
CA VAL F 213 13.61 18.39 31.01
C VAL F 213 14.02 17.01 30.49
N ALA F 214 13.22 15.99 30.77
CA ALA F 214 13.56 14.64 30.36
C ALA F 214 13.37 14.46 28.86
N PRO F 215 14.04 13.48 28.26
CA PRO F 215 13.77 13.18 26.85
C PRO F 215 12.31 12.76 26.69
N SER F 216 11.70 13.16 25.59
CA SER F 216 10.33 12.80 25.24
C SER F 216 9.30 13.39 26.20
N GLN F 217 9.69 14.31 27.08
CA GLN F 217 8.79 14.92 28.05
C GLN F 217 8.28 16.27 27.56
N HIS F 218 7.02 16.57 27.91
CA HIS F 218 6.35 17.78 27.46
C HIS F 218 5.55 18.37 28.61
N GLU F 219 5.15 19.62 28.45
CA GLU F 219 4.28 20.29 29.39
C GLU F 219 3.34 21.23 28.64
N ILE F 220 2.03 21.13 28.91
CA ILE F 220 1.05 22.06 28.35
C ILE F 220 0.47 22.90 29.48
N ASP F 221 0.52 24.23 29.32
CA ASP F 221 0.06 25.16 30.34
C ASP F 221 -1.37 25.56 30.03
N PHE F 222 -2.31 25.15 30.89
CA PHE F 222 -3.69 25.59 30.76
C PHE F 222 -3.77 27.09 31.03
N ARG F 223 -4.78 27.74 30.45
CA ARG F 223 -5.13 29.07 30.90
C ARG F 223 -5.82 29.00 32.26
N PHE F 224 -5.82 30.12 32.97
CA PHE F 224 -6.48 30.20 34.27
C PHE F 224 -7.99 30.10 34.09
N GLY F 225 -8.63 29.29 34.93
CA GLY F 225 -10.07 29.16 34.87
C GLY F 225 -10.60 28.74 36.21
N ASP F 226 -11.91 28.89 36.40
CA ASP F 226 -12.49 28.56 37.68
C ASP F 226 -12.24 27.09 37.97
N VAL F 227 -12.07 26.77 39.25
CA VAL F 227 -11.52 25.47 39.63
C VAL F 227 -12.42 24.33 39.14
N LEU F 228 -13.74 24.47 39.32
CA LEU F 228 -14.64 23.39 38.90
C LEU F 228 -14.51 23.11 37.42
N CYS F 229 -14.62 24.15 36.59
CA CYS F 229 -14.49 24.01 35.15
C CYS F 229 -13.11 23.48 34.78
N THR F 230 -12.08 23.99 35.46
CA THR F 230 -10.71 23.51 35.21
C THR F 230 -10.55 22.04 35.56
N ALA F 231 -11.12 21.60 36.69
CA ALA F 231 -11.01 20.19 37.05
C ALA F 231 -11.73 19.31 36.05
N ASP F 232 -12.92 19.72 35.60
CA ASP F 232 -13.55 18.97 34.50
C ASP F 232 -12.63 18.92 33.29
N ASN F 233 -11.89 20.00 33.04
CA ASN F 233 -11.04 20.04 31.85
C ASN F 233 -9.81 19.17 32.02
N VAL F 234 -9.29 19.03 33.23
CA VAL F 234 -8.13 18.16 33.43
C VAL F 234 -8.51 16.70 33.20
N VAL F 235 -9.77 16.32 33.43
CA VAL F 235 -10.21 14.95 33.13
C VAL F 235 -10.36 14.74 31.61
N THR F 236 -10.98 15.70 30.91
CA THR F 236 -11.10 15.59 29.46
C THR F 236 -9.73 15.58 28.79
N PHE F 237 -8.79 16.36 29.34
CA PHE F 237 -7.46 16.45 28.76
C PHE F 237 -6.77 15.10 28.68
N LYS F 238 -6.86 14.28 29.74
CA LYS F 238 -6.07 13.05 29.76
C LYS F 238 -6.52 12.05 28.69
N TYR F 239 -7.83 11.91 28.45
CA TYR F 239 -8.23 10.91 27.48
C TYR F 239 -8.29 11.45 26.05
N VAL F 240 -8.42 12.76 25.86
CA VAL F 240 -8.27 13.33 24.53
C VAL F 240 -6.83 13.17 24.03
N VAL F 241 -5.86 13.55 24.86
CA VAL F 241 -4.45 13.39 24.51
C VAL F 241 -4.14 11.92 24.25
N LYS F 242 -4.63 11.03 25.12
CA LYS F 242 -4.31 9.61 24.94
C LYS F 242 -4.92 9.08 23.66
N SER F 243 -6.17 9.43 23.37
CA SER F 243 -6.82 8.99 22.14
C SER F 243 -6.12 9.54 20.90
N ILE F 244 -5.81 10.84 20.88
CA ILE F 244 -5.09 11.43 19.74
C ILE F 244 -3.77 10.72 19.52
N ALA F 245 -2.98 10.57 20.59
CA ALA F 245 -1.66 9.95 20.48
C ALA F 245 -1.76 8.51 19.97
N TYR F 246 -2.67 7.73 20.54
CA TYR F 246 -2.82 6.33 20.13
C TYR F 246 -3.09 6.24 18.65
N HIS F 247 -3.99 7.10 18.15
CA HIS F 247 -4.44 7.00 16.78
C HIS F 247 -3.37 7.42 15.78
N LYS F 248 -2.29 8.06 16.22
CA LYS F 248 -1.18 8.40 15.36
C LYS F 248 0.03 7.51 15.58
N GLY F 249 -0.09 6.47 16.41
CA GLY F 249 0.99 5.52 16.57
C GLY F 249 1.94 5.81 17.72
N TYR F 250 1.49 6.53 18.74
CA TYR F 250 2.33 6.95 19.87
C TYR F 250 1.55 6.73 21.16
N TYR F 251 2.24 6.90 22.29
CA TYR F 251 1.62 6.69 23.59
C TYR F 251 1.95 7.85 24.51
N ALA F 252 0.91 8.50 25.03
CA ALA F 252 1.06 9.59 26.01
C ALA F 252 0.90 9.03 27.42
N SER F 253 1.89 9.29 28.27
CA SER F 253 1.98 8.69 29.59
C SER F 253 1.92 9.74 30.68
N PHE F 254 1.01 9.54 31.65
CA PHE F 254 0.92 10.40 32.81
C PHE F 254 1.47 9.74 34.07
N MET F 255 2.25 8.68 33.92
CA MET F 255 2.92 8.11 35.08
C MET F 255 3.78 9.18 35.74
N PRO F 256 3.77 9.27 37.09
CA PRO F 256 4.63 10.23 37.79
C PRO F 256 6.11 10.08 37.46
N LYS F 257 6.58 8.88 37.14
CA LYS F 257 8.00 8.60 36.97
C LYS F 257 8.15 7.30 36.19
N PRO F 258 8.02 7.33 34.85
CA PRO F 258 8.18 6.08 34.08
C PRO F 258 9.62 5.66 33.83
N LEU F 259 10.60 6.57 33.93
CA LEU F 259 11.99 6.28 33.66
C LEU F 259 12.85 6.73 34.83
N PHE F 260 13.75 5.86 35.25
CA PHE F 260 14.63 6.18 36.37
C PHE F 260 15.71 7.15 35.93
N GLY F 261 16.05 8.10 36.80
CA GLY F 261 17.20 8.93 36.59
C GLY F 261 16.98 10.13 35.69
N VAL F 262 15.77 10.31 35.17
CA VAL F 262 15.39 11.52 34.45
C VAL F 262 14.16 12.07 35.16
N ASN F 263 13.86 13.34 34.88
CA ASN F 263 12.75 14.03 35.50
C ASN F 263 11.48 13.18 35.57
N GLY F 264 10.81 13.24 36.71
CA GLY F 264 9.44 12.78 36.77
C GLY F 264 8.50 13.85 36.28
N SER F 265 7.21 13.53 36.32
CA SER F 265 6.17 14.38 35.75
C SER F 265 5.24 14.89 36.84
N GLY F 266 5.11 16.22 36.94
CA GLY F 266 4.26 16.86 37.91
C GLY F 266 3.00 17.44 37.30
N MET F 267 2.03 17.78 38.12
CA MET F 267 0.90 18.61 37.71
C MET F 267 0.97 19.82 38.62
N HIS F 268 1.72 20.84 38.21
CA HIS F 268 1.86 22.05 39.00
C HIS F 268 0.55 22.83 39.03
N SER F 269 0.18 23.34 40.20
CA SER F 269 -1.15 23.89 40.44
C SER F 269 -1.04 25.37 40.81
N ASN F 270 -1.17 26.24 39.81
CA ASN F 270 -1.29 27.67 40.06
C ASN F 270 -2.70 28.03 40.51
N GLN F 271 -2.81 28.76 41.62
CA GLN F 271 -4.12 29.12 42.14
C GLN F 271 -4.15 30.57 42.61
N SER F 272 -5.33 31.19 42.51
CA SER F 272 -5.60 32.53 42.99
C SER F 272 -7.02 32.56 43.55
N LEU F 273 -7.19 33.34 44.63
CA LEU F 273 -8.49 33.61 45.23
C LEU F 273 -8.98 34.97 44.77
N PHE F 274 -10.30 35.10 44.62
CA PHE F 274 -10.92 36.34 44.20
C PHE F 274 -12.10 36.66 45.11
N LYS F 275 -12.41 37.95 45.18
CA LYS F 275 -13.51 38.48 45.99
C LYS F 275 -13.88 39.83 45.42
N ASP F 276 -15.15 39.99 45.03
CA ASP F 276 -15.61 41.18 44.31
C ASP F 276 -14.66 41.54 43.18
N GLY F 277 -14.43 40.56 42.30
CA GLY F 277 -13.71 40.83 41.08
C GLY F 277 -12.27 41.22 41.21
N LYS F 278 -11.70 41.15 42.40
CA LYS F 278 -10.31 41.54 42.61
C LYS F 278 -9.50 40.37 43.18
N ASN F 279 -8.21 40.36 42.89
CA ASN F 279 -7.33 39.26 43.27
C ASN F 279 -6.98 39.40 44.74
N VAL F 280 -7.45 38.45 45.55
CA VAL F 280 -7.27 38.49 47.00
C VAL F 280 -5.80 38.49 47.39
N PHE F 281 -4.92 37.95 46.53
CA PHE F 281 -3.52 37.79 46.87
C PHE F 281 -2.68 39.04 46.62
N TYR F 282 -3.22 40.02 45.91
CA TYR F 282 -2.47 41.19 45.49
C TYR F 282 -2.74 42.36 46.43
N ASP F 283 -1.67 43.01 46.86
CA ASP F 283 -1.73 44.20 47.73
C ASP F 283 -0.71 45.22 47.25
N PRO F 284 -1.14 46.27 46.55
CA PRO F 284 -0.15 47.23 46.01
C PRO F 284 0.69 47.90 47.08
N ASP F 285 0.10 48.20 48.23
CA ASP F 285 0.76 49.01 49.25
C ASP F 285 1.82 48.24 50.03
N THR F 286 1.88 46.90 49.91
CA THR F 286 2.97 46.21 50.60
C THR F 286 4.22 46.24 49.73
N PRO F 287 5.41 46.09 50.32
CA PRO F 287 6.64 46.18 49.50
C PRO F 287 6.75 45.05 48.51
N THR F 288 6.39 43.84 48.94
CA THR F 288 6.41 42.66 48.08
C THR F 288 5.20 42.59 47.17
N LYS F 289 4.15 43.36 47.48
CA LYS F 289 2.88 43.44 46.74
C LYS F 289 2.02 42.21 46.93
N LEU F 290 2.25 41.46 48.00
CA LEU F 290 1.44 40.31 48.37
C LEU F 290 0.64 40.63 49.63
N SER F 291 -0.65 40.30 49.59
CA SER F 291 -1.52 40.60 50.71
C SER F 291 -1.19 39.73 51.91
N GLN F 292 -1.68 40.17 53.07
CA GLN F 292 -1.61 39.34 54.26
C GLN F 292 -2.43 38.06 54.10
N ASP F 293 -3.48 38.09 53.28
CA ASP F 293 -4.28 36.90 53.02
C ASP F 293 -3.53 35.91 52.16
N ALA F 294 -2.67 36.39 51.26
CA ALA F 294 -1.81 35.48 50.52
C ALA F 294 -0.93 34.69 51.48
N MET F 295 -0.35 35.37 52.48
CA MET F 295 0.53 34.70 53.43
C MET F 295 -0.22 33.70 54.27
N TYR F 296 -1.44 34.04 54.69
CA TYR F 296 -2.26 33.10 55.45
C TYR F 296 -2.59 31.88 54.61
N TYR F 297 -2.87 32.09 53.31
CA TYR F 297 -3.21 30.99 52.41
C TYR F 297 -2.04 30.03 52.21
N ILE F 298 -0.81 30.55 52.12
CA ILE F 298 0.37 29.68 52.07
C ILE F 298 0.57 28.96 53.40
N GLY F 299 0.36 29.66 54.52
CA GLY F 299 0.49 29.01 55.80
C GLY F 299 -0.44 27.83 55.97
N GLY F 300 -1.68 27.96 55.51
CA GLY F 300 -2.61 26.84 55.59
C GLY F 300 -2.19 25.66 54.71
N LEU F 301 -1.70 25.94 53.52
CA LEU F 301 -1.20 24.87 52.65
C LEU F 301 -0.02 24.14 53.29
N LEU F 302 0.89 24.87 53.94
CA LEU F 302 2.05 24.23 54.55
C LEU F 302 1.65 23.38 55.76
N LYS F 303 0.70 23.86 56.56
CA LYS F 303 0.27 23.16 57.76
C LYS F 303 -0.33 21.81 57.45
N HIS F 304 -0.84 21.62 56.24
CA HIS F 304 -1.68 20.47 55.95
C HIS F 304 -1.23 19.65 54.76
N ILE F 305 -0.18 20.05 54.04
CA ILE F 305 0.16 19.35 52.82
C ILE F 305 0.58 17.91 53.12
N ARG F 306 1.30 17.67 54.23
CA ARG F 306 1.66 16.31 54.58
C ARG F 306 0.41 15.45 54.77
N GLU F 307 -0.67 16.03 55.29
CA GLU F 307 -1.86 15.26 55.60
C GLU F 307 -2.61 14.77 54.36
N PHE F 308 -2.32 15.32 53.17
CA PHE F 308 -3.01 14.86 51.97
C PHE F 308 -2.07 14.77 50.77
N THR F 309 -0.78 14.54 51.01
CA THR F 309 0.12 14.18 49.91
C THR F 309 -0.34 12.88 49.22
N ALA F 310 -0.91 11.95 49.96
CA ALA F 310 -1.47 10.72 49.40
C ALA F 310 -2.62 10.98 48.45
N VAL F 311 -3.20 12.18 48.47
CA VAL F 311 -4.19 12.55 47.46
C VAL F 311 -3.51 13.20 46.25
N THR F 312 -2.60 14.16 46.50
CA THR F 312 -1.90 14.83 45.42
C THR F 312 -0.91 13.91 44.71
N ASN F 313 -0.44 12.86 45.38
CA ASN F 313 0.55 11.93 44.85
C ASN F 313 0.12 10.51 45.21
N PRO F 314 -0.79 9.92 44.44
CA PRO F 314 -1.65 8.86 44.97
C PRO F 314 -1.18 7.42 44.76
N VAL F 315 -0.10 7.16 44.04
CA VAL F 315 0.33 5.80 43.74
C VAL F 315 1.76 5.59 44.22
N VAL F 316 2.21 4.32 44.19
CA VAL F 316 3.55 3.99 44.68
C VAL F 316 4.60 4.76 43.89
N ASN F 317 4.42 4.82 42.57
CA ASN F 317 5.34 5.49 41.65
C ASN F 317 5.41 7.00 41.88
N SER F 318 4.42 7.58 42.57
CA SER F 318 4.54 8.99 42.93
C SER F 318 5.78 9.27 43.76
N TYR F 319 6.20 8.31 44.59
CA TYR F 319 7.26 8.54 45.54
C TYR F 319 8.62 8.19 44.96
N LYS F 320 8.67 7.68 43.72
CA LYS F 320 9.92 7.58 42.97
C LYS F 320 10.23 8.84 42.19
N ARG F 321 9.24 9.72 41.99
CA ARG F 321 9.48 11.11 41.57
C ARG F 321 9.78 12.01 42.76
N LEU F 322 9.15 11.75 43.91
CA LEU F 322 9.45 12.50 45.13
C LEU F 322 10.73 11.96 45.77
N VAL F 323 11.82 12.09 45.02
CA VAL F 323 13.18 11.78 45.47
C VAL F 323 14.08 12.94 45.07
N PRO F 324 15.17 13.23 45.81
CA PRO F 324 15.99 14.40 45.46
C PRO F 324 16.70 14.25 44.11
N GLY F 325 16.93 15.40 43.45
CA GLY F 325 17.76 15.46 42.25
C GLY F 325 17.12 16.06 40.99
N TYR F 326 15.83 16.38 40.99
CA TYR F 326 15.11 16.70 39.76
C TYR F 326 14.18 17.89 40.05
N GLU F 327 13.21 18.11 39.15
CA GLU F 327 12.22 19.18 39.32
C GLU F 327 11.46 19.07 40.62
N ALA F 328 11.18 17.83 41.05
CA ALA F 328 10.17 17.59 42.07
C ALA F 328 10.65 18.07 43.43
N PRO F 329 9.78 18.74 44.20
CA PRO F 329 10.11 19.03 45.60
C PRO F 329 9.98 17.79 46.46
N VAL F 330 10.72 17.81 47.57
CA VAL F 330 10.51 16.83 48.62
C VAL F 330 10.45 17.55 49.96
N TYR F 331 10.81 18.83 49.97
CA TYR F 331 10.95 19.60 51.20
C TYR F 331 9.86 20.65 51.28
N ILE F 332 9.27 20.76 52.48
CA ILE F 332 8.11 21.61 52.72
C ILE F 332 8.63 23.00 53.02
N SER F 333 8.58 23.89 52.04
CA SER F 333 9.05 25.26 52.19
C SER F 333 8.19 26.18 51.34
N TRP F 334 8.49 27.48 51.39
CA TRP F 334 7.93 28.43 50.43
C TRP F 334 8.96 29.51 50.14
N SER F 335 8.78 30.18 49.01
CA SER F 335 9.72 31.17 48.50
C SER F 335 9.18 31.78 47.22
N ALA F 336 9.73 32.94 46.86
CA ALA F 336 9.61 33.49 45.51
C ALA F 336 10.87 33.32 44.69
N GLN F 337 12.02 33.65 45.30
CA GLN F 337 13.31 33.70 44.61
C GLN F 337 13.80 32.31 44.21
N ASN F 338 13.53 31.30 45.04
CA ASN F 338 13.88 29.92 44.73
C ASN F 338 12.76 29.30 43.91
N ARG F 339 13.09 28.83 42.71
CA ARG F 339 12.08 28.22 41.85
C ARG F 339 11.92 26.71 42.08
N SER F 340 12.70 26.11 42.98
CA SER F 340 12.53 24.71 43.33
C SER F 340 11.41 24.48 44.36
N SER F 341 10.98 25.54 45.05
CA SER F 341 10.17 25.46 46.27
C SER F 341 8.94 24.58 46.10
N LEU F 342 8.51 23.95 47.20
CA LEU F 342 7.22 23.26 47.17
C LEU F 342 6.09 24.22 46.82
N ILE F 343 6.11 25.40 47.42
CA ILE F 343 5.20 26.50 47.09
C ILE F 343 6.05 27.64 46.59
N ARG F 344 5.75 28.10 45.38
CA ARG F 344 6.44 29.23 44.81
C ARG F 344 5.46 30.34 44.47
N ILE F 345 5.89 31.59 44.62
CA ILE F 345 5.11 32.73 44.19
C ILE F 345 5.80 33.36 42.98
N PRO F 346 5.25 33.24 41.77
CA PRO F 346 5.86 33.87 40.60
C PRO F 346 5.92 35.38 40.73
N ALA F 347 6.67 35.99 39.79
CA ALA F 347 6.84 37.44 39.79
C ALA F 347 5.53 38.18 39.55
N THR F 348 4.55 37.50 38.95
CA THR F 348 3.32 38.16 38.49
C THR F 348 2.62 38.89 39.63
N ARG F 349 2.12 40.07 39.32
CA ARG F 349 1.36 40.84 40.29
C ARG F 349 0.04 41.31 39.66
N GLY F 350 -0.77 41.98 40.45
CA GLY F 350 -2.05 42.43 39.94
C GLY F 350 -3.01 41.26 39.81
N ASN F 351 -3.77 41.22 38.72
CA ASN F 351 -4.78 40.16 38.59
C ASN F 351 -4.14 38.79 38.49
N GLY F 352 -2.95 38.69 37.90
CA GLY F 352 -2.34 37.40 37.69
C GLY F 352 -1.59 36.85 38.87
N THR F 353 -1.64 37.52 40.01
CA THR F 353 -0.95 37.03 41.21
C THR F 353 -1.47 35.65 41.57
N ARG F 354 -0.55 34.74 41.84
CA ARG F 354 -0.91 33.35 42.03
C ARG F 354 0.08 32.69 42.97
N ILE F 355 -0.35 31.55 43.51
CA ILE F 355 0.48 30.64 44.29
C ILE F 355 0.61 29.36 43.48
N GLU F 356 1.81 28.79 43.45
CA GLU F 356 2.07 27.57 42.69
C GLU F 356 2.49 26.44 43.62
N LEU F 357 1.71 25.36 43.61
CA LEU F 357 2.00 24.16 44.38
C LEU F 357 2.61 23.12 43.44
N ARG F 358 3.80 22.63 43.77
CA ARG F 358 4.58 21.89 42.79
C ARG F 358 4.61 20.38 43.04
N CYS F 359 4.13 19.88 44.19
CA CYS F 359 4.18 18.45 44.49
C CYS F 359 3.20 17.55 43.72
N PRO F 360 1.98 17.98 43.33
CA PRO F 360 1.04 17.04 42.72
C PRO F 360 1.58 16.46 41.42
N ASP F 361 1.07 15.29 41.05
CA ASP F 361 1.43 14.73 39.76
C ASP F 361 0.14 14.45 38.98
N PRO F 362 0.20 14.14 37.69
CA PRO F 362 -1.03 13.97 36.91
C PRO F 362 -1.75 12.64 37.10
N ALA F 363 -1.40 11.82 38.11
CA ALA F 363 -2.21 10.69 38.50
C ALA F 363 -3.27 11.05 39.55
N CYS F 364 -3.08 12.15 40.27
CA CYS F 364 -4.03 12.56 41.30
C CYS F 364 -5.40 12.79 40.69
N ASN F 365 -6.40 12.78 41.56
CA ASN F 365 -7.76 13.17 41.27
C ASN F 365 -7.85 14.69 41.39
N PRO F 366 -7.98 15.41 40.28
CA PRO F 366 -7.97 16.88 40.38
C PRO F 366 -9.09 17.44 41.24
N TYR F 367 -10.28 16.82 41.24
CA TYR F 367 -11.35 17.26 42.11
C TYR F 367 -10.93 17.19 43.57
N LEU F 368 -10.44 16.02 44.01
CA LEU F 368 -10.01 15.87 45.39
C LEU F 368 -8.79 16.74 45.70
N ALA F 369 -7.83 16.81 44.78
CA ALA F 369 -6.62 17.59 45.03
C ALA F 369 -6.93 19.09 45.11
N PHE F 370 -7.76 19.62 44.20
CA PHE F 370 -8.12 21.04 44.30
C PHE F 370 -9.00 21.31 45.51
N ALA F 371 -9.90 20.38 45.84
CA ALA F 371 -10.74 20.57 47.02
C ALA F 371 -9.90 20.76 48.26
N LEU F 372 -8.88 19.91 48.44
CA LEU F 372 -8.04 20.00 49.62
C LEU F 372 -7.06 21.17 49.56
N MET F 373 -6.63 21.56 48.36
CA MET F 373 -5.90 22.83 48.23
C MET F 373 -6.73 24.00 48.74
N LEU F 374 -7.95 24.14 48.22
CA LEU F 374 -8.79 25.27 48.61
C LEU F 374 -9.12 25.21 50.11
N ARG F 375 -9.44 24.03 50.64
CA ARG F 375 -9.75 23.89 52.06
C ARG F 375 -8.56 24.26 52.94
N ALA F 376 -7.35 23.84 52.55
CA ALA F 376 -6.17 24.11 53.35
C ALA F 376 -5.84 25.60 53.35
N GLY F 377 -5.90 26.24 52.18
CA GLY F 377 -5.69 27.68 52.11
C GLY F 377 -6.76 28.48 52.81
N LEU F 378 -8.01 28.00 52.77
CA LEU F 378 -9.10 28.72 53.43
C LEU F 378 -8.94 28.69 54.95
N GLU F 379 -8.48 27.57 55.51
CA GLU F 379 -8.27 27.53 56.94
C GLU F 379 -7.05 28.36 57.36
N GLY F 380 -6.07 28.51 56.47
CA GLY F 380 -4.99 29.44 56.73
C GLY F 380 -5.48 30.86 56.83
N ILE F 381 -6.43 31.24 55.96
CA ILE F 381 -7.01 32.58 56.07
C ILE F 381 -7.91 32.69 57.30
N LYS F 382 -8.74 31.66 57.55
CA LYS F 382 -9.63 31.67 58.72
C LYS F 382 -8.85 31.81 60.01
N ASN F 383 -7.79 31.04 60.15
CA ASN F 383 -7.04 30.95 61.40
C ASN F 383 -5.76 31.75 61.38
N LYS F 384 -5.59 32.63 60.40
CA LYS F 384 -4.46 33.55 60.34
C LYS F 384 -3.13 32.81 60.51
N ILE F 385 -2.98 31.70 59.80
CA ILE F 385 -1.81 30.86 59.95
C ILE F 385 -0.61 31.55 59.30
N ASP F 386 0.41 31.83 60.11
CA ASP F 386 1.63 32.49 59.64
C ASP F 386 2.54 31.46 58.99
N PRO F 387 2.91 31.64 57.72
CA PRO F 387 3.75 30.62 57.04
C PRO F 387 5.22 30.66 57.41
N GLY F 388 5.64 31.54 58.32
CA GLY F 388 7.06 31.64 58.65
C GLY F 388 7.87 32.27 57.52
N GLU F 389 9.20 32.16 57.69
CA GLU F 389 10.14 32.76 56.76
C GLU F 389 10.21 31.96 55.45
N PRO F 390 10.36 32.63 54.31
CA PRO F 390 10.66 31.90 53.08
C PRO F 390 12.05 31.31 53.11
N THR F 391 12.23 30.22 52.38
CA THR F 391 13.50 29.52 52.28
C THR F 391 14.12 29.80 50.92
N ASN F 392 15.18 30.63 50.89
CA ASN F 392 15.77 31.09 49.63
C ASN F 392 17.00 30.29 49.19
N VAL F 393 17.61 29.52 50.09
CA VAL F 393 18.78 28.72 49.73
C VAL F 393 18.37 27.41 49.06
N ASN F 394 19.36 26.67 48.56
CA ASN F 394 19.20 25.31 48.06
C ASN F 394 19.04 24.37 49.25
N ILE F 395 17.87 23.74 49.37
CA ILE F 395 17.59 22.92 50.55
C ILE F 395 18.34 21.59 50.49
N PHE F 396 18.65 21.08 49.30
CA PHE F 396 19.38 19.83 49.21
C PHE F 396 20.76 19.95 49.86
N HIS F 397 21.45 21.06 49.64
CA HIS F 397 22.81 21.26 50.13
C HIS F 397 22.88 21.46 51.61
N LEU F 398 21.85 21.18 52.40
CA LEU F 398 21.93 21.37 53.84
C LEU F 398 22.09 20.03 54.57
N SER F 399 22.27 20.14 55.88
CA SER F 399 22.31 19.02 56.81
C SER F 399 20.97 18.88 57.51
N ASP F 400 20.71 17.68 58.01
CA ASP F 400 19.51 17.48 58.83
C ASP F 400 19.56 18.32 60.09
N LYS F 401 20.75 18.77 60.50
CA LYS F 401 20.87 19.78 61.54
C LYS F 401 20.49 21.16 61.03
N GLU F 402 20.94 21.50 59.81
CA GLU F 402 20.53 22.76 59.20
C GLU F 402 19.02 22.79 58.98
N ARG F 403 18.46 21.71 58.44
CA ARG F 403 17.02 21.66 58.22
C ARG F 403 16.28 21.55 59.54
N GLU F 404 16.87 20.86 60.52
CA GLU F 404 16.25 20.82 61.85
C GLU F 404 16.35 22.18 62.53
N GLU F 405 17.42 22.93 62.29
CA GLU F 405 17.48 24.31 62.79
C GLU F 405 16.39 25.16 62.14
N ARG F 406 16.32 25.15 60.80
CA ARG F 406 15.28 25.86 60.09
C ARG F 406 13.89 25.27 60.33
N GLY F 407 13.81 24.02 60.77
CA GLY F 407 12.52 23.36 60.88
C GLY F 407 11.92 23.08 59.52
N ILE F 408 12.73 22.53 58.61
CA ILE F 408 12.28 22.16 57.28
C ILE F 408 11.97 20.67 57.31
N ARG F 409 10.70 20.33 57.23
CA ARG F 409 10.26 18.94 57.23
C ARG F 409 10.14 18.42 55.82
N SER F 410 10.10 17.10 55.69
CA SER F 410 10.04 16.41 54.42
C SER F 410 8.64 15.87 54.17
N LEU F 411 8.25 15.83 52.90
CA LEU F 411 7.04 15.16 52.51
C LEU F 411 7.17 13.66 52.84
N PRO F 412 6.04 12.94 52.99
CA PRO F 412 6.11 11.48 53.08
C PRO F 412 6.99 10.89 51.98
N ALA F 413 7.83 9.94 52.38
CA ALA F 413 8.80 9.33 51.49
C ALA F 413 8.23 8.20 50.66
N ASP F 414 7.16 7.54 51.12
CA ASP F 414 6.51 6.54 50.29
C ASP F 414 5.02 6.56 50.57
N LEU F 415 4.27 5.77 49.78
CA LEU F 415 2.82 5.79 49.86
C LEU F 415 2.33 5.32 51.22
N LYS F 416 3.05 4.39 51.84
CA LYS F 416 2.69 3.94 53.20
C LYS F 416 2.80 5.09 54.19
N GLU F 417 3.87 5.88 54.11
CA GLU F 417 4.00 6.99 55.04
C GLU F 417 2.92 8.03 54.78
N ALA F 418 2.57 8.26 53.51
CA ALA F 418 1.49 9.19 53.21
C ALA F 418 0.15 8.68 53.70
N ILE F 419 -0.11 7.37 53.54
CA ILE F 419 -1.37 6.79 54.00
C ILE F 419 -1.50 6.96 55.50
N ASP F 420 -0.43 6.67 56.26
CA ASP F 420 -0.48 6.82 57.70
C ASP F 420 -0.76 8.27 58.08
N GLU F 421 -0.09 9.21 57.42
CA GLU F 421 -0.29 10.63 57.71
C GLU F 421 -1.73 11.07 57.43
N MET F 422 -2.34 10.56 56.36
CA MET F 422 -3.73 10.89 56.05
C MET F 422 -4.71 10.18 56.96
N LYS F 423 -4.36 8.96 57.40
CA LYS F 423 -5.24 8.16 58.24
C LYS F 423 -5.61 8.92 59.52
N GLY F 424 -4.69 9.75 60.02
CA GLY F 424 -4.89 10.48 61.25
C GLY F 424 -5.35 11.92 61.12
N SER F 425 -5.58 12.42 59.91
CA SER F 425 -5.92 13.83 59.72
C SER F 425 -7.43 14.03 59.84
N LYS F 426 -7.85 14.74 60.89
CA LYS F 426 -9.25 15.14 60.96
C LYS F 426 -9.58 16.21 59.93
N PHE F 427 -8.60 17.02 59.54
CA PHE F 427 -8.83 18.02 58.50
C PHE F 427 -9.18 17.35 57.16
N VAL F 428 -8.44 16.29 56.80
CA VAL F 428 -8.71 15.64 55.54
C VAL F 428 -10.04 14.89 55.59
N LYS F 429 -10.33 14.23 56.72
CA LYS F 429 -11.60 13.51 56.84
C LYS F 429 -12.80 14.43 56.70
N GLU F 430 -12.77 15.60 57.36
CA GLU F 430 -13.94 16.48 57.31
C GLU F 430 -14.09 17.11 55.93
N ALA F 431 -12.98 17.50 55.30
CA ALA F 431 -13.04 18.12 53.97
C ALA F 431 -13.54 17.13 52.92
N LEU F 432 -13.14 15.87 53.03
CA LEU F 432 -13.50 14.85 52.03
C LEU F 432 -14.78 14.10 52.38
N GLY F 433 -15.15 14.05 53.63
CA GLY F 433 -16.29 13.24 53.99
C GLY F 433 -15.89 11.82 54.31
N GLU F 434 -16.64 11.22 55.23
CA GLU F 434 -16.33 9.86 55.69
C GLU F 434 -16.34 8.87 54.52
N HIS F 435 -17.29 9.01 53.59
CA HIS F 435 -17.39 8.08 52.47
C HIS F 435 -16.07 8.02 51.71
N VAL F 436 -15.68 9.14 51.11
CA VAL F 436 -14.48 9.18 50.30
C VAL F 436 -13.24 8.84 51.13
N PHE F 437 -13.13 9.46 52.31
CA PHE F 437 -11.94 9.30 53.16
C PHE F 437 -11.62 7.83 53.41
N SER F 438 -12.61 7.07 53.83
CA SER F 438 -12.40 5.66 54.18
C SER F 438 -12.23 4.79 52.93
N HIS F 439 -13.05 5.00 51.90
CA HIS F 439 -12.90 4.25 50.66
C HIS F 439 -11.50 4.46 50.06
N TYR F 440 -11.02 5.70 50.08
CA TYR F 440 -9.74 6.02 49.50
C TYR F 440 -8.60 5.35 50.27
N LEU F 441 -8.67 5.37 51.60
CA LEU F 441 -7.55 4.83 52.39
C LEU F 441 -7.53 3.31 52.35
N CYS F 442 -8.68 2.65 52.35
CA CYS F 442 -8.68 1.19 52.28
C CYS F 442 -8.07 0.72 50.97
N ALA F 443 -8.42 1.38 49.86
CA ALA F 443 -7.91 0.99 48.55
C ALA F 443 -6.42 1.30 48.41
N LYS F 444 -5.95 2.38 49.02
CA LYS F 444 -4.53 2.68 48.94
C LYS F 444 -3.69 1.72 49.80
N GLU F 445 -4.21 1.33 50.97
CA GLU F 445 -3.50 0.34 51.78
C GLU F 445 -3.41 -0.99 51.07
N MET F 446 -4.50 -1.42 50.44
CA MET F 446 -4.48 -2.67 49.67
C MET F 446 -3.44 -2.60 48.57
N GLU F 447 -3.31 -1.42 47.95
CA GLU F 447 -2.32 -1.21 46.90
C GLU F 447 -0.92 -1.34 47.46
N TRP F 448 -0.67 -0.69 48.60
CA TRP F 448 0.63 -0.78 49.25
C TRP F 448 0.96 -2.22 49.64
N ASP F 449 0.01 -2.92 50.27
CA ASP F 449 0.30 -4.28 50.73
C ASP F 449 0.68 -5.19 49.57
N GLU F 450 0.07 -4.98 48.40
CA GLU F 450 0.45 -5.74 47.22
C GLU F 450 1.90 -5.45 46.81
N TYR F 451 2.24 -4.17 46.73
CA TYR F 451 3.59 -3.75 46.31
C TYR F 451 4.66 -4.17 47.30
N LYS F 452 4.44 -3.95 48.60
CA LYS F 452 5.50 -4.19 49.56
C LYS F 452 5.99 -5.64 49.57
N ALA F 453 5.17 -6.59 49.14
CA ALA F 453 5.54 -8.00 49.18
C ALA F 453 6.25 -8.50 47.92
N VAL F 454 6.31 -7.70 46.88
CA VAL F 454 6.87 -8.16 45.60
C VAL F 454 8.39 -8.17 45.67
N VAL F 455 9.00 -9.21 45.11
CA VAL F 455 10.46 -9.30 44.99
C VAL F 455 10.84 -8.75 43.61
N HIS F 456 11.71 -7.72 43.60
CA HIS F 456 12.02 -7.03 42.38
C HIS F 456 13.33 -7.51 41.78
N PRO F 457 13.43 -7.45 40.45
CA PRO F 457 14.72 -7.76 39.80
C PRO F 457 15.90 -7.01 40.42
N TRP F 458 15.73 -5.74 40.80
CA TRP F 458 16.82 -5.02 41.45
C TRP F 458 17.39 -5.82 42.61
N GLU F 459 16.51 -6.50 43.34
CA GLU F 459 16.93 -7.36 44.45
C GLU F 459 17.72 -8.57 43.95
N LEU F 460 17.31 -9.14 42.81
CA LEU F 460 18.05 -10.28 42.28
C LEU F 460 19.41 -9.88 41.71
N SER F 461 19.49 -8.72 41.04
CA SER F 461 20.79 -8.26 40.60
C SER F 461 21.70 -8.03 41.79
N ARG F 462 21.20 -7.39 42.84
CA ARG F 462 22.09 -7.02 43.91
C ARG F 462 22.43 -8.20 44.82
N TYR F 463 21.48 -9.06 45.13
CA TYR F 463 21.71 -10.00 46.21
C TYR F 463 21.96 -11.43 45.76
N LEU F 464 21.49 -11.84 44.58
CA LEU F 464 21.49 -13.28 44.28
C LEU F 464 22.90 -13.85 44.24
N SER F 465 23.84 -13.14 43.59
CA SER F 465 25.24 -13.58 43.54
C SER F 465 25.98 -13.34 44.84
N MET F 466 25.53 -12.38 45.66
CA MET F 466 26.22 -12.01 46.90
C MET F 466 25.89 -12.96 48.05
N LEU F 467 24.61 -13.32 48.24
CA LEU F 467 24.22 -14.03 49.46
C LEU F 467 24.13 -15.54 49.32
N ALA G 23 -21.61 34.13 -30.41
CA ALA G 23 -21.70 33.42 -29.14
C ALA G 23 -20.76 32.21 -29.07
N MET G 24 -20.51 31.71 -27.85
CA MET G 24 -19.68 30.53 -27.62
C MET G 24 -20.41 29.59 -26.65
N LYS G 25 -19.90 28.36 -26.55
CA LYS G 25 -20.56 27.33 -25.75
C LYS G 25 -19.55 26.49 -24.98
N TYR G 26 -20.00 25.97 -23.85
CA TYR G 26 -19.26 24.98 -23.08
C TYR G 26 -19.90 23.63 -23.35
N VAL G 27 -19.15 22.71 -23.94
CA VAL G 27 -19.68 21.40 -24.31
C VAL G 27 -19.13 20.37 -23.31
N ILE G 28 -20.04 19.72 -22.59
CA ILE G 28 -19.69 18.63 -21.69
C ILE G 28 -20.06 17.33 -22.37
N ALA G 29 -19.06 16.47 -22.56
CA ALA G 29 -19.27 15.16 -23.17
C ALA G 29 -18.71 14.11 -22.23
N MET G 30 -19.47 13.03 -22.04
CA MET G 30 -19.01 11.91 -21.24
C MET G 30 -18.99 10.65 -22.09
N ILE G 31 -17.87 9.93 -22.02
CA ILE G 31 -17.58 8.76 -22.83
C ILE G 31 -17.13 7.63 -21.93
N ARG G 32 -17.40 6.41 -22.36
CA ARG G 32 -16.77 5.28 -21.73
C ARG G 32 -15.26 5.36 -21.94
N PRO G 33 -14.46 5.08 -20.90
CA PRO G 33 -13.05 5.51 -20.91
C PRO G 33 -12.17 4.94 -22.02
N GLU G 34 -12.52 3.81 -22.64
CA GLU G 34 -11.65 3.22 -23.64
C GLU G 34 -11.73 3.93 -24.99
N ARG G 35 -12.62 4.90 -25.15
CA ARG G 35 -12.74 5.62 -26.41
C ARG G 35 -12.09 7.00 -26.39
N LEU G 36 -11.39 7.35 -25.31
CA LEU G 36 -10.89 8.72 -25.13
C LEU G 36 -9.98 9.16 -26.27
N ASP G 37 -9.09 8.29 -26.71
CA ASP G 37 -8.11 8.68 -27.71
C ASP G 37 -8.65 8.65 -29.14
N ALA G 38 -9.67 7.85 -29.42
CA ALA G 38 -10.36 8.03 -30.70
C ALA G 38 -11.02 9.40 -30.78
N VAL G 39 -11.49 9.91 -29.63
CA VAL G 39 -12.08 11.25 -29.58
C VAL G 39 -11.00 12.32 -29.69
N LYS G 40 -9.85 12.12 -29.04
CA LYS G 40 -8.76 13.08 -29.16
C LYS G 40 -8.40 13.32 -30.62
N ARG G 41 -8.20 12.24 -31.39
CA ARG G 41 -7.84 12.37 -32.80
C ARG G 41 -8.96 13.03 -33.60
N GLU G 42 -10.20 12.57 -33.41
CA GLU G 42 -11.33 13.18 -34.11
C GLU G 42 -11.49 14.65 -33.74
N LEU G 43 -11.12 15.02 -32.50
CA LEU G 43 -11.08 16.43 -32.14
C LEU G 43 -9.96 17.14 -32.89
N GLN G 44 -8.83 16.47 -33.07
CA GLN G 44 -7.69 17.05 -33.76
C GLN G 44 -7.94 17.26 -35.25
N LYS G 45 -8.94 16.58 -35.83
CA LYS G 45 -9.18 16.68 -37.27
C LYS G 45 -9.54 18.10 -37.70
N ILE G 46 -10.36 18.79 -36.91
CA ILE G 46 -10.77 20.17 -37.18
C ILE G 46 -10.07 21.08 -36.17
N GLU G 47 -8.88 20.66 -35.71
CA GLU G 47 -7.98 21.47 -34.87
C GLU G 47 -8.69 21.95 -33.59
N VAL G 48 -9.06 20.98 -32.76
CA VAL G 48 -9.68 21.23 -31.47
C VAL G 48 -8.85 20.43 -30.46
N SER G 49 -7.98 21.14 -29.72
CA SER G 49 -7.07 20.51 -28.78
C SER G 49 -7.15 21.05 -27.37
N ARG G 50 -7.76 22.23 -27.18
CA ARG G 50 -7.91 22.85 -25.88
C ARG G 50 -9.11 22.21 -25.17
N LEU G 51 -8.85 21.18 -24.36
CA LEU G 51 -9.90 20.37 -23.77
C LEU G 51 -9.51 19.94 -22.35
N THR G 52 -10.53 19.59 -21.57
CA THR G 52 -10.39 19.21 -20.16
C THR G 52 -11.07 17.87 -19.91
N VAL G 53 -10.35 16.95 -19.26
CA VAL G 53 -10.82 15.57 -19.08
C VAL G 53 -10.79 15.20 -17.60
N SER G 54 -11.94 14.74 -17.09
CA SER G 54 -12.09 14.36 -15.70
C SER G 54 -12.58 12.92 -15.60
N SER G 55 -12.01 12.18 -14.64
CA SER G 55 -12.47 10.83 -14.34
C SER G 55 -13.74 10.93 -13.50
N VAL G 56 -14.87 10.47 -14.05
CA VAL G 56 -16.17 10.64 -13.43
C VAL G 56 -16.81 9.26 -13.23
N SER G 57 -17.69 9.17 -12.24
CA SER G 57 -18.51 7.98 -11.99
C SER G 57 -19.95 8.33 -12.33
N GLY G 58 -20.49 7.73 -13.40
CA GLY G 58 -21.82 8.07 -13.86
C GLY G 58 -22.77 6.88 -14.00
N GLY G 64 -30.29 -3.67 -17.03
CA GLY G 64 -29.18 -3.83 -16.09
C GLY G 64 -28.05 -4.69 -16.62
N TYR G 65 -27.32 -4.16 -17.61
CA TYR G 65 -26.17 -4.88 -18.17
C TYR G 65 -25.15 -5.20 -17.10
N MET G 66 -24.81 -4.21 -16.27
CA MET G 66 -23.68 -4.28 -15.36
C MET G 66 -24.05 -4.88 -14.00
N GLU G 67 -25.31 -5.30 -13.81
CA GLU G 67 -25.75 -5.82 -12.53
C GLU G 67 -25.13 -7.20 -12.22
N ILE G 68 -24.90 -8.04 -13.24
CA ILE G 68 -24.31 -9.36 -13.05
C ILE G 68 -22.90 -9.28 -12.46
N TYR G 69 -22.24 -8.13 -12.59
CA TYR G 69 -20.82 -8.01 -12.31
C TYR G 69 -20.50 -7.42 -10.93
N ARG G 70 -21.50 -7.13 -10.09
CA ARG G 70 -21.24 -6.46 -8.82
C ARG G 70 -20.54 -7.34 -7.79
N ALA G 71 -20.51 -8.67 -7.99
CA ALA G 71 -19.72 -9.57 -7.16
C ALA G 71 -18.28 -9.70 -7.65
N MET G 72 -17.94 -9.13 -8.79
CA MET G 72 -16.59 -9.17 -9.33
C MET G 72 -16.09 -7.75 -9.59
N LEU G 79 -20.60 2.89 -12.98
CA LEU G 79 -19.47 2.55 -13.84
C LEU G 79 -18.68 3.80 -14.29
N GLU G 80 -17.35 3.69 -14.24
CA GLU G 80 -16.48 4.83 -14.50
C GLU G 80 -16.64 5.32 -15.95
N LYS G 81 -16.82 6.63 -16.10
CA LYS G 81 -16.86 7.32 -17.37
C LYS G 81 -15.71 8.32 -17.44
N ILE G 82 -15.65 9.07 -18.53
CA ILE G 82 -14.72 10.19 -18.68
C ILE G 82 -15.54 11.41 -19.05
N LYS G 83 -15.34 12.50 -18.32
CA LYS G 83 -16.03 13.74 -18.64
C LYS G 83 -15.07 14.64 -19.42
N ILE G 84 -15.55 15.16 -20.55
CA ILE G 84 -14.81 16.07 -21.40
C ILE G 84 -15.55 17.39 -21.43
N GLU G 85 -14.81 18.49 -21.31
CA GLU G 85 -15.38 19.83 -21.34
C GLU G 85 -14.58 20.65 -22.34
N ILE G 86 -15.26 21.17 -23.37
CA ILE G 86 -14.62 21.95 -24.44
C ILE G 86 -15.33 23.29 -24.59
N ALA G 87 -14.56 24.37 -24.58
CA ALA G 87 -15.04 25.67 -25.00
C ALA G 87 -14.82 25.80 -26.50
N VAL G 88 -15.89 26.11 -27.24
CA VAL G 88 -15.81 26.28 -28.69
C VAL G 88 -16.52 27.57 -29.04
N ASN G 89 -16.06 28.20 -30.11
CA ASN G 89 -16.87 29.24 -30.73
C ASN G 89 -18.04 28.59 -31.46
N ASP G 90 -19.05 29.40 -31.78
CA ASP G 90 -20.28 28.85 -32.35
C ASP G 90 -20.04 28.14 -33.68
N GLU G 91 -19.15 28.70 -34.52
CA GLU G 91 -18.92 28.13 -35.85
C GLU G 91 -18.36 26.71 -35.79
N PHE G 92 -17.69 26.35 -34.70
CA PHE G 92 -17.21 25.00 -34.51
C PHE G 92 -18.18 24.15 -33.68
N LEU G 93 -19.39 24.67 -33.42
CA LEU G 93 -20.33 24.00 -32.54
C LEU G 93 -20.58 22.57 -32.98
N GLU G 94 -21.20 22.40 -34.15
CA GLU G 94 -21.57 21.11 -34.71
C GLU G 94 -20.37 20.29 -35.18
N PRO G 95 -19.32 20.89 -35.75
CA PRO G 95 -18.10 20.11 -36.03
C PRO G 95 -17.51 19.43 -34.79
N THR G 96 -17.65 20.04 -33.62
CA THR G 96 -17.13 19.44 -32.38
C THR G 96 -18.02 18.31 -31.87
N ILE G 97 -19.33 18.46 -32.02
CA ILE G 97 -20.29 17.45 -31.58
C ILE G 97 -20.12 16.16 -32.38
N GLU G 98 -19.97 16.27 -33.70
CA GLU G 98 -19.81 15.09 -34.54
C GLU G 98 -18.41 14.51 -34.42
N ALA G 99 -17.40 15.32 -34.12
CA ALA G 99 -16.06 14.78 -33.87
C ALA G 99 -16.07 13.91 -32.61
N ILE G 100 -16.67 14.40 -31.53
CA ILE G 100 -16.82 13.60 -30.32
C ILE G 100 -17.76 12.43 -30.58
N LYS G 101 -18.79 12.64 -31.39
CA LYS G 101 -19.69 11.55 -31.75
C LYS G 101 -18.93 10.44 -32.47
N THR G 102 -18.08 10.81 -33.44
CA THR G 102 -17.38 9.79 -34.23
C THR G 102 -16.36 9.02 -33.40
N GLY G 103 -15.60 9.71 -32.54
CA GLY G 103 -14.60 9.04 -31.74
C GLY G 103 -15.16 8.15 -30.65
N ALA G 104 -16.32 8.51 -30.10
CA ALA G 104 -16.89 7.82 -28.95
C ALA G 104 -17.82 6.66 -29.32
N LYS G 105 -18.60 6.81 -30.41
CA LYS G 105 -19.58 5.79 -30.78
C LYS G 105 -18.89 4.46 -31.13
N GLY G 106 -17.75 4.53 -31.80
CA GLY G 106 -17.05 3.36 -32.25
C GLY G 106 -17.38 2.96 -33.67
N GLY G 114 -22.30 7.34 -24.50
CA GLY G 114 -22.26 8.58 -23.75
C GLY G 114 -23.20 9.65 -24.28
N LYS G 115 -23.21 10.81 -23.63
CA LYS G 115 -24.08 11.91 -24.01
C LYS G 115 -23.28 13.21 -24.08
N ILE G 116 -23.82 14.15 -24.85
CA ILE G 116 -23.26 15.49 -24.98
C ILE G 116 -24.24 16.52 -24.40
N PHE G 117 -23.76 17.31 -23.46
CA PHE G 117 -24.50 18.43 -22.91
C PHE G 117 -23.77 19.71 -23.31
N VAL G 118 -24.47 20.60 -24.02
CA VAL G 118 -23.90 21.85 -24.51
C VAL G 118 -24.56 22.99 -23.75
N LEU G 119 -23.74 23.87 -23.19
CA LEU G 119 -24.19 24.92 -22.29
C LEU G 119 -23.94 26.30 -22.87
N PRO G 120 -24.70 27.31 -22.41
CA PRO G 120 -24.37 28.70 -22.76
C PRO G 120 -23.12 29.17 -22.04
N LEU G 121 -22.13 29.60 -22.84
CA LEU G 121 -20.90 30.22 -22.35
C LEU G 121 -20.99 31.73 -22.57
N GLU G 122 -21.03 32.49 -21.48
CA GLU G 122 -21.06 33.94 -21.62
C GLU G 122 -19.68 34.50 -21.96
N ASN G 123 -18.63 34.01 -21.30
CA ASN G 123 -17.33 34.64 -21.43
C ASN G 123 -16.23 33.65 -21.09
N VAL G 124 -15.06 33.85 -21.70
CA VAL G 124 -13.86 33.07 -21.43
C VAL G 124 -12.67 34.04 -21.41
N ILE G 125 -11.84 33.95 -20.39
CA ILE G 125 -10.71 34.86 -20.24
C ILE G 125 -9.42 34.04 -20.19
N ARG G 126 -8.48 34.37 -21.08
CA ARG G 126 -7.15 33.77 -21.08
C ARG G 126 -6.27 34.52 -20.09
N ILE G 127 -5.64 33.81 -19.15
CA ILE G 127 -4.92 34.47 -18.07
C ILE G 127 -3.62 35.10 -18.57
N ARG G 128 -2.88 34.40 -19.41
CA ARG G 128 -1.62 34.94 -19.89
C ARG G 128 -1.84 36.16 -20.78
N THR G 129 -2.83 36.07 -21.68
CA THR G 129 -3.09 37.12 -22.65
C THR G 129 -4.14 38.12 -22.19
N ASN G 130 -4.94 37.78 -21.17
CA ASN G 130 -6.10 38.56 -20.75
C ASN G 130 -7.08 38.76 -21.89
N GLU G 131 -7.09 37.82 -22.83
CA GLU G 131 -8.10 37.82 -23.87
C GLU G 131 -9.46 37.44 -23.28
N THR G 132 -10.51 38.13 -23.72
CA THR G 132 -11.88 37.82 -23.32
C THR G 132 -12.72 37.57 -24.58
N GLY G 133 -13.68 36.65 -24.47
CA GLY G 133 -14.56 36.34 -25.55
C GLY G 133 -13.99 35.33 -26.53
N PRO G 134 -14.48 35.38 -27.78
CA PRO G 134 -14.10 34.32 -28.76
C PRO G 134 -12.61 34.18 -28.98
N GLU G 135 -11.88 35.30 -29.03
CA GLU G 135 -10.43 35.21 -29.23
C GLU G 135 -9.75 34.50 -28.07
N ALA G 136 -10.38 34.47 -26.90
CA ALA G 136 -9.79 33.81 -25.74
C ALA G 136 -9.81 32.30 -25.83
N ILE G 137 -10.75 31.72 -26.56
CA ILE G 137 -10.72 30.26 -26.74
C ILE G 137 -9.87 29.93 -27.97
N MET H 24 -28.13 35.74 -11.30
CA MET H 24 -26.96 35.15 -10.65
C MET H 24 -26.04 34.42 -11.61
N LYS H 25 -24.92 33.91 -11.10
CA LYS H 25 -23.82 33.48 -11.95
C LYS H 25 -23.25 32.14 -11.48
N TYR H 26 -22.87 31.29 -12.45
CA TYR H 26 -22.07 30.11 -12.18
C TYR H 26 -20.75 30.28 -12.92
N VAL H 27 -19.66 30.38 -12.15
CA VAL H 27 -18.31 30.61 -12.66
C VAL H 27 -17.50 29.32 -12.49
N ILE H 28 -16.82 28.92 -13.55
CA ILE H 28 -15.95 27.75 -13.55
C ILE H 28 -14.55 28.20 -13.95
N ALA H 29 -13.56 27.85 -13.13
CA ALA H 29 -12.19 28.30 -13.28
C ALA H 29 -11.25 27.10 -13.18
N MET H 30 -10.28 26.99 -14.10
CA MET H 30 -9.25 25.95 -14.03
C MET H 30 -7.88 26.60 -13.84
N ILE H 31 -7.35 26.49 -12.64
CA ILE H 31 -6.10 27.14 -12.26
C ILE H 31 -5.01 26.08 -12.12
N ARG H 32 -3.78 26.54 -12.19
CA ARG H 32 -2.65 25.65 -11.92
C ARG H 32 -2.76 25.16 -10.48
N PRO H 33 -2.59 23.86 -10.22
CA PRO H 33 -2.80 23.37 -8.85
C PRO H 33 -1.85 23.97 -7.82
N GLU H 34 -0.70 24.53 -8.27
CA GLU H 34 0.29 25.17 -7.40
C GLU H 34 -0.20 26.50 -6.82
N ARG H 35 -1.26 27.08 -7.37
CA ARG H 35 -1.72 28.41 -6.98
C ARG H 35 -3.14 28.38 -6.41
N LEU H 36 -3.58 27.23 -5.91
CA LEU H 36 -4.98 27.06 -5.52
C LEU H 36 -5.36 27.98 -4.37
N ASP H 37 -4.57 27.97 -3.28
CA ASP H 37 -4.95 28.77 -2.11
C ASP H 37 -4.54 30.22 -2.23
N ALA H 38 -3.52 30.54 -3.03
CA ALA H 38 -3.28 31.94 -3.38
C ALA H 38 -4.50 32.53 -4.06
N VAL H 39 -5.18 31.72 -4.88
CA VAL H 39 -6.49 32.14 -5.39
C VAL H 39 -7.49 32.28 -4.26
N LYS H 40 -7.48 31.33 -3.30
CA LYS H 40 -8.44 31.36 -2.21
C LYS H 40 -8.21 32.58 -1.31
N ARG H 41 -6.96 32.92 -1.01
CA ARG H 41 -6.67 34.11 -0.23
C ARG H 41 -7.22 35.36 -0.91
N GLU H 42 -7.01 35.48 -2.23
CA GLU H 42 -7.62 36.58 -2.97
C GLU H 42 -9.14 36.51 -2.94
N LEU H 43 -9.70 35.29 -2.92
CA LEU H 43 -11.15 35.13 -2.94
C LEU H 43 -11.77 35.54 -1.61
N GLN H 44 -11.15 35.12 -0.50
CA GLN H 44 -11.68 35.47 0.82
C GLN H 44 -11.69 36.99 1.04
N LYS H 45 -10.68 37.69 0.52
CA LYS H 45 -10.52 39.11 0.79
C LYS H 45 -11.69 39.95 0.27
N ILE H 46 -12.44 39.45 -0.72
CA ILE H 46 -13.63 40.14 -1.16
C ILE H 46 -14.83 39.35 -0.67
N GLU H 47 -14.63 38.58 0.40
CA GLU H 47 -15.70 37.90 1.13
C GLU H 47 -16.45 36.88 0.27
N VAL H 48 -15.75 36.22 -0.65
CA VAL H 48 -16.29 35.07 -1.38
C VAL H 48 -15.54 33.84 -0.88
N SER H 49 -16.30 32.90 -0.31
CA SER H 49 -15.75 31.82 0.50
C SER H 49 -16.31 30.43 0.21
N ARG H 50 -17.52 30.34 -0.35
CA ARG H 50 -18.12 29.07 -0.71
C ARG H 50 -17.74 28.78 -2.16
N LEU H 51 -16.92 27.74 -2.35
CA LEU H 51 -16.47 27.31 -3.67
C LEU H 51 -16.57 25.80 -3.74
N THR H 52 -16.20 25.24 -4.90
CA THR H 52 -16.19 23.80 -5.14
C THR H 52 -14.87 23.46 -5.82
N VAL H 53 -14.00 22.73 -5.10
CA VAL H 53 -12.68 22.36 -5.61
C VAL H 53 -12.70 20.91 -6.07
N SER H 54 -12.11 20.66 -7.24
CA SER H 54 -12.05 19.34 -7.83
C SER H 54 -10.78 19.25 -8.66
N SER H 55 -10.30 18.02 -8.87
CA SER H 55 -9.12 17.78 -9.69
C SER H 55 -9.53 17.26 -11.07
N VAL H 56 -9.06 17.93 -12.11
CA VAL H 56 -9.30 17.53 -13.49
C VAL H 56 -7.95 17.44 -14.19
N SER H 57 -7.98 17.25 -15.51
CA SER H 57 -6.80 17.29 -16.35
C SER H 57 -7.14 18.03 -17.64
N GLY H 58 -6.19 18.79 -18.17
CA GLY H 58 -6.44 19.62 -19.35
C GLY H 58 -5.43 19.54 -20.48
N GLY H 64 4.52 22.18 -26.55
CA GLY H 64 4.66 20.99 -25.73
C GLY H 64 5.59 21.22 -24.56
N TYR H 65 5.10 21.99 -23.59
CA TYR H 65 5.88 22.28 -22.39
C TYR H 65 6.25 21.01 -21.66
N MET H 66 5.26 20.16 -21.37
CA MET H 66 5.42 19.04 -20.45
C MET H 66 5.84 17.75 -21.13
N GLU H 67 6.08 17.78 -22.45
CA GLU H 67 6.45 16.55 -23.14
C GLU H 67 7.81 16.04 -22.65
N ILE H 68 8.78 16.94 -22.45
CA ILE H 68 10.10 16.52 -21.99
C ILE H 68 10.00 15.68 -20.72
N TYR H 69 8.90 15.81 -19.98
CA TYR H 69 8.73 15.25 -18.64
C TYR H 69 7.98 13.90 -18.62
N ARG H 70 7.64 13.34 -19.78
CA ARG H 70 6.82 12.12 -19.77
C ARG H 70 7.54 10.90 -19.20
N ALA H 71 8.87 10.90 -19.13
CA ALA H 71 9.58 9.76 -18.53
C ALA H 71 9.50 9.77 -17.00
N MET H 72 9.55 10.94 -16.36
CA MET H 72 9.60 11.00 -14.90
C MET H 72 8.34 11.58 -14.27
N LEU H 79 -1.95 17.39 -18.84
CA LEU H 79 -1.62 18.30 -17.74
C LEU H 79 -2.71 18.27 -16.65
N GLU H 80 -2.31 18.22 -15.39
CA GLU H 80 -3.24 18.24 -14.26
C GLU H 80 -3.65 19.66 -13.88
N LYS H 81 -4.93 19.85 -13.54
CA LYS H 81 -5.48 21.18 -13.24
C LYS H 81 -6.42 21.10 -12.04
N ILE H 82 -6.81 22.28 -11.52
CA ILE H 82 -7.77 22.41 -10.44
C ILE H 82 -9.01 23.13 -10.98
N LYS H 83 -10.17 22.49 -10.85
CA LYS H 83 -11.44 23.07 -11.29
C LYS H 83 -12.12 23.69 -10.08
N ILE H 84 -12.37 24.99 -10.15
CA ILE H 84 -13.00 25.79 -9.11
C ILE H 84 -14.36 26.23 -9.64
N GLU H 85 -15.43 25.87 -8.94
CA GLU H 85 -16.78 26.25 -9.38
C GLU H 85 -17.39 27.17 -8.33
N ILE H 86 -17.77 28.38 -8.76
CA ILE H 86 -18.28 29.43 -7.88
C ILE H 86 -19.64 29.88 -8.38
N ALA H 87 -20.56 30.15 -7.46
CA ALA H 87 -21.86 30.74 -7.74
C ALA H 87 -21.86 32.16 -7.14
N VAL H 88 -21.33 33.11 -7.91
CA VAL H 88 -21.36 34.51 -7.50
C VAL H 88 -22.69 35.13 -7.90
N ASN H 89 -22.97 36.33 -7.39
CA ASN H 89 -24.06 37.14 -7.89
C ASN H 89 -23.50 38.24 -8.79
N ASP H 90 -24.40 38.99 -9.41
CA ASP H 90 -24.08 39.99 -10.43
C ASP H 90 -23.36 41.24 -9.90
N GLU H 91 -23.10 41.36 -8.59
CA GLU H 91 -22.26 42.45 -8.09
C GLU H 91 -20.88 42.00 -7.64
N PHE H 92 -20.76 40.83 -7.00
CA PHE H 92 -19.47 40.20 -6.74
C PHE H 92 -18.94 39.46 -7.95
N LEU H 93 -19.52 39.75 -9.12
CA LEU H 93 -19.17 39.05 -10.35
C LEU H 93 -17.73 39.33 -10.76
N GLU H 94 -17.42 40.59 -11.03
CA GLU H 94 -16.09 40.98 -11.47
C GLU H 94 -15.05 40.93 -10.35
N PRO H 95 -15.40 41.26 -9.09
CA PRO H 95 -14.45 40.97 -8.00
C PRO H 95 -14.03 39.52 -7.95
N THR H 96 -14.95 38.58 -8.17
CA THR H 96 -14.58 37.17 -8.17
C THR H 96 -13.63 36.86 -9.32
N ILE H 97 -13.92 37.37 -10.52
CA ILE H 97 -13.06 37.09 -11.66
C ILE H 97 -11.66 37.65 -11.42
N GLU H 98 -11.58 38.90 -10.95
CA GLU H 98 -10.27 39.50 -10.74
C GLU H 98 -9.52 38.82 -9.60
N ALA H 99 -10.24 38.35 -8.58
CA ALA H 99 -9.60 37.59 -7.51
C ALA H 99 -8.92 36.34 -8.05
N ILE H 100 -9.66 35.54 -8.85
CA ILE H 100 -9.06 34.36 -9.47
C ILE H 100 -8.02 34.76 -10.49
N LYS H 101 -8.26 35.86 -11.21
CA LYS H 101 -7.24 36.38 -12.13
C LYS H 101 -5.98 36.81 -11.38
N THR H 102 -6.15 37.43 -10.20
CA THR H 102 -5.02 37.88 -9.41
C THR H 102 -4.31 36.71 -8.71
N GLY H 103 -5.06 35.87 -7.98
CA GLY H 103 -4.43 34.84 -7.18
C GLY H 103 -3.64 33.84 -8.00
N ALA H 104 -4.14 33.50 -9.19
CA ALA H 104 -3.55 32.47 -10.03
C ALA H 104 -2.47 32.99 -10.97
N LYS H 105 -2.27 34.31 -11.06
CA LYS H 105 -1.27 34.85 -11.97
C LYS H 105 0.13 34.47 -11.53
N GLY H 106 0.41 34.56 -10.23
CA GLY H 106 1.76 34.35 -9.74
C GLY H 106 2.42 35.61 -9.21
N LYS H 115 -8.37 28.96 -17.54
CA LYS H 115 -9.35 29.88 -18.10
C LYS H 115 -10.61 29.95 -17.24
N ILE H 116 -11.35 31.05 -17.40
CA ILE H 116 -12.55 31.35 -16.62
C ILE H 116 -13.75 31.14 -17.52
N PHE H 117 -14.76 30.44 -17.02
CA PHE H 117 -16.01 30.24 -17.75
C PHE H 117 -17.15 30.85 -16.95
N VAL H 118 -18.01 31.61 -17.63
CA VAL H 118 -19.13 32.30 -16.99
C VAL H 118 -20.42 31.73 -17.56
N LEU H 119 -21.31 31.28 -16.67
CA LEU H 119 -22.57 30.65 -17.05
C LEU H 119 -23.71 31.27 -16.27
N PRO H 120 -24.90 31.32 -16.85
CA PRO H 120 -26.06 31.88 -16.13
C PRO H 120 -26.55 30.89 -15.08
N LEU H 121 -26.69 31.35 -13.85
CA LEU H 121 -27.29 30.55 -12.78
C LEU H 121 -28.72 31.05 -12.55
N GLU H 122 -29.71 30.16 -12.71
CA GLU H 122 -31.10 30.59 -12.60
C GLU H 122 -31.63 30.45 -11.17
N ASN H 123 -31.25 29.40 -10.46
CA ASN H 123 -31.71 29.26 -9.10
C ASN H 123 -30.69 28.49 -8.27
N VAL H 124 -30.75 28.71 -6.96
CA VAL H 124 -29.95 28.03 -5.96
C VAL H 124 -30.87 27.73 -4.79
N ILE H 125 -30.83 26.51 -4.28
CA ILE H 125 -31.67 26.14 -3.13
C ILE H 125 -30.73 25.68 -2.02
N ARG H 126 -30.65 26.46 -0.94
CA ARG H 126 -30.15 25.92 0.31
C ARG H 126 -31.11 24.84 0.77
N ILE H 127 -30.59 23.72 1.26
CA ILE H 127 -31.46 22.63 1.70
C ILE H 127 -31.73 22.67 3.20
N ARG H 128 -30.70 22.88 4.03
CA ARG H 128 -30.93 22.93 5.46
C ARG H 128 -31.74 24.16 5.89
N THR H 129 -31.93 25.14 4.99
CA THR H 129 -32.75 26.31 5.25
C THR H 129 -33.90 26.49 4.26
N ASN H 130 -33.79 25.92 3.06
CA ASN H 130 -34.76 26.03 1.96
C ASN H 130 -34.83 27.44 1.37
N GLU H 131 -33.86 28.30 1.69
CA GLU H 131 -33.74 29.56 0.99
C GLU H 131 -33.46 29.31 -0.49
N THR H 132 -33.94 30.20 -1.33
CA THR H 132 -33.69 30.13 -2.75
C THR H 132 -33.31 31.51 -3.24
N GLY H 133 -32.55 31.55 -4.34
CA GLY H 133 -32.11 32.79 -4.92
C GLY H 133 -30.83 33.33 -4.31
N PRO H 134 -30.68 34.66 -4.36
CA PRO H 134 -29.41 35.28 -3.90
C PRO H 134 -29.09 34.96 -2.45
N GLU H 135 -30.11 34.95 -1.57
CA GLU H 135 -29.85 34.73 -0.15
C GLU H 135 -29.31 33.32 0.11
N ALA H 136 -29.61 32.36 -0.75
CA ALA H 136 -29.12 30.99 -0.55
C ALA H 136 -27.62 30.88 -0.84
N ILE H 137 -27.09 31.76 -1.69
CA ILE H 137 -25.66 31.81 -2.02
C ILE H 137 -24.80 31.97 -0.77
N MET I 24 -35.57 23.67 -21.05
CA MET I 24 -34.70 22.64 -20.49
C MET I 24 -33.93 23.15 -19.28
N LYS I 25 -33.37 22.22 -18.50
CA LYS I 25 -32.61 22.56 -17.30
C LYS I 25 -31.39 21.66 -17.21
N TYR I 26 -30.32 22.22 -16.64
CA TYR I 26 -29.18 21.42 -16.21
C TYR I 26 -29.07 21.56 -14.69
N VAL I 27 -29.28 20.46 -13.99
CA VAL I 27 -29.35 20.46 -12.53
C VAL I 27 -28.05 19.93 -11.95
N ILE I 28 -27.46 20.70 -11.03
CA ILE I 28 -26.26 20.28 -10.29
C ILE I 28 -26.59 20.32 -8.81
N ALA I 29 -26.35 19.20 -8.12
CA ALA I 29 -26.64 19.10 -6.69
C ALA I 29 -25.38 18.73 -5.93
N MET I 30 -25.07 19.48 -4.87
CA MET I 30 -23.94 19.19 -3.99
C MET I 30 -24.51 18.66 -2.67
N ILE I 31 -24.36 17.35 -2.43
CA ILE I 31 -25.03 16.63 -1.36
C ILE I 31 -23.98 16.03 -0.42
N ARG I 32 -24.35 15.85 0.84
CA ARG I 32 -23.47 15.17 1.78
C ARG I 32 -23.22 13.75 1.28
N PRO I 33 -21.96 13.31 1.16
CA PRO I 33 -21.68 12.05 0.44
C PRO I 33 -22.45 10.86 0.97
N GLU I 34 -22.86 10.88 2.25
CA GLU I 34 -23.62 9.79 2.88
C GLU I 34 -25.05 9.69 2.37
N ARG I 35 -25.53 10.68 1.61
CA ARG I 35 -26.90 10.68 1.11
C ARG I 35 -26.94 10.55 -0.41
N LEU I 36 -25.85 10.14 -1.03
CA LEU I 36 -25.82 9.91 -2.46
C LEU I 36 -26.83 8.85 -2.88
N ASP I 37 -26.93 7.78 -2.10
CA ASP I 37 -27.81 6.68 -2.45
C ASP I 37 -29.23 6.88 -1.95
N ALA I 38 -29.43 7.71 -0.93
CA ALA I 38 -30.79 8.06 -0.52
C ALA I 38 -31.48 8.90 -1.60
N VAL I 39 -30.75 9.86 -2.18
CA VAL I 39 -31.33 10.68 -3.24
C VAL I 39 -31.51 9.86 -4.51
N LYS I 40 -30.54 8.98 -4.82
CA LYS I 40 -30.67 8.12 -6.00
C LYS I 40 -31.88 7.20 -5.89
N ARG I 41 -32.34 6.92 -4.67
CA ARG I 41 -33.56 6.15 -4.47
C ARG I 41 -34.80 6.98 -4.82
N GLU I 42 -34.85 8.23 -4.34
CA GLU I 42 -35.97 9.11 -4.67
C GLU I 42 -35.90 9.60 -6.10
N LEU I 43 -34.70 9.58 -6.69
CA LEU I 43 -34.52 9.97 -8.09
C LEU I 43 -35.17 8.97 -9.04
N GLN I 44 -34.97 7.68 -8.81
CA GLN I 44 -35.55 6.64 -9.65
C GLN I 44 -37.06 6.60 -9.53
N LYS I 45 -37.61 7.03 -8.39
CA LYS I 45 -39.05 6.93 -8.15
C LYS I 45 -39.87 7.79 -9.10
N ILE I 46 -39.26 8.81 -9.71
CA ILE I 46 -39.99 9.73 -10.58
C ILE I 46 -39.43 9.63 -12.01
N GLU I 47 -38.86 8.47 -12.32
CA GLU I 47 -38.28 8.20 -13.65
C GLU I 47 -37.13 9.16 -14.00
N VAL I 48 -36.25 9.44 -13.04
CA VAL I 48 -35.03 10.19 -13.33
C VAL I 48 -33.87 9.23 -13.13
N SER I 49 -33.18 8.91 -14.23
CA SER I 49 -32.07 7.98 -14.23
C SER I 49 -30.78 8.58 -14.77
N ARG I 50 -30.85 9.60 -15.63
CA ARG I 50 -29.68 10.23 -16.24
C ARG I 50 -29.04 11.19 -15.24
N LEU I 51 -28.06 10.71 -14.49
CA LEU I 51 -27.33 11.52 -13.53
C LEU I 51 -25.83 11.38 -13.79
N THR I 52 -25.04 12.03 -12.95
CA THR I 52 -23.58 11.96 -13.01
C THR I 52 -23.03 12.43 -11.68
N VAL I 53 -22.21 11.59 -11.06
CA VAL I 53 -21.76 11.75 -9.69
C VAL I 53 -20.28 12.08 -9.68
N SER I 54 -19.93 13.15 -8.96
CA SER I 54 -18.58 13.65 -8.87
C SER I 54 -18.23 13.76 -7.39
N SER I 55 -16.94 13.69 -7.08
CA SER I 55 -16.47 13.98 -5.73
C SER I 55 -15.84 15.36 -5.72
N VAL I 56 -16.35 16.22 -4.84
CA VAL I 56 -15.98 17.62 -4.78
C VAL I 56 -15.77 17.99 -3.31
N SER I 57 -15.54 19.29 -3.06
CA SER I 57 -15.36 19.76 -1.70
C SER I 57 -15.60 21.27 -1.65
N GLY I 58 -16.32 21.73 -0.63
CA GLY I 58 -16.66 23.14 -0.47
C GLY I 58 -17.02 23.60 0.93
N GLY I 64 -17.05 28.13 11.41
CA GLY I 64 -16.02 27.13 11.20
C GLY I 64 -16.31 25.83 11.93
N TYR I 65 -17.46 25.24 11.61
CA TYR I 65 -17.94 24.08 12.36
C TYR I 65 -17.01 22.87 12.25
N MET I 66 -16.31 22.73 11.13
CA MET I 66 -15.43 21.59 10.89
C MET I 66 -13.98 21.89 11.29
N GLU I 67 -13.71 23.08 11.82
CA GLU I 67 -12.34 23.45 12.14
C GLU I 67 -11.73 22.54 13.22
N ILE I 68 -12.52 22.19 14.25
CA ILE I 68 -12.04 21.38 15.38
C ILE I 68 -11.39 20.06 14.94
N TYR I 69 -11.73 19.58 13.75
CA TYR I 69 -11.37 18.23 13.30
C TYR I 69 -10.08 18.16 12.48
N ARG I 70 -9.41 19.29 12.23
CA ARG I 70 -8.31 19.32 11.27
C ARG I 70 -7.11 18.46 11.69
N ALA I 71 -6.92 18.20 13.00
CA ALA I 71 -5.85 17.30 13.43
C ALA I 71 -6.20 15.83 13.27
N MET I 72 -7.49 15.49 13.19
CA MET I 72 -7.96 14.09 13.10
C MET I 72 -8.76 13.85 11.81
N LEU I 78 -11.66 22.56 3.39
CA LEU I 78 -13.06 22.45 2.99
C LEU I 78 -13.48 20.98 3.09
N LEU I 79 -14.79 20.75 3.29
CA LEU I 79 -15.31 19.41 3.54
C LEU I 79 -15.84 18.79 2.25
N GLU I 80 -15.66 17.48 2.12
CA GLU I 80 -15.97 16.78 0.88
C GLU I 80 -17.47 16.60 0.70
N LYS I 81 -17.98 17.01 -0.47
CA LYS I 81 -19.38 16.90 -0.87
C LYS I 81 -19.50 15.93 -2.04
N ILE I 82 -20.70 15.78 -2.59
CA ILE I 82 -20.91 14.97 -3.79
C ILE I 82 -21.70 15.79 -4.82
N LYS I 83 -21.16 15.91 -6.03
CA LYS I 83 -21.72 16.74 -7.09
C LYS I 83 -22.49 15.84 -8.05
N ILE I 84 -23.78 16.12 -8.23
CA ILE I 84 -24.66 15.31 -9.07
C ILE I 84 -25.26 16.21 -10.15
N GLU I 85 -25.04 15.83 -11.42
CA GLU I 85 -25.45 16.62 -12.57
C GLU I 85 -26.58 15.91 -13.31
N ILE I 86 -27.68 16.62 -13.52
CA ILE I 86 -28.89 16.09 -14.15
C ILE I 86 -29.42 17.10 -15.15
N ALA I 87 -29.81 16.64 -16.33
CA ALA I 87 -30.59 17.45 -17.27
C ALA I 87 -32.00 16.90 -17.30
N VAL I 88 -32.97 17.74 -17.00
CA VAL I 88 -34.36 17.31 -16.87
C VAL I 88 -35.23 18.23 -17.68
N ASN I 89 -36.39 17.72 -18.09
CA ASN I 89 -37.38 18.55 -18.75
C ASN I 89 -38.08 19.44 -17.73
N ASP I 90 -38.69 20.52 -18.25
CA ASP I 90 -39.44 21.45 -17.41
C ASP I 90 -40.55 20.75 -16.64
N GLU I 91 -41.10 19.67 -17.21
CA GLU I 91 -42.16 18.93 -16.54
C GLU I 91 -41.62 18.11 -15.36
N PHE I 92 -40.32 17.79 -15.36
CA PHE I 92 -39.71 17.00 -14.31
C PHE I 92 -38.86 17.84 -13.35
N LEU I 93 -38.81 19.16 -13.55
CA LEU I 93 -37.96 20.02 -12.73
C LEU I 93 -38.38 19.97 -11.26
N GLU I 94 -39.68 20.16 -11.01
CA GLU I 94 -40.17 20.10 -9.62
C GLU I 94 -40.04 18.70 -9.03
N PRO I 95 -40.43 17.62 -9.73
CA PRO I 95 -40.15 16.29 -9.19
C PRO I 95 -38.67 16.06 -8.92
N THR I 96 -37.79 16.58 -9.78
CA THR I 96 -36.36 16.31 -9.63
C THR I 96 -35.81 16.93 -8.36
N ILE I 97 -36.12 18.20 -8.11
CA ILE I 97 -35.58 18.91 -6.95
C ILE I 97 -36.10 18.30 -5.65
N GLU I 98 -37.42 18.08 -5.55
CA GLU I 98 -37.97 17.52 -4.32
C GLU I 98 -37.52 16.09 -4.09
N ALA I 99 -37.22 15.36 -5.16
CA ALA I 99 -36.54 14.09 -4.98
C ALA I 99 -35.19 14.29 -4.30
N ILE I 100 -34.43 15.31 -4.74
CA ILE I 100 -33.11 15.58 -4.17
C ILE I 100 -33.25 16.16 -2.77
N LYS I 101 -34.26 17.02 -2.56
CA LYS I 101 -34.48 17.59 -1.24
C LYS I 101 -34.75 16.50 -0.21
N THR I 102 -35.73 15.62 -0.49
CA THR I 102 -36.12 14.60 0.48
C THR I 102 -34.97 13.63 0.79
N GLY I 103 -34.29 13.13 -0.25
CA GLY I 103 -33.21 12.17 -0.03
C GLY I 103 -31.98 12.76 0.61
N ALA I 104 -31.84 14.08 0.60
CA ALA I 104 -30.70 14.78 1.19
C ALA I 104 -31.01 15.39 2.55
N LYS I 105 -32.28 15.66 2.84
CA LYS I 105 -32.63 16.25 4.13
C LYS I 105 -32.49 15.23 5.26
N GLY I 106 -32.86 13.98 5.00
CA GLY I 106 -32.77 12.94 6.02
C GLY I 106 -34.02 12.79 6.86
N GLY I 114 -26.47 20.86 2.02
CA GLY I 114 -26.28 20.84 0.58
C GLY I 114 -26.97 22.00 -0.15
N LYS I 115 -26.79 22.08 -1.47
CA LYS I 115 -27.45 23.11 -2.25
C LYS I 115 -27.70 22.63 -3.67
N ILE I 116 -28.89 22.95 -4.19
CA ILE I 116 -29.30 22.56 -5.54
C ILE I 116 -29.20 23.80 -6.43
N PHE I 117 -28.33 23.72 -7.42
CA PHE I 117 -28.24 24.75 -8.46
C PHE I 117 -29.23 24.40 -9.56
N VAL I 118 -30.02 25.38 -9.97
CA VAL I 118 -30.87 25.27 -11.14
C VAL I 118 -30.29 26.20 -12.21
N LEU I 119 -30.01 25.64 -13.37
CA LEU I 119 -29.33 26.39 -14.41
C LEU I 119 -30.25 26.49 -15.63
N PRO I 120 -30.22 27.62 -16.36
CA PRO I 120 -30.87 27.68 -17.67
C PRO I 120 -30.00 27.03 -18.76
N LEU I 121 -30.36 25.82 -19.14
CA LEU I 121 -29.68 25.07 -20.20
C LEU I 121 -30.54 25.09 -21.46
N GLU I 122 -29.94 25.55 -22.57
CA GLU I 122 -30.68 25.77 -23.82
C GLU I 122 -30.51 24.64 -24.84
N ASN I 123 -29.44 23.86 -24.76
CA ASN I 123 -29.15 22.82 -25.74
C ASN I 123 -28.80 21.52 -25.02
N VAL I 124 -29.41 20.41 -25.41
CA VAL I 124 -29.08 19.06 -24.92
C VAL I 124 -29.26 18.12 -26.12
N ILE I 125 -28.17 17.50 -26.56
CA ILE I 125 -28.14 16.66 -27.76
C ILE I 125 -27.63 15.27 -27.36
N ARG I 126 -28.29 14.18 -27.80
CA ARG I 126 -27.75 12.82 -27.59
C ARG I 126 -26.75 12.45 -28.69
N ILE I 127 -25.69 11.70 -28.32
CA ILE I 127 -24.52 11.48 -29.19
C ILE I 127 -24.83 10.49 -30.33
N ARG I 128 -25.67 9.47 -30.08
CA ARG I 128 -25.80 8.36 -31.01
C ARG I 128 -26.93 8.54 -32.00
N THR I 129 -27.89 9.39 -31.69
CA THR I 129 -29.16 9.47 -32.41
C THR I 129 -29.42 10.84 -33.02
N ASN I 130 -28.40 11.72 -33.04
CA ASN I 130 -28.55 13.07 -33.59
C ASN I 130 -29.69 13.85 -32.93
N GLU I 131 -30.05 13.47 -31.70
CA GLU I 131 -31.20 14.03 -31.01
C GLU I 131 -30.93 15.46 -30.56
N THR I 132 -31.99 16.24 -30.40
CA THR I 132 -31.84 17.61 -29.92
C THR I 132 -32.85 17.92 -28.83
N GLY I 133 -32.44 18.79 -27.93
CA GLY I 133 -33.32 19.41 -26.96
C GLY I 133 -34.13 18.44 -26.13
N PRO I 134 -35.46 18.63 -26.17
CA PRO I 134 -36.34 17.73 -25.40
C PRO I 134 -36.28 16.28 -25.81
N GLU I 135 -35.97 15.99 -27.08
CA GLU I 135 -35.87 14.60 -27.50
C GLU I 135 -34.60 13.92 -27.00
N ALA I 136 -33.56 14.69 -26.66
CA ALA I 136 -32.25 14.11 -26.39
C ALA I 136 -32.01 13.77 -24.93
N ILE I 137 -32.88 14.19 -24.02
CA ILE I 137 -32.62 13.97 -22.59
C ILE I 137 -32.84 12.50 -22.21
#